data_2MKJ
#
_entry.id   2MKJ
#
_entity_poly.entity_id   1
_entity_poly.type   'polypeptide(L)'
_entity_poly.pdbx_seq_one_letter_code
;SHQNGERVERYSRKVFVGGLPPDIDEDEITASFRRFGPLIVDWPHKAESKSYFPPKGYAFLLFQDESSVQALIDACIEED
GKLYLCVSSPTIKDKPVQIRPWNLSDSDFVMDGSQPLDPRKTIFVGGVPRPLRAVELAMIMDRLYGGVCYAGIDTDPELK
YPKGAGRVAFSNQQSYIAAISARFVQLQHGEIDKRVEVKPYVL
;
_entity_poly.pdbx_strand_id   A
#
# COMPACT_ATOMS: atom_id res chain seq x y z
N SER A 1 17.19 27.03 -13.54
CA SER A 1 15.79 27.41 -13.28
C SER A 1 15.33 26.92 -11.90
N HIS A 2 14.26 27.51 -11.38
CA HIS A 2 13.70 27.15 -10.09
C HIS A 2 12.19 27.33 -10.09
N GLN A 3 11.48 26.56 -9.25
CA GLN A 3 10.04 26.65 -9.14
C GLN A 3 9.57 26.24 -7.75
N ASN A 4 10.28 25.30 -7.11
CA ASN A 4 9.95 24.83 -5.78
C ASN A 4 11.20 24.24 -5.11
N GLY A 5 11.21 24.18 -3.78
CA GLY A 5 12.34 23.67 -3.01
C GLY A 5 11.89 22.87 -1.79
N GLU A 6 10.61 22.52 -1.71
CA GLU A 6 10.04 21.80 -0.58
C GLU A 6 10.33 20.30 -0.68
N ARG A 7 10.20 19.59 0.43
CA ARG A 7 10.43 18.15 0.50
C ARG A 7 9.36 17.49 1.37
N VAL A 8 9.14 16.19 1.15
CA VAL A 8 8.17 15.41 1.90
C VAL A 8 8.75 14.03 2.21
N GLU A 9 8.46 13.51 3.40
CA GLU A 9 8.98 12.22 3.85
C GLU A 9 7.85 11.35 4.42
N ARG A 10 6.60 11.74 4.16
CA ARG A 10 5.40 11.08 4.67
C ARG A 10 4.88 10.03 3.69
N TYR A 11 5.77 9.49 2.85
CA TYR A 11 5.45 8.35 2.01
C TYR A 11 6.40 7.21 2.34
N SER A 12 5.89 5.98 2.21
CA SER A 12 6.65 4.79 2.55
C SER A 12 7.65 4.52 1.44
N ARG A 13 8.92 4.55 1.83
CA ARG A 13 10.05 4.46 0.92
C ARG A 13 10.21 3.09 0.26
N LYS A 14 9.40 2.09 0.66
CA LYS A 14 9.48 0.79 -0.01
C LYS A 14 8.65 0.88 -1.29
N VAL A 15 9.25 0.48 -2.41
CA VAL A 15 8.61 0.57 -3.70
C VAL A 15 8.75 -0.76 -4.44
N PHE A 16 7.61 -1.28 -4.91
CA PHE A 16 7.59 -2.50 -5.72
C PHE A 16 7.78 -2.11 -7.18
N VAL A 17 8.47 -2.98 -7.94
CA VAL A 17 8.74 -2.75 -9.35
C VAL A 17 8.56 -4.04 -10.12
N GLY A 18 8.18 -3.94 -11.41
CA GLY A 18 8.00 -5.12 -12.24
C GLY A 18 8.44 -4.91 -13.69
N GLY A 19 8.75 -3.67 -14.06
CA GLY A 19 9.11 -3.34 -15.43
C GLY A 19 10.59 -3.51 -15.76
N LEU A 20 11.39 -4.04 -14.84
CA LEU A 20 12.83 -4.22 -15.08
C LEU A 20 13.05 -5.11 -16.30
N PRO A 21 14.17 -4.92 -17.00
CA PRO A 21 14.50 -5.66 -18.20
C PRO A 21 14.67 -7.16 -17.92
N PRO A 22 14.66 -7.99 -18.97
CA PRO A 22 14.81 -9.44 -18.86
C PRO A 22 16.21 -9.83 -18.39
N ASP A 23 17.11 -8.85 -18.24
CA ASP A 23 18.43 -9.06 -17.68
C ASP A 23 18.75 -7.86 -16.78
N ILE A 24 18.84 -8.09 -15.47
CA ILE A 24 19.02 -7.02 -14.49
C ILE A 24 19.87 -7.49 -13.33
N ASP A 25 20.63 -6.55 -12.76
CA ASP A 25 21.38 -6.71 -11.54
C ASP A 25 21.23 -5.42 -10.74
N GLU A 26 21.63 -5.41 -9.47
CA GLU A 26 21.41 -4.27 -8.60
C GLU A 26 22.02 -2.96 -9.13
N ASP A 27 23.01 -3.02 -10.03
CA ASP A 27 23.62 -1.80 -10.56
C ASP A 27 22.83 -1.27 -11.75
N GLU A 28 22.08 -2.14 -12.43
CA GLU A 28 21.25 -1.74 -13.57
C GLU A 28 20.07 -0.91 -13.06
N ILE A 29 19.47 -1.35 -11.96
CA ILE A 29 18.33 -0.67 -11.37
C ILE A 29 18.81 0.58 -10.61
N THR A 30 20.05 0.57 -10.12
CA THR A 30 20.60 1.76 -9.47
C THR A 30 20.79 2.87 -10.50
N ALA A 31 21.00 2.49 -11.77
CA ALA A 31 21.13 3.45 -12.85
C ALA A 31 19.76 3.75 -13.49
N SER A 32 18.75 2.92 -13.20
CA SER A 32 17.41 3.11 -13.72
C SER A 32 16.71 4.25 -12.99
N PHE A 33 16.82 4.31 -11.66
CA PHE A 33 16.24 5.38 -10.88
C PHE A 33 17.25 6.51 -10.67
N ARG A 34 16.73 7.72 -10.44
CA ARG A 34 17.52 8.90 -10.16
C ARG A 34 17.08 9.47 -8.82
N ARG A 35 17.92 10.35 -8.24
CA ARG A 35 17.71 10.97 -6.92
C ARG A 35 17.63 9.97 -5.77
N PHE A 36 17.39 8.68 -6.03
CA PHE A 36 17.30 7.67 -4.98
C PHE A 36 18.68 7.40 -4.35
N GLY A 37 19.76 7.79 -5.02
CA GLY A 37 21.11 7.57 -4.51
C GLY A 37 21.37 6.08 -4.29
N PRO A 38 22.21 5.72 -3.32
CA PRO A 38 22.47 4.34 -2.96
C PRO A 38 21.22 3.76 -2.31
N LEU A 39 20.96 2.46 -2.52
CA LEU A 39 19.76 1.83 -2.03
C LEU A 39 19.99 0.34 -1.75
N ILE A 40 19.00 -0.31 -1.12
CA ILE A 40 19.03 -1.74 -0.82
C ILE A 40 17.95 -2.43 -1.64
N VAL A 41 18.20 -3.66 -2.07
CA VAL A 41 17.30 -4.38 -2.95
C VAL A 41 17.14 -5.84 -2.52
N ASP A 42 16.03 -6.46 -2.94
CA ASP A 42 15.80 -7.87 -2.71
C ASP A 42 15.03 -8.47 -3.89
N TRP A 43 15.34 -9.72 -4.24
CA TRP A 43 14.77 -10.36 -5.41
C TRP A 43 13.84 -11.50 -5.01
N PRO A 44 12.86 -11.86 -5.87
CA PRO A 44 12.00 -13.00 -5.66
C PRO A 44 12.77 -14.30 -5.89
N HIS A 45 13.95 -14.22 -6.50
CA HIS A 45 14.84 -15.35 -6.72
C HIS A 45 16.28 -14.85 -6.77
N LYS A 46 17.17 -15.48 -6.00
CA LYS A 46 18.56 -15.07 -5.92
C LYS A 46 19.46 -16.23 -5.47
N ALA A 47 18.94 -17.45 -5.45
CA ALA A 47 19.68 -18.61 -4.97
C ALA A 47 20.75 -19.06 -5.97
N GLU A 48 21.78 -19.73 -5.48
CA GLU A 48 22.90 -20.19 -6.29
C GLU A 48 22.48 -21.34 -7.22
N SER A 49 21.20 -21.71 -7.20
CA SER A 49 20.68 -22.80 -8.02
C SER A 49 20.53 -22.37 -9.48
N LYS A 50 20.57 -21.06 -9.76
CA LYS A 50 20.46 -20.57 -11.13
C LYS A 50 21.20 -19.24 -11.33
N SER A 51 20.90 -18.23 -10.52
CA SER A 51 21.51 -16.91 -10.67
C SER A 51 21.33 -16.06 -9.42
N TYR A 52 22.18 -15.05 -9.25
CA TYR A 52 22.12 -14.13 -8.13
C TYR A 52 21.06 -13.05 -8.35
N PHE A 53 20.38 -13.08 -9.51
CA PHE A 53 19.33 -12.13 -9.85
C PHE A 53 18.16 -12.87 -10.51
N PRO A 54 16.95 -12.32 -10.45
CA PRO A 54 15.74 -12.99 -10.89
C PRO A 54 15.62 -13.00 -12.42
N PRO A 55 14.97 -14.05 -12.97
CA PRO A 55 14.72 -14.19 -14.39
C PRO A 55 13.56 -13.31 -14.86
N LYS A 56 12.94 -12.55 -13.96
CA LYS A 56 11.80 -11.70 -14.25
C LYS A 56 12.04 -10.28 -13.76
N GLY A 57 11.22 -9.34 -14.24
CA GLY A 57 11.35 -7.93 -13.91
C GLY A 57 10.83 -7.57 -12.53
N TYR A 58 10.31 -8.54 -11.77
CA TYR A 58 9.73 -8.28 -10.46
C TYR A 58 10.84 -8.02 -9.43
N ALA A 59 10.65 -6.98 -8.60
CA ALA A 59 11.63 -6.59 -7.61
C ALA A 59 10.99 -5.86 -6.44
N PHE A 60 11.67 -5.90 -5.29
CA PHE A 60 11.26 -5.14 -4.11
C PHE A 60 12.50 -4.41 -3.60
N LEU A 61 12.37 -3.11 -3.33
CA LEU A 61 13.53 -2.30 -2.96
C LEU A 61 13.14 -1.06 -2.18
N LEU A 62 14.13 -0.45 -1.52
CA LEU A 62 13.99 0.78 -0.76
C LEU A 62 15.35 1.48 -0.72
N PHE A 63 15.35 2.79 -0.48
CA PHE A 63 16.56 3.59 -0.54
C PHE A 63 16.80 4.34 0.76
N GLN A 64 17.98 4.95 0.89
CA GLN A 64 18.47 5.48 2.17
C GLN A 64 17.70 6.70 2.70
N ASP A 65 17.09 7.51 1.85
CA ASP A 65 16.39 8.71 2.31
C ASP A 65 14.91 8.71 1.92
N GLU A 66 14.07 9.39 2.70
CA GLU A 66 12.64 9.41 2.46
C GLU A 66 12.21 10.67 1.69
N SER A 67 13.12 11.61 1.46
CA SER A 67 12.79 12.85 0.76
C SER A 67 12.74 12.62 -0.76
N SER A 68 13.48 11.63 -1.25
CA SER A 68 13.49 11.33 -2.67
C SER A 68 12.29 10.49 -3.05
N VAL A 69 11.52 10.01 -2.07
CA VAL A 69 10.30 9.27 -2.34
C VAL A 69 9.36 10.20 -3.09
N GLN A 70 9.29 11.46 -2.66
CA GLN A 70 8.41 12.43 -3.29
C GLN A 70 9.08 13.06 -4.50
N ALA A 71 10.41 13.23 -4.49
CA ALA A 71 11.09 13.85 -5.62
C ALA A 71 11.09 12.97 -6.86
N LEU A 72 11.26 11.65 -6.70
CA LEU A 72 11.33 10.74 -7.84
C LEU A 72 9.92 10.41 -8.32
N ILE A 73 8.99 10.18 -7.38
CA ILE A 73 7.60 9.92 -7.75
C ILE A 73 7.00 11.15 -8.45
N ASP A 74 7.52 12.35 -8.17
CA ASP A 74 7.04 13.56 -8.84
C ASP A 74 7.72 13.72 -10.20
N ALA A 75 8.88 13.10 -10.39
CA ALA A 75 9.60 13.13 -11.66
C ALA A 75 9.09 12.07 -12.64
N CYS A 76 7.95 11.43 -12.33
CA CYS A 76 7.39 10.38 -13.17
C CYS A 76 5.86 10.49 -13.27
N ILE A 77 5.23 9.52 -13.94
CA ILE A 77 3.80 9.52 -14.20
C ILE A 77 3.06 8.72 -13.13
N GLU A 78 1.80 9.09 -12.87
CA GLU A 78 0.99 8.42 -11.87
C GLU A 78 -0.45 8.19 -12.36
N GLU A 79 -1.15 7.29 -11.68
CA GLU A 79 -2.54 6.95 -11.94
C GLU A 79 -3.22 6.67 -10.61
N ASP A 80 -4.55 6.84 -10.55
CA ASP A 80 -5.30 6.59 -9.32
C ASP A 80 -5.19 5.11 -8.91
N GLY A 81 -4.70 4.25 -9.81
CA GLY A 81 -4.56 2.83 -9.56
C GLY A 81 -3.12 2.40 -9.30
N LYS A 82 -2.13 3.12 -9.86
CA LYS A 82 -0.72 2.71 -9.76
C LYS A 82 0.19 3.84 -10.25
N LEU A 83 1.50 3.63 -10.16
CA LEU A 83 2.48 4.58 -10.65
C LEU A 83 3.27 3.97 -11.81
N TYR A 84 3.94 4.81 -12.59
CA TYR A 84 4.76 4.35 -13.71
C TYR A 84 6.02 5.20 -13.85
N LEU A 85 7.13 4.56 -14.21
CA LEU A 85 8.39 5.25 -14.46
C LEU A 85 8.73 5.17 -15.95
N CYS A 86 9.21 6.29 -16.51
CA CYS A 86 9.50 6.41 -17.94
C CYS A 86 10.95 6.01 -18.25
N VAL A 87 11.44 4.96 -17.60
CA VAL A 87 12.84 4.54 -17.69
C VAL A 87 13.12 3.67 -18.92
N SER A 88 12.18 3.58 -19.87
CA SER A 88 12.37 2.82 -21.09
C SER A 88 13.65 3.30 -21.79
N SER A 89 14.69 2.47 -21.80
CA SER A 89 15.99 2.85 -22.33
C SER A 89 16.95 1.66 -22.52
N PRO A 90 17.07 0.73 -21.56
CA PRO A 90 17.94 -0.44 -21.70
C PRO A 90 17.30 -1.46 -22.65
N THR A 91 17.51 -2.76 -22.41
CA THR A 91 17.01 -3.82 -23.28
C THR A 91 15.48 -3.91 -23.31
N ILE A 92 14.79 -2.93 -22.73
CA ILE A 92 13.33 -2.82 -22.76
C ILE A 92 12.95 -1.41 -23.21
N LYS A 93 11.95 -1.32 -24.10
CA LYS A 93 11.55 -0.06 -24.72
C LYS A 93 10.04 0.08 -24.80
N ASP A 94 9.59 1.32 -25.05
CA ASP A 94 8.21 1.69 -25.34
C ASP A 94 7.19 1.23 -24.28
N LYS A 95 7.63 0.78 -23.11
CA LYS A 95 6.73 0.35 -22.05
C LYS A 95 7.26 0.80 -20.69
N PRO A 96 6.59 1.76 -20.03
CA PRO A 96 6.92 2.21 -18.70
C PRO A 96 6.95 1.05 -17.70
N VAL A 97 7.61 1.26 -16.55
CA VAL A 97 7.75 0.23 -15.54
C VAL A 97 6.69 0.41 -14.45
N GLN A 98 6.16 -0.70 -13.94
CA GLN A 98 5.17 -0.69 -12.88
C GLN A 98 5.81 -0.20 -11.59
N ILE A 99 5.09 0.63 -10.83
CA ILE A 99 5.59 1.20 -9.58
C ILE A 99 4.48 1.23 -8.54
N ARG A 100 4.81 0.85 -7.29
CA ARG A 100 3.87 0.92 -6.17
C ARG A 100 4.62 1.21 -4.87
N PRO A 101 4.56 2.47 -4.39
CA PRO A 101 5.07 2.88 -3.09
C PRO A 101 3.99 2.58 -2.04
N TRP A 102 4.09 3.17 -0.84
CA TRP A 102 2.98 3.09 0.11
C TRP A 102 2.82 4.41 0.86
N ASN A 103 1.70 4.54 1.59
CA ASN A 103 1.38 5.74 2.35
C ASN A 103 1.33 5.38 3.84
N LEU A 104 2.49 5.35 4.49
CA LEU A 104 2.65 5.00 5.90
C LEU A 104 1.86 5.92 6.84
N SER A 105 1.32 7.04 6.33
CA SER A 105 0.54 7.96 7.15
C SER A 105 -0.93 8.01 6.73
N ASP A 106 -1.29 7.48 5.56
CA ASP A 106 -2.69 7.45 5.12
C ASP A 106 -3.36 6.15 5.57
N SER A 107 -2.57 5.20 6.05
CA SER A 107 -3.07 3.97 6.66
C SER A 107 -4.13 4.18 7.74
N ASP A 108 -4.46 5.43 8.07
CA ASP A 108 -5.46 5.75 9.08
C ASP A 108 -6.62 6.51 8.44
N PHE A 109 -7.76 5.83 8.34
CA PHE A 109 -8.95 6.40 7.74
C PHE A 109 -9.91 6.89 8.82
N VAL A 110 -9.60 8.04 9.42
CA VAL A 110 -10.47 8.65 10.42
C VAL A 110 -11.76 9.14 9.74
N MET A 111 -12.88 9.10 10.46
CA MET A 111 -14.16 9.51 9.91
C MET A 111 -14.93 10.40 10.89
N ASP A 112 -14.75 10.21 12.20
CA ASP A 112 -15.40 11.03 13.20
C ASP A 112 -14.59 11.01 14.51
N GLY A 113 -14.59 12.14 15.23
CA GLY A 113 -13.82 12.29 16.46
C GLY A 113 -14.61 11.93 17.72
N SER A 114 -15.84 11.43 17.58
CA SER A 114 -16.70 11.13 18.72
C SER A 114 -16.29 9.84 19.41
N GLN A 115 -15.44 9.04 18.76
CA GLN A 115 -15.03 7.75 19.29
C GLN A 115 -13.65 7.37 18.75
N PRO A 116 -12.60 7.49 19.58
CA PRO A 116 -11.25 7.07 19.23
C PRO A 116 -11.14 5.55 19.33
N LEU A 117 -9.97 5.01 19.01
CA LEU A 117 -9.73 3.57 19.08
C LEU A 117 -9.85 3.12 20.54
N ASP A 118 -10.61 2.05 20.78
CA ASP A 118 -10.79 1.49 22.10
C ASP A 118 -11.14 0.00 21.98
N PRO A 119 -10.58 -0.88 22.83
CA PRO A 119 -10.80 -2.32 22.77
C PRO A 119 -12.27 -2.74 22.87
N ARG A 120 -13.16 -1.87 23.36
CA ARG A 120 -14.57 -2.19 23.51
C ARG A 120 -15.39 -1.66 22.33
N LYS A 121 -14.76 -0.91 21.42
CA LYS A 121 -15.44 -0.36 20.25
C LYS A 121 -14.69 -0.73 18.96
N THR A 122 -13.61 -1.50 19.06
CA THR A 122 -12.87 -1.92 17.89
C THR A 122 -13.52 -3.14 17.26
N ILE A 123 -13.39 -3.25 15.94
CA ILE A 123 -13.93 -4.37 15.18
C ILE A 123 -12.85 -4.81 14.19
N PHE A 124 -12.88 -6.08 13.78
CA PHE A 124 -11.87 -6.64 12.89
C PHE A 124 -12.50 -6.87 11.52
N VAL A 125 -11.69 -6.70 10.46
CA VAL A 125 -12.15 -6.93 9.09
C VAL A 125 -11.05 -7.67 8.34
N GLY A 126 -11.31 -8.92 7.96
CA GLY A 126 -10.32 -9.78 7.32
C GLY A 126 -10.54 -9.96 5.83
N GLY A 127 -9.48 -10.34 5.13
CA GLY A 127 -9.54 -10.67 3.70
C GLY A 127 -8.99 -9.59 2.79
N VAL A 128 -8.39 -8.51 3.31
CA VAL A 128 -7.87 -7.46 2.43
C VAL A 128 -6.45 -7.82 1.96
N PRO A 129 -6.12 -7.56 0.69
CA PRO A 129 -4.76 -7.70 0.17
C PRO A 129 -3.85 -6.62 0.75
N ARG A 130 -2.53 -6.77 0.56
CA ARG A 130 -1.55 -5.80 1.04
C ARG A 130 -1.38 -4.60 0.10
N PRO A 131 -1.36 -4.78 -1.23
CA PRO A 131 -1.17 -3.69 -2.18
C PRO A 131 -2.28 -2.62 -2.15
N LEU A 132 -3.41 -2.87 -1.48
CA LEU A 132 -4.51 -1.91 -1.44
C LEU A 132 -4.50 -1.13 -0.12
N ARG A 133 -5.12 0.05 -0.15
CA ARG A 133 -5.32 0.87 1.03
C ARG A 133 -6.67 0.49 1.66
N ALA A 134 -7.01 1.09 2.80
CA ALA A 134 -8.28 0.84 3.47
C ALA A 134 -9.46 1.40 2.67
N VAL A 135 -9.21 1.78 1.41
CA VAL A 135 -10.22 2.35 0.54
C VAL A 135 -11.40 1.43 0.33
N GLU A 136 -11.13 0.16 0.02
CA GLU A 136 -12.18 -0.80 -0.26
C GLU A 136 -12.91 -1.21 1.02
N LEU A 137 -12.23 -1.10 2.17
CA LEU A 137 -12.72 -1.55 3.45
C LEU A 137 -13.67 -0.53 4.05
N ALA A 138 -13.24 0.73 4.12
CA ALA A 138 -14.04 1.76 4.75
C ALA A 138 -15.22 2.15 3.86
N MET A 139 -15.08 2.02 2.54
CA MET A 139 -16.12 2.44 1.62
C MET A 139 -17.26 1.42 1.56
N ILE A 140 -16.96 0.11 1.59
CA ILE A 140 -18.06 -0.85 1.55
C ILE A 140 -18.88 -0.75 2.84
N MET A 141 -18.21 -0.67 3.99
CA MET A 141 -18.94 -0.65 5.24
C MET A 141 -19.71 0.66 5.40
N ASP A 142 -19.30 1.70 4.67
CA ASP A 142 -19.99 2.98 4.70
C ASP A 142 -21.13 3.04 3.68
N ARG A 143 -21.19 2.09 2.74
CA ARG A 143 -22.27 2.06 1.75
C ARG A 143 -23.44 1.18 2.19
N LEU A 144 -23.26 0.29 3.16
CA LEU A 144 -24.34 -0.57 3.63
C LEU A 144 -24.53 -0.60 5.15
N TYR A 145 -23.52 -0.25 5.94
CA TYR A 145 -23.59 -0.27 7.41
C TYR A 145 -22.86 0.94 7.99
N GLY A 146 -23.07 2.11 7.36
CA GLY A 146 -22.35 3.33 7.70
C GLY A 146 -22.56 3.78 9.15
N GLY A 147 -21.68 4.69 9.60
CA GLY A 147 -21.66 5.16 10.97
C GLY A 147 -20.27 4.99 11.59
N VAL A 148 -19.27 4.65 10.76
CA VAL A 148 -17.90 4.41 11.22
C VAL A 148 -17.27 5.69 11.75
N CYS A 149 -16.36 5.56 12.72
CA CYS A 149 -15.64 6.70 13.28
C CYS A 149 -14.15 6.60 12.95
N TYR A 150 -13.63 5.37 12.84
CA TYR A 150 -12.26 5.14 12.42
C TYR A 150 -12.17 3.83 11.64
N ALA A 151 -11.23 3.77 10.70
CA ALA A 151 -10.96 2.58 9.91
C ALA A 151 -9.49 2.56 9.50
N GLY A 152 -8.96 1.38 9.16
CA GLY A 152 -7.61 1.24 8.65
C GLY A 152 -7.27 -0.21 8.39
N ILE A 153 -6.03 -0.49 7.99
CA ILE A 153 -5.58 -1.86 7.75
C ILE A 153 -4.42 -2.23 8.66
N ASP A 154 -4.21 -3.53 8.84
CA ASP A 154 -3.13 -4.04 9.70
C ASP A 154 -1.78 -3.72 9.06
N THR A 155 -0.85 -3.23 9.87
CA THR A 155 0.46 -2.80 9.40
C THR A 155 1.59 -3.27 10.29
N ASP A 156 2.78 -3.28 9.70
CA ASP A 156 4.03 -3.58 10.36
C ASP A 156 4.59 -2.30 10.96
N PRO A 157 4.85 -2.25 12.27
CA PRO A 157 5.47 -1.09 12.89
C PRO A 157 6.92 -0.94 12.45
N GLU A 158 7.45 -1.90 11.68
CA GLU A 158 8.81 -1.87 11.19
C GLU A 158 9.00 -0.79 10.14
N LEU A 159 8.06 -0.70 9.19
CA LEU A 159 8.12 0.33 8.16
C LEU A 159 6.73 0.91 7.87
N LYS A 160 5.77 0.61 8.75
CA LYS A 160 4.41 1.12 8.65
C LYS A 160 3.78 0.72 7.31
N TYR A 161 3.91 -0.57 6.99
CA TYR A 161 3.43 -1.11 5.72
C TYR A 161 2.50 -2.29 5.97
N PRO A 162 1.45 -2.46 5.13
CA PRO A 162 0.44 -3.50 5.31
C PRO A 162 1.04 -4.90 5.43
N LYS A 163 0.40 -5.74 6.26
CA LYS A 163 0.86 -7.11 6.48
C LYS A 163 -0.27 -8.14 6.38
N GLY A 164 -1.53 -7.70 6.33
CA GLY A 164 -2.65 -8.63 6.20
C GLY A 164 -3.99 -7.92 6.25
N ALA A 165 -4.87 -8.43 7.12
CA ALA A 165 -6.22 -7.95 7.38
C ALA A 165 -6.28 -6.48 7.79
N GLY A 166 -7.42 -6.06 8.34
CA GLY A 166 -7.62 -4.68 8.77
C GLY A 166 -8.59 -4.56 9.93
N ARG A 167 -8.97 -3.33 10.28
CA ARG A 167 -9.81 -3.08 11.44
C ARG A 167 -10.57 -1.75 11.31
N VAL A 168 -11.61 -1.59 12.13
CA VAL A 168 -12.36 -0.35 12.23
C VAL A 168 -12.75 -0.14 13.69
N ALA A 169 -13.25 1.05 14.03
CA ALA A 169 -13.71 1.32 15.37
C ALA A 169 -14.96 2.19 15.34
N PHE A 170 -16.12 1.56 15.56
CA PHE A 170 -17.38 2.24 15.76
C PHE A 170 -18.35 1.34 16.52
N SER A 171 -19.21 1.95 17.33
CA SER A 171 -20.20 1.25 18.15
C SER A 171 -21.43 2.15 18.31
N ASN A 172 -21.64 3.04 17.32
CA ASN A 172 -22.61 4.11 17.39
C ASN A 172 -24.07 3.65 17.32
N GLN A 173 -24.39 2.62 16.52
CA GLN A 173 -25.79 2.27 16.30
C GLN A 173 -25.93 0.83 15.80
N GLN A 174 -27.18 0.41 15.57
CA GLN A 174 -27.47 -0.90 15.02
C GLN A 174 -26.74 -1.12 13.69
N SER A 175 -26.17 -0.07 13.10
CA SER A 175 -25.40 -0.22 11.87
C SER A 175 -24.13 -1.00 12.16
N TYR A 176 -23.53 -0.81 13.35
CA TYR A 176 -22.36 -1.58 13.74
C TYR A 176 -22.80 -2.98 14.14
N ILE A 177 -24.00 -3.10 14.71
CA ILE A 177 -24.57 -4.40 15.03
C ILE A 177 -24.83 -5.18 13.74
N ALA A 178 -25.17 -4.47 12.65
CA ALA A 178 -25.51 -5.09 11.40
C ALA A 178 -24.27 -5.56 10.64
N ALA A 179 -23.11 -4.94 10.86
CA ALA A 179 -21.87 -5.36 10.20
C ALA A 179 -21.10 -6.37 11.04
N ILE A 180 -21.27 -6.35 12.37
CA ILE A 180 -20.55 -7.27 13.24
C ILE A 180 -21.26 -8.62 13.31
N SER A 181 -22.54 -8.66 12.90
CA SER A 181 -23.28 -9.90 12.78
C SER A 181 -23.31 -10.37 11.32
N ALA A 182 -22.93 -9.48 10.39
CA ALA A 182 -22.81 -9.83 8.98
C ALA A 182 -21.38 -10.24 8.72
N ARG A 183 -20.98 -11.36 9.34
CA ARG A 183 -19.61 -11.83 9.31
C ARG A 183 -19.22 -12.38 7.94
N PHE A 184 -20.19 -12.45 7.01
CA PHE A 184 -19.92 -12.76 5.61
C PHE A 184 -20.88 -11.93 4.76
N VAL A 185 -20.41 -11.40 3.63
CA VAL A 185 -21.25 -10.60 2.74
C VAL A 185 -20.65 -10.62 1.33
N GLN A 186 -21.30 -9.95 0.39
CA GLN A 186 -20.83 -9.87 -0.99
C GLN A 186 -20.57 -8.43 -1.39
N LEU A 187 -19.48 -8.18 -2.12
CA LEU A 187 -19.04 -6.84 -2.46
C LEU A 187 -18.79 -6.70 -3.96
N GLN A 188 -18.38 -7.79 -4.63
CA GLN A 188 -18.00 -7.76 -6.03
C GLN A 188 -17.04 -6.60 -6.34
N HIS A 189 -16.04 -6.40 -5.47
CA HIS A 189 -15.12 -5.28 -5.59
C HIS A 189 -13.67 -5.78 -5.68
N GLY A 190 -12.93 -5.30 -6.69
CA GLY A 190 -11.56 -5.71 -6.89
C GLY A 190 -11.48 -7.19 -7.25
N GLU A 191 -10.42 -7.87 -6.79
CA GLU A 191 -10.22 -9.29 -7.04
C GLU A 191 -10.99 -10.14 -6.02
N ILE A 192 -11.87 -9.49 -5.23
CA ILE A 192 -12.65 -10.15 -4.19
C ILE A 192 -14.14 -9.99 -4.50
N ASP A 193 -14.95 -10.96 -4.09
CA ASP A 193 -16.39 -10.91 -4.33
C ASP A 193 -17.22 -11.19 -3.09
N LYS A 194 -16.74 -12.04 -2.18
CA LYS A 194 -17.60 -12.53 -1.11
C LYS A 194 -16.82 -13.04 0.10
N ARG A 195 -17.57 -13.48 1.12
CA ARG A 195 -17.11 -14.13 2.34
C ARG A 195 -15.98 -13.40 3.09
N VAL A 196 -15.90 -12.09 2.96
CA VAL A 196 -14.97 -11.30 3.77
C VAL A 196 -15.47 -11.34 5.21
N GLU A 197 -14.54 -11.27 6.17
CA GLU A 197 -14.88 -11.48 7.56
C GLU A 197 -15.00 -10.17 8.33
N VAL A 198 -15.97 -10.10 9.26
CA VAL A 198 -16.17 -8.96 10.14
C VAL A 198 -16.64 -9.47 11.50
N LYS A 199 -15.83 -9.27 12.54
CA LYS A 199 -16.15 -9.76 13.89
C LYS A 199 -15.59 -8.81 14.95
N PRO A 200 -15.99 -8.96 16.23
CA PRO A 200 -15.47 -8.18 17.33
C PRO A 200 -13.95 -8.31 17.45
N TYR A 201 -13.32 -7.31 18.08
CA TYR A 201 -11.88 -7.27 18.26
C TYR A 201 -11.46 -8.16 19.44
N VAL A 202 -10.18 -8.56 19.46
CA VAL A 202 -9.62 -9.42 20.49
C VAL A 202 -8.23 -8.93 20.88
N SER A 1 -1.59 32.99 -0.75
CA SER A 1 -0.78 34.23 -0.77
C SER A 1 0.69 33.92 -1.00
N HIS A 2 1.32 33.19 -0.07
CA HIS A 2 2.73 32.82 -0.16
C HIS A 2 2.97 31.45 0.49
N GLN A 3 4.19 30.94 0.34
CA GLN A 3 4.58 29.65 0.90
C GLN A 3 5.94 29.76 1.57
N ASN A 4 6.31 28.74 2.36
CA ASN A 4 7.59 28.69 3.06
C ASN A 4 8.29 27.36 2.82
N GLY A 5 7.76 26.55 1.90
CA GLY A 5 8.32 25.26 1.55
C GLY A 5 7.43 24.52 0.55
N GLU A 6 7.98 23.50 -0.11
CA GLU A 6 7.26 22.71 -1.09
C GLU A 6 7.67 21.24 -0.98
N ARG A 7 6.90 20.35 -1.62
CA ARG A 7 7.11 18.90 -1.59
C ARG A 7 7.01 18.35 -0.16
N VAL A 8 7.02 17.01 -0.03
CA VAL A 8 6.95 16.35 1.26
C VAL A 8 7.97 15.22 1.32
N GLU A 9 8.35 14.82 2.54
CA GLU A 9 9.35 13.79 2.78
C GLU A 9 8.87 12.87 3.90
N ARG A 10 7.65 12.34 3.75
CA ARG A 10 6.98 11.55 4.78
C ARG A 10 6.31 10.31 4.19
N TYR A 11 6.96 9.66 3.21
CA TYR A 11 6.39 8.48 2.57
C TYR A 11 7.16 7.22 2.98
N SER A 12 6.49 6.08 2.89
CA SER A 12 7.11 4.79 3.16
C SER A 12 8.10 4.53 2.05
N ARG A 13 9.36 4.33 2.45
CA ARG A 13 10.47 4.18 1.51
C ARG A 13 10.48 2.80 0.86
N LYS A 14 9.58 1.91 1.28
CA LYS A 14 9.45 0.60 0.67
C LYS A 14 8.72 0.79 -0.67
N VAL A 15 9.35 0.37 -1.76
CA VAL A 15 8.79 0.55 -3.09
C VAL A 15 8.84 -0.77 -3.86
N PHE A 16 7.68 -1.26 -4.28
CA PHE A 16 7.58 -2.46 -5.08
C PHE A 16 7.75 -2.10 -6.55
N VAL A 17 8.40 -2.99 -7.31
CA VAL A 17 8.62 -2.77 -8.74
C VAL A 17 8.32 -4.06 -9.50
N GLY A 18 7.80 -3.94 -10.72
CA GLY A 18 7.50 -5.10 -11.54
C GLY A 18 7.87 -4.91 -13.01
N GLY A 19 8.25 -3.69 -13.39
CA GLY A 19 8.57 -3.38 -14.78
C GLY A 19 10.06 -3.48 -15.10
N LEU A 20 10.86 -4.08 -14.22
CA LEU A 20 12.30 -4.14 -14.43
C LEU A 20 12.64 -4.83 -15.75
N PRO A 21 13.75 -4.43 -16.39
CA PRO A 21 14.26 -5.02 -17.63
C PRO A 21 14.34 -6.55 -17.58
N PRO A 22 14.30 -7.21 -18.75
CA PRO A 22 14.33 -8.67 -18.87
C PRO A 22 15.73 -9.24 -18.61
N ASP A 23 16.71 -8.38 -18.34
CA ASP A 23 18.10 -8.77 -18.09
C ASP A 23 18.62 -8.02 -16.86
N ILE A 24 17.71 -7.72 -15.93
CA ILE A 24 18.00 -6.87 -14.77
C ILE A 24 18.99 -7.51 -13.80
N ASP A 25 19.81 -6.63 -13.21
CA ASP A 25 20.72 -6.90 -12.11
C ASP A 25 20.75 -5.63 -11.26
N GLU A 26 21.22 -5.70 -10.01
CA GLU A 26 21.20 -4.55 -9.11
C GLU A 26 21.86 -3.31 -9.73
N ASP A 27 22.80 -3.46 -10.66
CA ASP A 27 23.43 -2.32 -11.30
C ASP A 27 22.53 -1.75 -12.40
N GLU A 28 21.71 -2.61 -13.02
CA GLU A 28 20.81 -2.19 -14.09
C GLU A 28 19.67 -1.35 -13.51
N ILE A 29 19.07 -1.83 -12.42
CA ILE A 29 17.92 -1.16 -11.84
C ILE A 29 18.35 0.13 -11.14
N THR A 30 19.56 0.16 -10.59
CA THR A 30 20.05 1.38 -9.93
C THR A 30 20.30 2.46 -10.98
N ALA A 31 20.61 2.06 -12.22
CA ALA A 31 20.81 3.00 -13.31
C ALA A 31 19.53 3.22 -14.12
N SER A 32 18.52 2.36 -13.94
CA SER A 32 17.25 2.50 -14.66
C SER A 32 16.45 3.66 -14.10
N PHE A 33 16.28 3.72 -12.77
CA PHE A 33 15.53 4.79 -12.14
C PHE A 33 16.21 6.14 -12.44
N ARG A 34 15.42 7.23 -12.42
CA ARG A 34 15.87 8.53 -12.89
C ARG A 34 16.59 9.36 -11.83
N ARG A 35 16.41 9.05 -10.54
CA ARG A 35 17.04 9.83 -9.46
C ARG A 35 17.52 8.95 -8.31
N PHE A 36 17.30 7.64 -8.37
CA PHE A 36 17.70 6.73 -7.31
C PHE A 36 19.17 6.33 -7.45
N GLY A 37 19.77 5.86 -6.35
CA GLY A 37 21.16 5.45 -6.33
C GLY A 37 21.54 4.82 -4.98
N PRO A 38 21.44 5.57 -3.87
CA PRO A 38 21.65 5.10 -2.51
C PRO A 38 20.66 4.04 -2.03
N LEU A 39 19.83 3.49 -2.93
CA LEU A 39 18.79 2.53 -2.57
C LEU A 39 19.37 1.16 -2.19
N ILE A 40 18.52 0.29 -1.65
CA ILE A 40 18.88 -1.08 -1.31
C ILE A 40 17.81 -2.00 -1.90
N VAL A 41 18.20 -3.20 -2.33
CA VAL A 41 17.30 -4.11 -3.05
C VAL A 41 17.23 -5.48 -2.39
N ASP A 42 16.16 -6.24 -2.68
CA ASP A 42 15.99 -7.58 -2.17
C ASP A 42 15.21 -8.46 -3.15
N TRP A 43 15.76 -9.64 -3.43
CA TRP A 43 15.14 -10.66 -4.27
C TRP A 43 15.86 -11.99 -4.08
N PRO A 44 15.28 -13.11 -4.54
CA PRO A 44 15.89 -14.43 -4.46
C PRO A 44 17.30 -14.46 -5.03
N HIS A 45 18.13 -15.39 -4.56
CA HIS A 45 19.54 -15.45 -4.93
C HIS A 45 19.74 -15.71 -6.42
N LYS A 46 20.86 -15.21 -6.96
CA LYS A 46 21.23 -15.38 -8.36
C LYS A 46 22.74 -15.52 -8.51
N ALA A 47 23.45 -15.72 -7.40
CA ALA A 47 24.90 -15.82 -7.39
C ALA A 47 25.38 -17.11 -8.07
N GLU A 48 26.68 -17.16 -8.40
CA GLU A 48 27.30 -18.28 -9.08
C GLU A 48 26.59 -18.62 -10.40
N SER A 49 25.87 -17.67 -10.97
CA SER A 49 25.13 -17.83 -12.21
C SER A 49 25.07 -16.52 -12.98
N LYS A 50 24.64 -16.59 -14.24
CA LYS A 50 24.53 -15.43 -15.12
C LYS A 50 23.21 -15.48 -15.89
N SER A 51 22.32 -16.41 -15.53
CA SER A 51 21.04 -16.59 -16.20
C SER A 51 19.88 -16.68 -15.22
N TYR A 52 20.13 -16.47 -13.93
CA TYR A 52 19.08 -16.50 -12.92
C TYR A 52 18.49 -15.09 -12.73
N PHE A 53 17.16 -15.04 -12.53
CA PHE A 53 16.43 -13.78 -12.36
C PHE A 53 15.26 -14.02 -11.40
N PRO A 54 14.75 -12.95 -10.77
CA PRO A 54 13.62 -13.04 -9.85
C PRO A 54 12.33 -13.38 -10.59
N PRO A 55 11.35 -13.97 -9.91
CA PRO A 55 10.09 -14.37 -10.51
C PRO A 55 9.37 -13.21 -11.21
N LYS A 56 8.87 -13.49 -12.42
CA LYS A 56 8.13 -12.55 -13.25
C LYS A 56 8.84 -11.21 -13.47
N GLY A 57 10.12 -11.11 -13.14
CA GLY A 57 10.87 -9.87 -13.28
C GLY A 57 10.50 -8.86 -12.19
N TYR A 58 9.80 -9.29 -11.15
CA TYR A 58 9.38 -8.41 -10.06
C TYR A 58 10.50 -8.27 -9.03
N ALA A 59 10.45 -7.20 -8.23
CA ALA A 59 11.47 -6.94 -7.25
C ALA A 59 10.92 -6.13 -6.07
N PHE A 60 11.65 -6.18 -4.96
CA PHE A 60 11.35 -5.35 -3.80
C PHE A 60 12.61 -4.55 -3.46
N LEU A 61 12.43 -3.26 -3.17
CA LEU A 61 13.55 -2.39 -2.86
C LEU A 61 13.07 -1.24 -2.01
N LEU A 62 14.01 -0.51 -1.39
CA LEU A 62 13.68 0.61 -0.54
C LEU A 62 14.75 1.68 -0.64
N PHE A 63 14.44 2.88 -0.12
CA PHE A 63 15.33 4.01 -0.22
C PHE A 63 15.84 4.43 1.16
N GLN A 64 16.92 5.21 1.20
CA GLN A 64 17.55 5.61 2.45
C GLN A 64 16.93 6.87 3.04
N ASP A 65 16.26 7.68 2.21
CA ASP A 65 15.63 8.91 2.65
C ASP A 65 14.21 9.01 2.10
N GLU A 66 13.35 9.79 2.77
CA GLU A 66 11.95 9.93 2.39
C GLU A 66 11.74 11.08 1.40
N SER A 67 12.75 11.93 1.19
CA SER A 67 12.62 13.08 0.32
C SER A 67 12.89 12.72 -1.14
N SER A 68 13.74 11.72 -1.38
CA SER A 68 14.08 11.31 -2.74
C SER A 68 13.00 10.39 -3.30
N VAL A 69 12.29 9.67 -2.43
CA VAL A 69 11.20 8.79 -2.85
C VAL A 69 10.06 9.61 -3.41
N GLN A 70 9.84 10.82 -2.88
CA GLN A 70 8.77 11.67 -3.34
C GLN A 70 9.21 12.52 -4.54
N ALA A 71 10.51 12.80 -4.67
CA ALA A 71 11.02 13.59 -5.78
C ALA A 71 11.13 12.76 -7.06
N LEU A 72 11.48 11.48 -6.91
CA LEU A 72 11.62 10.57 -8.04
C LEU A 72 10.25 10.14 -8.55
N ILE A 73 9.36 9.72 -7.65
CA ILE A 73 8.04 9.27 -8.05
C ILE A 73 7.21 10.43 -8.61
N ASP A 74 7.47 11.66 -8.15
CA ASP A 74 6.75 12.83 -8.66
C ASP A 74 7.32 13.30 -10.00
N ALA A 75 8.56 12.93 -10.30
CA ALA A 75 9.17 13.21 -11.59
C ALA A 75 8.72 12.18 -12.63
N CYS A 76 7.78 11.31 -12.25
CA CYS A 76 7.31 10.21 -13.07
C CYS A 76 5.77 10.20 -13.13
N ILE A 77 5.20 9.15 -13.71
CA ILE A 77 3.75 9.06 -13.96
C ILE A 77 3.02 8.61 -12.69
N GLU A 78 1.74 8.99 -12.59
CA GLU A 78 0.90 8.66 -11.44
C GLU A 78 -0.48 8.16 -11.89
N GLU A 79 -1.15 7.41 -11.02
CA GLU A 79 -2.51 6.94 -11.23
C GLU A 79 -3.23 6.89 -9.89
N ASP A 80 -4.56 7.03 -9.91
CA ASP A 80 -5.35 7.00 -8.67
C ASP A 80 -5.34 5.61 -8.05
N GLY A 81 -4.71 4.63 -8.71
CA GLY A 81 -4.62 3.27 -8.23
C GLY A 81 -3.19 2.82 -7.93
N LYS A 82 -2.18 3.48 -8.53
CA LYS A 82 -0.79 3.07 -8.37
C LYS A 82 0.14 4.14 -8.93
N LEU A 83 1.46 3.89 -8.85
CA LEU A 83 2.46 4.80 -9.40
C LEU A 83 3.12 4.14 -10.61
N TYR A 84 3.76 4.94 -11.46
CA TYR A 84 4.44 4.45 -12.65
C TYR A 84 5.75 5.19 -12.88
N LEU A 85 6.76 4.48 -13.39
CA LEU A 85 8.04 5.07 -13.74
C LEU A 85 8.32 4.86 -15.23
N CYS A 86 9.25 5.64 -15.79
CA CYS A 86 9.54 5.64 -17.22
C CYS A 86 11.01 5.33 -17.48
N VAL A 87 11.50 4.22 -16.92
CA VAL A 87 12.91 3.85 -17.05
C VAL A 87 13.22 3.20 -18.41
N SER A 88 12.19 3.00 -19.26
CA SER A 88 12.39 2.46 -20.59
C SER A 88 13.00 3.55 -21.48
N SER A 89 13.94 3.15 -22.35
CA SER A 89 14.69 4.06 -23.20
C SER A 89 14.97 3.39 -24.53
N PRO A 90 15.51 4.10 -25.53
CA PRO A 90 15.80 3.59 -26.86
C PRO A 90 16.68 2.34 -26.90
N THR A 91 17.20 1.88 -25.76
CA THR A 91 18.05 0.69 -25.71
C THR A 91 17.23 -0.58 -25.45
N ILE A 92 16.03 -0.47 -24.88
CA ILE A 92 15.19 -1.63 -24.61
C ILE A 92 13.69 -1.35 -24.81
N LYS A 93 13.26 -0.09 -24.68
CA LYS A 93 11.86 0.31 -24.81
C LYS A 93 10.91 -0.68 -24.11
N ASP A 94 11.28 -1.11 -22.91
CA ASP A 94 10.57 -2.15 -22.19
C ASP A 94 9.31 -1.63 -21.47
N LYS A 95 8.70 -0.55 -22.00
CA LYS A 95 7.50 0.08 -21.45
C LYS A 95 7.72 0.64 -20.04
N PRO A 96 6.86 1.56 -19.58
CA PRO A 96 6.91 2.09 -18.23
C PRO A 96 6.74 0.96 -17.20
N VAL A 97 7.12 1.25 -15.95
CA VAL A 97 7.16 0.24 -14.91
C VAL A 97 6.17 0.55 -13.80
N GLN A 98 5.61 -0.49 -13.18
CA GLN A 98 4.67 -0.33 -12.08
C GLN A 98 5.45 -0.02 -10.79
N ILE A 99 4.91 0.87 -9.96
CA ILE A 99 5.57 1.33 -8.74
C ILE A 99 4.54 1.44 -7.61
N ARG A 100 4.93 1.12 -6.38
CA ARG A 100 4.07 1.28 -5.21
C ARG A 100 4.86 1.62 -3.94
N PRO A 101 4.95 2.91 -3.58
CA PRO A 101 5.46 3.37 -2.30
C PRO A 101 4.30 3.31 -1.30
N TRP A 102 4.35 4.02 -0.16
CA TRP A 102 3.16 4.16 0.67
C TRP A 102 3.10 5.50 1.38
N ASN A 103 1.88 5.88 1.81
CA ASN A 103 1.64 7.10 2.55
C ASN A 103 1.06 6.74 3.91
N LEU A 104 1.94 6.59 4.89
CA LEU A 104 1.61 6.19 6.23
C LEU A 104 0.83 7.25 7.02
N SER A 105 0.43 8.34 6.35
CA SER A 105 -0.41 9.35 6.97
C SER A 105 -1.85 9.25 6.47
N ASP A 106 -2.09 8.62 5.33
CA ASP A 106 -3.43 8.45 4.80
C ASP A 106 -4.01 7.09 5.22
N SER A 107 -3.13 6.17 5.66
CA SER A 107 -3.53 4.93 6.30
C SER A 107 -4.64 5.06 7.33
N ASP A 108 -4.90 6.27 7.83
CA ASP A 108 -5.90 6.46 8.86
C ASP A 108 -7.06 7.28 8.31
N PHE A 109 -8.25 6.69 8.37
CA PHE A 109 -9.48 7.34 7.93
C PHE A 109 -10.46 7.46 9.10
N VAL A 110 -10.47 8.66 9.70
CA VAL A 110 -11.39 8.96 10.80
C VAL A 110 -12.54 9.83 10.31
N MET A 111 -13.69 9.75 10.98
CA MET A 111 -14.86 10.53 10.63
C MET A 111 -15.59 11.04 11.88
N ASP A 112 -15.08 10.70 13.07
CA ASP A 112 -15.69 11.00 14.35
C ASP A 112 -17.09 10.38 14.49
N GLY A 113 -17.64 10.42 15.71
CA GLY A 113 -18.94 9.83 15.97
C GLY A 113 -19.34 9.98 17.43
N SER A 114 -20.35 9.21 17.85
CA SER A 114 -20.92 9.26 19.18
C SER A 114 -20.15 8.40 20.18
N GLN A 115 -18.89 8.04 19.88
CA GLN A 115 -18.13 7.16 20.75
C GLN A 115 -16.66 7.57 20.86
N PRO A 116 -16.02 7.23 22.00
CA PRO A 116 -14.58 7.34 22.18
C PRO A 116 -13.88 6.17 21.50
N LEU A 117 -12.57 6.08 21.72
CA LEU A 117 -11.74 5.08 21.07
C LEU A 117 -11.04 4.21 22.10
N ASP A 118 -11.24 2.90 21.97
CA ASP A 118 -10.68 1.90 22.87
C ASP A 118 -10.61 0.56 22.13
N PRO A 119 -9.61 -0.29 22.42
CA PRO A 119 -9.46 -1.60 21.79
C PRO A 119 -10.69 -2.50 21.89
N ARG A 120 -11.59 -2.23 22.85
CA ARG A 120 -12.82 -3.00 23.02
C ARG A 120 -13.96 -2.40 22.21
N LYS A 121 -13.67 -1.41 21.39
CA LYS A 121 -14.61 -0.76 20.47
C LYS A 121 -14.07 -0.80 19.05
N THR A 122 -13.06 -1.67 18.82
CA THR A 122 -12.42 -1.81 17.53
C THR A 122 -12.80 -3.15 16.90
N ILE A 123 -12.77 -3.22 15.57
CA ILE A 123 -13.13 -4.40 14.82
C ILE A 123 -12.04 -4.66 13.78
N PHE A 124 -11.93 -5.91 13.33
CA PHE A 124 -10.94 -6.31 12.34
C PHE A 124 -11.67 -6.65 11.04
N VAL A 125 -11.02 -6.42 9.90
CA VAL A 125 -11.60 -6.78 8.62
C VAL A 125 -10.57 -7.48 7.75
N GLY A 126 -10.96 -8.64 7.22
CA GLY A 126 -10.10 -9.42 6.36
C GLY A 126 -10.68 -9.48 4.94
N GLY A 127 -9.89 -10.04 4.02
CA GLY A 127 -10.30 -10.17 2.63
C GLY A 127 -9.78 -9.05 1.72
N VAL A 128 -8.89 -8.18 2.23
CA VAL A 128 -8.27 -7.17 1.38
C VAL A 128 -7.24 -7.88 0.49
N PRO A 129 -7.37 -7.77 -0.85
CA PRO A 129 -6.52 -8.50 -1.78
C PRO A 129 -5.16 -7.83 -1.98
N ARG A 130 -5.10 -6.50 -1.86
CA ARG A 130 -3.92 -5.70 -2.12
C ARG A 130 -3.96 -4.46 -1.23
N PRO A 131 -2.86 -3.72 -1.11
CA PRO A 131 -2.83 -2.46 -0.39
C PRO A 131 -3.97 -1.55 -0.83
N LEU A 132 -4.59 -0.86 0.13
CA LEU A 132 -5.74 -0.02 -0.12
C LEU A 132 -5.70 1.22 0.78
N ARG A 133 -6.11 2.37 0.24
CA ARG A 133 -6.16 3.61 1.00
C ARG A 133 -7.56 3.80 1.59
N ALA A 134 -8.07 2.73 2.19
CA ALA A 134 -9.37 2.66 2.85
C ALA A 134 -10.57 2.92 1.92
N VAL A 135 -10.38 2.86 0.61
CA VAL A 135 -11.45 3.15 -0.35
C VAL A 135 -12.47 2.02 -0.43
N GLU A 136 -12.02 0.81 -0.75
CA GLU A 136 -12.94 -0.30 -0.97
C GLU A 136 -13.56 -0.76 0.35
N LEU A 137 -12.85 -0.57 1.47
CA LEU A 137 -13.26 -1.03 2.78
C LEU A 137 -14.41 -0.20 3.33
N ALA A 138 -14.24 1.12 3.34
CA ALA A 138 -15.24 2.00 3.92
C ALA A 138 -16.47 2.09 3.03
N MET A 139 -16.31 1.94 1.72
CA MET A 139 -17.41 2.13 0.79
C MET A 139 -18.33 0.91 0.71
N ILE A 140 -17.82 -0.30 0.96
CA ILE A 140 -18.68 -1.48 0.96
C ILE A 140 -19.43 -1.59 2.28
N MET A 141 -18.75 -1.43 3.41
CA MET A 141 -19.43 -1.60 4.70
C MET A 141 -20.47 -0.51 4.88
N ASP A 142 -20.28 0.64 4.23
CA ASP A 142 -21.19 1.75 4.36
C ASP A 142 -22.32 1.73 3.34
N ARG A 143 -22.19 0.97 2.24
CA ARG A 143 -23.31 0.80 1.32
C ARG A 143 -24.15 -0.40 1.74
N LEU A 144 -23.68 -1.14 2.74
CA LEU A 144 -24.42 -2.25 3.32
C LEU A 144 -25.05 -1.89 4.67
N TYR A 145 -24.23 -1.78 5.70
CA TYR A 145 -24.71 -1.68 7.08
C TYR A 145 -24.47 -0.30 7.69
N GLY A 146 -23.60 0.51 7.08
CA GLY A 146 -23.33 1.87 7.55
C GLY A 146 -22.56 1.90 8.85
N GLY A 147 -22.48 3.10 9.44
CA GLY A 147 -21.77 3.34 10.69
C GLY A 147 -20.25 3.40 10.47
N VAL A 148 -19.62 4.36 11.13
CA VAL A 148 -18.18 4.58 11.08
C VAL A 148 -17.82 5.63 12.14
N CYS A 149 -16.56 5.64 12.62
CA CYS A 149 -16.10 6.66 13.55
C CYS A 149 -14.59 6.86 13.43
N TYR A 150 -13.83 5.77 13.50
CA TYR A 150 -12.38 5.83 13.37
C TYR A 150 -11.88 4.53 12.75
N ALA A 151 -10.90 4.60 11.84
CA ALA A 151 -10.38 3.40 11.21
C ALA A 151 -9.01 3.63 10.57
N GLY A 152 -8.39 2.55 10.14
CA GLY A 152 -7.13 2.61 9.41
C GLY A 152 -6.75 1.22 8.89
N ILE A 153 -5.83 1.15 7.92
CA ILE A 153 -5.37 -0.13 7.42
C ILE A 153 -4.20 -0.64 8.25
N ASP A 154 -4.00 -1.95 8.27
CA ASP A 154 -2.90 -2.55 9.04
C ASP A 154 -1.59 -2.39 8.28
N THR A 155 -0.52 -2.13 9.04
CA THR A 155 0.80 -1.84 8.50
C THR A 155 1.91 -2.50 9.29
N ASP A 156 3.07 -2.57 8.65
CA ASP A 156 4.31 -3.04 9.23
C ASP A 156 5.01 -1.85 9.89
N PRO A 157 5.33 -1.92 11.18
CA PRO A 157 6.01 -0.85 11.89
C PRO A 157 7.47 -0.75 11.46
N GLU A 158 7.96 -1.72 10.66
CA GLU A 158 9.34 -1.75 10.21
C GLU A 158 9.52 -1.01 8.90
N LEU A 159 8.60 -1.23 7.94
CA LEU A 159 8.64 -0.50 6.68
C LEU A 159 7.67 0.66 6.71
N LYS A 160 6.84 0.73 7.76
CA LYS A 160 5.72 1.67 7.80
C LYS A 160 4.88 1.47 6.55
N TYR A 161 4.83 0.23 6.06
CA TYR A 161 4.23 -0.15 4.79
C TYR A 161 3.13 -1.18 5.02
N PRO A 162 2.09 -1.23 4.20
CA PRO A 162 1.00 -2.19 4.34
C PRO A 162 1.51 -3.62 4.50
N LYS A 163 0.87 -4.37 5.43
CA LYS A 163 1.26 -5.72 5.76
C LYS A 163 0.11 -6.69 5.52
N GLY A 164 -0.98 -6.20 4.91
CA GLY A 164 -2.20 -6.97 4.67
C GLY A 164 -3.19 -6.74 5.80
N ALA A 165 -4.45 -7.11 5.57
CA ALA A 165 -5.57 -6.93 6.50
C ALA A 165 -5.79 -5.45 6.86
N GLY A 166 -6.84 -5.19 7.66
CA GLY A 166 -7.17 -3.84 8.10
C GLY A 166 -8.13 -3.87 9.28
N ARG A 167 -8.60 -2.68 9.70
CA ARG A 167 -9.43 -2.55 10.88
C ARG A 167 -10.34 -1.32 10.79
N VAL A 168 -11.41 -1.34 11.60
CA VAL A 168 -12.38 -0.25 11.67
C VAL A 168 -12.97 -0.22 13.08
N ALA A 169 -13.35 0.96 13.56
CA ALA A 169 -13.92 1.11 14.90
C ALA A 169 -15.18 1.98 14.84
N PHE A 170 -16.32 1.35 15.13
CA PHE A 170 -17.61 2.03 15.15
C PHE A 170 -18.62 1.24 16.00
N SER A 171 -18.10 0.50 16.99
CA SER A 171 -18.90 -0.34 17.86
C SER A 171 -19.76 0.47 18.84
N ASN A 172 -20.83 1.09 18.32
CA ASN A 172 -21.73 1.89 19.15
C ASN A 172 -23.18 1.84 18.66
N GLN A 173 -23.44 1.15 17.54
CA GLN A 173 -24.75 1.17 16.90
C GLN A 173 -25.05 -0.19 16.28
N GLN A 174 -26.33 -0.44 15.95
CA GLN A 174 -26.75 -1.69 15.35
C GLN A 174 -26.06 -1.88 13.99
N SER A 175 -25.38 -0.85 13.47
CA SER A 175 -24.67 -0.95 12.22
C SER A 175 -23.49 -1.89 12.36
N TYR A 176 -22.76 -1.81 13.48
CA TYR A 176 -21.66 -2.71 13.74
C TYR A 176 -22.21 -4.08 14.13
N ILE A 177 -23.38 -4.11 14.77
CA ILE A 177 -24.02 -5.38 15.10
C ILE A 177 -24.41 -6.11 13.81
N ALA A 178 -24.75 -5.36 12.75
CA ALA A 178 -25.20 -5.96 11.51
C ALA A 178 -24.03 -6.42 10.62
N ALA A 179 -22.83 -5.87 10.82
CA ALA A 179 -21.66 -6.29 10.06
C ALA A 179 -20.74 -7.22 10.85
N ILE A 180 -21.07 -7.51 12.11
CA ILE A 180 -20.28 -8.44 12.92
C ILE A 180 -21.06 -9.71 13.22
N SER A 181 -22.39 -9.65 13.15
CA SER A 181 -23.25 -10.83 13.22
C SER A 181 -23.45 -11.40 11.81
N ALA A 182 -22.95 -10.68 10.81
CA ALA A 182 -22.91 -11.15 9.44
C ALA A 182 -21.45 -11.12 9.02
N ARG A 183 -20.66 -12.04 9.60
CA ARG A 183 -19.22 -12.06 9.42
C ARG A 183 -18.79 -12.57 8.06
N PHE A 184 -19.74 -12.88 7.18
CA PHE A 184 -19.45 -13.30 5.82
C PHE A 184 -20.39 -12.59 4.86
N VAL A 185 -19.84 -12.15 3.74
CA VAL A 185 -20.55 -11.38 2.74
C VAL A 185 -19.86 -11.66 1.41
N GLN A 186 -20.55 -11.39 0.29
CA GLN A 186 -19.96 -11.64 -1.01
C GLN A 186 -19.08 -10.47 -1.43
N LEU A 187 -19.71 -9.37 -1.89
CA LEU A 187 -19.02 -8.15 -2.31
C LEU A 187 -18.05 -8.39 -3.46
N GLN A 188 -17.63 -7.30 -4.12
CA GLN A 188 -16.66 -7.38 -5.21
C GLN A 188 -15.69 -6.22 -5.08
N HIS A 189 -14.39 -6.54 -5.08
CA HIS A 189 -13.32 -5.57 -4.97
C HIS A 189 -12.01 -6.21 -5.41
N GLY A 190 -11.14 -5.46 -6.09
CA GLY A 190 -9.88 -5.99 -6.56
C GLY A 190 -10.11 -7.22 -7.45
N GLU A 191 -9.35 -8.28 -7.20
CA GLU A 191 -9.47 -9.54 -7.94
C GLU A 191 -10.38 -10.53 -7.20
N ILE A 192 -11.08 -10.08 -6.17
CA ILE A 192 -11.96 -10.94 -5.37
C ILE A 192 -13.41 -10.76 -5.79
N ASP A 193 -14.19 -11.84 -5.69
CA ASP A 193 -15.58 -11.85 -6.12
C ASP A 193 -16.53 -12.31 -5.01
N LYS A 194 -15.96 -12.80 -3.90
CA LYS A 194 -16.74 -13.36 -2.80
C LYS A 194 -15.93 -13.45 -1.52
N ARG A 195 -16.64 -13.72 -0.42
CA ARG A 195 -16.10 -13.92 0.93
C ARG A 195 -15.24 -12.78 1.48
N VAL A 196 -15.73 -12.20 2.57
CA VAL A 196 -14.98 -11.24 3.38
C VAL A 196 -15.16 -11.63 4.83
N GLU A 197 -14.34 -11.07 5.73
CA GLU A 197 -14.36 -11.46 7.12
C GLU A 197 -14.39 -10.24 8.05
N VAL A 198 -15.21 -10.30 9.10
CA VAL A 198 -15.32 -9.21 10.07
C VAL A 198 -15.56 -9.80 11.45
N LYS A 199 -14.71 -9.42 12.42
CA LYS A 199 -14.84 -9.91 13.79
C LYS A 199 -14.13 -8.93 14.74
N PRO A 200 -14.43 -8.96 16.05
CA PRO A 200 -13.89 -8.00 17.00
C PRO A 200 -12.37 -8.02 17.07
N TYR A 201 -11.78 -6.91 17.50
CA TYR A 201 -10.35 -6.72 17.59
C TYR A 201 -9.74 -7.50 18.76
N VAL A 202 -8.42 -7.71 18.72
CA VAL A 202 -7.69 -8.47 19.71
C VAL A 202 -7.52 -7.67 21.00
N SER A 1 4.69 33.93 0.64
CA SER A 1 4.91 32.50 0.33
C SER A 1 4.18 32.12 -0.95
N HIS A 2 4.54 30.96 -1.51
CA HIS A 2 3.95 30.46 -2.76
C HIS A 2 3.60 28.98 -2.64
N GLN A 3 3.62 28.44 -1.41
CA GLN A 3 3.33 27.03 -1.16
C GLN A 3 2.55 26.89 0.16
N ASN A 4 1.71 25.86 0.26
CA ASN A 4 0.90 25.60 1.43
C ASN A 4 0.84 24.12 1.77
N GLY A 5 1.67 23.30 1.09
CA GLY A 5 1.70 21.87 1.29
C GLY A 5 0.59 21.15 0.51
N GLU A 6 -0.17 21.90 -0.29
CA GLU A 6 -1.25 21.34 -1.10
C GLU A 6 -0.71 20.75 -2.39
N ARG A 7 -1.54 19.94 -3.08
CA ARG A 7 -1.19 19.28 -4.33
C ARG A 7 0.07 18.41 -4.23
N VAL A 8 0.47 18.03 -3.00
CA VAL A 8 1.61 17.17 -2.78
C VAL A 8 1.26 16.13 -1.71
N GLU A 9 1.80 14.92 -1.87
CA GLU A 9 1.57 13.82 -0.95
C GLU A 9 2.91 13.19 -0.56
N ARG A 10 2.88 12.30 0.44
CA ARG A 10 4.07 11.63 0.96
C ARG A 10 3.81 10.14 1.13
N TYR A 11 4.84 9.33 0.91
CA TYR A 11 4.70 7.90 0.82
C TYR A 11 5.76 7.14 1.61
N SER A 12 5.48 5.86 1.87
CA SER A 12 6.46 4.97 2.45
C SER A 12 7.47 4.67 1.38
N ARG A 13 8.74 4.85 1.76
CA ARG A 13 9.88 4.62 0.88
C ARG A 13 10.03 3.15 0.48
N LYS A 14 9.18 2.26 1.02
CA LYS A 14 9.15 0.89 0.55
C LYS A 14 8.39 0.88 -0.77
N VAL A 15 9.11 0.60 -1.85
CA VAL A 15 8.57 0.69 -3.20
C VAL A 15 8.68 -0.66 -3.90
N PHE A 16 7.71 -0.91 -4.78
CA PHE A 16 7.64 -2.14 -5.55
C PHE A 16 8.01 -1.86 -7.00
N VAL A 17 8.59 -2.84 -7.69
CA VAL A 17 8.90 -2.72 -9.10
C VAL A 17 8.52 -4.01 -9.81
N GLY A 18 8.07 -3.91 -11.06
CA GLY A 18 7.72 -5.08 -11.85
C GLY A 18 8.04 -4.90 -13.34
N GLY A 19 8.47 -3.69 -13.73
CA GLY A 19 8.80 -3.40 -15.11
C GLY A 19 10.29 -3.61 -15.42
N LEU A 20 10.99 -4.40 -14.58
CA LEU A 20 12.41 -4.62 -14.75
C LEU A 20 12.72 -5.24 -16.11
N PRO A 21 13.86 -4.88 -16.71
CA PRO A 21 14.28 -5.37 -18.01
C PRO A 21 14.77 -6.82 -17.91
N PRO A 22 14.95 -7.50 -19.05
CA PRO A 22 15.51 -8.85 -19.10
C PRO A 22 16.90 -8.91 -18.48
N ASP A 23 17.29 -10.09 -17.99
CA ASP A 23 18.60 -10.34 -17.40
C ASP A 23 18.94 -9.36 -16.28
N ILE A 24 17.93 -8.81 -15.61
CA ILE A 24 18.12 -7.86 -14.51
C ILE A 24 18.81 -8.53 -13.32
N ASP A 25 19.66 -7.75 -12.65
CA ASP A 25 20.26 -8.12 -11.38
C ASP A 25 20.26 -6.86 -10.50
N GLU A 26 20.60 -6.98 -9.22
CA GLU A 26 20.51 -5.87 -8.29
C GLU A 26 21.35 -4.66 -8.73
N ASP A 27 22.36 -4.84 -9.58
CA ASP A 27 23.17 -3.72 -10.04
C ASP A 27 22.54 -3.02 -11.25
N GLU A 28 21.66 -3.72 -11.97
CA GLU A 28 20.98 -3.16 -13.12
C GLU A 28 19.89 -2.20 -12.65
N ILE A 29 19.15 -2.61 -11.62
CA ILE A 29 18.09 -1.78 -11.06
C ILE A 29 18.70 -0.64 -10.26
N THR A 30 19.90 -0.85 -9.68
CA THR A 30 20.58 0.22 -8.98
C THR A 30 21.03 1.29 -9.98
N ALA A 31 21.27 0.88 -11.23
CA ALA A 31 21.65 1.79 -12.29
C ALA A 31 20.42 2.37 -13.00
N SER A 32 19.24 1.77 -12.77
CA SER A 32 18.01 2.30 -13.32
C SER A 32 17.49 3.48 -12.50
N PHE A 33 17.77 3.49 -11.19
CA PHE A 33 17.29 4.54 -10.32
C PHE A 33 18.41 5.49 -9.91
N ARG A 34 18.99 6.20 -10.88
CA ARG A 34 20.05 7.17 -10.63
C ARG A 34 19.54 8.39 -9.86
N ARG A 35 18.25 8.41 -9.52
CA ARG A 35 17.62 9.50 -8.80
C ARG A 35 17.12 9.06 -7.41
N PHE A 36 17.42 7.82 -7.01
CA PHE A 36 17.10 7.33 -5.67
C PHE A 36 18.37 7.15 -4.83
N GLY A 37 19.55 7.27 -5.45
CA GLY A 37 20.81 7.12 -4.74
C GLY A 37 21.00 5.68 -4.25
N PRO A 38 21.88 5.48 -3.25
CA PRO A 38 22.10 4.19 -2.63
C PRO A 38 20.80 3.59 -2.10
N LEU A 39 20.64 2.27 -2.24
CA LEU A 39 19.41 1.60 -1.83
C LEU A 39 19.66 0.14 -1.47
N ILE A 40 18.64 -0.51 -0.89
CA ILE A 40 18.66 -1.91 -0.53
C ILE A 40 17.52 -2.61 -1.28
N VAL A 41 17.76 -3.85 -1.70
CA VAL A 41 16.80 -4.60 -2.50
C VAL A 41 16.66 -6.03 -1.98
N ASP A 42 15.49 -6.64 -2.21
CA ASP A 42 15.26 -8.02 -1.79
C ASP A 42 14.20 -8.70 -2.65
N TRP A 43 14.38 -10.00 -2.87
CA TRP A 43 13.42 -10.86 -3.54
C TRP A 43 13.62 -12.29 -3.02
N PRO A 44 12.55 -13.09 -2.94
CA PRO A 44 12.55 -14.39 -2.28
C PRO A 44 13.39 -15.45 -2.99
N HIS A 45 14.02 -15.11 -4.12
CA HIS A 45 14.85 -16.05 -4.84
C HIS A 45 16.21 -16.25 -4.15
N LYS A 46 16.48 -15.47 -3.10
CA LYS A 46 17.73 -15.57 -2.34
C LYS A 46 17.71 -16.74 -1.36
N ALA A 47 16.68 -17.59 -1.43
CA ALA A 47 16.53 -18.72 -0.52
C ALA A 47 17.46 -19.88 -0.89
N GLU A 48 18.34 -19.70 -1.88
CA GLU A 48 19.29 -20.71 -2.29
C GLU A 48 20.68 -20.10 -2.49
N SER A 49 21.71 -20.95 -2.55
CA SER A 49 23.11 -20.54 -2.55
C SER A 49 23.64 -20.17 -3.94
N LYS A 50 22.77 -20.06 -4.96
CA LYS A 50 23.20 -19.73 -6.31
C LYS A 50 22.21 -18.78 -6.98
N SER A 51 22.71 -18.01 -7.95
CA SER A 51 21.99 -16.98 -8.70
C SER A 51 21.34 -15.91 -7.81
N TYR A 52 20.93 -14.80 -8.44
CA TYR A 52 20.32 -13.68 -7.73
C TYR A 52 19.19 -13.04 -8.55
N PHE A 53 18.71 -13.75 -9.58
CA PHE A 53 17.68 -13.24 -10.47
C PHE A 53 16.32 -13.22 -9.76
N PRO A 54 15.47 -12.21 -10.03
CA PRO A 54 14.13 -12.15 -9.47
C PRO A 54 13.30 -13.39 -9.80
N PRO A 55 12.31 -13.73 -8.97
CA PRO A 55 11.49 -14.93 -9.15
C PRO A 55 10.49 -14.80 -10.29
N LYS A 56 10.10 -13.58 -10.65
CA LYS A 56 9.15 -13.35 -11.73
C LYS A 56 9.30 -11.96 -12.36
N GLY A 57 10.46 -11.32 -12.15
CA GLY A 57 10.72 -9.97 -12.65
C GLY A 57 10.18 -8.90 -11.71
N TYR A 58 9.53 -9.29 -10.61
CA TYR A 58 9.05 -8.35 -9.61
C TYR A 58 10.08 -8.20 -8.49
N ALA A 59 10.07 -7.06 -7.80
CA ALA A 59 11.03 -6.77 -6.74
C ALA A 59 10.43 -5.86 -5.67
N PHE A 60 11.01 -5.92 -4.47
CA PHE A 60 10.65 -5.03 -3.39
C PHE A 60 11.94 -4.38 -2.87
N LEU A 61 11.94 -3.06 -2.69
CA LEU A 61 13.15 -2.34 -2.36
C LEU A 61 12.86 -0.99 -1.72
N LEU A 62 13.90 -0.38 -1.14
CA LEU A 62 13.80 0.93 -0.52
C LEU A 62 15.17 1.60 -0.55
N PHE A 63 15.20 2.93 -0.52
CA PHE A 63 16.41 3.70 -0.69
C PHE A 63 16.69 4.57 0.53
N GLN A 64 17.91 5.12 0.59
CA GLN A 64 18.43 5.78 1.78
C GLN A 64 17.86 7.17 2.08
N ASP A 65 17.28 7.86 1.10
CA ASP A 65 16.78 9.22 1.32
C ASP A 65 15.26 9.29 1.23
N GLU A 66 14.64 9.96 2.21
CA GLU A 66 13.19 10.11 2.26
C GLU A 66 12.72 11.31 1.46
N SER A 67 13.62 12.24 1.10
CA SER A 67 13.26 13.37 0.25
C SER A 67 13.24 12.92 -1.21
N SER A 68 13.98 11.87 -1.52
CA SER A 68 14.02 11.30 -2.85
C SER A 68 12.72 10.57 -3.16
N VAL A 69 11.94 10.23 -2.13
CA VAL A 69 10.66 9.55 -2.30
C VAL A 69 9.69 10.46 -3.05
N GLN A 70 9.68 11.75 -2.68
CA GLN A 70 8.70 12.68 -3.20
C GLN A 70 9.16 13.26 -4.54
N ALA A 71 10.47 13.46 -4.70
CA ALA A 71 11.00 14.07 -5.91
C ALA A 71 10.87 13.13 -7.12
N LEU A 72 11.09 11.83 -6.91
CA LEU A 72 11.09 10.88 -8.00
C LEU A 72 9.66 10.46 -8.35
N ILE A 73 8.85 10.16 -7.33
CA ILE A 73 7.49 9.70 -7.55
C ILE A 73 6.64 10.81 -8.16
N ASP A 74 7.04 12.08 -7.99
CA ASP A 74 6.29 13.21 -8.54
C ASP A 74 6.84 13.66 -9.90
N ALA A 75 8.11 13.36 -10.20
CA ALA A 75 8.73 13.77 -11.45
C ALA A 75 8.48 12.74 -12.57
N CYS A 76 7.65 11.73 -12.31
CA CYS A 76 7.38 10.66 -13.28
C CYS A 76 5.88 10.49 -13.50
N ILE A 77 5.51 9.57 -14.40
CA ILE A 77 4.11 9.35 -14.77
C ILE A 77 3.41 8.59 -13.66
N GLU A 78 2.11 8.85 -13.46
CA GLU A 78 1.35 8.25 -12.38
C GLU A 78 -0.08 7.92 -12.78
N GLU A 79 -0.72 7.07 -11.97
CA GLU A 79 -2.12 6.69 -12.11
C GLU A 79 -2.71 6.51 -10.71
N ASP A 80 -4.03 6.57 -10.59
CA ASP A 80 -4.70 6.38 -9.31
C ASP A 80 -4.44 4.97 -8.76
N GLY A 81 -3.88 4.06 -9.56
CA GLY A 81 -3.61 2.70 -9.14
C GLY A 81 -2.13 2.36 -9.04
N LYS A 82 -1.25 3.11 -9.74
CA LYS A 82 0.15 2.76 -9.81
C LYS A 82 1.02 3.94 -10.29
N LEU A 83 2.31 3.68 -10.44
CA LEU A 83 3.30 4.66 -10.89
C LEU A 83 4.04 4.10 -12.11
N TYR A 84 4.59 4.99 -12.95
CA TYR A 84 5.39 4.57 -14.10
C TYR A 84 6.62 5.45 -14.22
N LEU A 85 7.78 4.80 -14.43
CA LEU A 85 9.07 5.47 -14.51
C LEU A 85 9.54 5.53 -15.96
N CYS A 86 10.19 6.64 -16.31
CA CYS A 86 10.62 6.93 -17.68
C CYS A 86 12.09 6.58 -17.90
N VAL A 87 12.63 5.65 -17.11
CA VAL A 87 14.02 5.22 -17.20
C VAL A 87 14.31 4.54 -18.54
N SER A 88 13.27 4.19 -19.29
CA SER A 88 13.39 3.56 -20.59
C SER A 88 13.54 4.60 -21.69
N SER A 89 14.48 5.54 -21.52
CA SER A 89 14.70 6.62 -22.48
C SER A 89 16.09 7.26 -22.41
N PRO A 90 16.62 7.60 -21.22
CA PRO A 90 17.86 8.36 -21.09
C PRO A 90 19.10 7.68 -21.67
N THR A 91 19.26 6.37 -21.44
CA THR A 91 20.43 5.61 -21.91
C THR A 91 20.04 4.23 -22.41
N ILE A 92 18.73 3.91 -22.36
CA ILE A 92 18.17 2.64 -22.78
C ILE A 92 16.75 2.92 -23.25
N LYS A 93 16.19 2.05 -24.10
CA LYS A 93 14.82 2.22 -24.56
C LYS A 93 14.14 0.86 -24.70
N ASP A 94 13.06 0.67 -23.94
CA ASP A 94 12.23 -0.53 -24.02
C ASP A 94 10.81 -0.18 -23.61
N LYS A 95 10.47 -0.34 -22.33
CA LYS A 95 9.15 -0.03 -21.79
C LYS A 95 9.29 0.59 -20.41
N PRO A 96 8.35 1.46 -20.01
CA PRO A 96 8.34 2.08 -18.68
C PRO A 96 8.35 1.05 -17.56
N VAL A 97 8.82 1.45 -16.38
CA VAL A 97 8.83 0.56 -15.22
C VAL A 97 7.55 0.77 -14.42
N GLN A 98 6.82 -0.31 -14.14
CA GLN A 98 5.64 -0.21 -13.28
C GLN A 98 6.11 -0.20 -11.83
N ILE A 99 5.60 0.74 -11.03
CA ILE A 99 6.06 0.97 -9.68
C ILE A 99 4.88 1.25 -8.74
N ARG A 100 5.06 0.92 -7.45
CA ARG A 100 4.06 1.20 -6.43
C ARG A 100 4.74 1.48 -5.09
N PRO A 101 4.69 2.72 -4.59
CA PRO A 101 5.10 3.11 -3.25
C PRO A 101 3.95 2.77 -2.30
N TRP A 102 3.94 3.26 -1.05
CA TRP A 102 2.74 3.12 -0.23
C TRP A 102 2.27 4.45 0.36
N ASN A 103 0.95 4.59 0.49
CA ASN A 103 0.29 5.79 0.99
C ASN A 103 0.07 5.70 2.51
N LEU A 104 1.15 5.50 3.26
CA LEU A 104 1.14 5.38 4.72
C LEU A 104 0.48 6.57 5.44
N SER A 105 0.23 7.68 4.73
CA SER A 105 -0.34 8.86 5.35
C SER A 105 -1.79 9.09 4.92
N ASP A 106 -2.40 8.09 4.26
CA ASP A 106 -3.81 8.16 3.89
C ASP A 106 -4.55 6.91 4.38
N SER A 107 -3.83 5.79 4.54
CA SER A 107 -4.39 4.57 5.10
C SER A 107 -5.12 4.77 6.43
N ASP A 108 -4.89 5.90 7.11
CA ASP A 108 -5.58 6.19 8.35
C ASP A 108 -6.80 7.08 8.07
N PHE A 109 -7.98 6.56 8.43
CA PHE A 109 -9.22 7.31 8.29
C PHE A 109 -9.90 7.45 9.65
N VAL A 110 -9.75 8.62 10.28
CA VAL A 110 -10.44 8.93 11.53
C VAL A 110 -11.74 9.67 11.21
N MET A 111 -12.78 9.44 12.03
CA MET A 111 -14.06 10.11 11.85
C MET A 111 -14.65 10.55 13.20
N ASP A 112 -13.99 10.21 14.31
CA ASP A 112 -14.46 10.55 15.64
C ASP A 112 -13.29 10.75 16.60
N GLY A 113 -13.53 11.44 17.72
CA GLY A 113 -12.50 11.73 18.71
C GLY A 113 -12.99 11.50 20.14
N SER A 114 -14.16 10.87 20.30
CA SER A 114 -14.75 10.64 21.62
C SER A 114 -14.25 9.34 22.24
N GLN A 115 -13.56 8.52 21.45
CA GLN A 115 -13.04 7.24 21.93
C GLN A 115 -11.77 6.89 21.15
N PRO A 116 -10.68 6.55 21.85
CA PRO A 116 -9.41 6.18 21.24
C PRO A 116 -9.42 4.74 20.72
N LEU A 117 -8.38 4.38 19.96
CA LEU A 117 -8.24 3.03 19.45
C LEU A 117 -7.90 2.09 20.60
N ASP A 118 -8.58 0.94 20.64
CA ASP A 118 -8.36 -0.06 21.68
C ASP A 118 -8.74 -1.45 21.15
N PRO A 119 -8.03 -2.51 21.57
CA PRO A 119 -8.27 -3.87 21.11
C PRO A 119 -9.70 -4.37 21.39
N ARG A 120 -10.41 -3.78 22.35
CA ARG A 120 -11.77 -4.15 22.68
C ARG A 120 -12.77 -3.33 21.89
N LYS A 121 -12.29 -2.40 21.06
CA LYS A 121 -13.11 -1.53 20.23
C LYS A 121 -12.75 -1.67 18.76
N THR A 122 -11.81 -2.57 18.44
CA THR A 122 -11.36 -2.79 17.07
C THR A 122 -12.05 -4.01 16.48
N ILE A 123 -12.16 -4.05 15.15
CA ILE A 123 -12.77 -5.15 14.43
C ILE A 123 -11.83 -5.54 13.28
N PHE A 124 -11.84 -6.82 12.90
CA PHE A 124 -10.98 -7.33 11.85
C PHE A 124 -11.77 -7.43 10.55
N VAL A 125 -11.13 -7.12 9.42
CA VAL A 125 -11.78 -7.16 8.12
C VAL A 125 -10.87 -7.86 7.11
N GLY A 126 -11.24 -9.08 6.71
CA GLY A 126 -10.43 -9.88 5.81
C GLY A 126 -10.95 -9.82 4.37
N GLY A 127 -10.11 -10.28 3.43
CA GLY A 127 -10.45 -10.35 2.02
C GLY A 127 -10.09 -9.08 1.25
N VAL A 128 -9.54 -8.06 1.91
CA VAL A 128 -9.19 -6.81 1.23
C VAL A 128 -7.91 -7.00 0.39
N PRO A 129 -7.92 -6.56 -0.87
CA PRO A 129 -6.74 -6.52 -1.73
C PRO A 129 -5.60 -5.69 -1.13
N ARG A 130 -4.47 -5.65 -1.84
CA ARG A 130 -3.29 -4.89 -1.43
C ARG A 130 -3.07 -3.61 -2.26
N PRO A 131 -3.27 -3.62 -3.59
CA PRO A 131 -3.09 -2.43 -4.43
C PRO A 131 -4.31 -1.51 -4.32
N LEU A 132 -4.60 -1.05 -3.10
CA LEU A 132 -5.78 -0.23 -2.81
C LEU A 132 -5.51 0.75 -1.68
N ARG A 133 -6.59 1.39 -1.22
CA ARG A 133 -6.60 2.30 -0.08
C ARG A 133 -7.73 1.86 0.85
N ALA A 134 -7.83 2.45 2.04
CA ALA A 134 -8.91 2.16 2.97
C ALA A 134 -10.25 2.67 2.45
N VAL A 135 -10.27 3.12 1.19
CA VAL A 135 -11.45 3.72 0.59
C VAL A 135 -12.60 2.75 0.48
N GLU A 136 -12.34 1.53 0.00
CA GLU A 136 -13.40 0.56 -0.22
C GLU A 136 -13.96 0.04 1.10
N LEU A 137 -13.17 0.06 2.17
CA LEU A 137 -13.53 -0.46 3.47
C LEU A 137 -14.41 0.55 4.21
N ALA A 138 -13.96 1.81 4.29
CA ALA A 138 -14.68 2.81 5.04
C ALA A 138 -15.97 3.23 4.33
N MET A 139 -16.01 3.10 3.00
CA MET A 139 -17.16 3.53 2.24
C MET A 139 -18.29 2.49 2.28
N ILE A 140 -17.98 1.19 2.23
CA ILE A 140 -19.05 0.19 2.30
C ILE A 140 -19.68 0.22 3.69
N MET A 141 -18.87 0.35 4.75
CA MET A 141 -19.43 0.35 6.09
C MET A 141 -20.28 1.60 6.30
N ASP A 142 -19.95 2.68 5.59
CA ASP A 142 -20.71 3.92 5.69
C ASP A 142 -21.95 3.88 4.80
N ARG A 143 -22.08 2.88 3.93
CA ARG A 143 -23.27 2.74 3.08
C ARG A 143 -24.34 1.86 3.71
N LEU A 144 -23.99 1.00 4.68
CA LEU A 144 -24.97 0.12 5.31
C LEU A 144 -25.04 0.22 6.83
N TYR A 145 -23.91 0.41 7.53
CA TYR A 145 -23.86 0.44 8.99
C TYR A 145 -22.84 1.46 9.46
N GLY A 146 -23.12 2.74 9.21
CA GLY A 146 -22.22 3.84 9.53
C GLY A 146 -22.03 4.06 11.03
N GLY A 147 -21.31 5.12 11.38
CA GLY A 147 -20.98 5.43 12.77
C GLY A 147 -19.52 5.08 13.09
N VAL A 148 -18.70 4.91 12.05
CA VAL A 148 -17.29 4.57 12.20
C VAL A 148 -16.53 5.64 12.99
N CYS A 149 -15.45 5.24 13.68
CA CYS A 149 -14.60 6.17 14.41
C CYS A 149 -13.18 6.15 13.85
N TYR A 150 -12.69 4.96 13.47
CA TYR A 150 -11.40 4.83 12.80
C TYR A 150 -11.43 3.63 11.86
N ALA A 151 -10.65 3.69 10.77
CA ALA A 151 -10.52 2.59 9.83
C ALA A 151 -9.20 2.67 9.06
N GLY A 152 -8.70 1.51 8.61
CA GLY A 152 -7.50 1.45 7.78
C GLY A 152 -7.33 0.04 7.21
N ILE A 153 -6.37 -0.15 6.30
CA ILE A 153 -6.17 -1.45 5.67
C ILE A 153 -4.73 -1.95 5.75
N ASP A 154 -4.63 -3.25 6.09
CA ASP A 154 -3.37 -3.99 6.19
C ASP A 154 -2.22 -3.33 6.96
N THR A 155 -2.38 -2.12 7.51
CA THR A 155 -1.24 -1.39 8.04
C THR A 155 -0.60 -2.02 9.27
N ASP A 156 0.67 -1.65 9.46
CA ASP A 156 1.52 -2.17 10.51
C ASP A 156 2.46 -1.08 11.00
N PRO A 157 2.69 -0.97 12.31
CA PRO A 157 3.45 0.10 12.93
C PRO A 157 4.95 -0.03 12.67
N GLU A 158 5.40 -1.09 12.00
CA GLU A 158 6.80 -1.28 11.67
C GLU A 158 7.29 -0.14 10.78
N LEU A 159 6.50 0.15 9.74
CA LEU A 159 6.76 1.26 8.84
C LEU A 159 5.47 1.75 8.18
N LYS A 160 4.32 1.37 8.73
CA LYS A 160 3.01 1.81 8.25
C LYS A 160 2.74 1.25 6.88
N TYR A 161 3.04 -0.05 6.73
CA TYR A 161 2.97 -0.71 5.44
C TYR A 161 2.06 -1.94 5.50
N PRO A 162 1.33 -2.25 4.40
CA PRO A 162 0.47 -3.41 4.31
C PRO A 162 1.17 -4.73 4.65
N LYS A 163 0.78 -5.34 5.78
CA LYS A 163 1.22 -6.66 6.17
C LYS A 163 0.11 -7.69 5.93
N GLY A 164 -1.14 -7.24 5.89
CA GLY A 164 -2.29 -8.10 5.61
C GLY A 164 -3.51 -7.74 6.45
N ALA A 165 -4.71 -7.94 5.88
CA ALA A 165 -6.01 -7.74 6.50
C ALA A 165 -6.30 -6.33 7.03
N GLY A 166 -7.46 -5.80 6.66
CA GLY A 166 -7.91 -4.48 7.11
C GLY A 166 -8.51 -4.51 8.51
N ARG A 167 -8.84 -3.32 9.02
CA ARG A 167 -9.43 -3.18 10.34
C ARG A 167 -10.30 -1.92 10.42
N VAL A 168 -11.24 -1.91 11.37
CA VAL A 168 -12.09 -0.77 11.64
C VAL A 168 -12.43 -0.76 13.11
N ALA A 169 -12.66 0.42 13.70
CA ALA A 169 -12.95 0.53 15.11
C ALA A 169 -14.12 1.47 15.35
N PHE A 170 -15.24 0.91 15.83
CA PHE A 170 -16.43 1.68 16.15
C PHE A 170 -17.40 0.85 17.00
N SER A 171 -16.87 -0.09 17.79
CA SER A 171 -17.69 -0.97 18.61
C SER A 171 -18.34 -0.22 19.77
N ASN A 172 -19.45 0.48 19.49
CA ASN A 172 -20.15 1.25 20.50
C ASN A 172 -21.67 1.29 20.26
N GLN A 173 -22.13 0.78 19.11
CA GLN A 173 -23.55 0.81 18.74
C GLN A 173 -23.94 -0.43 17.93
N GLN A 174 -25.24 -0.54 17.66
CA GLN A 174 -25.79 -1.68 16.94
C GLN A 174 -25.25 -1.73 15.51
N SER A 175 -24.60 -0.65 15.04
CA SER A 175 -24.04 -0.65 13.69
C SER A 175 -22.85 -1.59 13.64
N TYR A 176 -22.07 -1.66 14.73
CA TYR A 176 -20.96 -2.59 14.83
C TYR A 176 -21.52 -4.00 15.00
N ILE A 177 -22.63 -4.14 15.73
CA ILE A 177 -23.27 -5.44 15.90
C ILE A 177 -23.78 -5.94 14.55
N ALA A 178 -24.25 -5.01 13.70
CA ALA A 178 -24.86 -5.36 12.44
C ALA A 178 -23.84 -5.73 11.36
N ALA A 179 -22.59 -5.27 11.47
CA ALA A 179 -21.57 -5.61 10.48
C ALA A 179 -20.64 -6.71 10.96
N ILE A 180 -20.64 -7.04 12.26
CA ILE A 180 -19.80 -8.10 12.79
C ILE A 180 -20.56 -9.42 12.79
N SER A 181 -21.91 -9.35 12.71
CA SER A 181 -22.74 -10.54 12.56
C SER A 181 -23.16 -10.73 11.11
N ALA A 182 -22.86 -9.75 10.26
CA ALA A 182 -23.10 -9.84 8.82
C ALA A 182 -21.78 -10.17 8.14
N ARG A 183 -21.24 -11.35 8.47
CA ARG A 183 -19.94 -11.78 7.99
C ARG A 183 -19.87 -11.92 6.47
N PHE A 184 -21.02 -11.94 5.77
CA PHE A 184 -21.05 -11.91 4.32
C PHE A 184 -22.17 -10.98 3.88
N VAL A 185 -21.92 -10.21 2.82
CA VAL A 185 -22.80 -9.15 2.38
C VAL A 185 -22.58 -8.95 0.89
N GLN A 186 -23.58 -8.40 0.20
CA GLN A 186 -23.44 -8.11 -1.22
C GLN A 186 -22.58 -6.86 -1.39
N LEU A 187 -21.35 -7.07 -1.86
CA LEU A 187 -20.31 -6.06 -1.95
C LEU A 187 -19.41 -6.36 -3.14
N GLN A 188 -18.59 -5.37 -3.54
CA GLN A 188 -17.61 -5.54 -4.60
C GLN A 188 -16.32 -4.82 -4.22
N HIS A 189 -15.19 -5.51 -4.36
CA HIS A 189 -13.89 -4.95 -4.01
C HIS A 189 -12.81 -5.71 -4.76
N GLY A 190 -11.88 -4.99 -5.40
CA GLY A 190 -10.82 -5.62 -6.18
C GLY A 190 -11.42 -6.55 -7.24
N GLU A 191 -10.84 -7.74 -7.37
CA GLU A 191 -11.33 -8.75 -8.30
C GLU A 191 -12.29 -9.72 -7.59
N ILE A 192 -12.80 -9.33 -6.41
CA ILE A 192 -13.68 -10.14 -5.59
C ILE A 192 -15.09 -9.55 -5.60
N ASP A 193 -16.10 -10.42 -5.48
CA ASP A 193 -17.49 -10.00 -5.47
C ASP A 193 -18.28 -10.82 -4.45
N LYS A 194 -19.42 -10.26 -4.00
CA LYS A 194 -20.42 -10.88 -3.13
C LYS A 194 -19.90 -11.56 -1.85
N ARG A 195 -18.62 -11.42 -1.50
CA ARG A 195 -18.11 -11.96 -0.25
C ARG A 195 -17.04 -11.10 0.41
N VAL A 196 -17.05 -11.10 1.75
CA VAL A 196 -16.08 -10.42 2.57
C VAL A 196 -15.91 -11.19 3.86
N GLU A 197 -15.02 -10.75 4.74
CA GLU A 197 -14.83 -11.39 6.03
C GLU A 197 -14.77 -10.33 7.13
N VAL A 198 -15.55 -10.50 8.21
CA VAL A 198 -15.56 -9.56 9.32
C VAL A 198 -15.74 -10.30 10.64
N LYS A 199 -14.87 -10.02 11.61
CA LYS A 199 -14.91 -10.67 12.93
C LYS A 199 -14.31 -9.74 13.99
N PRO A 200 -14.50 -10.03 15.28
CA PRO A 200 -13.85 -9.30 16.35
C PRO A 200 -12.33 -9.30 16.20
N TYR A 201 -11.67 -8.27 16.74
CA TYR A 201 -10.22 -8.15 16.67
C TYR A 201 -9.56 -9.06 17.70
N VAL A 202 -8.32 -9.48 17.41
CA VAL A 202 -7.54 -10.38 18.25
C VAL A 202 -6.08 -9.98 18.28
N SER A 1 18.79 27.73 1.35
CA SER A 1 18.52 26.39 1.90
C SER A 1 17.03 26.10 1.90
N HIS A 2 16.66 24.83 2.13
CA HIS A 2 15.27 24.39 2.18
C HIS A 2 14.48 24.80 0.93
N GLN A 3 15.16 24.91 -0.21
CA GLN A 3 14.53 25.33 -1.46
C GLN A 3 13.73 24.19 -2.09
N ASN A 4 13.97 22.94 -1.64
CA ASN A 4 13.26 21.78 -2.17
C ASN A 4 11.93 21.62 -1.46
N GLY A 5 10.84 21.49 -2.23
CA GLY A 5 9.49 21.33 -1.72
C GLY A 5 8.74 20.23 -2.46
N GLU A 6 9.44 19.48 -3.32
CA GLU A 6 8.86 18.41 -4.11
C GLU A 6 8.93 17.07 -3.36
N ARG A 7 9.15 17.12 -2.04
CA ARG A 7 9.30 15.95 -1.20
C ARG A 7 8.41 16.02 0.03
N VAL A 8 8.20 14.87 0.68
CA VAL A 8 7.38 14.75 1.89
C VAL A 8 7.97 13.70 2.82
N GLU A 9 7.34 13.51 3.98
CA GLU A 9 7.76 12.51 4.95
C GLU A 9 6.58 11.61 5.36
N ARG A 10 5.51 11.61 4.55
CA ARG A 10 4.30 10.86 4.85
C ARG A 10 4.05 9.68 3.89
N TYR A 11 5.03 9.33 3.04
CA TYR A 11 4.95 8.12 2.25
C TYR A 11 5.89 7.06 2.82
N SER A 12 5.60 5.78 2.57
CA SER A 12 6.49 4.71 2.96
C SER A 12 7.36 4.32 1.78
N ARG A 13 8.61 4.00 2.12
CA ARG A 13 9.68 3.81 1.15
C ARG A 13 9.68 2.41 0.52
N LYS A 14 8.76 1.53 0.91
CA LYS A 14 8.64 0.25 0.23
C LYS A 14 8.00 0.52 -1.13
N VAL A 15 8.77 0.31 -2.19
CA VAL A 15 8.31 0.56 -3.55
C VAL A 15 8.38 -0.71 -4.36
N PHE A 16 7.25 -1.06 -5.00
CA PHE A 16 7.17 -2.20 -5.89
C PHE A 16 7.56 -1.76 -7.30
N VAL A 17 8.18 -2.66 -8.06
CA VAL A 17 8.57 -2.35 -9.43
C VAL A 17 7.93 -3.37 -10.38
N GLY A 18 7.27 -2.88 -11.44
CA GLY A 18 6.58 -3.72 -12.41
C GLY A 18 7.30 -3.76 -13.75
N GLY A 19 8.41 -3.01 -13.86
CA GLY A 19 9.23 -3.01 -15.06
C GLY A 19 10.71 -3.09 -14.72
N LEU A 20 11.39 -4.08 -15.32
CA LEU A 20 12.82 -4.30 -15.16
C LEU A 20 13.36 -4.88 -16.48
N PRO A 21 14.65 -4.68 -16.78
CA PRO A 21 15.28 -5.23 -17.97
C PRO A 21 15.15 -6.75 -18.07
N PRO A 22 15.24 -7.32 -19.28
CA PRO A 22 15.17 -8.76 -19.51
C PRO A 22 16.27 -9.53 -18.76
N ASP A 23 17.34 -8.84 -18.38
CA ASP A 23 18.40 -9.39 -17.56
C ASP A 23 18.75 -8.34 -16.50
N ILE A 24 18.46 -8.65 -15.24
CA ILE A 24 18.57 -7.69 -14.17
C ILE A 24 19.16 -8.30 -12.89
N ASP A 25 19.93 -7.49 -12.18
CA ASP A 25 20.48 -7.77 -10.86
C ASP A 25 20.56 -6.44 -10.11
N GLU A 26 20.81 -6.46 -8.80
CA GLU A 26 20.80 -5.25 -7.98
C GLU A 26 21.57 -4.09 -8.62
N ASP A 27 22.71 -4.35 -9.28
CA ASP A 27 23.52 -3.28 -9.86
C ASP A 27 22.86 -2.73 -11.13
N GLU A 28 22.06 -3.54 -11.81
CA GLU A 28 21.42 -3.15 -13.05
C GLU A 28 20.26 -2.21 -12.77
N ILE A 29 19.44 -2.57 -11.78
CA ILE A 29 18.26 -1.79 -11.45
C ILE A 29 18.66 -0.50 -10.74
N THR A 30 19.78 -0.52 -10.01
CA THR A 30 20.26 0.69 -9.35
C THR A 30 20.79 1.67 -10.39
N ALA A 31 21.27 1.17 -11.53
CA ALA A 31 21.75 2.01 -12.62
C ALA A 31 20.63 2.34 -13.61
N SER A 32 19.53 1.59 -13.60
CA SER A 32 18.41 1.84 -14.49
C SER A 32 17.55 3.00 -14.00
N PHE A 33 17.45 3.20 -12.69
CA PHE A 33 16.70 4.31 -12.13
C PHE A 33 17.46 5.62 -12.27
N ARG A 34 16.75 6.74 -12.06
CA ARG A 34 17.32 8.07 -12.10
C ARG A 34 17.07 8.76 -10.76
N ARG A 35 17.96 9.67 -10.37
CA ARG A 35 17.90 10.35 -9.07
C ARG A 35 17.88 9.36 -7.91
N PHE A 36 18.21 8.10 -8.18
CA PHE A 36 18.22 7.01 -7.22
C PHE A 36 19.62 6.42 -7.16
N GLY A 37 20.40 6.92 -6.19
CA GLY A 37 21.74 6.42 -5.90
C GLY A 37 21.67 5.13 -5.10
N PRO A 38 22.58 4.95 -4.13
CA PRO A 38 22.60 3.76 -3.28
C PRO A 38 21.23 3.47 -2.68
N LEU A 39 20.80 2.22 -2.81
CA LEU A 39 19.49 1.76 -2.39
C LEU A 39 19.55 0.25 -2.11
N ILE A 40 18.48 -0.31 -1.51
CA ILE A 40 18.46 -1.71 -1.14
C ILE A 40 17.25 -2.39 -1.80
N VAL A 41 17.44 -3.66 -2.18
CA VAL A 41 16.42 -4.43 -2.89
C VAL A 41 16.10 -5.72 -2.15
N ASP A 42 14.95 -6.33 -2.46
CA ASP A 42 14.55 -7.57 -1.84
C ASP A 42 13.80 -8.47 -2.82
N TRP A 43 14.22 -9.74 -2.85
CA TRP A 43 13.60 -10.79 -3.63
C TRP A 43 14.11 -12.15 -3.15
N PRO A 44 13.36 -13.24 -3.39
CA PRO A 44 13.68 -14.59 -2.92
C PRO A 44 15.01 -15.15 -3.44
N HIS A 45 15.68 -14.44 -4.35
CA HIS A 45 16.91 -14.95 -4.96
C HIS A 45 18.17 -14.34 -4.35
N LYS A 46 18.03 -13.58 -3.25
CA LYS A 46 19.16 -13.03 -2.51
C LYS A 46 18.99 -13.22 -1.00
N ALA A 47 17.91 -13.92 -0.58
CA ALA A 47 17.64 -14.17 0.82
C ALA A 47 16.94 -15.52 0.99
N GLU A 48 17.19 -16.17 2.13
CA GLU A 48 16.63 -17.48 2.48
C GLU A 48 16.90 -18.55 1.41
N SER A 49 17.80 -18.27 0.46
CA SER A 49 18.15 -19.18 -0.62
C SER A 49 19.51 -18.80 -1.19
N LYS A 50 20.06 -19.66 -2.07
CA LYS A 50 21.34 -19.40 -2.72
C LYS A 50 21.21 -18.18 -3.64
N SER A 51 22.30 -17.43 -3.80
CA SER A 51 22.29 -16.22 -4.61
C SER A 51 22.07 -16.55 -6.08
N TYR A 52 21.10 -15.85 -6.71
CA TYR A 52 20.78 -16.00 -8.11
C TYR A 52 20.10 -14.72 -8.60
N PHE A 53 19.73 -14.67 -9.89
CA PHE A 53 19.05 -13.51 -10.44
C PHE A 53 17.59 -13.46 -9.98
N PRO A 54 17.04 -12.27 -9.78
CA PRO A 54 15.68 -12.05 -9.34
C PRO A 54 14.66 -12.40 -10.43
N PRO A 55 13.36 -12.40 -10.09
CA PRO A 55 12.28 -12.64 -11.04
C PRO A 55 12.33 -11.64 -12.19
N LYS A 56 11.77 -12.02 -13.34
CA LYS A 56 11.78 -11.17 -14.51
C LYS A 56 10.69 -10.11 -14.41
N GLY A 57 11.07 -8.84 -14.63
CA GLY A 57 10.14 -7.73 -14.70
C GLY A 57 9.54 -7.28 -13.37
N TYR A 58 9.81 -7.99 -12.26
CA TYR A 58 9.21 -7.64 -10.97
C TYR A 58 10.21 -7.75 -9.81
N ALA A 59 10.07 -6.84 -8.84
CA ALA A 59 10.93 -6.79 -7.67
C ALA A 59 10.31 -5.91 -6.57
N PHE A 60 10.90 -5.96 -5.37
CA PHE A 60 10.56 -5.05 -4.30
C PHE A 60 11.85 -4.37 -3.83
N LEU A 61 11.79 -3.08 -3.48
CA LEU A 61 12.96 -2.35 -3.05
C LEU A 61 12.57 -1.12 -2.24
N LEU A 62 13.58 -0.45 -1.66
CA LEU A 62 13.38 0.76 -0.90
C LEU A 62 14.61 1.64 -1.01
N PHE A 63 14.52 2.88 -0.54
CA PHE A 63 15.60 3.85 -0.68
C PHE A 63 16.17 4.25 0.69
N GLN A 64 17.41 4.73 0.71
CA GLN A 64 18.08 5.06 1.96
C GLN A 64 17.52 6.33 2.59
N ASP A 65 16.77 7.12 1.80
CA ASP A 65 16.09 8.30 2.30
C ASP A 65 14.63 8.24 1.86
N GLU A 66 13.71 8.59 2.78
CA GLU A 66 12.28 8.48 2.51
C GLU A 66 11.73 9.72 1.82
N SER A 67 12.52 10.80 1.75
CA SER A 67 12.11 12.03 1.07
C SER A 67 12.49 11.98 -0.41
N SER A 68 13.52 11.19 -0.75
CA SER A 68 13.95 11.04 -2.13
C SER A 68 12.95 10.17 -2.88
N VAL A 69 12.19 9.35 -2.15
CA VAL A 69 11.16 8.50 -2.72
C VAL A 69 10.07 9.37 -3.34
N GLN A 70 9.81 10.55 -2.78
CA GLN A 70 8.73 11.40 -3.26
C GLN A 70 9.22 12.29 -4.40
N ALA A 71 10.45 12.80 -4.33
CA ALA A 71 10.96 13.73 -5.32
C ALA A 71 11.10 13.07 -6.69
N LEU A 72 11.42 11.78 -6.72
CA LEU A 72 11.61 11.06 -7.97
C LEU A 72 10.26 10.53 -8.46
N ILE A 73 9.44 9.98 -7.58
CA ILE A 73 8.11 9.49 -7.95
C ILE A 73 7.21 10.66 -8.35
N ASP A 74 7.59 11.90 -8.06
CA ASP A 74 6.84 13.08 -8.48
C ASP A 74 7.43 13.70 -9.74
N ALA A 75 8.72 13.47 -10.00
CA ALA A 75 9.40 13.97 -11.18
C ALA A 75 9.29 13.00 -12.36
N CYS A 76 8.22 12.19 -12.39
CA CYS A 76 8.04 11.17 -13.41
C CYS A 76 6.58 11.09 -13.88
N ILE A 77 6.27 10.11 -14.73
CA ILE A 77 4.95 9.91 -15.31
C ILE A 77 3.99 9.39 -14.24
N GLU A 78 2.70 9.70 -14.38
CA GLU A 78 1.69 9.31 -13.40
C GLU A 78 0.39 8.86 -14.06
N GLU A 79 -0.39 8.08 -13.31
CA GLU A 79 -1.70 7.60 -13.70
C GLU A 79 -2.59 7.55 -12.46
N ASP A 80 -3.91 7.64 -12.64
CA ASP A 80 -4.84 7.59 -11.51
C ASP A 80 -4.82 6.23 -10.83
N GLY A 81 -4.07 5.26 -11.39
CA GLY A 81 -3.97 3.92 -10.83
C GLY A 81 -2.58 3.60 -10.29
N LYS A 82 -1.53 4.26 -10.79
CA LYS A 82 -0.15 3.95 -10.41
C LYS A 82 0.81 5.03 -10.93
N LEU A 83 2.09 4.90 -10.62
CA LEU A 83 3.12 5.81 -11.11
C LEU A 83 4.04 5.07 -12.07
N TYR A 84 4.75 5.81 -12.92
CA TYR A 84 5.66 5.22 -13.90
C TYR A 84 6.96 6.01 -13.98
N LEU A 85 8.08 5.29 -14.03
CA LEU A 85 9.40 5.87 -14.17
C LEU A 85 9.87 5.74 -15.62
N CYS A 86 10.66 6.71 -16.09
CA CYS A 86 11.16 6.69 -17.46
C CYS A 86 12.57 6.11 -17.49
N VAL A 87 12.79 5.14 -18.38
CA VAL A 87 14.07 4.48 -18.55
C VAL A 87 14.23 3.99 -20.00
N SER A 88 13.25 4.33 -20.85
CA SER A 88 13.20 3.89 -22.23
C SER A 88 13.74 4.97 -23.17
N SER A 89 14.87 5.57 -22.80
CA SER A 89 15.43 6.69 -23.57
C SER A 89 16.87 7.09 -23.19
N PRO A 90 17.34 6.95 -21.95
CA PRO A 90 18.63 7.48 -21.55
C PRO A 90 19.80 6.58 -21.97
N THR A 91 19.54 5.28 -22.17
CA THR A 91 20.56 4.32 -22.56
C THR A 91 19.98 3.24 -23.47
N ILE A 92 18.68 2.94 -23.30
CA ILE A 92 17.98 1.93 -24.07
C ILE A 92 16.63 2.48 -24.53
N LYS A 93 15.89 1.70 -25.31
CA LYS A 93 14.55 2.09 -25.74
C LYS A 93 13.64 0.86 -25.73
N ASP A 94 12.64 0.87 -24.86
CA ASP A 94 11.64 -0.20 -24.78
C ASP A 94 10.33 0.37 -24.24
N LYS A 95 10.17 0.38 -22.92
CA LYS A 95 8.98 0.91 -22.26
C LYS A 95 9.33 1.39 -20.84
N PRO A 96 8.51 2.27 -20.26
CA PRO A 96 8.69 2.75 -18.88
C PRO A 96 8.45 1.62 -17.89
N VAL A 97 8.61 1.91 -16.59
CA VAL A 97 8.47 0.91 -15.54
C VAL A 97 7.46 1.37 -14.49
N GLN A 98 6.64 0.45 -13.99
CA GLN A 98 5.61 0.75 -13.01
C GLN A 98 6.21 0.82 -11.61
N ILE A 99 5.80 1.81 -10.82
CA ILE A 99 6.28 2.04 -9.45
C ILE A 99 5.08 2.24 -8.53
N ARG A 100 5.19 1.78 -7.27
CA ARG A 100 4.14 1.95 -6.27
C ARG A 100 4.70 2.08 -4.85
N PRO A 101 4.79 3.29 -4.30
CA PRO A 101 5.08 3.57 -2.90
C PRO A 101 3.76 3.47 -2.13
N TRP A 102 3.68 3.88 -0.86
CA TRP A 102 2.38 3.96 -0.21
C TRP A 102 2.21 5.24 0.62
N ASN A 103 0.95 5.67 0.77
CA ASN A 103 0.55 6.86 1.50
C ASN A 103 -0.15 6.47 2.80
N LEU A 104 0.65 6.06 3.79
CA LEU A 104 0.16 5.67 5.09
C LEU A 104 -0.43 6.84 5.89
N SER A 105 -0.55 8.01 5.26
CA SER A 105 -1.26 9.14 5.85
C SER A 105 -2.71 9.15 5.38
N ASP A 106 -3.03 8.38 4.32
CA ASP A 106 -4.37 8.30 3.80
C ASP A 106 -5.06 7.00 4.23
N SER A 107 -4.26 6.00 4.62
CA SER A 107 -4.78 4.77 5.23
C SER A 107 -5.92 4.98 6.21
N ASP A 108 -5.97 6.16 6.85
CA ASP A 108 -7.00 6.44 7.84
C ASP A 108 -8.12 7.24 7.18
N PHE A 109 -9.33 6.70 7.23
CA PHE A 109 -10.51 7.33 6.66
C PHE A 109 -11.56 7.59 7.74
N VAL A 110 -11.77 8.87 8.07
CA VAL A 110 -12.79 9.29 9.01
C VAL A 110 -14.09 9.58 8.26
N MET A 111 -15.23 9.41 8.94
CA MET A 111 -16.54 9.69 8.35
C MET A 111 -17.19 10.90 8.99
N ASP A 112 -17.00 11.08 10.30
CA ASP A 112 -17.52 12.24 11.03
C ASP A 112 -16.78 12.44 12.34
N GLY A 113 -16.97 13.63 12.95
CA GLY A 113 -16.37 13.98 14.23
C GLY A 113 -17.43 14.15 15.31
N SER A 114 -18.64 13.63 15.07
CA SER A 114 -19.78 13.84 15.95
C SER A 114 -19.79 12.87 17.14
N GLN A 115 -18.84 11.94 17.20
CA GLN A 115 -18.82 10.92 18.23
C GLN A 115 -17.38 10.51 18.53
N PRO A 116 -17.02 10.42 19.83
CA PRO A 116 -15.68 10.07 20.28
C PRO A 116 -15.33 8.61 20.05
N LEU A 117 -14.07 8.29 20.34
CA LEU A 117 -13.47 7.02 20.03
C LEU A 117 -12.78 6.43 21.27
N ASP A 118 -12.82 5.11 21.38
CA ASP A 118 -12.21 4.39 22.49
C ASP A 118 -11.83 2.98 22.03
N PRO A 119 -10.75 2.38 22.56
CA PRO A 119 -10.32 1.02 22.21
C PRO A 119 -11.40 -0.03 22.44
N ARG A 120 -12.37 0.23 23.33
CA ARG A 120 -13.46 -0.71 23.60
C ARG A 120 -14.63 -0.49 22.64
N LYS A 121 -14.48 0.47 21.72
CA LYS A 121 -15.47 0.80 20.69
C LYS A 121 -14.86 0.63 19.30
N THR A 122 -13.74 -0.10 19.24
CA THR A 122 -13.03 -0.34 17.98
C THR A 122 -13.26 -1.78 17.53
N ILE A 123 -13.15 -2.01 16.21
CA ILE A 123 -13.35 -3.32 15.62
C ILE A 123 -12.18 -3.62 14.68
N PHE A 124 -11.94 -4.90 14.42
CA PHE A 124 -10.85 -5.35 13.58
C PHE A 124 -11.42 -5.94 12.30
N VAL A 125 -10.67 -5.87 11.20
CA VAL A 125 -11.08 -6.42 9.92
C VAL A 125 -9.94 -7.23 9.33
N GLY A 126 -10.19 -8.53 9.09
CA GLY A 126 -9.21 -9.42 8.52
C GLY A 126 -9.45 -9.64 7.03
N GLY A 127 -8.36 -9.81 6.28
CA GLY A 127 -8.41 -10.02 4.84
C GLY A 127 -8.57 -8.70 4.09
N VAL A 128 -7.46 -7.99 3.89
CA VAL A 128 -7.39 -6.75 3.11
C VAL A 128 -6.05 -6.71 2.36
N PRO A 129 -5.81 -7.68 1.47
CA PRO A 129 -4.54 -7.84 0.77
C PRO A 129 -4.28 -6.69 -0.20
N ARG A 130 -3.00 -6.50 -0.53
CA ARG A 130 -2.50 -5.41 -1.38
C ARG A 130 -2.78 -4.02 -0.79
N PRO A 131 -1.97 -3.01 -1.15
CA PRO A 131 -2.18 -1.64 -0.71
C PRO A 131 -3.44 -1.07 -1.34
N LEU A 132 -4.29 -0.43 -0.53
CA LEU A 132 -5.54 0.14 -0.99
C LEU A 132 -6.02 1.22 -0.03
N ARG A 133 -6.79 2.19 -0.54
CA ARG A 133 -7.23 3.37 0.20
C ARG A 133 -8.47 3.06 1.04
N ALA A 134 -8.54 1.85 1.61
CA ALA A 134 -9.65 1.41 2.43
C ALA A 134 -11.01 1.48 1.70
N VAL A 135 -10.96 1.56 0.36
CA VAL A 135 -12.16 1.72 -0.45
C VAL A 135 -13.06 0.50 -0.43
N GLU A 136 -12.49 -0.68 -0.65
CA GLU A 136 -13.29 -1.89 -0.79
C GLU A 136 -13.88 -2.36 0.54
N LEU A 137 -13.19 -2.10 1.66
CA LEU A 137 -13.64 -2.57 2.96
C LEU A 137 -14.69 -1.64 3.55
N ALA A 138 -14.61 -0.35 3.20
CA ALA A 138 -15.55 0.62 3.72
C ALA A 138 -16.84 0.60 2.90
N MET A 139 -16.75 0.26 1.61
CA MET A 139 -17.91 0.29 0.74
C MET A 139 -18.74 -0.97 0.86
N ILE A 140 -18.15 -2.10 1.25
CA ILE A 140 -18.93 -3.30 1.50
C ILE A 140 -19.61 -3.22 2.87
N MET A 141 -18.87 -2.83 3.91
CA MET A 141 -19.45 -2.80 5.24
C MET A 141 -20.47 -1.67 5.34
N ASP A 142 -20.43 -0.71 4.41
CA ASP A 142 -21.38 0.38 4.41
C ASP A 142 -22.61 0.09 3.56
N ARG A 143 -22.52 -0.81 2.56
CA ARG A 143 -23.67 -1.14 1.75
C ARG A 143 -24.60 -2.15 2.42
N LEU A 144 -24.12 -2.88 3.44
CA LEU A 144 -24.98 -3.82 4.17
C LEU A 144 -25.10 -3.58 5.68
N TYR A 145 -24.09 -2.99 6.33
CA TYR A 145 -24.08 -2.78 7.78
C TYR A 145 -23.45 -1.43 8.11
N GLY A 146 -23.85 -0.38 7.36
CA GLY A 146 -23.24 0.93 7.44
C GLY A 146 -23.46 1.65 8.76
N GLY A 147 -22.69 2.73 8.98
CA GLY A 147 -22.71 3.49 10.21
C GLY A 147 -21.31 3.87 10.68
N VAL A 148 -20.29 3.63 9.85
CA VAL A 148 -18.89 3.88 10.19
C VAL A 148 -18.64 5.31 10.65
N CYS A 149 -17.70 5.49 11.58
CA CYS A 149 -17.34 6.80 12.10
C CYS A 149 -15.85 7.07 11.97
N TYR A 150 -15.01 6.06 12.25
CA TYR A 150 -13.56 6.21 12.20
C TYR A 150 -12.95 4.87 11.82
N ALA A 151 -12.00 4.85 10.87
CA ALA A 151 -11.42 3.60 10.42
C ALA A 151 -10.13 3.82 9.65
N GLY A 152 -9.44 2.72 9.31
CA GLY A 152 -8.23 2.76 8.49
C GLY A 152 -7.59 1.39 8.38
N ILE A 153 -6.63 1.22 7.46
CA ILE A 153 -5.94 -0.05 7.34
C ILE A 153 -4.72 -0.11 8.26
N ASP A 154 -4.35 -1.31 8.67
CA ASP A 154 -3.20 -1.53 9.54
C ASP A 154 -1.91 -1.57 8.73
N THR A 155 -0.81 -1.17 9.37
CA THR A 155 0.48 -1.11 8.70
C THR A 155 1.58 -1.72 9.54
N ASP A 156 2.62 -2.19 8.86
CA ASP A 156 3.82 -2.72 9.44
C ASP A 156 4.60 -1.54 10.02
N PRO A 157 4.98 -1.56 11.30
CA PRO A 157 5.72 -0.48 11.92
C PRO A 157 7.16 -0.42 11.40
N GLU A 158 7.56 -1.40 10.58
CA GLU A 158 8.90 -1.48 10.04
C GLU A 158 8.98 -0.91 8.63
N LEU A 159 7.94 -1.12 7.82
CA LEU A 159 7.88 -0.54 6.49
C LEU A 159 6.93 0.65 6.48
N LYS A 160 6.19 0.84 7.56
CA LYS A 160 5.08 1.77 7.60
C LYS A 160 4.15 1.48 6.42
N TYR A 161 4.06 0.20 6.05
CA TYR A 161 3.40 -0.25 4.82
C TYR A 161 2.35 -1.32 5.12
N PRO A 162 1.27 -1.42 4.34
CA PRO A 162 0.21 -2.38 4.56
C PRO A 162 0.73 -3.82 4.67
N LYS A 163 0.10 -4.62 5.55
CA LYS A 163 0.55 -5.98 5.81
C LYS A 163 -0.62 -6.95 6.03
N GLY A 164 -1.76 -6.69 5.41
CA GLY A 164 -2.87 -7.63 5.36
C GLY A 164 -3.92 -7.50 6.46
N ALA A 165 -3.98 -6.38 7.18
CA ALA A 165 -4.97 -6.20 8.24
C ALA A 165 -5.52 -4.77 8.25
N GLY A 166 -6.65 -4.55 8.92
CA GLY A 166 -7.25 -3.24 9.05
C GLY A 166 -8.19 -3.13 10.24
N ARG A 167 -8.80 -1.95 10.41
CA ARG A 167 -9.69 -1.68 11.54
C ARG A 167 -10.83 -0.74 11.14
N VAL A 168 -11.91 -0.76 11.93
CA VAL A 168 -13.05 0.12 11.76
C VAL A 168 -13.68 0.34 13.13
N ALA A 169 -14.28 1.50 13.38
CA ALA A 169 -14.87 1.80 14.68
C ALA A 169 -16.18 2.58 14.54
N PHE A 170 -17.25 2.02 15.09
CA PHE A 170 -18.56 2.64 15.13
C PHE A 170 -19.48 1.89 16.10
N SER A 171 -18.92 1.38 17.20
CA SER A 171 -19.67 0.61 18.19
C SER A 171 -20.65 1.48 18.96
N ASN A 172 -21.78 1.82 18.32
CA ASN A 172 -22.79 2.67 18.93
C ASN A 172 -24.19 2.36 18.40
N GLN A 173 -24.32 1.44 17.45
CA GLN A 173 -25.58 1.18 16.77
C GLN A 173 -25.72 -0.29 16.40
N GLN A 174 -26.97 -0.72 16.16
CA GLN A 174 -27.26 -2.10 15.77
C GLN A 174 -26.39 -2.54 14.59
N SER A 175 -25.92 -1.60 13.77
CA SER A 175 -25.20 -1.94 12.56
C SER A 175 -23.80 -2.43 12.91
N TYR A 176 -23.24 -1.94 14.02
CA TYR A 176 -21.97 -2.45 14.52
C TYR A 176 -22.19 -3.86 15.04
N ILE A 177 -23.38 -4.13 15.59
CA ILE A 177 -23.70 -5.44 16.12
C ILE A 177 -23.83 -6.44 14.97
N ALA A 178 -24.31 -5.97 13.81
CA ALA A 178 -24.54 -6.83 12.66
C ALA A 178 -23.25 -7.11 11.90
N ALA A 179 -22.27 -6.19 11.94
CA ALA A 179 -21.01 -6.40 11.25
C ALA A 179 -19.97 -7.05 12.16
N ILE A 180 -20.17 -7.05 13.48
CA ILE A 180 -19.28 -7.78 14.38
C ILE A 180 -19.78 -9.22 14.51
N SER A 181 -21.04 -9.46 14.13
CA SER A 181 -21.58 -10.80 13.99
C SER A 181 -21.29 -11.32 12.58
N ALA A 182 -20.71 -10.47 11.73
CA ALA A 182 -20.30 -10.84 10.38
C ALA A 182 -18.90 -11.43 10.43
N ARG A 183 -18.68 -12.34 11.39
CA ARG A 183 -17.37 -12.92 11.62
C ARG A 183 -16.90 -13.75 10.42
N PHE A 184 -17.83 -14.24 9.60
CA PHE A 184 -17.53 -14.94 8.36
C PHE A 184 -18.69 -14.74 7.42
N VAL A 185 -18.39 -14.13 6.27
CA VAL A 185 -19.40 -13.71 5.31
C VAL A 185 -18.81 -13.78 3.90
N GLN A 186 -19.68 -13.86 2.89
CA GLN A 186 -19.26 -13.96 1.50
C GLN A 186 -19.34 -12.60 0.83
N LEU A 187 -18.18 -12.09 0.40
CA LEU A 187 -18.02 -10.80 -0.25
C LEU A 187 -16.81 -10.86 -1.17
N GLN A 188 -16.70 -9.92 -2.12
CA GLN A 188 -15.57 -9.85 -3.03
C GLN A 188 -14.73 -8.62 -2.70
N HIS A 189 -13.44 -8.83 -2.45
CA HIS A 189 -12.51 -7.77 -2.10
C HIS A 189 -11.07 -8.25 -2.33
N GLY A 190 -10.20 -7.38 -2.83
CA GLY A 190 -8.83 -7.76 -3.10
C GLY A 190 -8.78 -8.99 -4.01
N GLU A 191 -7.87 -9.92 -3.71
CA GLU A 191 -7.76 -11.18 -4.44
C GLU A 191 -8.63 -12.26 -3.78
N ILE A 192 -9.52 -11.86 -2.86
CA ILE A 192 -10.38 -12.75 -2.10
C ILE A 192 -11.80 -12.70 -2.67
N ASP A 193 -12.54 -13.80 -2.57
CA ASP A 193 -13.86 -13.91 -3.18
C ASP A 193 -14.89 -14.57 -2.28
N LYS A 194 -14.49 -15.07 -1.10
CA LYS A 194 -15.38 -15.88 -0.29
C LYS A 194 -15.13 -15.80 1.21
N ARG A 195 -14.24 -14.93 1.68
CA ARG A 195 -13.92 -14.88 3.10
C ARG A 195 -13.58 -13.47 3.58
N VAL A 196 -14.18 -13.09 4.71
CA VAL A 196 -13.83 -11.87 5.42
C VAL A 196 -14.05 -12.10 6.90
N GLU A 197 -13.29 -11.39 7.74
CA GLU A 197 -13.43 -11.51 9.19
C GLU A 197 -13.60 -10.13 9.80
N VAL A 198 -14.54 -10.01 10.74
CA VAL A 198 -14.80 -8.77 11.44
C VAL A 198 -15.12 -9.12 12.90
N LYS A 199 -14.27 -8.67 13.82
CA LYS A 199 -14.33 -9.09 15.22
C LYS A 199 -13.91 -7.92 16.13
N PRO A 200 -14.24 -7.95 17.43
CA PRO A 200 -13.89 -6.88 18.34
C PRO A 200 -12.37 -6.66 18.43
N TYR A 201 -11.97 -5.42 18.72
CA TYR A 201 -10.57 -5.03 18.82
C TYR A 201 -9.97 -5.48 20.15
N VAL A 202 -8.65 -5.65 20.18
CA VAL A 202 -7.92 -6.08 21.37
C VAL A 202 -6.51 -5.49 21.37
N SER A 1 8.78 25.51 -4.87
CA SER A 1 9.95 24.66 -5.15
C SER A 1 10.37 23.87 -3.91
N HIS A 2 11.31 22.94 -4.08
CA HIS A 2 11.79 22.11 -2.98
C HIS A 2 12.73 22.88 -2.04
N GLN A 3 12.97 24.16 -2.33
CA GLN A 3 13.83 25.02 -1.52
C GLN A 3 13.05 25.65 -0.37
N ASN A 4 11.79 25.25 -0.19
CA ASN A 4 10.93 25.78 0.87
C ASN A 4 11.25 25.15 2.23
N GLY A 5 12.12 24.14 2.26
CA GLY A 5 12.55 23.50 3.49
C GLY A 5 11.41 22.70 4.16
N GLU A 6 11.62 22.36 5.42
CA GLU A 6 10.70 21.59 6.26
C GLU A 6 10.39 20.18 5.73
N ARG A 7 10.78 19.88 4.49
CA ARG A 7 10.58 18.59 3.82
C ARG A 7 9.11 18.17 3.77
N VAL A 8 8.85 17.09 3.02
CA VAL A 8 7.52 16.49 2.90
C VAL A 8 7.68 14.97 2.84
N GLU A 9 6.80 14.24 3.55
CA GLU A 9 6.79 12.80 3.51
C GLU A 9 5.39 12.29 3.79
N ARG A 10 4.97 11.24 3.07
CA ARG A 10 3.66 10.62 3.21
C ARG A 10 3.73 9.13 2.87
N TYR A 11 4.89 8.66 2.39
CA TYR A 11 5.01 7.29 1.91
C TYR A 11 6.09 6.48 2.63
N SER A 12 5.94 5.16 2.60
CA SER A 12 6.97 4.25 3.07
C SER A 12 7.83 3.86 1.88
N ARG A 13 9.13 3.73 2.14
CA ARG A 13 10.14 3.60 1.09
C ARG A 13 10.26 2.17 0.56
N LYS A 14 9.45 1.23 1.07
CA LYS A 14 9.41 -0.09 0.48
C LYS A 14 8.62 0.02 -0.82
N VAL A 15 9.31 -0.09 -1.96
CA VAL A 15 8.69 0.09 -3.26
C VAL A 15 8.81 -1.19 -4.07
N PHE A 16 7.67 -1.72 -4.52
CA PHE A 16 7.64 -2.88 -5.39
C PHE A 16 7.74 -2.43 -6.84
N VAL A 17 8.38 -3.25 -7.67
CA VAL A 17 8.57 -2.96 -9.07
C VAL A 17 8.28 -4.22 -9.88
N GLY A 18 7.79 -4.06 -11.12
CA GLY A 18 7.50 -5.21 -11.98
C GLY A 18 7.86 -4.96 -13.44
N GLY A 19 8.26 -3.73 -13.78
CA GLY A 19 8.60 -3.38 -15.15
C GLY A 19 10.10 -3.44 -15.44
N LEU A 20 10.90 -3.98 -14.52
CA LEU A 20 12.35 -3.99 -14.68
C LEU A 20 12.75 -4.55 -16.05
N PRO A 21 13.75 -3.94 -16.71
CA PRO A 21 14.29 -4.42 -17.97
C PRO A 21 14.74 -5.88 -17.90
N PRO A 22 14.86 -6.56 -19.04
CA PRO A 22 15.36 -7.92 -19.12
C PRO A 22 16.77 -8.04 -18.54
N ASP A 23 17.13 -9.23 -18.06
CA ASP A 23 18.45 -9.52 -17.50
C ASP A 23 18.88 -8.47 -16.47
N ILE A 24 17.93 -8.01 -15.64
CA ILE A 24 18.18 -6.97 -14.66
C ILE A 24 19.18 -7.41 -13.59
N ASP A 25 20.01 -6.46 -13.18
CA ASP A 25 20.95 -6.58 -12.07
C ASP A 25 20.86 -5.27 -11.28
N GLU A 26 21.32 -5.25 -10.03
CA GLU A 26 21.22 -4.06 -9.19
C GLU A 26 21.84 -2.82 -9.85
N ASP A 27 22.77 -2.99 -10.79
CA ASP A 27 23.38 -1.86 -11.48
C ASP A 27 22.48 -1.36 -12.62
N GLU A 28 21.65 -2.24 -13.18
CA GLU A 28 20.74 -1.90 -14.26
C GLU A 28 19.58 -1.08 -13.73
N ILE A 29 19.04 -1.48 -12.57
CA ILE A 29 17.91 -0.81 -11.99
C ILE A 29 18.35 0.52 -11.35
N THR A 30 19.60 0.60 -10.90
CA THR A 30 20.11 1.85 -10.36
C THR A 30 20.28 2.85 -11.51
N ALA A 31 20.57 2.37 -12.71
CA ALA A 31 20.69 3.21 -13.89
C ALA A 31 19.32 3.44 -14.55
N SER A 32 18.30 2.67 -14.14
CA SER A 32 16.96 2.84 -14.67
C SER A 32 16.27 4.03 -14.00
N PHE A 33 16.17 4.03 -12.67
CA PHE A 33 15.57 5.15 -11.96
C PHE A 33 16.49 6.36 -12.04
N ARG A 34 17.79 6.15 -11.82
CA ARG A 34 18.84 7.15 -11.91
C ARG A 34 18.53 8.45 -11.14
N ARG A 35 17.56 8.42 -10.23
CA ARG A 35 17.13 9.59 -9.48
C ARG A 35 16.86 9.28 -8.01
N PHE A 36 16.99 8.01 -7.62
CA PHE A 36 16.74 7.58 -6.25
C PHE A 36 18.03 7.49 -5.43
N GLY A 37 19.17 7.83 -6.02
CA GLY A 37 20.45 7.77 -5.31
C GLY A 37 20.89 6.31 -5.11
N PRO A 38 21.64 6.02 -4.04
CA PRO A 38 22.08 4.67 -3.73
C PRO A 38 20.89 3.83 -3.30
N LEU A 39 20.85 2.57 -3.74
CA LEU A 39 19.71 1.70 -3.53
C LEU A 39 20.07 0.44 -2.75
N ILE A 40 19.03 -0.26 -2.28
CA ILE A 40 19.14 -1.58 -1.67
C ILE A 40 18.03 -2.43 -2.29
N VAL A 41 18.33 -3.69 -2.64
CA VAL A 41 17.40 -4.50 -3.43
C VAL A 41 17.31 -5.93 -2.94
N ASP A 42 16.23 -6.61 -3.36
CA ASP A 42 16.05 -8.03 -3.09
C ASP A 42 15.30 -8.67 -4.26
N TRP A 43 15.73 -9.86 -4.68
CA TRP A 43 15.18 -10.54 -5.84
C TRP A 43 14.29 -11.72 -5.41
N PRO A 44 13.33 -12.13 -6.23
CA PRO A 44 12.49 -13.29 -5.98
C PRO A 44 13.30 -14.58 -6.13
N HIS A 45 14.46 -14.49 -6.80
CA HIS A 45 15.39 -15.60 -6.96
C HIS A 45 16.78 -15.01 -7.20
N LYS A 46 17.84 -15.74 -6.81
CA LYS A 46 19.20 -15.23 -6.90
C LYS A 46 20.22 -16.33 -7.15
N ALA A 47 21.46 -15.93 -7.40
CA ALA A 47 22.59 -16.83 -7.60
C ALA A 47 23.82 -16.27 -6.89
N GLU A 48 24.86 -17.10 -6.76
CA GLU A 48 26.08 -16.70 -6.06
C GLU A 48 27.01 -15.91 -6.98
N SER A 49 26.55 -15.59 -8.19
CA SER A 49 27.31 -14.81 -9.15
C SER A 49 26.36 -14.04 -10.07
N LYS A 50 26.86 -12.98 -10.71
CA LYS A 50 26.08 -12.15 -11.61
C LYS A 50 26.01 -12.75 -13.02
N SER A 51 26.49 -13.98 -13.18
CA SER A 51 26.41 -14.71 -14.44
C SER A 51 24.99 -15.24 -14.68
N TYR A 52 24.04 -14.90 -13.80
CA TYR A 52 22.66 -15.31 -13.88
C TYR A 52 21.74 -14.15 -13.50
N PHE A 53 20.47 -14.23 -13.89
CA PHE A 53 19.50 -13.16 -13.67
C PHE A 53 18.16 -13.76 -13.22
N PRO A 54 17.32 -12.98 -12.52
CA PRO A 54 16.03 -13.45 -12.04
C PRO A 54 15.11 -13.82 -13.20
N PRO A 55 14.20 -14.77 -12.99
CA PRO A 55 13.32 -15.31 -14.03
C PRO A 55 12.19 -14.35 -14.39
N LYS A 56 12.01 -13.26 -13.64
CA LYS A 56 10.93 -12.31 -13.88
C LYS A 56 11.35 -10.89 -13.48
N GLY A 57 10.61 -9.90 -14.00
CA GLY A 57 10.89 -8.49 -13.78
C GLY A 57 10.38 -7.96 -12.44
N TYR A 58 9.86 -8.84 -11.58
CA TYR A 58 9.31 -8.43 -10.29
C TYR A 58 10.43 -8.32 -9.26
N ALA A 59 10.36 -7.29 -8.41
CA ALA A 59 11.35 -7.06 -7.38
C ALA A 59 10.81 -6.19 -6.25
N PHE A 60 11.52 -6.20 -5.12
CA PHE A 60 11.23 -5.32 -4.00
C PHE A 60 12.52 -4.59 -3.64
N LEU A 61 12.44 -3.27 -3.46
CA LEU A 61 13.62 -2.47 -3.21
C LEU A 61 13.29 -1.20 -2.42
N LEU A 62 14.33 -0.58 -1.85
CA LEU A 62 14.23 0.68 -1.13
C LEU A 62 15.55 1.43 -1.28
N PHE A 63 15.61 2.67 -0.80
CA PHE A 63 16.79 3.50 -0.94
C PHE A 63 17.03 4.35 0.31
N GLN A 64 18.23 4.90 0.43
CA GLN A 64 18.69 5.56 1.65
C GLN A 64 18.21 7.01 1.80
N ASP A 65 17.69 7.61 0.73
CA ASP A 65 17.23 9.00 0.79
C ASP A 65 15.70 9.07 0.84
N GLU A 66 15.14 9.33 2.01
CA GLU A 66 13.70 9.41 2.19
C GLU A 66 13.11 10.66 1.56
N SER A 67 13.94 11.68 1.28
CA SER A 67 13.45 12.90 0.62
C SER A 67 13.16 12.61 -0.85
N SER A 68 13.73 11.52 -1.37
CA SER A 68 13.58 11.16 -2.77
C SER A 68 12.29 10.35 -2.96
N VAL A 69 11.77 9.77 -1.88
CA VAL A 69 10.53 9.00 -1.94
C VAL A 69 9.41 9.89 -2.45
N GLN A 70 9.27 11.08 -1.85
CA GLN A 70 8.18 11.98 -2.20
C GLN A 70 8.52 12.75 -3.47
N ALA A 71 9.80 13.09 -3.68
CA ALA A 71 10.20 13.89 -4.83
C ALA A 71 10.06 13.11 -6.14
N LEU A 72 10.45 11.84 -6.16
CA LEU A 72 10.48 11.08 -7.39
C LEU A 72 9.10 10.49 -7.69
N ILE A 73 8.40 9.97 -6.68
CA ILE A 73 7.07 9.40 -6.88
C ILE A 73 6.12 10.48 -7.41
N ASP A 74 6.32 11.75 -7.02
CA ASP A 74 5.46 12.84 -7.45
C ASP A 74 5.92 13.42 -8.79
N ALA A 75 7.19 13.22 -9.16
CA ALA A 75 7.71 13.70 -10.43
C ALA A 75 7.45 12.71 -11.57
N CYS A 76 6.68 11.65 -11.31
CA CYS A 76 6.40 10.60 -12.27
C CYS A 76 4.90 10.30 -12.33
N ILE A 77 4.52 9.27 -13.09
CA ILE A 77 3.11 8.98 -13.36
C ILE A 77 2.45 8.34 -12.13
N GLU A 78 1.16 8.60 -11.94
CA GLU A 78 0.42 8.10 -10.78
C GLU A 78 -1.03 7.78 -11.10
N GLU A 79 -1.65 6.98 -10.24
CA GLU A 79 -3.05 6.63 -10.28
C GLU A 79 -3.54 6.37 -8.86
N ASP A 80 -4.85 6.48 -8.61
CA ASP A 80 -5.40 6.24 -7.29
C ASP A 80 -5.21 4.79 -6.85
N GLY A 81 -4.87 3.91 -7.80
CA GLY A 81 -4.67 2.48 -7.51
C GLY A 81 -3.21 2.05 -7.53
N LYS A 82 -2.33 2.81 -8.18
CA LYS A 82 -0.92 2.43 -8.33
C LYS A 82 -0.09 3.60 -8.87
N LEU A 83 1.23 3.40 -8.94
CA LEU A 83 2.17 4.39 -9.43
C LEU A 83 2.88 3.84 -10.67
N TYR A 84 3.49 4.72 -11.47
CA TYR A 84 4.24 4.32 -12.64
C TYR A 84 5.47 5.20 -12.84
N LEU A 85 6.54 4.61 -13.39
CA LEU A 85 7.80 5.30 -13.63
C LEU A 85 8.17 5.25 -15.10
N CYS A 86 8.97 6.22 -15.55
CA CYS A 86 9.33 6.39 -16.94
C CYS A 86 10.81 6.07 -17.17
N VAL A 87 11.32 5.01 -16.55
CA VAL A 87 12.72 4.64 -16.67
C VAL A 87 13.10 4.17 -18.08
N SER A 88 12.14 4.14 -19.00
CA SER A 88 12.38 3.80 -20.40
C SER A 88 12.60 5.09 -21.19
N SER A 89 13.71 5.79 -20.89
CA SER A 89 14.02 7.08 -21.49
C SER A 89 15.51 7.42 -21.55
N PRO A 90 16.34 7.08 -20.54
CA PRO A 90 17.75 7.42 -20.52
C PRO A 90 18.55 6.40 -21.34
N THR A 91 19.66 5.89 -20.80
CA THR A 91 20.53 4.93 -21.47
C THR A 91 19.84 3.58 -21.69
N ILE A 92 18.56 3.46 -21.30
CA ILE A 92 17.76 2.28 -21.52
C ILE A 92 16.40 2.69 -22.07
N LYS A 93 15.87 1.89 -23.01
CA LYS A 93 14.56 2.13 -23.59
C LYS A 93 13.85 0.79 -23.79
N ASP A 94 12.62 0.69 -23.28
CA ASP A 94 11.79 -0.51 -23.45
C ASP A 94 10.32 -0.17 -23.24
N LYS A 95 9.89 -0.04 -21.97
CA LYS A 95 8.51 0.25 -21.62
C LYS A 95 8.47 0.83 -20.20
N PRO A 96 7.52 1.72 -19.89
CA PRO A 96 7.30 2.23 -18.54
C PRO A 96 7.14 1.09 -17.53
N VAL A 97 7.32 1.40 -16.24
CA VAL A 97 7.32 0.38 -15.19
C VAL A 97 6.29 0.68 -14.11
N GLN A 98 5.72 -0.37 -13.52
CA GLN A 98 4.73 -0.22 -12.47
C GLN A 98 5.42 -0.09 -11.11
N ILE A 99 4.83 0.69 -10.21
CA ILE A 99 5.44 1.02 -8.92
C ILE A 99 4.38 0.96 -7.81
N ARG A 100 4.80 0.52 -6.62
CA ARG A 100 3.92 0.49 -5.45
C ARG A 100 4.71 0.78 -4.16
N PRO A 101 4.64 2.02 -3.65
CA PRO A 101 5.14 2.43 -2.34
C PRO A 101 4.02 2.13 -1.32
N TRP A 102 4.03 2.77 -0.15
CA TRP A 102 2.87 2.70 0.74
C TRP A 102 2.41 4.10 1.16
N ASN A 103 1.14 4.22 1.57
CA ASN A 103 0.56 5.49 2.00
C ASN A 103 0.28 5.44 3.50
N LEU A 104 1.11 6.15 4.27
CA LEU A 104 1.04 6.17 5.73
C LEU A 104 -0.26 6.80 6.20
N SER A 105 -0.85 7.62 5.33
CA SER A 105 -2.04 8.37 5.68
C SER A 105 -3.31 7.55 5.49
N ASP A 106 -3.30 6.56 4.59
CA ASP A 106 -4.45 5.69 4.39
C ASP A 106 -4.41 4.49 5.35
N SER A 107 -3.26 4.23 5.98
CA SER A 107 -3.16 3.27 7.06
C SER A 107 -4.27 3.49 8.10
N ASP A 108 -4.76 4.73 8.20
CA ASP A 108 -5.83 5.11 9.10
C ASP A 108 -6.61 6.29 8.52
N PHE A 109 -7.13 6.14 7.30
CA PHE A 109 -7.87 7.20 6.64
C PHE A 109 -9.08 7.65 7.48
N VAL A 110 -9.28 8.97 7.57
CA VAL A 110 -10.41 9.52 8.31
C VAL A 110 -11.47 10.02 7.34
N MET A 111 -12.75 9.78 7.65
CA MET A 111 -13.85 10.27 6.83
C MET A 111 -14.68 11.33 7.56
N ASP A 112 -14.62 11.35 8.90
CA ASP A 112 -15.33 12.36 9.68
C ASP A 112 -14.64 12.65 11.01
N GLY A 113 -13.93 11.66 11.57
CA GLY A 113 -13.11 11.84 12.77
C GLY A 113 -13.92 12.22 14.01
N SER A 114 -15.25 12.03 13.97
CA SER A 114 -16.13 12.42 15.06
C SER A 114 -16.05 11.47 16.26
N GLN A 115 -15.43 10.30 16.07
CA GLN A 115 -15.51 9.23 17.05
C GLN A 115 -14.11 8.84 17.57
N PRO A 116 -14.03 8.37 18.82
CA PRO A 116 -12.79 7.99 19.48
C PRO A 116 -12.25 6.67 18.92
N LEU A 117 -10.99 6.38 19.26
CA LEU A 117 -10.28 5.19 18.78
C LEU A 117 -10.12 4.16 19.91
N ASP A 118 -10.87 4.31 20.99
CA ASP A 118 -10.83 3.39 22.11
C ASP A 118 -11.38 2.02 21.69
N PRO A 119 -10.79 0.91 22.17
CA PRO A 119 -11.22 -0.44 21.81
C PRO A 119 -12.71 -0.71 22.03
N ARG A 120 -13.39 0.10 22.84
CA ARG A 120 -14.81 -0.05 23.09
C ARG A 120 -15.64 0.40 21.88
N LYS A 121 -15.02 1.12 20.94
CA LYS A 121 -15.69 1.62 19.74
C LYS A 121 -14.94 1.24 18.47
N THR A 122 -13.73 0.68 18.59
CA THR A 122 -12.95 0.25 17.44
C THR A 122 -13.30 -1.20 17.07
N ILE A 123 -13.13 -1.54 15.79
CA ILE A 123 -13.46 -2.85 15.26
C ILE A 123 -12.30 -3.34 14.40
N PHE A 124 -12.17 -4.66 14.26
CA PHE A 124 -11.12 -5.25 13.44
C PHE A 124 -11.75 -5.88 12.20
N VAL A 125 -11.03 -5.83 11.07
CA VAL A 125 -11.50 -6.38 9.82
C VAL A 125 -10.35 -7.10 9.12
N GLY A 126 -10.44 -8.43 9.02
CA GLY A 126 -9.44 -9.22 8.34
C GLY A 126 -9.93 -9.58 6.94
N GLY A 127 -9.10 -9.35 5.92
CA GLY A 127 -9.48 -9.69 4.55
C GLY A 127 -8.81 -8.83 3.47
N VAL A 128 -8.05 -7.79 3.85
CA VAL A 128 -7.40 -6.94 2.87
C VAL A 128 -5.99 -7.48 2.59
N PRO A 129 -5.51 -7.39 1.34
CA PRO A 129 -4.17 -7.77 0.96
C PRO A 129 -3.19 -6.63 1.28
N ARG A 130 -1.94 -6.75 0.84
CA ARG A 130 -0.91 -5.75 1.14
C ARG A 130 -0.99 -4.47 0.30
N PRO A 131 -1.36 -4.50 -1.00
CA PRO A 131 -1.49 -3.30 -1.82
C PRO A 131 -2.79 -2.54 -1.49
N LEU A 132 -3.14 -1.60 -2.37
CA LEU A 132 -4.28 -0.67 -2.32
C LEU A 132 -4.46 0.12 -1.01
N ARG A 133 -4.96 1.36 -1.15
CA ARG A 133 -5.05 2.32 -0.07
C ARG A 133 -6.35 2.22 0.73
N ALA A 134 -6.53 1.10 1.43
CA ALA A 134 -7.70 0.85 2.28
C ALA A 134 -9.02 0.91 1.51
N VAL A 135 -8.97 0.88 0.18
CA VAL A 135 -10.16 0.97 -0.66
C VAL A 135 -11.11 -0.19 -0.41
N GLU A 136 -10.57 -1.39 -0.16
CA GLU A 136 -11.41 -2.58 -0.06
C GLU A 136 -12.20 -2.62 1.24
N LEU A 137 -11.63 -2.12 2.35
CA LEU A 137 -12.35 -2.14 3.61
C LEU A 137 -13.27 -0.93 3.73
N ALA A 138 -12.95 0.14 3.01
CA ALA A 138 -13.74 1.34 3.05
C ALA A 138 -14.98 1.18 2.19
N MET A 139 -14.83 0.59 1.00
CA MET A 139 -15.94 0.47 0.07
C MET A 139 -16.91 -0.63 0.50
N ILE A 140 -16.43 -1.72 1.10
CA ILE A 140 -17.37 -2.75 1.53
C ILE A 140 -18.19 -2.23 2.70
N MET A 141 -17.57 -1.70 3.75
CA MET A 141 -18.35 -1.26 4.89
C MET A 141 -19.27 -0.11 4.50
N ASP A 142 -18.98 0.53 3.35
CA ASP A 142 -19.78 1.63 2.84
C ASP A 142 -20.77 1.19 1.75
N ARG A 143 -20.80 -0.09 1.34
CA ARG A 143 -21.71 -0.54 0.29
C ARG A 143 -22.73 -1.58 0.74
N LEU A 144 -22.61 -2.17 1.94
CA LEU A 144 -23.52 -3.23 2.36
C LEU A 144 -24.28 -3.02 3.68
N TYR A 145 -23.78 -2.23 4.64
CA TYR A 145 -24.46 -2.08 5.92
C TYR A 145 -24.42 -0.66 6.50
N GLY A 146 -23.65 0.25 5.91
CA GLY A 146 -23.53 1.58 6.48
C GLY A 146 -22.48 2.43 5.76
N GLY A 147 -21.65 3.11 6.55
CA GLY A 147 -20.57 3.95 6.06
C GLY A 147 -19.30 3.71 6.88
N VAL A 148 -18.57 4.78 7.18
CA VAL A 148 -17.35 4.72 7.97
C VAL A 148 -17.02 6.11 8.53
N CYS A 149 -16.37 6.18 9.69
CA CYS A 149 -15.91 7.44 10.26
C CYS A 149 -14.38 7.45 10.33
N TYR A 150 -13.77 6.32 10.70
CA TYR A 150 -12.33 6.19 10.73
C TYR A 150 -11.99 4.73 10.43
N ALA A 151 -11.02 4.47 9.54
CA ALA A 151 -10.63 3.11 9.19
C ALA A 151 -9.31 3.11 8.45
N GLY A 152 -8.73 1.93 8.24
CA GLY A 152 -7.52 1.80 7.44
C GLY A 152 -6.90 0.42 7.54
N ILE A 153 -5.91 0.15 6.68
CA ILE A 153 -5.21 -1.12 6.66
C ILE A 153 -4.14 -1.11 7.75
N ASP A 154 -4.11 -2.18 8.55
CA ASP A 154 -3.17 -2.30 9.65
C ASP A 154 -1.74 -2.43 9.11
N THR A 155 -0.78 -1.85 9.83
CA THR A 155 0.60 -1.79 9.40
C THR A 155 1.57 -2.31 10.43
N ASP A 156 2.72 -2.74 9.93
CA ASP A 156 3.84 -3.21 10.72
C ASP A 156 4.58 -2.00 11.27
N PRO A 157 4.74 -1.88 12.59
CA PRO A 157 5.53 -0.82 13.21
C PRO A 157 7.00 -0.88 12.78
N GLU A 158 7.41 -1.98 12.12
CA GLU A 158 8.78 -2.17 11.69
C GLU A 158 9.16 -1.20 10.58
N LEU A 159 8.29 -1.07 9.58
CA LEU A 159 8.54 -0.14 8.48
C LEU A 159 7.27 0.58 8.05
N LYS A 160 6.24 0.50 8.89
CA LYS A 160 4.96 1.19 8.67
C LYS A 160 4.36 0.72 7.34
N TYR A 161 4.31 -0.60 7.14
CA TYR A 161 3.85 -1.19 5.89
C TYR A 161 2.81 -2.27 6.16
N PRO A 162 1.80 -2.43 5.29
CA PRO A 162 0.70 -3.37 5.45
C PRO A 162 1.16 -4.80 5.75
N LYS A 163 0.31 -5.54 6.48
CA LYS A 163 0.60 -6.92 6.85
C LYS A 163 -0.61 -7.85 6.63
N GLY A 164 -1.64 -7.37 5.90
CA GLY A 164 -2.77 -8.22 5.53
C GLY A 164 -3.95 -8.17 6.50
N ALA A 165 -4.16 -7.03 7.15
CA ALA A 165 -5.25 -6.85 8.12
C ALA A 165 -5.70 -5.38 8.11
N GLY A 166 -6.83 -5.07 8.75
CA GLY A 166 -7.33 -3.71 8.80
C GLY A 166 -8.26 -3.48 10.00
N ARG A 167 -8.76 -2.25 10.12
CA ARG A 167 -9.61 -1.86 11.24
C ARG A 167 -10.56 -0.75 10.84
N VAL A 168 -11.62 -0.61 11.62
CA VAL A 168 -12.69 0.34 11.40
C VAL A 168 -13.19 0.88 12.73
N ALA A 169 -13.68 2.11 12.75
CA ALA A 169 -14.28 2.69 13.94
C ALA A 169 -15.47 3.55 13.52
N PHE A 170 -16.68 3.00 13.72
CA PHE A 170 -17.93 3.66 13.43
C PHE A 170 -19.06 3.04 14.27
N SER A 171 -18.70 2.60 15.48
CA SER A 171 -19.61 1.95 16.40
C SER A 171 -20.57 2.97 17.03
N ASN A 172 -21.60 3.38 16.29
CA ASN A 172 -22.55 4.38 16.78
C ASN A 172 -23.99 4.09 16.35
N GLN A 173 -24.23 3.07 15.53
CA GLN A 173 -25.56 2.81 14.99
C GLN A 173 -25.73 1.33 14.64
N GLN A 174 -26.96 0.91 14.38
CA GLN A 174 -27.27 -0.46 13.98
C GLN A 174 -26.50 -0.85 12.72
N SER A 175 -25.87 0.12 12.04
CA SER A 175 -25.08 -0.16 10.86
C SER A 175 -23.83 -0.95 11.24
N TYR A 176 -23.22 -0.61 12.38
CA TYR A 176 -22.08 -1.35 12.89
C TYR A 176 -22.56 -2.67 13.47
N ILE A 177 -23.78 -2.70 14.04
CA ILE A 177 -24.34 -3.93 14.56
C ILE A 177 -24.58 -4.92 13.42
N ALA A 178 -24.94 -4.41 12.24
CA ALA A 178 -25.25 -5.26 11.11
C ALA A 178 -23.98 -5.82 10.46
N ALA A 179 -22.85 -5.10 10.52
CA ALA A 179 -21.61 -5.56 9.92
C ALA A 179 -20.76 -6.36 10.91
N ILE A 180 -20.96 -6.19 12.22
CA ILE A 180 -20.19 -6.93 13.20
C ILE A 180 -20.86 -8.28 13.51
N SER A 181 -22.15 -8.41 13.17
CA SER A 181 -22.84 -9.69 13.25
C SER A 181 -22.80 -10.39 11.90
N ALA A 182 -22.39 -9.67 10.84
CA ALA A 182 -22.19 -10.24 9.52
C ALA A 182 -20.70 -10.54 9.35
N ARG A 183 -20.20 -11.39 10.24
CA ARG A 183 -18.77 -11.70 10.30
C ARG A 183 -18.34 -12.63 9.16
N PHE A 184 -19.30 -13.18 8.42
CA PHE A 184 -19.01 -13.99 7.25
C PHE A 184 -20.00 -13.63 6.15
N VAL A 185 -19.50 -13.24 4.98
CA VAL A 185 -20.30 -12.88 3.82
C VAL A 185 -19.38 -12.88 2.60
N GLN A 186 -19.89 -12.50 1.43
CA GLN A 186 -19.09 -12.43 0.22
C GLN A 186 -18.63 -11.00 -0.05
N LEU A 187 -17.35 -10.82 -0.41
CA LEU A 187 -16.75 -9.50 -0.56
C LEU A 187 -16.08 -9.30 -1.91
N GLN A 188 -15.66 -10.40 -2.56
CA GLN A 188 -14.97 -10.34 -3.85
C GLN A 188 -13.84 -9.29 -3.84
N HIS A 189 -13.02 -9.27 -2.78
CA HIS A 189 -11.96 -8.28 -2.63
C HIS A 189 -10.60 -8.93 -2.39
N GLY A 190 -9.54 -8.35 -2.94
CA GLY A 190 -8.21 -8.93 -2.85
C GLY A 190 -8.22 -10.33 -3.46
N GLU A 191 -7.47 -11.25 -2.83
CA GLU A 191 -7.42 -12.65 -3.24
C GLU A 191 -8.46 -13.48 -2.47
N ILE A 192 -9.44 -12.80 -1.85
CA ILE A 192 -10.44 -13.42 -1.01
C ILE A 192 -11.84 -13.16 -1.56
N ASP A 193 -12.77 -14.08 -1.29
CA ASP A 193 -14.14 -13.97 -1.82
C ASP A 193 -15.21 -14.18 -0.76
N LYS A 194 -14.98 -15.08 0.20
CA LYS A 194 -16.05 -15.52 1.11
C LYS A 194 -15.60 -15.74 2.55
N ARG A 195 -14.33 -15.51 2.88
CA ARG A 195 -13.81 -15.82 4.20
C ARG A 195 -13.09 -14.61 4.79
N VAL A 196 -13.73 -14.00 5.79
CA VAL A 196 -13.22 -12.81 6.44
C VAL A 196 -13.60 -12.85 7.92
N GLU A 197 -13.18 -11.84 8.67
CA GLU A 197 -13.49 -11.73 10.09
C GLU A 197 -13.80 -10.29 10.46
N VAL A 198 -14.86 -10.10 11.25
CA VAL A 198 -15.25 -8.78 11.75
C VAL A 198 -15.70 -8.92 13.20
N LYS A 199 -15.03 -8.20 14.11
CA LYS A 199 -15.27 -8.31 15.54
C LYS A 199 -14.65 -7.11 16.26
N PRO A 200 -15.08 -6.81 17.49
CA PRO A 200 -14.60 -5.65 18.22
C PRO A 200 -13.10 -5.72 18.49
N TYR A 201 -12.47 -4.56 18.62
CA TYR A 201 -11.04 -4.43 18.82
C TYR A 201 -10.66 -4.70 20.28
N VAL A 202 -9.38 -5.00 20.51
CA VAL A 202 -8.86 -5.30 21.85
C VAL A 202 -7.48 -4.66 22.00
N SER A 1 -4.07 38.98 4.70
CA SER A 1 -3.93 37.52 4.91
C SER A 1 -3.52 36.83 3.62
N HIS A 2 -2.97 35.62 3.74
CA HIS A 2 -2.50 34.84 2.59
C HIS A 2 -2.67 33.35 2.87
N GLN A 3 -2.57 32.52 1.82
CA GLN A 3 -2.71 31.08 1.93
C GLN A 3 -1.47 30.47 2.61
N ASN A 4 -1.61 29.22 3.07
CA ASN A 4 -0.55 28.50 3.75
C ASN A 4 0.07 27.43 2.84
N GLY A 5 -0.09 27.59 1.52
CA GLY A 5 0.43 26.65 0.55
C GLY A 5 -0.45 25.40 0.47
N GLU A 6 0.13 24.31 -0.07
CA GLU A 6 -0.59 23.05 -0.24
C GLU A 6 0.34 21.88 0.11
N ARG A 7 -0.26 20.75 0.49
CA ARG A 7 0.48 19.56 0.89
C ARG A 7 -0.19 18.30 0.31
N VAL A 8 0.56 17.20 0.25
CA VAL A 8 0.07 15.94 -0.31
C VAL A 8 0.48 14.78 0.60
N GLU A 9 -0.25 13.66 0.49
CA GLU A 9 0.02 12.47 1.28
C GLU A 9 1.36 11.86 0.86
N ARG A 10 2.03 11.20 1.82
CA ARG A 10 3.34 10.57 1.59
C ARG A 10 3.22 9.07 1.43
N TYR A 11 4.34 8.42 1.12
CA TYR A 11 4.34 6.99 0.82
C TYR A 11 5.39 6.23 1.62
N SER A 12 5.16 4.92 1.75
CA SER A 12 6.15 4.01 2.32
C SER A 12 7.20 3.80 1.26
N ARG A 13 8.45 3.93 1.71
CA ARG A 13 9.63 3.88 0.86
C ARG A 13 9.89 2.50 0.27
N LYS A 14 9.07 1.49 0.58
CA LYS A 14 9.14 0.21 -0.11
C LYS A 14 8.45 0.37 -1.46
N VAL A 15 9.19 0.10 -2.54
CA VAL A 15 8.70 0.32 -3.89
C VAL A 15 8.95 -0.92 -4.75
N PHE A 16 7.86 -1.54 -5.21
CA PHE A 16 7.94 -2.68 -6.12
C PHE A 16 8.21 -2.19 -7.54
N VAL A 17 8.92 -3.00 -8.32
CA VAL A 17 9.28 -2.66 -9.69
C VAL A 17 9.16 -3.91 -10.55
N GLY A 18 8.95 -3.76 -11.87
CA GLY A 18 8.81 -4.92 -12.74
C GLY A 18 9.19 -4.65 -14.20
N GLY A 19 9.59 -3.41 -14.53
CA GLY A 19 9.92 -3.05 -15.91
C GLY A 19 11.39 -3.28 -16.25
N LEU A 20 12.16 -3.89 -15.33
CA LEU A 20 13.59 -4.08 -15.50
C LEU A 20 13.88 -4.90 -16.76
N PRO A 21 15.07 -4.69 -17.36
CA PRO A 21 15.49 -5.37 -18.57
C PRO A 21 15.65 -6.88 -18.35
N PRO A 22 15.73 -7.66 -19.44
CA PRO A 22 15.87 -9.10 -19.39
C PRO A 22 17.20 -9.55 -18.78
N ASP A 23 18.11 -8.61 -18.53
CA ASP A 23 19.37 -8.87 -17.85
C ASP A 23 19.59 -7.76 -16.84
N ILE A 24 19.56 -8.11 -15.55
CA ILE A 24 19.64 -7.12 -14.48
C ILE A 24 20.31 -7.69 -13.23
N ASP A 25 21.00 -6.82 -12.51
CA ASP A 25 21.58 -7.08 -11.20
C ASP A 25 21.45 -5.81 -10.36
N GLU A 26 21.75 -5.88 -9.07
CA GLU A 26 21.54 -4.76 -8.17
C GLU A 26 22.27 -3.48 -8.60
N ASP A 27 23.33 -3.58 -9.40
CA ASP A 27 24.05 -2.39 -9.85
C ASP A 27 23.44 -1.82 -11.12
N GLU A 28 22.67 -2.63 -11.86
CA GLU A 28 22.01 -2.21 -13.07
C GLU A 28 20.80 -1.35 -12.72
N ILE A 29 20.04 -1.77 -11.71
CA ILE A 29 18.85 -1.03 -11.30
C ILE A 29 19.25 0.17 -10.44
N THR A 30 20.37 0.08 -9.72
CA THR A 30 20.85 1.25 -8.97
C THR A 30 21.36 2.30 -9.95
N ALA A 31 21.76 1.87 -11.15
CA ALA A 31 22.17 2.79 -12.21
C ALA A 31 20.95 3.22 -13.05
N SER A 32 19.86 2.46 -12.96
CA SER A 32 18.61 2.83 -13.62
C SER A 32 17.93 3.93 -12.81
N PHE A 33 17.99 3.85 -11.48
CA PHE A 33 17.47 4.89 -10.62
C PHE A 33 18.59 5.86 -10.24
N ARG A 34 19.50 6.16 -11.16
CA ARG A 34 20.60 7.09 -10.91
C ARG A 34 20.06 8.50 -10.68
N ARG A 35 18.80 8.76 -11.06
CA ARG A 35 18.12 10.02 -10.80
C ARG A 35 17.41 9.98 -9.46
N PHE A 36 17.51 8.86 -8.74
CA PHE A 36 16.84 8.66 -7.47
C PHE A 36 17.85 8.78 -6.32
N GLY A 37 18.93 7.98 -6.38
CA GLY A 37 19.97 7.97 -5.37
C GLY A 37 20.15 6.58 -4.77
N PRO A 38 20.94 6.46 -3.69
CA PRO A 38 21.23 5.22 -3.00
C PRO A 38 19.96 4.52 -2.49
N LEU A 39 19.94 3.18 -2.59
CA LEU A 39 18.80 2.38 -2.17
C LEU A 39 19.23 0.94 -1.89
N ILE A 40 18.33 0.13 -1.34
CA ILE A 40 18.61 -1.27 -1.02
C ILE A 40 17.60 -2.15 -1.76
N VAL A 41 18.03 -3.31 -2.25
CA VAL A 41 17.21 -4.12 -3.16
C VAL A 41 17.13 -5.59 -2.73
N ASP A 42 16.08 -6.26 -3.19
CA ASP A 42 15.90 -7.69 -2.96
C ASP A 42 15.01 -8.25 -4.08
N TRP A 43 15.18 -9.54 -4.41
CA TRP A 43 14.41 -10.15 -5.49
C TRP A 43 13.42 -11.18 -4.92
N PRO A 44 12.21 -11.26 -5.48
CA PRO A 44 11.18 -12.17 -5.01
C PRO A 44 11.45 -13.62 -5.42
N HIS A 45 12.46 -13.85 -6.26
CA HIS A 45 12.79 -15.18 -6.76
C HIS A 45 14.30 -15.43 -6.74
N LYS A 46 15.01 -14.79 -5.80
CA LYS A 46 16.46 -14.92 -5.70
C LYS A 46 16.91 -16.35 -5.39
N ALA A 47 18.15 -16.67 -5.75
CA ALA A 47 18.76 -17.96 -5.51
C ALA A 47 20.27 -17.78 -5.37
N GLU A 48 20.95 -18.76 -4.76
CA GLU A 48 22.40 -18.69 -4.54
C GLU A 48 23.05 -20.06 -4.74
N SER A 49 24.34 -20.04 -5.08
CA SER A 49 25.17 -21.23 -5.29
C SER A 49 24.62 -22.24 -6.30
N LYS A 50 23.53 -21.91 -7.00
CA LYS A 50 22.92 -22.79 -8.00
C LYS A 50 22.44 -21.99 -9.21
N SER A 51 22.31 -20.68 -9.09
CA SER A 51 21.86 -19.82 -10.17
C SER A 51 22.31 -18.38 -9.91
N TYR A 52 22.20 -17.51 -10.92
CA TYR A 52 22.58 -16.11 -10.83
C TYR A 52 21.55 -15.25 -11.54
N PHE A 53 21.47 -13.97 -11.13
CA PHE A 53 20.47 -13.01 -11.60
C PHE A 53 19.04 -13.45 -11.28
N PRO A 54 18.09 -12.51 -11.15
CA PRO A 54 16.70 -12.83 -10.86
C PRO A 54 16.05 -13.49 -12.09
N PRO A 55 15.31 -14.59 -11.90
CA PRO A 55 14.60 -15.29 -12.97
C PRO A 55 13.54 -14.44 -13.67
N LYS A 56 13.22 -13.25 -13.14
CA LYS A 56 12.19 -12.38 -13.69
C LYS A 56 12.56 -10.92 -13.47
N GLY A 57 11.97 -10.03 -14.26
CA GLY A 57 12.22 -8.59 -14.17
C GLY A 57 11.58 -7.95 -12.94
N TYR A 58 10.89 -8.74 -12.11
CA TYR A 58 10.25 -8.21 -10.91
C TYR A 58 11.28 -7.98 -9.82
N ALA A 59 11.06 -6.94 -9.01
CA ALA A 59 11.96 -6.58 -7.93
C ALA A 59 11.17 -5.97 -6.77
N PHE A 60 11.71 -6.11 -5.56
CA PHE A 60 11.12 -5.53 -4.37
C PHE A 60 12.23 -4.84 -3.58
N LEU A 61 12.23 -3.52 -3.60
CA LEU A 61 13.32 -2.74 -3.04
C LEU A 61 12.78 -1.56 -2.23
N LEU A 62 13.67 -0.85 -1.54
CA LEU A 62 13.27 0.33 -0.78
C LEU A 62 14.35 1.40 -0.86
N PHE A 63 13.95 2.65 -0.61
CA PHE A 63 14.86 3.77 -0.73
C PHE A 63 15.47 4.14 0.62
N GLN A 64 16.58 4.88 0.61
CA GLN A 64 17.32 5.25 1.81
C GLN A 64 16.56 6.25 2.67
N ASP A 65 15.72 7.08 2.05
CA ASP A 65 15.00 8.14 2.74
C ASP A 65 13.54 8.19 2.28
N GLU A 66 12.72 8.97 2.97
CA GLU A 66 11.30 9.09 2.67
C GLU A 66 10.97 10.40 1.95
N SER A 67 11.93 11.32 1.85
CA SER A 67 11.71 12.61 1.20
C SER A 67 12.05 12.55 -0.27
N SER A 68 13.04 11.71 -0.64
CA SER A 68 13.43 11.56 -2.04
C SER A 68 12.39 10.72 -2.78
N VAL A 69 11.64 9.89 -2.04
CA VAL A 69 10.58 9.07 -2.60
C VAL A 69 9.47 9.97 -3.14
N GLN A 70 9.29 11.15 -2.53
CA GLN A 70 8.23 12.06 -2.94
C GLN A 70 8.72 12.93 -4.10
N ALA A 71 10.01 13.26 -4.12
CA ALA A 71 10.56 14.11 -5.16
C ALA A 71 10.74 13.35 -6.48
N LEU A 72 11.15 12.08 -6.40
CA LEU A 72 11.42 11.29 -7.59
C LEU A 72 10.12 10.75 -8.19
N ILE A 73 9.19 10.30 -7.34
CA ILE A 73 7.91 9.80 -7.85
C ILE A 73 7.15 10.95 -8.52
N ASP A 74 7.30 12.19 -8.01
CA ASP A 74 6.62 13.35 -8.57
C ASP A 74 7.31 13.84 -9.83
N ALA A 75 8.60 13.50 -10.00
CA ALA A 75 9.35 13.88 -11.20
C ALA A 75 9.17 12.85 -12.32
N CYS A 76 8.24 11.91 -12.15
CA CYS A 76 8.01 10.82 -13.11
C CYS A 76 6.53 10.68 -13.43
N ILE A 77 6.16 9.67 -14.23
CA ILE A 77 4.82 9.49 -14.74
C ILE A 77 3.92 8.84 -13.68
N GLU A 78 2.62 9.14 -13.74
CA GLU A 78 1.65 8.61 -12.78
C GLU A 78 0.31 8.29 -13.43
N GLU A 79 -0.46 7.43 -12.76
CA GLU A 79 -1.81 7.05 -13.16
C GLU A 79 -2.62 6.77 -11.90
N ASP A 80 -3.95 6.91 -11.97
CA ASP A 80 -4.80 6.66 -10.82
C ASP A 80 -4.75 5.19 -10.39
N GLY A 81 -4.15 4.33 -11.22
CA GLY A 81 -4.03 2.91 -10.94
C GLY A 81 -2.61 2.48 -10.55
N LYS A 82 -1.59 3.22 -11.01
CA LYS A 82 -0.20 2.84 -10.77
C LYS A 82 0.75 3.99 -11.11
N LEU A 83 2.06 3.76 -10.97
CA LEU A 83 3.07 4.77 -11.28
C LEU A 83 4.05 4.22 -12.32
N TYR A 84 4.80 5.11 -12.98
CA TYR A 84 5.75 4.71 -14.00
C TYR A 84 7.02 5.56 -13.91
N LEU A 85 8.16 4.95 -14.26
CA LEU A 85 9.46 5.60 -14.23
C LEU A 85 10.06 5.62 -15.63
N CYS A 86 10.69 6.74 -16.00
CA CYS A 86 11.32 6.89 -17.29
C CYS A 86 12.81 6.55 -17.16
N VAL A 87 13.27 5.53 -17.89
CA VAL A 87 14.65 5.08 -17.82
C VAL A 87 15.04 4.28 -19.07
N SER A 88 14.18 4.25 -20.09
CA SER A 88 14.37 3.44 -21.29
C SER A 88 15.71 3.74 -21.97
N SER A 89 16.70 2.89 -21.73
CA SER A 89 18.02 3.01 -22.37
C SER A 89 18.90 1.78 -22.14
N PRO A 90 19.09 1.29 -20.89
CA PRO A 90 20.00 0.20 -20.61
C PRO A 90 19.37 -1.15 -20.93
N THR A 91 19.84 -1.78 -22.01
CA THR A 91 19.37 -3.09 -22.50
C THR A 91 17.85 -3.21 -22.64
N ILE A 92 17.13 -2.09 -22.58
CA ILE A 92 15.70 -2.03 -22.85
C ILE A 92 15.39 -0.64 -23.41
N LYS A 93 14.41 -0.55 -24.30
CA LYS A 93 14.04 0.73 -24.90
C LYS A 93 12.53 0.80 -25.19
N ASP A 94 12.04 2.03 -25.38
CA ASP A 94 10.67 2.34 -25.80
C ASP A 94 9.57 1.84 -24.86
N LYS A 95 9.90 1.52 -23.60
CA LYS A 95 8.90 1.13 -22.62
C LYS A 95 9.37 1.49 -21.21
N PRO A 96 8.56 2.25 -20.45
CA PRO A 96 8.87 2.66 -19.09
C PRO A 96 8.71 1.48 -18.13
N VAL A 97 9.03 1.69 -16.86
CA VAL A 97 8.93 0.64 -15.85
C VAL A 97 7.78 0.91 -14.89
N GLN A 98 7.09 -0.15 -14.44
CA GLN A 98 6.00 -0.02 -13.50
C GLN A 98 6.55 0.24 -12.10
N ILE A 99 5.84 1.06 -11.32
CA ILE A 99 6.27 1.42 -9.97
C ILE A 99 5.10 1.35 -9.01
N ARG A 100 5.33 0.77 -7.82
CA ARG A 100 4.30 0.62 -6.80
C ARG A 100 4.89 0.80 -5.40
N PRO A 101 4.83 2.02 -4.85
CA PRO A 101 5.16 2.32 -3.47
C PRO A 101 3.94 1.96 -2.61
N TRP A 102 3.81 2.46 -1.38
CA TRP A 102 2.56 2.32 -0.64
C TRP A 102 2.09 3.63 -0.05
N ASN A 103 0.77 3.82 0.05
CA ASN A 103 0.18 5.06 0.53
C ASN A 103 -0.18 4.95 2.02
N LEU A 104 0.85 4.84 2.86
CA LEU A 104 0.69 4.73 4.30
C LEU A 104 0.14 6.01 4.93
N SER A 105 0.00 7.08 4.15
CA SER A 105 -0.47 8.35 4.65
C SER A 105 -1.97 8.52 4.39
N ASP A 106 -2.61 7.57 3.71
CA ASP A 106 -4.05 7.61 3.49
C ASP A 106 -4.73 6.31 3.92
N SER A 107 -3.94 5.23 4.09
CA SER A 107 -4.45 3.97 4.61
C SER A 107 -5.26 4.15 5.88
N ASP A 108 -4.91 5.14 6.70
CA ASP A 108 -5.69 5.47 7.88
C ASP A 108 -6.64 6.59 7.53
N PHE A 109 -7.95 6.35 7.72
CA PHE A 109 -8.96 7.34 7.40
C PHE A 109 -9.94 7.54 8.55
N VAL A 110 -10.08 8.80 8.99
CA VAL A 110 -11.07 9.20 9.97
C VAL A 110 -12.32 9.71 9.25
N MET A 111 -13.49 9.52 9.87
CA MET A 111 -14.75 10.03 9.32
C MET A 111 -15.54 10.78 10.38
N ASP A 112 -15.11 10.72 11.65
CA ASP A 112 -15.76 11.44 12.73
C ASP A 112 -14.74 11.78 13.82
N GLY A 113 -14.92 12.94 14.46
CA GLY A 113 -14.02 13.43 15.50
C GLY A 113 -14.74 13.63 16.84
N SER A 114 -15.99 13.17 16.94
CA SER A 114 -16.80 13.35 18.14
C SER A 114 -16.45 12.35 19.23
N GLN A 115 -15.72 11.28 18.86
CA GLN A 115 -15.46 10.18 19.77
C GLN A 115 -13.99 9.76 19.73
N PRO A 116 -13.42 9.39 20.89
CA PRO A 116 -12.04 8.96 21.03
C PRO A 116 -11.87 7.51 20.56
N LEU A 117 -10.60 7.12 20.36
CA LEU A 117 -10.25 5.77 19.95
C LEU A 117 -9.65 5.03 21.14
N ASP A 118 -10.07 3.78 21.33
CA ASP A 118 -9.60 2.94 22.43
C ASP A 118 -9.65 1.47 21.99
N PRO A 119 -8.72 0.63 22.47
CA PRO A 119 -8.68 -0.80 22.13
C PRO A 119 -9.98 -1.55 22.42
N ARG A 120 -10.82 -1.02 23.32
CA ARG A 120 -12.10 -1.64 23.65
C ARG A 120 -13.19 -1.23 22.66
N LYS A 121 -12.83 -0.42 21.66
CA LYS A 121 -13.73 0.10 20.65
C LYS A 121 -13.24 -0.27 19.25
N THR A 122 -12.25 -1.15 19.17
CA THR A 122 -11.67 -1.57 17.89
C THR A 122 -12.36 -2.83 17.39
N ILE A 123 -12.36 -3.01 16.07
CA ILE A 123 -12.99 -4.14 15.42
C ILE A 123 -12.02 -4.71 14.38
N PHE A 124 -12.19 -6.00 14.04
CA PHE A 124 -11.33 -6.68 13.09
C PHE A 124 -12.13 -7.04 11.84
N VAL A 125 -11.48 -7.02 10.68
CA VAL A 125 -12.12 -7.38 9.42
C VAL A 125 -11.21 -8.32 8.65
N GLY A 126 -11.74 -9.48 8.26
CA GLY A 126 -10.99 -10.48 7.53
C GLY A 126 -11.56 -10.69 6.12
N GLY A 127 -10.88 -11.53 5.33
CA GLY A 127 -11.32 -11.85 3.98
C GLY A 127 -10.73 -10.93 2.91
N VAL A 128 -9.88 -9.97 3.28
CA VAL A 128 -9.23 -9.10 2.31
C VAL A 128 -8.29 -9.95 1.45
N PRO A 129 -8.34 -9.83 0.11
CA PRO A 129 -7.52 -10.61 -0.79
C PRO A 129 -6.07 -10.11 -0.79
N ARG A 130 -5.89 -8.78 -0.82
CA ARG A 130 -4.62 -8.10 -0.74
C ARG A 130 -4.90 -6.64 -0.38
N PRO A 131 -3.92 -5.89 0.13
CA PRO A 131 -4.11 -4.52 0.60
C PRO A 131 -4.73 -3.59 -0.44
N LEU A 132 -5.69 -2.76 -0.01
CA LEU A 132 -6.38 -1.79 -0.86
C LEU A 132 -6.16 -0.38 -0.30
N ARG A 133 -6.55 0.63 -1.09
CA ARG A 133 -6.52 2.02 -0.67
C ARG A 133 -7.75 2.35 0.18
N ALA A 134 -8.11 1.45 1.09
CA ALA A 134 -9.29 1.55 1.95
C ALA A 134 -10.59 1.70 1.15
N VAL A 135 -10.58 1.26 -0.11
CA VAL A 135 -11.72 1.44 -1.00
C VAL A 135 -12.88 0.53 -0.66
N GLU A 136 -12.63 -0.78 -0.55
CA GLU A 136 -13.68 -1.73 -0.31
C GLU A 136 -14.17 -1.64 1.13
N LEU A 137 -13.25 -1.40 2.07
CA LEU A 137 -13.54 -1.40 3.50
C LEU A 137 -14.48 -0.27 3.87
N ALA A 138 -14.23 0.94 3.37
CA ALA A 138 -15.05 2.07 3.74
C ALA A 138 -16.39 2.06 3.01
N MET A 139 -16.41 1.60 1.77
CA MET A 139 -17.61 1.68 0.94
C MET A 139 -18.63 0.61 1.33
N ILE A 140 -18.20 -0.53 1.87
CA ILE A 140 -19.14 -1.58 2.25
C ILE A 140 -19.68 -1.32 3.66
N MET A 141 -18.81 -0.93 4.60
CA MET A 141 -19.27 -0.64 5.96
C MET A 141 -20.22 0.54 5.93
N ASP A 142 -20.14 1.37 4.90
CA ASP A 142 -20.99 2.54 4.77
C ASP A 142 -22.27 2.28 4.00
N ARG A 143 -22.31 1.29 3.10
CA ARG A 143 -23.50 1.03 2.30
C ARG A 143 -24.55 0.17 3.02
N LEU A 144 -24.16 -0.60 4.05
CA LEU A 144 -25.12 -1.43 4.78
C LEU A 144 -25.51 -0.91 6.17
N TYR A 145 -24.62 -0.28 6.93
CA TYR A 145 -24.96 0.17 8.28
C TYR A 145 -24.37 1.53 8.63
N GLY A 146 -23.20 1.86 8.08
CA GLY A 146 -22.57 3.17 8.28
C GLY A 146 -22.13 3.40 9.72
N GLY A 147 -21.93 4.68 10.07
CA GLY A 147 -21.54 5.07 11.42
C GLY A 147 -20.04 4.94 11.68
N VAL A 148 -19.24 4.62 10.66
CA VAL A 148 -17.79 4.50 10.80
C VAL A 148 -17.22 5.81 11.35
N CYS A 149 -16.20 5.71 12.20
CA CYS A 149 -15.54 6.90 12.75
C CYS A 149 -14.04 6.87 12.47
N TYR A 150 -13.43 5.70 12.47
CA TYR A 150 -12.02 5.54 12.16
C TYR A 150 -11.75 4.12 11.67
N ALA A 151 -10.77 3.96 10.79
CA ALA A 151 -10.41 2.64 10.29
C ALA A 151 -9.06 2.67 9.57
N GLY A 152 -8.54 1.48 9.27
CA GLY A 152 -7.30 1.34 8.52
C GLY A 152 -7.26 -0.05 7.88
N ILE A 153 -6.35 -0.26 6.91
CA ILE A 153 -6.27 -1.53 6.22
C ILE A 153 -4.84 -2.09 6.15
N ASP A 154 -4.78 -3.40 6.39
CA ASP A 154 -3.55 -4.19 6.44
C ASP A 154 -2.34 -3.62 7.18
N THR A 155 -2.35 -2.39 7.67
CA THR A 155 -1.14 -1.74 8.20
C THR A 155 -0.61 -2.36 9.47
N ASP A 156 0.65 -2.02 9.76
CA ASP A 156 1.42 -2.55 10.87
C ASP A 156 2.37 -1.50 11.43
N PRO A 157 2.57 -1.47 12.75
CA PRO A 157 3.38 -0.46 13.42
C PRO A 157 4.88 -0.70 13.25
N GLU A 158 5.28 -1.81 12.62
CA GLU A 158 6.69 -2.12 12.42
C GLU A 158 7.35 -1.04 11.55
N LEU A 159 6.67 -0.68 10.46
CA LEU A 159 7.11 0.40 9.60
C LEU A 159 5.92 1.11 8.95
N LYS A 160 4.70 0.85 9.42
CA LYS A 160 3.50 1.50 8.91
C LYS A 160 3.25 1.07 7.48
N TYR A 161 3.31 -0.25 7.28
CA TYR A 161 3.20 -0.86 5.96
C TYR A 161 2.34 -2.12 6.05
N PRO A 162 1.61 -2.47 4.98
CA PRO A 162 0.72 -3.62 4.97
C PRO A 162 1.39 -4.92 5.40
N LYS A 163 0.64 -5.71 6.18
CA LYS A 163 1.01 -7.05 6.62
C LYS A 163 -0.18 -8.00 6.45
N GLY A 164 -1.41 -7.47 6.55
CA GLY A 164 -2.62 -8.25 6.33
C GLY A 164 -3.79 -7.80 7.20
N ALA A 165 -5.00 -8.12 6.74
CA ALA A 165 -6.29 -7.92 7.43
C ALA A 165 -6.67 -6.47 7.68
N GLY A 166 -7.96 -6.22 7.89
CA GLY A 166 -8.50 -4.87 8.04
C GLY A 166 -8.94 -4.59 9.47
N ARG A 167 -9.21 -3.32 9.78
CA ARG A 167 -9.68 -2.92 11.10
C ARG A 167 -10.51 -1.64 11.04
N VAL A 168 -11.40 -1.50 12.03
CA VAL A 168 -12.33 -0.38 12.12
C VAL A 168 -12.54 -0.03 13.60
N ALA A 169 -12.96 1.20 13.89
CA ALA A 169 -13.32 1.59 15.24
C ALA A 169 -14.55 2.51 15.18
N PHE A 170 -15.70 1.99 15.60
CA PHE A 170 -16.94 2.74 15.64
C PHE A 170 -17.96 2.11 16.60
N SER A 171 -17.48 1.39 17.60
CA SER A 171 -18.33 0.70 18.57
C SER A 171 -19.05 1.69 19.48
N ASN A 172 -20.13 2.29 18.99
CA ASN A 172 -20.87 3.28 19.77
C ASN A 172 -22.38 3.25 19.50
N GLN A 173 -22.83 2.52 18.48
CA GLN A 173 -24.23 2.51 18.09
C GLN A 173 -24.62 1.19 17.41
N GLN A 174 -25.91 1.06 17.07
CA GLN A 174 -26.43 -0.19 16.54
C GLN A 174 -25.83 -0.55 15.17
N SER A 175 -25.18 0.40 14.50
CA SER A 175 -24.55 0.10 13.21
C SER A 175 -23.37 -0.83 13.41
N TYR A 176 -22.67 -0.68 14.55
CA TYR A 176 -21.59 -1.57 14.92
C TYR A 176 -22.16 -2.91 15.39
N ILE A 177 -23.31 -2.88 16.07
CA ILE A 177 -23.97 -4.10 16.49
C ILE A 177 -24.42 -4.90 15.26
N ALA A 178 -24.78 -4.20 14.18
CA ALA A 178 -25.28 -4.86 12.99
C ALA A 178 -24.16 -5.36 12.08
N ALA A 179 -22.95 -4.78 12.19
CA ALA A 179 -21.84 -5.19 11.35
C ALA A 179 -20.94 -6.22 12.03
N ILE A 180 -21.10 -6.45 13.34
CA ILE A 180 -20.23 -7.36 14.08
C ILE A 180 -20.97 -8.59 14.61
N SER A 181 -22.30 -8.51 14.74
CA SER A 181 -23.10 -9.63 15.24
C SER A 181 -23.71 -10.44 14.10
N ALA A 182 -23.33 -10.13 12.86
CA ALA A 182 -23.79 -10.87 11.69
C ALA A 182 -22.75 -11.91 11.31
N ARG A 183 -21.50 -11.66 11.74
CA ARG A 183 -20.34 -12.48 11.42
C ARG A 183 -20.02 -12.63 9.93
N PHE A 184 -21.03 -12.75 9.06
CA PHE A 184 -20.84 -12.75 7.62
C PHE A 184 -21.98 -11.98 6.98
N VAL A 185 -21.75 -11.40 5.80
CA VAL A 185 -22.79 -10.71 5.04
C VAL A 185 -22.35 -10.70 3.58
N GLN A 186 -23.32 -10.49 2.69
CA GLN A 186 -23.09 -10.44 1.26
C GLN A 186 -22.33 -9.19 0.84
N LEU A 187 -21.62 -9.28 -0.28
CA LEU A 187 -20.84 -8.20 -0.85
C LEU A 187 -20.84 -8.31 -2.38
N GLN A 188 -20.48 -7.23 -3.05
CA GLN A 188 -20.41 -7.17 -4.50
C GLN A 188 -19.35 -6.14 -4.92
N HIS A 189 -18.17 -6.19 -4.30
CA HIS A 189 -17.10 -5.23 -4.56
C HIS A 189 -15.74 -5.92 -4.61
N GLY A 190 -14.90 -5.50 -5.57
CA GLY A 190 -13.57 -6.06 -5.72
C GLY A 190 -13.63 -7.54 -6.06
N GLU A 191 -12.66 -8.31 -5.57
CA GLU A 191 -12.60 -9.75 -5.78
C GLU A 191 -13.49 -10.50 -4.79
N ILE A 192 -14.28 -9.78 -3.99
CA ILE A 192 -15.17 -10.37 -3.00
C ILE A 192 -16.62 -10.26 -3.48
N ASP A 193 -17.34 -11.38 -3.49
CA ASP A 193 -18.70 -11.42 -4.03
C ASP A 193 -19.63 -12.33 -3.23
N LYS A 194 -19.22 -12.83 -2.06
CA LYS A 194 -20.10 -13.73 -1.31
C LYS A 194 -19.97 -13.63 0.21
N ARG A 195 -18.79 -13.32 0.77
CA ARG A 195 -18.66 -13.27 2.22
C ARG A 195 -17.49 -12.43 2.72
N VAL A 196 -17.65 -11.92 3.94
CA VAL A 196 -16.60 -11.19 4.64
C VAL A 196 -16.69 -11.48 6.13
N GLU A 197 -15.55 -11.39 6.82
CA GLU A 197 -15.47 -11.65 8.25
C GLU A 197 -15.36 -10.34 9.02
N VAL A 198 -16.14 -10.20 10.09
CA VAL A 198 -16.10 -9.04 10.95
C VAL A 198 -16.33 -9.49 12.39
N LYS A 199 -15.38 -9.20 13.28
CA LYS A 199 -15.43 -9.67 14.66
C LYS A 199 -14.75 -8.67 15.59
N PRO A 200 -14.96 -8.77 16.91
CA PRO A 200 -14.30 -7.91 17.89
C PRO A 200 -12.78 -8.00 17.79
N TYR A 201 -12.08 -6.93 18.18
CA TYR A 201 -10.63 -6.87 18.14
C TYR A 201 -10.01 -7.46 19.41
N VAL A 202 -10.81 -7.65 20.46
CA VAL A 202 -10.37 -8.19 21.73
C VAL A 202 -11.49 -8.97 22.41
N SER A 1 15.48 22.99 -6.84
CA SER A 1 15.31 24.42 -7.17
C SER A 1 16.03 25.29 -6.13
N HIS A 2 15.55 25.28 -4.88
CA HIS A 2 16.15 26.06 -3.80
C HIS A 2 15.99 25.31 -2.48
N GLN A 3 16.78 25.69 -1.47
CA GLN A 3 16.78 25.04 -0.16
C GLN A 3 15.55 25.43 0.66
N ASN A 4 14.77 26.41 0.18
CA ASN A 4 13.57 26.87 0.88
C ASN A 4 12.37 25.98 0.56
N GLY A 5 12.61 24.84 -0.08
CA GLY A 5 11.56 23.87 -0.40
C GLY A 5 11.09 23.14 0.85
N GLU A 6 10.30 22.07 0.65
CA GLU A 6 9.76 21.28 1.75
C GLU A 6 10.12 19.81 1.58
N ARG A 7 10.26 19.09 2.69
CA ARG A 7 10.64 17.69 2.71
C ARG A 7 9.55 16.87 3.41
N VAL A 8 9.56 15.54 3.19
CA VAL A 8 8.60 14.65 3.79
C VAL A 8 9.29 13.38 4.29
N GLU A 9 8.71 12.75 5.31
CA GLU A 9 9.25 11.53 5.91
C GLU A 9 8.12 10.55 6.25
N ARG A 10 6.90 10.82 5.78
CA ARG A 10 5.73 10.00 6.09
C ARG A 10 5.53 8.85 5.12
N TYR A 11 6.50 8.58 4.24
CA TYR A 11 6.38 7.51 3.25
C TYR A 11 7.25 6.30 3.60
N SER A 12 6.82 5.13 3.12
CA SER A 12 7.62 3.91 3.23
C SER A 12 8.51 3.83 2.01
N ARG A 13 9.79 3.50 2.26
CA ARG A 13 10.82 3.49 1.23
C ARG A 13 11.04 2.09 0.68
N LYS A 14 10.26 1.11 1.15
CA LYS A 14 10.33 -0.26 0.65
C LYS A 14 9.54 -0.33 -0.66
N VAL A 15 10.03 0.39 -1.68
CA VAL A 15 9.31 0.53 -2.93
C VAL A 15 9.38 -0.75 -3.74
N PHE A 16 8.22 -1.35 -4.00
CA PHE A 16 8.13 -2.55 -4.82
C PHE A 16 8.14 -2.14 -6.30
N VAL A 17 8.74 -2.97 -7.14
CA VAL A 17 8.83 -2.70 -8.57
C VAL A 17 8.27 -3.87 -9.36
N GLY A 18 7.36 -3.59 -10.29
CA GLY A 18 6.72 -4.63 -11.09
C GLY A 18 7.40 -4.82 -12.44
N GLY A 19 8.05 -3.77 -12.97
CA GLY A 19 8.74 -3.87 -14.25
C GLY A 19 10.24 -3.65 -14.11
N LEU A 20 11.02 -4.57 -14.68
CA LEU A 20 12.47 -4.51 -14.71
C LEU A 20 12.97 -5.15 -16.00
N PRO A 21 14.14 -4.75 -16.50
CA PRO A 21 14.75 -5.32 -17.70
C PRO A 21 14.90 -6.84 -17.61
N PRO A 22 14.89 -7.55 -18.75
CA PRO A 22 15.00 -9.01 -18.81
C PRO A 22 16.33 -9.56 -18.26
N ASP A 23 17.30 -8.67 -17.98
CA ASP A 23 18.62 -9.08 -17.51
C ASP A 23 19.07 -8.14 -16.38
N ILE A 24 18.14 -7.80 -15.49
CA ILE A 24 18.35 -6.83 -14.43
C ILE A 24 19.37 -7.30 -13.41
N ASP A 25 20.17 -6.34 -12.94
CA ASP A 25 21.13 -6.48 -11.86
C ASP A 25 21.15 -5.15 -11.11
N GLU A 26 21.73 -5.08 -9.92
CA GLU A 26 21.71 -3.88 -9.10
C GLU A 26 22.16 -2.64 -9.89
N ASP A 27 23.14 -2.78 -10.78
CA ASP A 27 23.63 -1.65 -11.55
C ASP A 27 22.63 -1.24 -12.63
N GLU A 28 21.80 -2.19 -13.08
CA GLU A 28 20.83 -1.94 -14.13
C GLU A 28 19.65 -1.15 -13.58
N ILE A 29 19.18 -1.54 -12.39
CA ILE A 29 18.05 -0.87 -11.75
C ILE A 29 18.50 0.49 -11.22
N THR A 30 19.78 0.63 -10.88
CA THR A 30 20.31 1.91 -10.43
C THR A 30 20.37 2.88 -11.61
N ALA A 31 20.48 2.34 -12.84
CA ALA A 31 20.45 3.15 -14.05
C ALA A 31 19.04 3.27 -14.62
N SER A 32 18.12 2.40 -14.16
CA SER A 32 16.73 2.45 -14.60
C SER A 32 16.04 3.67 -13.99
N PHE A 33 16.26 3.90 -12.71
CA PHE A 33 15.82 5.13 -12.06
C PHE A 33 16.87 6.21 -12.31
N ARG A 34 16.50 7.50 -12.17
CA ARG A 34 17.40 8.58 -12.58
C ARG A 34 17.54 9.68 -11.53
N ARG A 35 16.99 9.49 -10.33
CA ARG A 35 17.14 10.48 -9.26
C ARG A 35 17.39 9.84 -7.90
N PHE A 36 17.20 8.52 -7.77
CA PHE A 36 17.38 7.86 -6.49
C PHE A 36 18.87 7.77 -6.14
N GLY A 37 19.18 7.98 -4.87
CA GLY A 37 20.54 7.90 -4.36
C GLY A 37 20.91 6.44 -4.07
N PRO A 38 21.91 6.21 -3.21
CA PRO A 38 22.32 4.88 -2.79
C PRO A 38 21.12 4.07 -2.31
N LEU A 39 21.07 2.79 -2.68
CA LEU A 39 19.94 1.94 -2.40
C LEU A 39 20.37 0.49 -2.19
N ILE A 40 19.45 -0.31 -1.63
CA ILE A 40 19.64 -1.74 -1.40
C ILE A 40 18.52 -2.48 -2.13
N VAL A 41 18.79 -3.70 -2.58
CA VAL A 41 17.84 -4.47 -3.38
C VAL A 41 17.71 -5.90 -2.87
N ASP A 42 16.58 -6.53 -3.18
CA ASP A 42 16.33 -7.92 -2.83
C ASP A 42 15.48 -8.57 -3.91
N TRP A 43 15.81 -9.82 -4.28
CA TRP A 43 15.12 -10.54 -5.33
C TRP A 43 14.25 -11.64 -4.75
N PRO A 44 13.15 -12.01 -5.43
CA PRO A 44 12.25 -13.06 -4.98
C PRO A 44 12.83 -14.46 -5.18
N HIS A 45 13.97 -14.59 -5.89
CA HIS A 45 14.54 -15.88 -6.23
C HIS A 45 16.07 -15.93 -6.15
N LYS A 46 16.70 -15.08 -5.33
CA LYS A 46 18.16 -15.10 -5.23
C LYS A 46 18.71 -16.40 -4.63
N ALA A 47 17.81 -17.30 -4.21
CA ALA A 47 18.19 -18.59 -3.65
C ALA A 47 17.63 -19.75 -4.48
N GLU A 48 17.10 -19.46 -5.67
CA GLU A 48 16.53 -20.46 -6.56
C GLU A 48 16.99 -20.25 -8.01
N SER A 49 17.68 -19.14 -8.28
CA SER A 49 18.19 -18.85 -9.63
C SER A 49 19.41 -19.71 -9.95
N LYS A 50 19.65 -19.94 -11.24
CA LYS A 50 20.74 -20.79 -11.71
C LYS A 50 21.91 -19.94 -12.20
N SER A 51 21.81 -18.61 -12.06
CA SER A 51 22.85 -17.68 -12.50
C SER A 51 22.94 -16.49 -11.54
N TYR A 52 23.87 -15.58 -11.82
CA TYR A 52 24.09 -14.40 -10.99
C TYR A 52 23.03 -13.32 -11.23
N PHE A 53 21.96 -13.65 -11.99
CA PHE A 53 20.89 -12.71 -12.29
C PHE A 53 19.54 -13.31 -11.92
N PRO A 54 18.64 -12.52 -11.33
CA PRO A 54 17.30 -12.94 -10.97
C PRO A 54 16.40 -12.97 -12.21
N PRO A 55 15.23 -13.61 -12.11
CA PRO A 55 14.21 -13.61 -13.15
C PRO A 55 13.74 -12.19 -13.49
N LYS A 56 13.03 -12.04 -14.61
CA LYS A 56 12.51 -10.76 -15.06
C LYS A 56 11.23 -10.38 -14.31
N GLY A 57 10.95 -11.06 -13.20
CA GLY A 57 9.76 -10.82 -12.39
C GLY A 57 9.87 -9.54 -11.54
N TYR A 58 9.07 -9.48 -10.47
CA TYR A 58 9.02 -8.32 -9.60
C TYR A 58 10.23 -8.27 -8.67
N ALA A 59 10.40 -7.15 -7.97
CA ALA A 59 11.50 -6.97 -7.04
C ALA A 59 11.12 -6.04 -5.89
N PHE A 60 11.95 -6.05 -4.85
CA PHE A 60 11.78 -5.15 -3.71
C PHE A 60 13.10 -4.43 -3.47
N LEU A 61 13.04 -3.13 -3.21
CA LEU A 61 14.24 -2.33 -3.00
C LEU A 61 13.93 -1.10 -2.15
N LEU A 62 14.96 -0.47 -1.58
CA LEU A 62 14.79 0.69 -0.73
C LEU A 62 16.00 1.61 -0.78
N PHE A 63 15.77 2.89 -0.48
CA PHE A 63 16.78 3.94 -0.55
C PHE A 63 16.59 4.88 0.63
N GLN A 64 17.69 5.36 1.20
CA GLN A 64 17.65 6.14 2.42
C GLN A 64 17.29 7.61 2.19
N ASP A 65 17.34 8.07 0.95
CA ASP A 65 17.01 9.46 0.62
C ASP A 65 15.51 9.59 0.39
N GLU A 66 14.74 9.66 1.49
CA GLU A 66 13.28 9.74 1.42
C GLU A 66 12.79 11.06 0.84
N SER A 67 13.67 12.05 0.67
CA SER A 67 13.32 13.30 0.02
C SER A 67 13.30 13.11 -1.49
N SER A 68 14.03 12.09 -1.98
CA SER A 68 14.08 11.80 -3.40
C SER A 68 12.95 10.85 -3.76
N VAL A 69 12.36 10.19 -2.74
CA VAL A 69 11.20 9.34 -2.95
C VAL A 69 10.02 10.21 -3.38
N GLN A 70 9.87 11.38 -2.77
CA GLN A 70 8.80 12.29 -3.13
C GLN A 70 9.13 13.00 -4.45
N ALA A 71 10.42 13.27 -4.71
CA ALA A 71 10.82 13.96 -5.92
C ALA A 71 10.71 13.08 -7.16
N LEU A 72 11.07 11.81 -7.05
CA LEU A 72 11.07 10.90 -8.19
C LEU A 72 9.67 10.38 -8.48
N ILE A 73 8.90 10.10 -7.42
CA ILE A 73 7.51 9.70 -7.58
C ILE A 73 6.70 10.85 -8.20
N ASP A 74 7.13 12.10 -7.98
CA ASP A 74 6.45 13.26 -8.55
C ASP A 74 6.94 13.54 -9.96
N ALA A 75 8.11 13.01 -10.33
CA ALA A 75 8.69 13.17 -11.65
C ALA A 75 8.21 12.07 -12.62
N CYS A 76 7.18 11.32 -12.24
CA CYS A 76 6.67 10.22 -13.05
C CYS A 76 5.14 10.21 -13.10
N ILE A 77 4.57 9.25 -13.84
CA ILE A 77 3.13 9.11 -14.03
C ILE A 77 2.50 8.48 -12.78
N GLU A 78 1.21 8.78 -12.54
CA GLU A 78 0.52 8.27 -11.36
C GLU A 78 -0.90 7.83 -11.69
N GLU A 79 -1.46 6.99 -10.81
CA GLU A 79 -2.82 6.48 -10.90
C GLU A 79 -3.37 6.32 -9.49
N ASP A 80 -4.70 6.39 -9.32
CA ASP A 80 -5.31 6.25 -8.02
C ASP A 80 -5.10 4.84 -7.45
N GLY A 81 -4.54 3.93 -8.25
CA GLY A 81 -4.29 2.57 -7.84
C GLY A 81 -2.80 2.24 -7.70
N LYS A 82 -1.92 2.96 -8.41
CA LYS A 82 -0.49 2.66 -8.43
C LYS A 82 0.31 3.80 -9.05
N LEU A 83 1.62 3.61 -9.19
CA LEU A 83 2.49 4.59 -9.83
C LEU A 83 3.18 3.95 -11.03
N TYR A 84 3.55 4.76 -12.02
CA TYR A 84 4.22 4.28 -13.22
C TYR A 84 5.39 5.19 -13.57
N LEU A 85 6.57 4.59 -13.78
CA LEU A 85 7.79 5.32 -14.08
C LEU A 85 8.23 5.06 -15.52
N CYS A 86 8.84 6.08 -16.14
CA CYS A 86 9.33 5.98 -17.50
C CYS A 86 10.69 5.32 -17.52
N VAL A 87 10.71 4.03 -17.90
CA VAL A 87 11.94 3.26 -17.98
C VAL A 87 11.97 2.45 -19.28
N SER A 88 10.84 2.38 -19.99
CA SER A 88 10.72 1.68 -21.26
C SER A 88 11.03 2.61 -22.42
N SER A 89 12.14 3.35 -22.32
CA SER A 89 12.52 4.35 -23.31
C SER A 89 13.77 3.91 -24.07
N PRO A 90 14.75 3.28 -23.41
CA PRO A 90 15.86 2.61 -24.07
C PRO A 90 15.34 1.42 -24.89
N THR A 91 16.27 0.62 -25.42
CA THR A 91 15.95 -0.52 -26.26
C THR A 91 15.27 -1.66 -25.48
N ILE A 92 14.98 -1.45 -24.19
CA ILE A 92 14.33 -2.44 -23.35
C ILE A 92 12.86 -2.61 -23.74
N LYS A 93 12.18 -1.49 -24.01
CA LYS A 93 10.79 -1.44 -24.51
C LYS A 93 9.88 -2.49 -23.87
N ASP A 94 9.45 -2.27 -22.63
CA ASP A 94 8.54 -3.18 -21.94
C ASP A 94 7.46 -2.43 -21.16
N LYS A 95 7.04 -1.27 -21.67
CA LYS A 95 6.06 -0.39 -21.05
C LYS A 95 6.52 0.14 -19.68
N PRO A 96 5.91 1.22 -19.18
CA PRO A 96 6.25 1.82 -17.91
C PRO A 96 6.28 0.81 -16.76
N VAL A 97 7.11 1.07 -15.76
CA VAL A 97 7.29 0.15 -14.64
C VAL A 97 6.41 0.56 -13.47
N GLN A 98 5.79 -0.43 -12.81
CA GLN A 98 4.88 -0.19 -11.70
C GLN A 98 5.66 0.01 -10.40
N ILE A 99 5.28 1.02 -9.61
CA ILE A 99 5.93 1.35 -8.34
C ILE A 99 4.90 1.35 -7.22
N ARG A 100 5.30 0.87 -6.04
CA ARG A 100 4.44 0.83 -4.85
C ARG A 100 5.24 1.10 -3.57
N PRO A 101 5.29 2.37 -3.14
CA PRO A 101 5.81 2.81 -1.85
C PRO A 101 4.66 2.72 -0.84
N TRP A 102 4.67 3.51 0.23
CA TRP A 102 3.49 3.64 1.08
C TRP A 102 3.35 5.02 1.71
N ASN A 103 2.11 5.37 2.09
CA ASN A 103 1.79 6.62 2.77
C ASN A 103 1.23 6.31 4.16
N LEU A 104 2.12 6.34 5.15
CA LEU A 104 1.87 5.88 6.51
C LEU A 104 0.91 6.77 7.28
N SER A 105 0.69 7.99 6.78
CA SER A 105 -0.08 8.98 7.51
C SER A 105 -1.28 9.49 6.69
N ASP A 106 -1.67 8.74 5.66
CA ASP A 106 -2.84 9.10 4.86
C ASP A 106 -3.81 7.93 4.77
N SER A 107 -3.29 6.69 4.83
CA SER A 107 -4.13 5.50 4.94
C SER A 107 -5.04 5.49 6.16
N ASP A 108 -4.93 6.49 7.04
CA ASP A 108 -5.77 6.57 8.22
C ASP A 108 -7.11 7.23 7.87
N PHE A 109 -8.21 6.50 8.14
CA PHE A 109 -9.56 7.03 7.97
C PHE A 109 -10.10 7.37 9.36
N VAL A 110 -11.07 8.29 9.44
CA VAL A 110 -11.51 8.82 10.72
C VAL A 110 -12.89 9.46 10.58
N MET A 111 -13.69 9.36 11.65
CA MET A 111 -14.99 9.99 11.71
C MET A 111 -15.31 10.33 13.17
N ASP A 112 -14.26 10.59 13.95
CA ASP A 112 -14.37 10.86 15.38
C ASP A 112 -15.21 12.09 15.67
N GLY A 113 -15.81 12.12 16.86
CA GLY A 113 -16.66 13.21 17.29
C GLY A 113 -17.56 12.82 18.47
N SER A 114 -17.41 11.60 19.00
CA SER A 114 -18.27 11.13 20.08
C SER A 114 -17.59 10.11 21.00
N GLN A 115 -16.69 9.30 20.45
CA GLN A 115 -16.12 8.18 21.20
C GLN A 115 -14.65 7.96 20.89
N PRO A 116 -13.84 7.62 21.89
CA PRO A 116 -12.43 7.30 21.74
C PRO A 116 -12.25 5.90 21.15
N LEU A 117 -11.05 5.61 20.64
CA LEU A 117 -10.75 4.34 20.01
C LEU A 117 -9.91 3.47 20.92
N ASP A 118 -10.33 2.23 21.13
CA ASP A 118 -9.61 1.24 21.93
C ASP A 118 -10.05 -0.17 21.53
N PRO A 119 -9.30 -1.21 21.92
CA PRO A 119 -9.53 -2.59 21.53
C PRO A 119 -10.92 -3.14 21.86
N ARG A 120 -11.70 -2.46 22.70
CA ARG A 120 -13.03 -2.94 23.09
C ARG A 120 -14.08 -2.61 22.01
N LYS A 121 -13.71 -1.74 21.07
CA LYS A 121 -14.58 -1.29 19.99
C LYS A 121 -13.92 -1.50 18.62
N THR A 122 -12.82 -2.27 18.58
CA THR A 122 -12.09 -2.50 17.34
C THR A 122 -12.67 -3.71 16.61
N ILE A 123 -12.59 -3.70 15.29
CA ILE A 123 -13.20 -4.72 14.44
C ILE A 123 -12.22 -5.08 13.33
N PHE A 124 -12.39 -6.27 12.73
CA PHE A 124 -11.56 -6.73 11.65
C PHE A 124 -12.40 -6.79 10.38
N VAL A 125 -11.79 -6.47 9.23
CA VAL A 125 -12.48 -6.52 7.95
C VAL A 125 -11.56 -7.19 6.93
N GLY A 126 -11.99 -8.33 6.39
CA GLY A 126 -11.22 -9.06 5.40
C GLY A 126 -11.92 -9.01 4.04
N GLY A 127 -11.15 -8.77 2.98
CA GLY A 127 -11.70 -8.71 1.64
C GLY A 127 -11.01 -7.70 0.71
N VAL A 128 -10.06 -6.91 1.22
CA VAL A 128 -9.34 -5.97 0.36
C VAL A 128 -8.21 -6.71 -0.37
N PRO A 129 -8.11 -6.58 -1.70
CA PRO A 129 -7.06 -7.20 -2.48
C PRO A 129 -5.81 -6.33 -2.50
N ARG A 130 -4.64 -6.93 -2.27
CA ARG A 130 -3.35 -6.26 -2.27
C ARG A 130 -3.34 -5.07 -1.29
N PRO A 131 -2.24 -4.29 -1.19
CA PRO A 131 -2.23 -3.05 -0.45
C PRO A 131 -3.31 -2.11 -0.99
N LEU A 132 -3.96 -1.35 -0.10
CA LEU A 132 -5.07 -0.50 -0.47
C LEU A 132 -5.13 0.73 0.42
N ARG A 133 -5.50 1.89 -0.13
CA ARG A 133 -5.60 3.13 0.61
C ARG A 133 -6.90 3.22 1.40
N ALA A 134 -7.35 2.09 1.95
CA ALA A 134 -8.60 1.97 2.71
C ALA A 134 -9.83 2.46 1.95
N VAL A 135 -9.70 2.63 0.63
CA VAL A 135 -10.81 3.09 -0.21
C VAL A 135 -12.00 2.17 -0.12
N GLU A 136 -11.76 0.86 -0.29
CA GLU A 136 -12.83 -0.12 -0.34
C GLU A 136 -13.34 -0.37 1.08
N LEU A 137 -12.40 -0.55 2.02
CA LEU A 137 -12.67 -0.80 3.42
C LEU A 137 -13.77 0.10 3.96
N ALA A 138 -13.54 1.41 3.93
CA ALA A 138 -14.46 2.34 4.54
C ALA A 138 -15.70 2.56 3.68
N MET A 139 -15.58 2.43 2.35
CA MET A 139 -16.71 2.71 1.47
C MET A 139 -17.72 1.56 1.46
N ILE A 140 -17.29 0.29 1.58
CA ILE A 140 -18.27 -0.78 1.60
C ILE A 140 -18.97 -0.84 2.96
N MET A 141 -18.24 -0.58 4.05
CA MET A 141 -18.87 -0.58 5.36
C MET A 141 -19.82 0.60 5.50
N ASP A 142 -19.65 1.61 4.65
CA ASP A 142 -20.52 2.77 4.66
C ASP A 142 -21.70 2.61 3.70
N ARG A 143 -21.64 1.67 2.77
CA ARG A 143 -22.75 1.44 1.84
C ARG A 143 -23.85 0.59 2.46
N LEU A 144 -23.50 -0.39 3.30
CA LEU A 144 -24.50 -1.25 3.93
C LEU A 144 -24.86 -0.85 5.36
N TYR A 145 -23.88 -0.46 6.19
CA TYR A 145 -24.12 -0.17 7.59
C TYR A 145 -23.19 0.94 8.08
N GLY A 146 -23.37 2.16 7.55
CA GLY A 146 -22.55 3.30 7.91
C GLY A 146 -22.73 3.70 9.38
N GLY A 147 -21.81 4.52 9.89
CA GLY A 147 -21.78 4.92 11.28
C GLY A 147 -20.38 4.75 11.88
N VAL A 148 -19.37 4.55 11.03
CA VAL A 148 -17.99 4.33 11.46
C VAL A 148 -17.47 5.51 12.29
N CYS A 149 -16.47 5.24 13.15
CA CYS A 149 -15.83 6.29 13.94
C CYS A 149 -14.33 6.35 13.62
N TYR A 150 -13.74 5.20 13.27
CA TYR A 150 -12.34 5.14 12.85
C TYR A 150 -12.13 3.94 11.94
N ALA A 151 -11.16 4.03 11.02
CA ALA A 151 -10.87 2.95 10.09
C ALA A 151 -9.45 3.07 9.53
N GLY A 152 -8.91 1.95 9.04
CA GLY A 152 -7.61 1.95 8.37
C GLY A 152 -7.21 0.54 7.97
N ILE A 153 -6.27 0.43 7.02
CA ILE A 153 -5.81 -0.88 6.57
C ILE A 153 -4.81 -1.48 7.55
N ASP A 154 -4.66 -2.80 7.50
CA ASP A 154 -3.71 -3.51 8.34
C ASP A 154 -2.29 -3.11 7.97
N THR A 155 -1.41 -2.99 8.97
CA THR A 155 -0.03 -2.58 8.74
C THR A 155 0.95 -3.35 9.62
N ASP A 156 2.19 -3.41 9.14
CA ASP A 156 3.31 -4.06 9.80
C ASP A 156 4.10 -3.02 10.59
N PRO A 157 4.26 -3.19 11.91
CA PRO A 157 5.07 -2.30 12.71
C PRO A 157 6.56 -2.48 12.43
N GLU A 158 6.92 -3.47 11.59
CA GLU A 158 8.30 -3.76 11.25
C GLU A 158 8.87 -2.67 10.35
N LEU A 159 8.12 -2.28 9.32
CA LEU A 159 8.54 -1.22 8.42
C LEU A 159 7.39 -0.28 8.09
N LYS A 160 6.30 -0.37 8.84
CA LYS A 160 5.14 0.50 8.70
C LYS A 160 4.57 0.41 7.29
N TYR A 161 4.35 -0.84 6.84
CA TYR A 161 3.87 -1.13 5.50
C TYR A 161 2.71 -2.12 5.57
N PRO A 162 1.71 -2.04 4.68
CA PRO A 162 0.56 -2.91 4.69
C PRO A 162 0.91 -4.40 4.64
N LYS A 163 0.02 -5.24 5.18
CA LYS A 163 0.19 -6.68 5.17
C LYS A 163 -1.04 -7.37 4.56
N GLY A 164 -1.98 -6.59 4.02
CA GLY A 164 -3.24 -7.08 3.50
C GLY A 164 -4.31 -7.07 4.60
N ALA A 165 -5.58 -7.11 4.19
CA ALA A 165 -6.72 -6.97 5.08
C ALA A 165 -6.78 -5.59 5.74
N GLY A 166 -7.84 -5.32 6.50
CA GLY A 166 -8.02 -4.02 7.15
C GLY A 166 -8.83 -4.14 8.44
N ARG A 167 -9.14 -2.98 9.02
CA ARG A 167 -9.84 -2.92 10.30
C ARG A 167 -10.59 -1.60 10.48
N VAL A 168 -11.58 -1.59 11.37
CA VAL A 168 -12.36 -0.41 11.69
C VAL A 168 -12.68 -0.41 13.18
N ALA A 169 -13.24 0.69 13.68
CA ALA A 169 -13.66 0.76 15.07
C ALA A 169 -14.91 1.63 15.20
N PHE A 170 -16.06 0.99 15.38
CA PHE A 170 -17.31 1.66 15.70
C PHE A 170 -18.27 0.68 16.38
N SER A 171 -19.01 1.18 17.37
CA SER A 171 -19.94 0.36 18.15
C SER A 171 -21.13 1.21 18.60
N ASN A 172 -21.45 2.26 17.84
CA ASN A 172 -22.41 3.28 18.24
C ASN A 172 -23.88 2.87 18.06
N GLN A 173 -24.21 2.04 17.07
CA GLN A 173 -25.59 1.74 16.74
C GLN A 173 -25.77 0.33 16.18
N GLN A 174 -27.00 0.02 15.78
CA GLN A 174 -27.32 -1.26 15.18
C GLN A 174 -26.55 -1.46 13.88
N SER A 175 -25.93 -0.41 13.34
CA SER A 175 -25.14 -0.55 12.13
C SER A 175 -23.90 -1.39 12.43
N TYR A 176 -23.35 -1.24 13.64
CA TYR A 176 -22.25 -2.07 14.09
C TYR A 176 -22.76 -3.48 14.37
N ILE A 177 -23.98 -3.59 14.92
CA ILE A 177 -24.58 -4.89 15.20
C ILE A 177 -24.84 -5.64 13.88
N ALA A 178 -25.17 -4.89 12.82
CA ALA A 178 -25.54 -5.49 11.54
C ALA A 178 -24.32 -5.81 10.68
N ALA A 179 -23.16 -5.21 10.96
CA ALA A 179 -21.96 -5.47 10.18
C ALA A 179 -21.01 -6.44 10.89
N ILE A 180 -21.29 -6.79 12.16
CA ILE A 180 -20.42 -7.69 12.91
C ILE A 180 -21.12 -8.98 13.34
N SER A 181 -22.46 -9.02 13.26
CA SER A 181 -23.23 -10.21 13.60
C SER A 181 -23.81 -10.90 12.37
N ALA A 182 -23.37 -10.48 11.17
CA ALA A 182 -23.79 -11.11 9.93
C ALA A 182 -22.85 -12.27 9.61
N ARG A 183 -21.66 -12.23 10.22
CA ARG A 183 -20.61 -13.23 10.05
C ARG A 183 -20.07 -13.37 8.61
N PHE A 184 -20.93 -13.22 7.59
CA PHE A 184 -20.51 -13.22 6.20
C PHE A 184 -21.40 -12.26 5.43
N VAL A 185 -20.81 -11.62 4.42
CA VAL A 185 -21.50 -10.67 3.58
C VAL A 185 -21.01 -10.82 2.15
N GLN A 186 -21.67 -10.17 1.19
CA GLN A 186 -21.27 -10.24 -0.21
C GLN A 186 -20.93 -8.84 -0.71
N LEU A 187 -19.89 -8.76 -1.53
CA LEU A 187 -19.41 -7.49 -2.08
C LEU A 187 -18.66 -7.75 -3.39
N GLN A 188 -18.45 -6.70 -4.19
CA GLN A 188 -17.65 -6.78 -5.39
C GLN A 188 -16.92 -5.45 -5.56
N HIS A 189 -15.59 -5.50 -5.55
CA HIS A 189 -14.76 -4.31 -5.62
C HIS A 189 -13.36 -4.70 -6.11
N GLY A 190 -12.66 -3.77 -6.76
CA GLY A 190 -11.32 -4.03 -7.26
C GLY A 190 -11.32 -5.24 -8.19
N GLU A 191 -10.35 -6.14 -7.99
CA GLU A 191 -10.20 -7.35 -8.79
C GLU A 191 -10.70 -8.58 -8.03
N ILE A 192 -11.46 -8.39 -6.94
CA ILE A 192 -11.93 -9.48 -6.10
C ILE A 192 -13.46 -9.49 -6.00
N ASP A 193 -14.01 -10.65 -5.65
CA ASP A 193 -15.44 -10.86 -5.61
C ASP A 193 -15.81 -11.78 -4.44
N LYS A 194 -17.05 -12.28 -4.47
CA LYS A 194 -17.57 -13.23 -3.51
C LYS A 194 -17.65 -12.67 -2.08
N ARG A 195 -17.70 -13.59 -1.12
CA ARG A 195 -17.97 -13.31 0.27
C ARG A 195 -16.84 -12.56 0.96
N VAL A 196 -17.21 -11.84 2.02
CA VAL A 196 -16.26 -11.11 2.84
C VAL A 196 -16.61 -11.35 4.31
N GLU A 197 -15.68 -11.04 5.22
CA GLU A 197 -15.86 -11.34 6.63
C GLU A 197 -15.56 -10.11 7.49
N VAL A 198 -16.34 -9.96 8.57
CA VAL A 198 -16.18 -8.87 9.53
C VAL A 198 -16.48 -9.43 10.91
N LYS A 199 -15.54 -9.25 11.86
CA LYS A 199 -15.67 -9.84 13.19
C LYS A 199 -14.96 -8.96 14.23
N PRO A 200 -15.24 -9.15 15.53
CA PRO A 200 -14.59 -8.43 16.60
C PRO A 200 -13.09 -8.61 16.58
N TYR A 201 -12.36 -7.64 17.14
CA TYR A 201 -10.91 -7.69 17.23
C TYR A 201 -10.47 -8.53 18.43
N VAL A 202 -9.15 -8.81 18.51
CA VAL A 202 -8.55 -9.67 19.53
C VAL A 202 -9.24 -11.04 19.56
N SER A 1 13.64 28.53 14.92
CA SER A 1 13.00 28.75 13.60
C SER A 1 13.96 28.40 12.47
N HIS A 2 13.42 28.22 11.26
CA HIS A 2 14.19 27.87 10.09
C HIS A 2 13.69 28.64 8.87
N GLN A 3 14.51 28.69 7.81
CA GLN A 3 14.19 29.40 6.58
C GLN A 3 14.42 28.50 5.36
N ASN A 4 14.61 27.20 5.57
CA ASN A 4 14.84 26.25 4.49
C ASN A 4 13.54 26.01 3.70
N GLY A 5 13.67 25.59 2.45
CA GLY A 5 12.53 25.34 1.58
C GLY A 5 11.82 24.04 1.94
N GLU A 6 10.65 23.82 1.34
CA GLU A 6 9.85 22.63 1.56
C GLU A 6 10.35 21.47 0.69
N ARG A 7 10.10 20.23 1.13
CA ARG A 7 10.54 19.03 0.42
C ARG A 7 9.41 18.01 0.32
N VAL A 8 8.40 18.12 1.18
CA VAL A 8 7.24 17.24 1.25
C VAL A 8 7.59 15.78 1.56
N GLU A 9 6.67 15.10 2.26
CA GLU A 9 6.73 13.68 2.55
C GLU A 9 5.29 13.15 2.45
N ARG A 10 5.10 11.96 1.88
CA ARG A 10 3.73 11.47 1.67
C ARG A 10 3.62 9.96 1.54
N TYR A 11 4.69 9.27 1.17
CA TYR A 11 4.59 7.85 0.80
C TYR A 11 5.47 6.92 1.62
N SER A 12 5.09 5.64 1.59
CA SER A 12 5.90 4.57 2.15
C SER A 12 7.02 4.30 1.17
N ARG A 13 8.23 4.19 1.73
CA ARG A 13 9.45 4.06 0.97
C ARG A 13 9.61 2.65 0.39
N LYS A 14 8.69 1.74 0.72
CA LYS A 14 8.68 0.41 0.14
C LYS A 14 8.01 0.53 -1.22
N VAL A 15 8.71 0.15 -2.29
CA VAL A 15 8.22 0.33 -3.64
C VAL A 15 8.41 -0.94 -4.47
N PHE A 16 7.36 -1.32 -5.21
CA PHE A 16 7.42 -2.45 -6.10
C PHE A 16 7.82 -1.98 -7.50
N VAL A 17 8.52 -2.85 -8.23
CA VAL A 17 8.95 -2.55 -9.59
C VAL A 17 8.72 -3.78 -10.47
N GLY A 18 8.27 -3.58 -11.71
CA GLY A 18 7.97 -4.69 -12.60
C GLY A 18 8.40 -4.44 -14.03
N GLY A 19 8.86 -3.23 -14.34
CA GLY A 19 9.32 -2.88 -15.68
C GLY A 19 10.80 -3.23 -15.89
N LEU A 20 11.38 -4.02 -15.00
CA LEU A 20 12.79 -4.36 -15.05
C LEU A 20 13.14 -5.00 -16.40
N PRO A 21 14.37 -4.79 -16.91
CA PRO A 21 14.82 -5.35 -18.17
C PRO A 21 14.71 -6.87 -18.22
N PRO A 22 14.74 -7.47 -19.43
CA PRO A 22 14.69 -8.91 -19.63
C PRO A 22 15.81 -9.65 -18.90
N ASP A 23 16.84 -8.92 -18.48
CA ASP A 23 17.92 -9.44 -17.67
C ASP A 23 18.28 -8.39 -16.64
N ILE A 24 18.08 -8.71 -15.36
CA ILE A 24 18.29 -7.76 -14.27
C ILE A 24 19.00 -8.42 -13.09
N ASP A 25 19.84 -7.62 -12.43
CA ASP A 25 20.55 -7.95 -11.20
C ASP A 25 20.57 -6.68 -10.36
N GLU A 26 20.91 -6.77 -9.07
CA GLU A 26 20.87 -5.60 -8.19
C GLU A 26 21.72 -4.44 -8.69
N ASP A 27 22.71 -4.70 -9.55
CA ASP A 27 23.54 -3.63 -10.10
C ASP A 27 22.85 -2.95 -11.28
N GLU A 28 21.97 -3.69 -11.97
CA GLU A 28 21.25 -3.17 -13.13
C GLU A 28 20.16 -2.21 -12.68
N ILE A 29 19.44 -2.57 -11.62
CA ILE A 29 18.35 -1.74 -11.12
C ILE A 29 18.92 -0.55 -10.36
N THR A 30 20.09 -0.69 -9.75
CA THR A 30 20.74 0.43 -9.08
C THR A 30 21.21 1.44 -10.12
N ALA A 31 21.46 0.98 -11.35
CA ALA A 31 21.84 1.84 -12.45
C ALA A 31 20.62 2.29 -13.27
N SER A 32 19.47 1.64 -13.06
CA SER A 32 18.24 2.01 -13.76
C SER A 32 17.66 3.29 -13.18
N PHE A 33 17.76 3.46 -11.85
CA PHE A 33 17.35 4.70 -11.22
C PHE A 33 18.55 5.63 -11.10
N ARG A 34 18.29 6.94 -10.94
CA ARG A 34 19.35 7.94 -10.89
C ARG A 34 19.07 8.94 -9.78
N ARG A 35 20.12 9.33 -9.04
CA ARG A 35 20.03 10.23 -7.90
C ARG A 35 18.91 9.81 -6.92
N PHE A 36 18.60 8.51 -6.87
CA PHE A 36 17.54 8.00 -6.02
C PHE A 36 18.07 7.55 -4.66
N GLY A 37 19.36 7.82 -4.40
CA GLY A 37 20.01 7.46 -3.15
C GLY A 37 20.31 5.97 -3.06
N PRO A 38 21.02 5.54 -2.01
CA PRO A 38 21.32 4.15 -1.76
C PRO A 38 20.03 3.38 -1.45
N LEU A 39 19.98 2.12 -1.83
CA LEU A 39 18.77 1.31 -1.68
C LEU A 39 19.10 -0.17 -1.45
N ILE A 40 18.09 -0.93 -1.04
CA ILE A 40 18.21 -2.35 -0.79
C ILE A 40 17.11 -3.07 -1.58
N VAL A 41 17.38 -4.29 -2.03
CA VAL A 41 16.48 -5.01 -2.94
C VAL A 41 16.21 -6.43 -2.45
N ASP A 42 15.09 -7.00 -2.92
CA ASP A 42 14.73 -8.38 -2.63
C ASP A 42 13.96 -8.95 -3.82
N TRP A 43 14.24 -10.21 -4.17
CA TRP A 43 13.63 -10.84 -5.33
C TRP A 43 12.49 -11.78 -4.92
N PRO A 44 11.54 -12.05 -5.83
CA PRO A 44 10.47 -13.02 -5.60
C PRO A 44 11.01 -14.42 -5.35
N HIS A 45 12.27 -14.67 -5.76
CA HIS A 45 12.97 -15.92 -5.56
C HIS A 45 14.47 -15.64 -5.43
N LYS A 46 15.14 -16.29 -4.47
CA LYS A 46 16.56 -16.06 -4.23
C LYS A 46 17.28 -17.33 -3.76
N ALA A 47 16.65 -18.49 -3.90
CA ALA A 47 17.25 -19.75 -3.52
C ALA A 47 18.29 -20.18 -4.56
N GLU A 48 19.04 -21.26 -4.28
CA GLU A 48 20.06 -21.75 -5.18
C GLU A 48 19.46 -22.11 -6.54
N SER A 49 20.19 -21.85 -7.62
CA SER A 49 19.74 -22.11 -8.97
C SER A 49 20.91 -22.39 -9.89
N LYS A 50 20.63 -22.94 -11.08
CA LYS A 50 21.64 -23.26 -12.08
C LYS A 50 21.90 -22.07 -13.00
N SER A 51 21.34 -20.90 -12.67
CA SER A 51 21.49 -19.69 -13.45
C SER A 51 21.72 -18.48 -12.54
N TYR A 52 22.26 -17.40 -13.11
CA TYR A 52 22.58 -16.18 -12.38
C TYR A 52 21.44 -15.16 -12.48
N PHE A 53 20.25 -15.60 -12.89
CA PHE A 53 19.08 -14.75 -13.06
C PHE A 53 17.89 -15.30 -12.26
N PRO A 54 17.96 -15.24 -10.92
CA PRO A 54 16.91 -15.72 -10.04
C PRO A 54 15.63 -14.88 -9.97
N PRO A 55 15.58 -13.58 -10.31
CA PRO A 55 14.35 -12.82 -10.22
C PRO A 55 13.38 -13.20 -11.34
N LYS A 56 12.10 -12.83 -11.18
CA LYS A 56 11.03 -13.19 -12.10
C LYS A 56 10.67 -12.03 -13.03
N GLY A 57 11.56 -11.04 -13.16
CA GLY A 57 11.31 -9.87 -14.01
C GLY A 57 10.67 -8.73 -13.23
N TYR A 58 10.39 -8.94 -11.94
CA TYR A 58 9.86 -7.91 -11.06
C TYR A 58 10.52 -8.05 -9.69
N ALA A 59 10.45 -6.99 -8.88
CA ALA A 59 11.15 -6.96 -7.61
C ALA A 59 10.45 -6.06 -6.58
N PHE A 60 10.90 -6.18 -5.33
CA PHE A 60 10.47 -5.31 -4.25
C PHE A 60 11.73 -4.71 -3.65
N LEU A 61 11.74 -3.39 -3.43
CA LEU A 61 12.92 -2.69 -2.97
C LEU A 61 12.56 -1.46 -2.16
N LEU A 62 13.55 -0.91 -1.45
CA LEU A 62 13.33 0.26 -0.61
C LEU A 62 14.61 1.06 -0.47
N PHE A 63 14.49 2.30 0.00
CA PHE A 63 15.59 3.25 0.11
C PHE A 63 15.35 4.12 1.36
N GLN A 64 16.43 4.60 1.97
CA GLN A 64 16.33 5.26 3.26
C GLN A 64 16.22 6.78 3.15
N ASP A 65 16.29 7.34 1.94
CA ASP A 65 16.16 8.77 1.74
C ASP A 65 14.70 9.12 1.45
N GLU A 66 13.90 9.32 2.50
CA GLU A 66 12.47 9.57 2.36
C GLU A 66 12.20 10.90 1.65
N SER A 67 13.21 11.78 1.57
CA SER A 67 13.09 13.03 0.83
C SER A 67 13.29 12.78 -0.66
N SER A 68 13.99 11.68 -1.00
CA SER A 68 14.22 11.31 -2.38
C SER A 68 13.05 10.48 -2.88
N VAL A 69 12.30 9.85 -1.97
CA VAL A 69 11.10 9.10 -2.32
C VAL A 69 10.07 10.04 -2.91
N GLN A 70 9.85 11.20 -2.27
CA GLN A 70 8.86 12.14 -2.72
C GLN A 70 9.34 12.85 -3.99
N ALA A 71 10.65 13.15 -4.06
CA ALA A 71 11.23 13.83 -5.21
C ALA A 71 11.18 12.98 -6.47
N LEU A 72 11.43 11.68 -6.34
CA LEU A 72 11.49 10.79 -7.50
C LEU A 72 10.08 10.43 -7.97
N ILE A 73 9.18 10.16 -7.03
CA ILE A 73 7.79 9.84 -7.34
C ILE A 73 7.10 11.04 -8.00
N ASP A 74 7.61 12.26 -7.77
CA ASP A 74 7.04 13.47 -8.36
C ASP A 74 7.75 13.85 -9.65
N ALA A 75 8.94 13.31 -9.90
CA ALA A 75 9.72 13.59 -11.10
C ALA A 75 9.54 12.50 -12.17
N CYS A 76 8.43 11.77 -12.12
CA CYS A 76 8.19 10.66 -13.04
C CYS A 76 6.74 10.65 -13.54
N ILE A 77 6.42 9.68 -14.41
CA ILE A 77 5.10 9.54 -15.02
C ILE A 77 4.08 9.06 -13.98
N GLU A 78 2.81 9.34 -14.21
CA GLU A 78 1.74 8.99 -13.28
C GLU A 78 0.50 8.50 -14.02
N GLU A 79 -0.26 7.63 -13.36
CA GLU A 79 -1.53 7.11 -13.84
C GLU A 79 -2.54 7.16 -12.70
N ASP A 80 -3.83 7.25 -13.02
CA ASP A 80 -4.88 7.30 -12.00
C ASP A 80 -4.92 6.01 -11.18
N GLY A 81 -4.17 4.98 -11.63
CA GLY A 81 -4.13 3.68 -10.97
C GLY A 81 -2.80 3.39 -10.29
N LYS A 82 -1.69 3.99 -10.75
CA LYS A 82 -0.37 3.67 -10.24
C LYS A 82 0.68 4.68 -10.71
N LEU A 83 1.93 4.49 -10.29
CA LEU A 83 3.04 5.34 -10.70
C LEU A 83 3.83 4.65 -11.82
N TYR A 84 4.60 5.43 -12.58
CA TYR A 84 5.43 4.89 -13.64
C TYR A 84 6.76 5.65 -13.70
N LEU A 85 7.86 4.94 -13.97
CA LEU A 85 9.16 5.55 -14.11
C LEU A 85 9.64 5.43 -15.56
N CYS A 86 10.62 6.23 -15.94
CA CYS A 86 11.18 6.23 -17.28
C CYS A 86 12.66 5.90 -17.21
N VAL A 87 13.13 4.98 -18.07
CA VAL A 87 14.51 4.51 -18.04
C VAL A 87 14.97 4.03 -19.42
N SER A 88 14.20 4.32 -20.47
CA SER A 88 14.50 3.86 -21.82
C SER A 88 15.88 4.33 -22.27
N SER A 89 16.87 3.42 -22.23
CA SER A 89 18.23 3.72 -22.65
C SER A 89 19.05 2.46 -22.88
N PRO A 90 19.06 1.48 -21.95
CA PRO A 90 19.81 0.24 -22.11
C PRO A 90 19.07 -0.72 -23.03
N THR A 91 19.17 -2.03 -22.79
CA THR A 91 18.55 -3.07 -23.61
C THR A 91 17.03 -2.91 -23.70
N ILE A 92 16.43 -2.10 -22.82
CA ILE A 92 15.01 -1.79 -22.86
C ILE A 92 14.81 -0.38 -23.40
N LYS A 93 13.79 -0.19 -24.24
CA LYS A 93 13.53 1.11 -24.84
C LYS A 93 12.04 1.32 -25.09
N ASP A 94 11.66 2.60 -25.25
CA ASP A 94 10.31 3.02 -25.59
C ASP A 94 9.22 2.45 -24.68
N LYS A 95 9.55 2.13 -23.43
CA LYS A 95 8.58 1.59 -22.48
C LYS A 95 8.92 2.02 -21.06
N PRO A 96 7.94 2.51 -20.29
CA PRO A 96 8.11 2.89 -18.90
C PRO A 96 8.13 1.66 -17.99
N VAL A 97 8.38 1.86 -16.70
CA VAL A 97 8.36 0.78 -15.72
C VAL A 97 7.28 1.02 -14.69
N GLN A 98 6.64 -0.06 -14.21
CA GLN A 98 5.57 0.05 -13.22
C GLN A 98 6.17 0.34 -11.85
N ILE A 99 5.50 1.20 -11.07
CA ILE A 99 5.95 1.62 -9.76
C ILE A 99 4.77 1.67 -8.80
N ARG A 100 4.97 1.19 -7.55
CA ARG A 100 3.92 1.21 -6.54
C ARG A 100 4.51 1.42 -5.14
N PRO A 101 4.51 2.67 -4.65
CA PRO A 101 4.83 3.02 -3.27
C PRO A 101 3.57 2.81 -2.42
N TRP A 102 3.44 3.43 -1.24
CA TRP A 102 2.16 3.43 -0.54
C TRP A 102 1.78 4.81 0.00
N ASN A 103 0.48 5.09 0.09
CA ASN A 103 -0.02 6.38 0.53
C ASN A 103 -0.67 6.26 1.91
N LEU A 104 0.18 6.16 2.94
CA LEU A 104 -0.22 6.02 4.32
C LEU A 104 -0.82 7.31 4.88
N SER A 105 -0.89 8.38 4.08
CA SER A 105 -1.46 9.64 4.51
C SER A 105 -2.95 9.71 4.15
N ASP A 106 -3.43 8.80 3.29
CA ASP A 106 -4.82 8.81 2.86
C ASP A 106 -5.55 7.53 3.27
N SER A 107 -4.79 6.48 3.61
CA SER A 107 -5.36 5.22 4.10
C SER A 107 -6.20 5.35 5.37
N ASP A 108 -6.34 6.55 5.93
CA ASP A 108 -7.16 6.76 7.11
C ASP A 108 -8.47 7.43 6.73
N PHE A 109 -9.58 6.75 7.05
CA PHE A 109 -10.92 7.27 6.83
C PHE A 109 -11.52 7.77 8.14
N VAL A 110 -12.43 8.73 8.05
CA VAL A 110 -12.99 9.39 9.23
C VAL A 110 -14.38 9.91 8.86
N MET A 111 -15.35 9.74 9.76
CA MET A 111 -16.71 10.24 9.55
C MET A 111 -17.27 10.91 10.80
N ASP A 112 -16.61 10.73 11.95
CA ASP A 112 -17.05 11.32 13.20
C ASP A 112 -15.87 11.50 14.16
N GLY A 113 -16.03 12.38 15.16
CA GLY A 113 -15.00 12.67 16.14
C GLY A 113 -15.55 12.67 17.57
N SER A 114 -16.80 12.23 17.74
CA SER A 114 -17.49 12.21 19.01
C SER A 114 -17.20 10.94 19.82
N GLN A 115 -16.32 10.08 19.30
CA GLN A 115 -16.09 8.76 19.88
C GLN A 115 -14.59 8.45 19.95
N PRO A 116 -14.09 8.00 21.10
CA PRO A 116 -12.69 7.62 21.29
C PRO A 116 -12.23 6.47 20.39
N LEU A 117 -10.91 6.27 20.33
CA LEU A 117 -10.29 5.17 19.59
C LEU A 117 -9.73 4.13 20.57
N ASP A 118 -10.28 4.12 21.80
CA ASP A 118 -9.87 3.22 22.86
C ASP A 118 -10.16 1.76 22.47
N PRO A 119 -9.33 0.80 22.90
CA PRO A 119 -9.51 -0.61 22.57
C PRO A 119 -10.90 -1.17 22.88
N ARG A 120 -11.66 -0.53 23.77
CA ARG A 120 -13.02 -0.96 24.11
C ARG A 120 -14.05 -0.32 23.19
N LYS A 121 -13.58 0.34 22.13
CA LYS A 121 -14.39 1.05 21.15
C LYS A 121 -13.88 0.79 19.73
N THR A 122 -12.98 -0.20 19.58
CA THR A 122 -12.32 -0.46 18.31
C THR A 122 -12.58 -1.89 17.84
N ILE A 123 -12.48 -2.09 16.52
CA ILE A 123 -12.72 -3.38 15.88
C ILE A 123 -11.58 -3.65 14.90
N PHE A 124 -11.40 -4.91 14.51
CA PHE A 124 -10.36 -5.31 13.58
C PHE A 124 -10.99 -5.90 12.33
N VAL A 125 -10.36 -5.69 11.17
CA VAL A 125 -10.82 -6.25 9.90
C VAL A 125 -9.66 -6.97 9.23
N GLY A 126 -9.88 -8.23 8.84
CA GLY A 126 -8.85 -9.03 8.20
C GLY A 126 -9.07 -9.13 6.69
N GLY A 127 -7.97 -9.19 5.95
CA GLY A 127 -7.97 -9.29 4.50
C GLY A 127 -8.17 -7.94 3.82
N VAL A 128 -7.08 -7.36 3.32
CA VAL A 128 -7.10 -6.15 2.50
C VAL A 128 -6.25 -6.38 1.24
N PRO A 129 -6.59 -7.39 0.42
CA PRO A 129 -5.83 -7.79 -0.74
C PRO A 129 -5.81 -6.71 -1.82
N ARG A 130 -4.72 -6.68 -2.60
CA ARG A 130 -4.42 -5.68 -3.63
C ARG A 130 -4.32 -4.26 -3.04
N PRO A 131 -3.58 -3.36 -3.71
CA PRO A 131 -3.45 -1.98 -3.28
C PRO A 131 -4.65 -1.14 -3.67
N LEU A 132 -5.33 -0.55 -2.67
CA LEU A 132 -6.41 0.40 -2.88
C LEU A 132 -6.65 1.22 -1.60
N ARG A 133 -7.16 2.44 -1.77
CA ARG A 133 -7.31 3.41 -0.69
C ARG A 133 -8.53 3.16 0.18
N ALA A 134 -8.60 1.96 0.77
CA ALA A 134 -9.69 1.53 1.65
C ALA A 134 -11.08 1.62 1.01
N VAL A 135 -11.13 1.83 -0.31
CA VAL A 135 -12.38 1.85 -1.06
C VAL A 135 -13.20 0.59 -0.75
N GLU A 136 -12.51 -0.55 -0.61
CA GLU A 136 -13.16 -1.81 -0.35
C GLU A 136 -13.76 -1.88 1.05
N LEU A 137 -13.15 -1.21 2.03
CA LEU A 137 -13.52 -1.29 3.43
C LEU A 137 -14.82 -0.52 3.69
N ALA A 138 -14.86 0.75 3.31
CA ALA A 138 -16.01 1.57 3.59
C ALA A 138 -17.21 1.18 2.73
N MET A 139 -16.96 0.70 1.50
CA MET A 139 -18.04 0.40 0.58
C MET A 139 -18.76 -0.89 0.94
N ILE A 140 -18.06 -1.89 1.50
CA ILE A 140 -18.73 -3.14 1.84
C ILE A 140 -19.53 -3.00 3.12
N MET A 141 -18.93 -2.52 4.21
CA MET A 141 -19.67 -2.52 5.47
C MET A 141 -20.70 -1.39 5.54
N ASP A 142 -20.71 -0.49 4.56
CA ASP A 142 -21.80 0.47 4.45
C ASP A 142 -22.91 -0.08 3.57
N ARG A 143 -22.61 -1.01 2.67
CA ARG A 143 -23.64 -1.74 1.93
C ARG A 143 -24.28 -2.79 2.83
N LEU A 144 -23.68 -3.03 3.99
CA LEU A 144 -24.20 -3.97 4.96
C LEU A 144 -24.88 -3.28 6.13
N TYR A 145 -24.09 -2.61 6.96
CA TYR A 145 -24.56 -2.06 8.22
C TYR A 145 -23.81 -0.77 8.52
N GLY A 146 -24.23 0.32 7.86
CA GLY A 146 -23.59 1.62 7.99
C GLY A 146 -23.64 2.16 9.42
N GLY A 147 -22.78 3.12 9.71
CA GLY A 147 -22.64 3.69 11.05
C GLY A 147 -21.18 3.91 11.44
N VAL A 148 -20.25 3.75 10.48
CA VAL A 148 -18.82 3.93 10.70
C VAL A 148 -18.53 5.32 11.27
N CYS A 149 -17.45 5.42 12.07
CA CYS A 149 -17.03 6.68 12.65
C CYS A 149 -15.56 6.93 12.37
N TYR A 150 -14.75 5.87 12.39
CA TYR A 150 -13.34 5.94 12.04
C TYR A 150 -12.93 4.61 11.42
N ALA A 151 -12.05 4.64 10.42
CA ALA A 151 -11.61 3.42 9.74
C ALA A 151 -10.26 3.66 9.06
N GLY A 152 -9.61 2.58 8.64
CA GLY A 152 -8.37 2.69 7.87
C GLY A 152 -7.69 1.34 7.70
N ILE A 153 -6.63 1.32 6.89
CA ILE A 153 -5.84 0.12 6.67
C ILE A 153 -4.73 0.07 7.71
N ASP A 154 -4.57 -1.09 8.35
CA ASP A 154 -3.58 -1.27 9.40
C ASP A 154 -2.18 -1.19 8.79
N THR A 155 -1.29 -0.43 9.43
CA THR A 155 0.04 -0.16 8.90
C THR A 155 1.13 -0.46 9.91
N ASP A 156 2.32 -0.66 9.36
CA ASP A 156 3.54 -0.92 10.10
C ASP A 156 4.26 0.40 10.32
N PRO A 157 4.60 0.76 11.57
CA PRO A 157 5.32 1.98 11.87
C PRO A 157 6.77 1.91 11.40
N GLU A 158 7.22 0.73 10.95
CA GLU A 158 8.58 0.53 10.49
C GLU A 158 8.69 0.78 8.99
N LEU A 159 7.80 0.17 8.19
CA LEU A 159 7.80 0.40 6.75
C LEU A 159 6.85 1.54 6.40
N LYS A 160 6.08 2.02 7.38
CA LYS A 160 4.98 2.94 7.13
C LYS A 160 4.06 2.34 6.07
N TYR A 161 4.01 1.00 6.04
CA TYR A 161 3.35 0.25 4.96
C TYR A 161 2.32 -0.73 5.54
N PRO A 162 1.24 -1.03 4.80
CA PRO A 162 0.20 -1.96 5.25
C PRO A 162 0.76 -3.30 5.70
N LYS A 163 0.09 -3.93 6.68
CA LYS A 163 0.51 -5.21 7.22
C LYS A 163 -0.44 -6.34 6.80
N GLY A 164 -1.36 -6.08 5.85
CA GLY A 164 -2.29 -7.08 5.37
C GLY A 164 -3.59 -7.13 6.17
N ALA A 165 -3.92 -6.06 6.87
CA ALA A 165 -5.13 -5.98 7.70
C ALA A 165 -5.67 -4.55 7.73
N GLY A 166 -6.84 -4.38 8.36
CA GLY A 166 -7.46 -3.06 8.51
C GLY A 166 -8.19 -2.95 9.85
N ARG A 167 -8.69 -1.76 10.17
CA ARG A 167 -9.34 -1.51 11.45
C ARG A 167 -10.46 -0.49 11.30
N VAL A 168 -11.43 -0.55 12.23
CA VAL A 168 -12.58 0.33 12.25
C VAL A 168 -12.98 0.59 13.70
N ALA A 169 -13.54 1.76 13.99
CA ALA A 169 -14.05 2.06 15.32
C ALA A 169 -15.44 2.69 15.22
N PHE A 170 -16.46 1.95 15.66
CA PHE A 170 -17.84 2.41 15.69
C PHE A 170 -18.69 1.54 16.61
N SER A 171 -18.07 0.94 17.65
CA SER A 171 -18.74 0.03 18.55
C SER A 171 -19.73 0.76 19.46
N ASN A 172 -20.89 1.17 18.91
CA ASN A 172 -21.87 1.93 19.66
C ASN A 172 -23.32 1.59 19.26
N GLN A 173 -23.52 0.76 18.24
CA GLN A 173 -24.85 0.50 17.70
C GLN A 173 -24.95 -0.92 17.15
N GLN A 174 -26.18 -1.39 16.89
CA GLN A 174 -26.40 -2.73 16.38
C GLN A 174 -25.78 -2.88 15.00
N SER A 175 -25.33 -1.79 14.39
CA SER A 175 -24.70 -1.84 13.08
C SER A 175 -23.35 -2.54 13.19
N TYR A 176 -22.57 -2.23 14.23
CA TYR A 176 -21.32 -2.93 14.46
C TYR A 176 -21.59 -4.36 14.93
N ILE A 177 -22.69 -4.56 15.66
CA ILE A 177 -23.06 -5.90 16.10
C ILE A 177 -23.32 -6.80 14.89
N ALA A 178 -23.89 -6.21 13.83
CA ALA A 178 -24.28 -6.97 12.66
C ALA A 178 -23.13 -7.14 11.67
N ALA A 179 -22.07 -6.32 11.75
CA ALA A 179 -20.92 -6.46 10.88
C ALA A 179 -19.78 -7.22 11.56
N ILE A 180 -19.94 -7.55 12.85
CA ILE A 180 -18.92 -8.26 13.60
C ILE A 180 -19.34 -9.69 13.94
N SER A 181 -20.65 -9.97 13.94
CA SER A 181 -21.15 -11.31 14.24
C SER A 181 -21.50 -12.10 12.99
N ALA A 182 -21.29 -11.51 11.82
CA ALA A 182 -21.60 -12.14 10.54
C ALA A 182 -20.63 -11.65 9.47
N ARG A 183 -19.34 -11.68 9.77
CA ARG A 183 -18.32 -11.13 8.88
C ARG A 183 -18.44 -11.70 7.46
N PHE A 184 -18.36 -13.02 7.29
CA PHE A 184 -18.58 -13.65 6.00
C PHE A 184 -20.01 -13.40 5.51
N VAL A 185 -20.12 -12.72 4.37
CA VAL A 185 -21.37 -12.36 3.72
C VAL A 185 -20.99 -11.97 2.29
N GLN A 186 -21.97 -11.79 1.41
CA GLN A 186 -21.69 -11.35 0.05
C GLN A 186 -21.03 -9.99 0.04
N LEU A 187 -20.17 -9.74 -0.95
CA LEU A 187 -19.39 -8.51 -1.03
C LEU A 187 -19.31 -8.01 -2.47
N GLN A 188 -18.99 -8.92 -3.39
CA GLN A 188 -18.78 -8.60 -4.80
C GLN A 188 -17.97 -7.32 -4.99
N HIS A 189 -16.72 -7.31 -4.50
CA HIS A 189 -15.85 -6.15 -4.57
C HIS A 189 -14.43 -6.56 -4.95
N GLY A 190 -13.83 -5.87 -5.93
CA GLY A 190 -12.50 -6.22 -6.39
C GLY A 190 -12.49 -7.66 -6.93
N GLU A 191 -11.46 -8.42 -6.56
CA GLU A 191 -11.32 -9.81 -6.97
C GLU A 191 -12.01 -10.76 -5.97
N ILE A 192 -12.52 -10.20 -4.86
CA ILE A 192 -13.18 -10.96 -3.81
C ILE A 192 -14.70 -10.88 -4.02
N ASP A 193 -15.45 -11.88 -3.55
CA ASP A 193 -16.89 -11.92 -3.78
C ASP A 193 -17.71 -12.19 -2.52
N LYS A 194 -17.15 -12.87 -1.50
CA LYS A 194 -17.97 -13.27 -0.37
C LYS A 194 -17.20 -13.52 0.94
N ARG A 195 -15.92 -13.14 1.03
CA ARG A 195 -15.17 -13.39 2.26
C ARG A 195 -14.46 -12.16 2.81
N VAL A 196 -14.69 -11.94 4.11
CA VAL A 196 -14.03 -10.91 4.88
C VAL A 196 -14.04 -11.30 6.35
N GLU A 197 -13.04 -10.84 7.10
CA GLU A 197 -12.92 -11.17 8.52
C GLU A 197 -13.12 -9.91 9.36
N VAL A 198 -13.92 -10.02 10.42
CA VAL A 198 -14.17 -8.90 11.32
C VAL A 198 -14.39 -9.44 12.73
N LYS A 199 -13.64 -8.89 13.70
CA LYS A 199 -13.77 -9.28 15.11
C LYS A 199 -13.22 -8.16 15.99
N PRO A 200 -13.50 -8.19 17.30
CA PRO A 200 -13.08 -7.15 18.24
C PRO A 200 -11.58 -6.88 18.19
N TYR A 201 -11.16 -5.70 18.66
CA TYR A 201 -9.77 -5.29 18.66
C TYR A 201 -8.99 -5.96 19.80
N VAL A 202 -8.86 -7.29 19.71
CA VAL A 202 -8.14 -8.10 20.70
C VAL A 202 -7.39 -9.22 19.98
N SER A 1 -15.07 24.52 3.18
CA SER A 1 -16.17 23.58 2.90
C SER A 1 -16.62 23.68 1.45
N HIS A 2 -17.38 22.68 0.99
CA HIS A 2 -17.90 22.61 -0.38
C HIS A 2 -16.80 22.72 -1.45
N GLN A 3 -15.55 22.49 -1.08
CA GLN A 3 -14.41 22.55 -1.98
C GLN A 3 -13.42 21.44 -1.65
N ASN A 4 -12.52 21.12 -2.59
CA ASN A 4 -11.53 20.08 -2.41
C ASN A 4 -10.35 20.61 -1.59
N GLY A 5 -9.59 19.69 -0.99
CA GLY A 5 -8.42 20.03 -0.19
C GLY A 5 -7.24 20.43 -1.06
N GLU A 6 -6.13 20.84 -0.42
CA GLU A 6 -4.92 21.24 -1.10
C GLU A 6 -3.69 20.51 -0.56
N ARG A 7 -3.91 19.52 0.32
CA ARG A 7 -2.84 18.74 0.91
C ARG A 7 -2.39 17.63 -0.04
N VAL A 8 -1.23 17.01 0.26
CA VAL A 8 -0.67 15.94 -0.55
C VAL A 8 -0.27 14.78 0.35
N GLU A 9 -0.36 13.55 -0.17
CA GLU A 9 -0.02 12.34 0.57
C GLU A 9 1.48 12.08 0.58
N ARG A 10 1.90 11.09 1.36
CA ARG A 10 3.26 10.59 1.41
C ARG A 10 3.21 9.07 1.38
N TYR A 11 4.35 8.41 1.13
CA TYR A 11 4.36 6.98 0.89
C TYR A 11 5.38 6.21 1.72
N SER A 12 5.15 4.90 1.81
CA SER A 12 6.11 3.99 2.40
C SER A 12 7.19 3.77 1.36
N ARG A 13 8.43 3.87 1.83
CA ARG A 13 9.60 3.87 0.99
C ARG A 13 9.98 2.49 0.46
N LYS A 14 9.19 1.46 0.76
CA LYS A 14 9.36 0.16 0.13
C LYS A 14 8.62 0.21 -1.20
N VAL A 15 9.30 -0.16 -2.29
CA VAL A 15 8.77 0.00 -3.63
C VAL A 15 8.91 -1.29 -4.43
N PHE A 16 7.87 -1.64 -5.17
CA PHE A 16 7.86 -2.83 -6.01
C PHE A 16 8.06 -2.43 -7.48
N VAL A 17 8.76 -3.28 -8.24
CA VAL A 17 9.05 -3.01 -9.65
C VAL A 17 8.81 -4.27 -10.47
N GLY A 18 8.51 -4.09 -11.77
CA GLY A 18 8.31 -5.22 -12.68
C GLY A 18 8.78 -4.89 -14.09
N GLY A 19 9.22 -3.64 -14.33
CA GLY A 19 9.68 -3.23 -15.64
C GLY A 19 11.14 -3.54 -15.89
N LEU A 20 11.80 -4.26 -14.96
CA LEU A 20 13.23 -4.50 -15.06
C LEU A 20 13.59 -5.26 -16.34
N PRO A 21 14.77 -4.97 -16.91
CA PRO A 21 15.25 -5.58 -18.14
C PRO A 21 15.62 -7.05 -17.95
N PRO A 22 15.83 -7.79 -19.05
CA PRO A 22 16.20 -9.21 -19.03
C PRO A 22 17.60 -9.44 -18.47
N ASP A 23 18.31 -8.37 -18.13
CA ASP A 23 19.62 -8.44 -17.51
C ASP A 23 19.72 -7.30 -16.50
N ILE A 24 19.71 -7.63 -15.21
CA ILE A 24 19.68 -6.62 -14.15
C ILE A 24 20.52 -7.03 -12.95
N ASP A 25 21.10 -6.01 -12.30
CA ASP A 25 21.87 -6.10 -11.09
C ASP A 25 21.62 -4.83 -10.28
N GLU A 26 22.00 -4.79 -9.01
CA GLU A 26 21.77 -3.63 -8.17
C GLU A 26 22.27 -2.33 -8.82
N ASP A 27 23.36 -2.40 -9.59
CA ASP A 27 23.93 -1.23 -10.24
C ASP A 27 23.12 -0.84 -11.48
N GLU A 28 22.36 -1.77 -12.05
CA GLU A 28 21.57 -1.50 -13.24
C GLU A 28 20.30 -0.75 -12.87
N ILE A 29 19.61 -1.19 -11.81
CA ILE A 29 18.39 -0.54 -11.38
C ILE A 29 18.72 0.80 -10.72
N THR A 30 19.93 0.95 -10.19
CA THR A 30 20.36 2.23 -9.65
C THR A 30 20.61 3.20 -10.79
N ALA A 31 21.01 2.69 -11.97
CA ALA A 31 21.22 3.51 -13.15
C ALA A 31 19.94 3.62 -13.98
N SER A 32 18.92 2.81 -13.67
CA SER A 32 17.64 2.88 -14.35
C SER A 32 16.77 3.98 -13.76
N PHE A 33 16.69 4.07 -12.43
CA PHE A 33 15.98 5.16 -11.78
C PHE A 33 16.80 6.45 -11.87
N ARG A 34 18.13 6.30 -11.78
CA ARG A 34 19.16 7.31 -11.97
C ARG A 34 19.08 8.59 -11.12
N ARG A 35 17.92 9.26 -11.10
CA ARG A 35 17.71 10.50 -10.36
C ARG A 35 17.39 10.24 -8.89
N PHE A 36 17.26 8.96 -8.52
CA PHE A 36 16.92 8.56 -7.16
C PHE A 36 18.18 8.53 -6.30
N GLY A 37 18.02 8.63 -4.98
CA GLY A 37 19.14 8.58 -4.04
C GLY A 37 19.66 7.15 -3.85
N PRO A 38 20.50 6.93 -2.83
CA PRO A 38 21.03 5.61 -2.51
C PRO A 38 19.92 4.74 -1.93
N LEU A 39 19.94 3.44 -2.26
CA LEU A 39 18.90 2.51 -1.85
C LEU A 39 19.45 1.09 -1.71
N ILE A 40 18.60 0.16 -1.24
CA ILE A 40 18.95 -1.23 -1.09
C ILE A 40 17.90 -2.08 -1.81
N VAL A 41 18.31 -3.25 -2.32
CA VAL A 41 17.45 -4.09 -3.15
C VAL A 41 17.28 -5.48 -2.56
N ASP A 42 16.27 -6.21 -3.00
CA ASP A 42 16.03 -7.58 -2.55
C ASP A 42 15.36 -8.42 -3.63
N TRP A 43 15.96 -9.57 -3.93
CA TRP A 43 15.40 -10.59 -4.81
C TRP A 43 16.13 -11.91 -4.59
N PRO A 44 15.40 -13.04 -4.64
CA PRO A 44 15.95 -14.37 -4.43
C PRO A 44 16.64 -14.92 -5.69
N HIS A 45 16.61 -14.16 -6.79
CA HIS A 45 17.12 -14.62 -8.08
C HIS A 45 18.59 -14.26 -8.29
N LYS A 46 19.31 -13.90 -7.22
CA LYS A 46 20.72 -13.51 -7.31
C LYS A 46 21.49 -14.10 -6.12
N ALA A 47 22.79 -14.32 -6.32
CA ALA A 47 23.66 -14.93 -5.31
C ALA A 47 25.03 -14.26 -5.30
N GLU A 48 25.07 -12.94 -5.54
CA GLU A 48 26.30 -12.16 -5.61
C GLU A 48 27.26 -12.73 -6.68
N SER A 49 26.70 -13.41 -7.68
CA SER A 49 27.46 -13.98 -8.78
C SER A 49 27.89 -12.92 -9.78
N LYS A 50 28.79 -13.29 -10.69
CA LYS A 50 29.30 -12.39 -11.71
C LYS A 50 29.24 -13.03 -13.11
N SER A 51 28.74 -14.28 -13.18
CA SER A 51 28.64 -15.03 -14.42
C SER A 51 27.18 -15.34 -14.78
N TYR A 52 26.22 -14.86 -13.97
CA TYR A 52 24.80 -15.08 -14.22
C TYR A 52 23.98 -13.92 -13.66
N PHE A 53 22.85 -13.64 -14.31
CA PHE A 53 21.93 -12.58 -13.90
C PHE A 53 20.50 -13.03 -14.20
N PRO A 54 19.52 -12.56 -13.41
CA PRO A 54 18.13 -12.98 -13.54
C PRO A 54 17.49 -12.41 -14.82
N PRO A 55 16.52 -13.15 -15.38
CA PRO A 55 15.75 -12.75 -16.55
C PRO A 55 14.68 -11.73 -16.13
N LYS A 56 13.76 -11.40 -17.05
CA LYS A 56 12.67 -10.48 -16.75
C LYS A 56 11.85 -11.01 -15.57
N GLY A 57 11.32 -10.11 -14.76
CA GLY A 57 10.53 -10.50 -13.59
C GLY A 57 10.29 -9.32 -12.66
N TYR A 58 9.76 -9.61 -11.47
CA TYR A 58 9.47 -8.60 -10.47
C TYR A 58 10.61 -8.47 -9.48
N ALA A 59 10.64 -7.34 -8.76
CA ALA A 59 11.69 -7.06 -7.78
C ALA A 59 11.16 -6.22 -6.64
N PHE A 60 11.91 -6.20 -5.53
CA PHE A 60 11.57 -5.39 -4.37
C PHE A 60 12.73 -4.44 -4.06
N LEU A 61 12.37 -3.23 -3.64
CA LEU A 61 13.33 -2.18 -3.34
C LEU A 61 12.90 -1.47 -2.07
N LEU A 62 13.82 -0.83 -1.37
CA LEU A 62 13.47 0.06 -0.28
C LEU A 62 14.53 1.15 -0.15
N PHE A 63 14.15 2.24 0.53
CA PHE A 63 14.97 3.44 0.58
C PHE A 63 15.32 3.81 2.02
N GLN A 64 16.23 4.77 2.19
CA GLN A 64 16.65 5.23 3.52
C GLN A 64 16.09 6.62 3.83
N ASP A 65 15.51 7.28 2.82
CA ASP A 65 14.88 8.58 3.00
C ASP A 65 13.49 8.56 2.38
N GLU A 66 12.60 9.46 2.83
CA GLU A 66 11.22 9.47 2.36
C GLU A 66 10.87 10.76 1.62
N SER A 67 11.80 11.74 1.56
CA SER A 67 11.58 12.97 0.83
C SER A 67 12.03 12.80 -0.62
N SER A 68 13.03 11.93 -0.84
CA SER A 68 13.49 11.62 -2.18
C SER A 68 12.48 10.69 -2.86
N VAL A 69 11.73 9.91 -2.06
CA VAL A 69 10.71 9.01 -2.57
C VAL A 69 9.57 9.83 -3.16
N GLN A 70 9.29 11.00 -2.60
CA GLN A 70 8.22 11.84 -3.10
C GLN A 70 8.69 12.63 -4.33
N ALA A 71 9.98 12.98 -4.38
CA ALA A 71 10.51 13.77 -5.47
C ALA A 71 10.66 12.94 -6.75
N LEU A 72 11.01 11.67 -6.63
CA LEU A 72 11.25 10.84 -7.80
C LEU A 72 9.93 10.23 -8.32
N ILE A 73 9.03 9.84 -7.41
CA ILE A 73 7.73 9.33 -7.81
C ILE A 73 6.89 10.47 -8.43
N ASP A 74 7.23 11.73 -8.11
CA ASP A 74 6.53 12.87 -8.69
C ASP A 74 7.22 13.36 -9.96
N ALA A 75 8.49 12.98 -10.17
CA ALA A 75 9.25 13.35 -11.36
C ALA A 75 8.98 12.38 -12.52
N CYS A 76 7.94 11.56 -12.40
CA CYS A 76 7.57 10.57 -13.40
C CYS A 76 6.05 10.50 -13.58
N ILE A 77 5.58 9.63 -14.49
CA ILE A 77 4.16 9.48 -14.77
C ILE A 77 3.46 8.80 -13.60
N GLU A 78 2.19 9.16 -13.36
CA GLU A 78 1.44 8.63 -12.23
C GLU A 78 -0.01 8.29 -12.59
N GLU A 79 -0.62 7.45 -11.75
CA GLU A 79 -2.02 7.07 -11.82
C GLU A 79 -2.49 6.77 -10.39
N ASP A 80 -3.79 6.91 -10.12
CA ASP A 80 -4.30 6.63 -8.78
C ASP A 80 -4.20 5.13 -8.47
N GLY A 81 -3.91 4.31 -9.49
CA GLY A 81 -3.80 2.87 -9.33
C GLY A 81 -2.36 2.36 -9.40
N LYS A 82 -1.44 3.13 -9.98
CA LYS A 82 -0.06 2.71 -10.17
C LYS A 82 0.83 3.88 -10.61
N LEU A 83 2.13 3.65 -10.68
CA LEU A 83 3.11 4.64 -11.10
C LEU A 83 3.91 4.11 -12.28
N TYR A 84 4.46 5.00 -13.10
CA TYR A 84 5.31 4.61 -14.22
C TYR A 84 6.49 5.56 -14.35
N LEU A 85 7.69 5.00 -14.54
CA LEU A 85 8.90 5.78 -14.67
C LEU A 85 9.48 5.60 -16.08
N CYS A 86 10.00 6.69 -16.65
CA CYS A 86 10.60 6.66 -17.97
C CYS A 86 12.08 6.29 -17.86
N VAL A 87 12.53 5.35 -18.70
CA VAL A 87 13.91 4.89 -18.67
C VAL A 87 14.35 4.38 -20.05
N SER A 88 13.57 4.68 -21.09
CA SER A 88 13.83 4.21 -22.44
C SER A 88 15.02 4.91 -23.10
N SER A 89 15.60 4.23 -24.08
CA SER A 89 16.70 4.68 -24.95
C SER A 89 18.14 4.65 -24.41
N PRO A 90 18.47 4.20 -23.18
CA PRO A 90 19.87 4.01 -22.80
C PRO A 90 20.40 2.70 -23.37
N THR A 91 19.54 1.70 -23.52
CA THR A 91 19.86 0.40 -24.10
C THR A 91 18.58 -0.39 -24.37
N ILE A 92 17.54 -0.12 -23.59
CA ILE A 92 16.20 -0.68 -23.72
C ILE A 92 15.27 0.48 -24.07
N LYS A 93 14.23 0.26 -24.89
CA LYS A 93 13.39 1.36 -25.34
C LYS A 93 11.91 0.99 -25.45
N ASP A 94 11.10 2.04 -25.61
CA ASP A 94 9.66 1.99 -25.80
C ASP A 94 8.90 1.21 -24.72
N LYS A 95 9.55 0.89 -23.59
CA LYS A 95 8.92 0.13 -22.51
C LYS A 95 9.33 0.72 -21.16
N PRO A 96 8.52 1.65 -20.62
CA PRO A 96 8.67 2.21 -19.29
C PRO A 96 8.61 1.13 -18.21
N VAL A 97 8.86 1.53 -16.95
CA VAL A 97 8.81 0.60 -15.82
C VAL A 97 7.65 0.96 -14.90
N GLN A 98 7.07 -0.03 -14.23
CA GLN A 98 5.92 0.17 -13.35
C GLN A 98 6.37 0.10 -11.90
N ILE A 99 5.92 1.06 -11.09
CA ILE A 99 6.33 1.21 -9.69
C ILE A 99 5.10 1.14 -8.78
N ARG A 100 5.29 0.62 -7.56
CA ARG A 100 4.26 0.57 -6.54
C ARG A 100 4.87 0.78 -5.15
N PRO A 101 4.74 1.99 -4.58
CA PRO A 101 5.08 2.29 -3.20
C PRO A 101 3.87 1.91 -2.34
N TRP A 102 3.72 2.47 -1.13
CA TRP A 102 2.47 2.30 -0.37
C TRP A 102 1.97 3.62 0.21
N ASN A 103 0.65 3.74 0.37
CA ASN A 103 0.01 4.96 0.85
C ASN A 103 -0.21 4.90 2.36
N LEU A 104 0.86 4.82 3.14
CA LEU A 104 0.78 4.80 4.60
C LEU A 104 0.22 6.11 5.16
N SER A 105 0.05 7.13 4.31
CA SER A 105 -0.49 8.41 4.73
C SER A 105 -1.99 8.52 4.43
N ASP A 106 -2.58 7.50 3.81
CA ASP A 106 -4.01 7.49 3.53
C ASP A 106 -4.69 6.23 4.06
N SER A 107 -3.90 5.21 4.43
CA SER A 107 -4.43 3.99 5.03
C SER A 107 -5.19 4.25 6.33
N ASP A 108 -5.09 5.46 6.89
CA ASP A 108 -5.82 5.82 8.08
C ASP A 108 -7.08 6.62 7.71
N PHE A 109 -8.23 6.09 8.09
CA PHE A 109 -9.51 6.77 7.90
C PHE A 109 -9.98 7.35 9.23
N VAL A 110 -10.86 8.36 9.16
CA VAL A 110 -11.26 9.13 10.33
C VAL A 110 -12.63 9.74 10.08
N MET A 111 -13.45 9.84 11.13
CA MET A 111 -14.70 10.57 11.07
C MET A 111 -14.93 11.33 12.37
N ASP A 112 -14.48 10.76 13.50
CA ASP A 112 -14.51 11.37 14.83
C ASP A 112 -15.91 11.78 15.27
N GLY A 113 -16.02 12.24 16.53
CA GLY A 113 -17.26 12.78 17.08
C GLY A 113 -18.27 11.71 17.47
N SER A 114 -17.89 10.43 17.44
CA SER A 114 -18.81 9.34 17.75
C SER A 114 -18.24 8.36 18.77
N GLN A 115 -16.92 8.20 18.85
CA GLN A 115 -16.32 7.25 19.76
C GLN A 115 -14.82 7.52 19.95
N PRO A 116 -14.29 7.34 21.16
CA PRO A 116 -12.86 7.36 21.43
C PRO A 116 -12.20 6.07 20.95
N LEU A 117 -10.87 5.98 21.06
CA LEU A 117 -10.15 4.78 20.67
C LEU A 117 -9.80 3.95 21.90
N ASP A 118 -10.29 2.71 21.95
CA ASP A 118 -9.96 1.77 23.01
C ASP A 118 -10.20 0.33 22.51
N PRO A 119 -9.46 -0.65 23.03
CA PRO A 119 -9.51 -2.03 22.57
C PRO A 119 -10.80 -2.77 22.95
N ARG A 120 -11.74 -2.10 23.63
CA ARG A 120 -13.02 -2.70 24.00
C ARG A 120 -14.13 -2.22 23.06
N LYS A 121 -13.82 -1.27 22.18
CA LYS A 121 -14.78 -0.71 21.22
C LYS A 121 -14.21 -0.76 19.80
N THR A 122 -13.24 -1.66 19.58
CA THR A 122 -12.63 -1.85 18.27
C THR A 122 -13.12 -3.16 17.66
N ILE A 123 -13.10 -3.24 16.33
CA ILE A 123 -13.53 -4.42 15.60
C ILE A 123 -12.44 -4.80 14.61
N PHE A 124 -12.39 -6.07 14.22
CA PHE A 124 -11.40 -6.58 13.27
C PHE A 124 -12.09 -6.91 11.96
N VAL A 125 -11.37 -6.77 10.85
CA VAL A 125 -11.89 -7.09 9.53
C VAL A 125 -10.84 -7.89 8.77
N GLY A 126 -11.22 -9.09 8.32
CA GLY A 126 -10.32 -9.97 7.59
C GLY A 126 -10.72 -10.09 6.12
N GLY A 127 -9.79 -10.61 5.31
CA GLY A 127 -10.02 -10.82 3.89
C GLY A 127 -9.58 -9.63 3.03
N VAL A 128 -8.81 -8.70 3.58
CA VAL A 128 -8.32 -7.55 2.83
C VAL A 128 -7.13 -7.95 1.93
N PRO A 129 -7.22 -7.69 0.61
CA PRO A 129 -6.12 -7.85 -0.33
C PRO A 129 -4.96 -6.89 -0.03
N ARG A 130 -3.93 -6.92 -0.89
CA ARG A 130 -2.72 -6.12 -0.74
C ARG A 130 -2.53 -5.04 -1.81
N PRO A 131 -2.93 -5.22 -3.08
CA PRO A 131 -2.67 -4.24 -4.13
C PRO A 131 -3.58 -3.02 -4.09
N LEU A 132 -4.37 -2.84 -3.02
CA LEU A 132 -5.24 -1.68 -2.86
C LEU A 132 -5.17 -1.13 -1.44
N ARG A 133 -5.65 0.11 -1.26
CA ARG A 133 -5.61 0.85 -0.01
C ARG A 133 -6.77 0.47 0.89
N ALA A 134 -6.85 1.09 2.07
CA ALA A 134 -7.93 0.86 3.02
C ALA A 134 -9.27 1.38 2.48
N VAL A 135 -9.23 2.01 1.30
CA VAL A 135 -10.42 2.55 0.64
C VAL A 135 -11.57 1.56 0.59
N GLU A 136 -11.28 0.27 0.42
CA GLU A 136 -12.32 -0.73 0.27
C GLU A 136 -12.98 -1.08 1.60
N LEU A 137 -12.25 -0.92 2.72
CA LEU A 137 -12.72 -1.32 4.03
C LEU A 137 -13.68 -0.28 4.59
N ALA A 138 -13.27 0.99 4.52
CA ALA A 138 -14.08 2.05 5.07
C ALA A 138 -15.30 2.32 4.19
N MET A 139 -15.20 2.07 2.89
CA MET A 139 -16.29 2.39 1.97
C MET A 139 -17.40 1.34 2.01
N ILE A 140 -17.09 0.07 2.34
CA ILE A 140 -18.14 -0.92 2.49
C ILE A 140 -18.89 -0.69 3.80
N MET A 141 -18.18 -0.49 4.91
CA MET A 141 -18.84 -0.31 6.19
C MET A 141 -19.67 0.96 6.19
N ASP A 142 -19.35 1.91 5.29
CA ASP A 142 -20.06 3.16 5.21
C ASP A 142 -21.17 3.15 4.15
N ARG A 143 -21.19 2.18 3.22
CA ARG A 143 -22.22 2.14 2.20
C ARG A 143 -23.45 1.36 2.65
N LEU A 144 -23.33 0.49 3.65
CA LEU A 144 -24.46 -0.29 4.15
C LEU A 144 -24.88 0.03 5.58
N TYR A 145 -23.95 0.37 6.47
CA TYR A 145 -24.25 0.65 7.87
C TYR A 145 -23.34 1.76 8.37
N GLY A 146 -23.55 2.97 7.87
CA GLY A 146 -22.75 4.14 8.22
C GLY A 146 -22.82 4.46 9.72
N GLY A 147 -21.89 5.29 10.20
CA GLY A 147 -21.77 5.62 11.61
C GLY A 147 -20.35 5.34 12.12
N VAL A 148 -19.41 5.07 11.21
CA VAL A 148 -18.02 4.80 11.54
C VAL A 148 -17.39 5.99 12.28
N CYS A 149 -16.28 5.75 12.99
CA CYS A 149 -15.57 6.81 13.68
C CYS A 149 -14.09 6.79 13.30
N TYR A 150 -13.50 5.59 13.22
CA TYR A 150 -12.13 5.41 12.76
C TYR A 150 -12.01 4.06 12.07
N ALA A 151 -11.12 3.96 11.08
CA ALA A 151 -10.90 2.72 10.34
C ALA A 151 -9.52 2.72 9.69
N GLY A 152 -9.02 1.52 9.35
CA GLY A 152 -7.77 1.40 8.60
C GLY A 152 -7.29 -0.03 8.51
N ILE A 153 -6.29 -0.26 7.65
CA ILE A 153 -5.69 -1.58 7.49
C ILE A 153 -4.51 -1.70 8.46
N ASP A 154 -4.30 -2.90 9.01
CA ASP A 154 -3.25 -3.11 10.00
C ASP A 154 -1.86 -3.00 9.34
N THR A 155 -0.92 -2.42 10.09
CA THR A 155 0.41 -2.14 9.58
C THR A 155 1.51 -2.56 10.54
N ASP A 156 2.72 -2.67 9.98
CA ASP A 156 3.94 -3.04 10.66
C ASP A 156 4.62 -1.78 11.17
N PRO A 157 4.88 -1.65 12.48
CA PRO A 157 5.59 -0.51 13.03
C PRO A 157 7.06 -0.53 12.62
N GLU A 158 7.51 -1.58 11.94
CA GLU A 158 8.90 -1.71 11.50
C GLU A 158 9.20 -0.73 10.36
N LEU A 159 8.31 -0.66 9.36
CA LEU A 159 8.48 0.26 8.26
C LEU A 159 7.15 0.92 7.87
N LYS A 160 6.14 0.77 8.73
CA LYS A 160 4.81 1.37 8.54
C LYS A 160 4.21 0.89 7.22
N TYR A 161 4.19 -0.44 7.05
CA TYR A 161 3.69 -1.09 5.85
C TYR A 161 2.74 -2.23 6.23
N PRO A 162 1.68 -2.48 5.45
CA PRO A 162 0.69 -3.48 5.77
C PRO A 162 1.27 -4.87 6.06
N LYS A 163 0.61 -5.60 6.96
CA LYS A 163 0.96 -6.98 7.26
C LYS A 163 -0.23 -7.90 6.97
N GLY A 164 -1.29 -7.34 6.39
CA GLY A 164 -2.55 -8.04 6.17
C GLY A 164 -3.53 -7.74 7.31
N ALA A 165 -4.80 -8.10 7.12
CA ALA A 165 -5.88 -7.80 8.06
C ALA A 165 -6.07 -6.30 8.29
N GLY A 166 -7.19 -5.92 8.92
CA GLY A 166 -7.50 -4.53 9.20
C GLY A 166 -8.45 -4.39 10.37
N ARG A 167 -8.84 -3.15 10.68
CA ARG A 167 -9.68 -2.86 11.84
C ARG A 167 -10.57 -1.66 11.60
N VAL A 168 -11.61 -1.54 12.43
CA VAL A 168 -12.54 -0.41 12.42
C VAL A 168 -13.09 -0.22 13.83
N ALA A 169 -13.40 1.02 14.21
CA ALA A 169 -13.88 1.32 15.55
C ALA A 169 -15.13 2.19 15.49
N PHE A 170 -16.28 1.59 15.82
CA PHE A 170 -17.56 2.29 15.86
C PHE A 170 -18.60 1.50 16.65
N SER A 171 -18.15 0.70 17.63
CA SER A 171 -19.00 -0.14 18.45
C SER A 171 -19.86 0.69 19.42
N ASN A 172 -20.71 1.56 18.88
CA ASN A 172 -21.51 2.46 19.70
C ASN A 172 -22.96 2.58 19.22
N GLN A 173 -23.31 1.97 18.09
CA GLN A 173 -24.64 2.07 17.50
C GLN A 173 -25.06 0.77 16.84
N GLN A 174 -26.33 0.70 16.43
CA GLN A 174 -26.87 -0.48 15.78
C GLN A 174 -26.16 -0.70 14.43
N SER A 175 -25.38 0.28 13.96
CA SER A 175 -24.65 0.14 12.71
C SER A 175 -23.56 -0.93 12.86
N TYR A 176 -22.91 -0.97 14.02
CA TYR A 176 -21.93 -2.01 14.30
C TYR A 176 -22.63 -3.32 14.59
N ILE A 177 -23.82 -3.27 15.21
CA ILE A 177 -24.60 -4.47 15.46
C ILE A 177 -25.00 -5.10 14.14
N ALA A 178 -25.26 -4.27 13.12
CA ALA A 178 -25.72 -4.74 11.83
C ALA A 178 -24.57 -5.22 10.95
N ALA A 179 -23.33 -4.79 11.23
CA ALA A 179 -22.18 -5.21 10.45
C ALA A 179 -21.41 -6.35 11.14
N ILE A 180 -21.81 -6.73 12.36
CA ILE A 180 -21.14 -7.81 13.09
C ILE A 180 -22.07 -9.01 13.26
N SER A 181 -23.37 -8.84 13.02
CA SER A 181 -24.33 -9.94 13.05
C SER A 181 -24.77 -10.33 11.63
N ALA A 182 -24.23 -9.62 10.63
CA ALA A 182 -24.46 -9.93 9.23
C ALA A 182 -23.09 -9.88 8.56
N ARG A 183 -22.24 -10.82 8.97
CA ARG A 183 -20.83 -10.83 8.63
C ARG A 183 -20.59 -10.98 7.13
N PHE A 184 -21.51 -11.59 6.39
CA PHE A 184 -21.39 -11.72 4.95
C PHE A 184 -22.59 -11.03 4.28
N VAL A 185 -22.33 -10.31 3.19
CA VAL A 185 -23.35 -9.59 2.44
C VAL A 185 -22.76 -9.30 1.07
N GLN A 186 -23.52 -8.62 0.21
CA GLN A 186 -23.04 -8.26 -1.11
C GLN A 186 -21.79 -7.40 -0.97
N LEU A 187 -20.67 -7.87 -1.52
CA LEU A 187 -19.38 -7.22 -1.36
C LEU A 187 -18.44 -7.66 -2.47
N GLN A 188 -17.70 -6.72 -3.04
CA GLN A 188 -16.71 -7.03 -4.07
C GLN A 188 -15.54 -6.06 -3.94
N HIS A 189 -14.32 -6.59 -3.91
CA HIS A 189 -13.12 -5.80 -3.67
C HIS A 189 -11.88 -6.52 -4.20
N GLY A 190 -10.94 -5.77 -4.80
CA GLY A 190 -9.68 -6.35 -5.25
C GLY A 190 -9.87 -7.49 -6.25
N GLU A 191 -10.92 -7.40 -7.08
CA GLU A 191 -11.30 -8.45 -8.03
C GLU A 191 -11.69 -9.77 -7.34
N ILE A 192 -12.01 -9.68 -6.04
CA ILE A 192 -12.53 -10.80 -5.26
C ILE A 192 -13.96 -10.46 -4.87
N ASP A 193 -14.79 -11.47 -4.58
CA ASP A 193 -16.19 -11.26 -4.26
C ASP A 193 -16.58 -12.04 -3.01
N LYS A 194 -17.58 -11.54 -2.29
CA LYS A 194 -18.11 -12.10 -1.04
C LYS A 194 -17.00 -12.51 -0.06
N ARG A 195 -17.35 -13.39 0.89
CA ARG A 195 -16.43 -14.06 1.79
C ARG A 195 -15.47 -13.10 2.50
N VAL A 196 -15.96 -12.50 3.59
CA VAL A 196 -15.17 -11.63 4.44
C VAL A 196 -15.41 -11.98 5.90
N GLU A 197 -14.58 -11.45 6.80
CA GLU A 197 -14.69 -11.76 8.22
C GLU A 197 -14.78 -10.49 9.05
N VAL A 198 -15.67 -10.47 10.03
CA VAL A 198 -15.86 -9.32 10.91
C VAL A 198 -16.23 -9.82 12.31
N LYS A 199 -15.48 -9.37 13.31
CA LYS A 199 -15.71 -9.77 14.71
C LYS A 199 -14.95 -8.82 15.64
N PRO A 200 -15.29 -8.79 16.94
CA PRO A 200 -14.70 -7.90 17.91
C PRO A 200 -13.17 -8.02 17.98
N TYR A 201 -12.52 -6.96 18.43
CA TYR A 201 -11.07 -6.88 18.55
C TYR A 201 -10.57 -7.59 19.80
N VAL A 202 -11.49 -8.04 20.67
CA VAL A 202 -11.15 -8.73 21.91
C VAL A 202 -12.18 -9.83 22.20
N SER A 1 10.27 36.15 -1.94
CA SER A 1 11.13 35.48 -0.96
C SER A 1 10.38 34.33 -0.28
N HIS A 2 11.14 33.42 0.34
CA HIS A 2 10.62 32.22 1.00
C HIS A 2 9.81 31.32 0.06
N GLN A 3 9.37 30.18 0.57
CA GLN A 3 8.59 29.21 -0.18
C GLN A 3 7.49 28.61 0.69
N ASN A 4 6.47 28.01 0.06
CA ASN A 4 5.37 27.38 0.78
C ASN A 4 5.71 25.93 1.16
N GLY A 5 6.89 25.46 0.75
CA GLY A 5 7.35 24.11 1.04
C GLY A 5 8.71 23.87 0.41
N GLU A 6 9.35 22.75 0.78
CA GLU A 6 10.67 22.40 0.25
C GLU A 6 10.86 20.88 0.18
N ARG A 7 10.06 20.13 0.94
CA ARG A 7 10.18 18.67 0.97
C ARG A 7 8.83 18.03 1.33
N VAL A 8 8.66 16.78 0.90
CA VAL A 8 7.48 15.97 1.21
C VAL A 8 7.94 14.55 1.47
N GLU A 9 7.40 13.91 2.52
CA GLU A 9 7.81 12.57 2.92
C GLU A 9 6.58 11.76 3.39
N ARG A 10 5.43 12.06 2.81
CA ARG A 10 4.14 11.45 3.15
C ARG A 10 4.06 9.97 2.79
N TYR A 11 5.01 9.46 2.01
CA TYR A 11 4.94 8.09 1.50
C TYR A 11 5.91 7.15 2.21
N SER A 12 5.55 5.87 2.24
CA SER A 12 6.43 4.83 2.76
C SER A 12 7.49 4.56 1.70
N ARG A 13 8.74 4.48 2.16
CA ARG A 13 9.90 4.36 1.29
C ARG A 13 10.07 2.97 0.69
N LYS A 14 9.23 1.99 1.06
CA LYS A 14 9.29 0.70 0.41
C LYS A 14 8.53 0.81 -0.91
N VAL A 15 9.12 0.25 -1.97
CA VAL A 15 8.59 0.42 -3.32
C VAL A 15 8.60 -0.93 -4.05
N PHE A 16 7.61 -1.13 -4.91
CA PHE A 16 7.50 -2.34 -5.73
C PHE A 16 7.85 -1.97 -7.17
N VAL A 17 8.43 -2.91 -7.93
CA VAL A 17 8.77 -2.68 -9.33
C VAL A 17 8.19 -3.81 -10.17
N GLY A 18 7.71 -3.49 -11.38
CA GLY A 18 7.07 -4.48 -12.24
C GLY A 18 7.54 -4.39 -13.70
N GLY A 19 8.33 -3.37 -14.03
CA GLY A 19 8.87 -3.22 -15.38
C GLY A 19 10.35 -3.64 -15.46
N LEU A 20 10.88 -4.20 -14.37
CA LEU A 20 12.29 -4.56 -14.28
C LEU A 20 12.67 -5.47 -15.46
N PRO A 21 13.83 -5.24 -16.10
CA PRO A 21 14.20 -5.91 -17.33
C PRO A 21 14.40 -7.42 -17.16
N PRO A 22 14.39 -8.16 -18.28
CA PRO A 22 14.53 -9.62 -18.30
C PRO A 22 15.85 -10.15 -17.74
N ASP A 23 16.80 -9.26 -17.42
CA ASP A 23 18.05 -9.65 -16.79
C ASP A 23 18.41 -8.60 -15.75
N ILE A 24 18.48 -9.02 -14.48
CA ILE A 24 18.75 -8.11 -13.37
C ILE A 24 19.44 -8.85 -12.23
N ASP A 25 20.27 -8.12 -11.47
CA ASP A 25 20.94 -8.64 -10.29
C ASP A 25 20.76 -7.69 -9.10
N GLU A 26 21.58 -6.64 -8.99
CA GLU A 26 21.45 -5.64 -7.95
C GLU A 26 22.07 -4.34 -8.43
N ASP A 27 23.16 -4.42 -9.18
CA ASP A 27 23.82 -3.26 -9.75
C ASP A 27 23.09 -2.81 -11.02
N GLU A 28 22.34 -3.74 -11.62
CA GLU A 28 21.55 -3.46 -12.82
C GLU A 28 20.42 -2.51 -12.47
N ILE A 29 19.77 -2.74 -11.33
CA ILE A 29 18.64 -1.93 -10.89
C ILE A 29 19.14 -0.62 -10.28
N THR A 30 20.35 -0.63 -9.71
CA THR A 30 20.94 0.59 -9.18
C THR A 30 21.32 1.51 -10.35
N ALA A 31 21.49 0.95 -11.54
CA ALA A 31 21.76 1.71 -12.74
C ALA A 31 20.48 2.02 -13.51
N SER A 32 19.42 1.23 -13.30
CA SER A 32 18.13 1.48 -13.91
C SER A 32 17.48 2.71 -13.31
N PHE A 33 17.73 2.96 -12.01
CA PHE A 33 17.22 4.15 -11.35
C PHE A 33 18.35 5.16 -11.16
N ARG A 34 19.21 5.34 -12.18
CA ARG A 34 20.33 6.26 -12.09
C ARG A 34 19.86 7.71 -11.87
N ARG A 35 18.60 8.00 -12.20
CA ARG A 35 18.00 9.31 -12.00
C ARG A 35 17.41 9.45 -10.59
N PHE A 36 17.34 8.34 -9.85
CA PHE A 36 16.77 8.31 -8.51
C PHE A 36 17.87 8.38 -7.46
N GLY A 37 19.04 7.81 -7.76
CA GLY A 37 20.17 7.76 -6.84
C GLY A 37 20.22 6.44 -6.08
N PRO A 38 21.22 6.27 -5.20
CA PRO A 38 21.46 5.05 -4.44
C PRO A 38 20.25 4.61 -3.62
N LEU A 39 20.02 3.30 -3.57
CA LEU A 39 18.91 2.69 -2.85
C LEU A 39 19.26 1.26 -2.45
N ILE A 40 18.44 0.67 -1.58
CA ILE A 40 18.63 -0.69 -1.11
C ILE A 40 17.56 -1.60 -1.71
N VAL A 41 17.86 -2.89 -1.83
CA VAL A 41 16.99 -3.84 -2.51
C VAL A 41 16.51 -4.94 -1.58
N ASP A 42 15.36 -5.53 -1.89
CA ASP A 42 14.84 -6.67 -1.14
C ASP A 42 14.22 -7.67 -2.11
N TRP A 43 14.38 -8.96 -1.85
CA TRP A 43 13.87 -10.01 -2.74
C TRP A 43 12.85 -10.88 -2.02
N PRO A 44 11.86 -11.40 -2.74
CA PRO A 44 10.86 -12.31 -2.19
C PRO A 44 11.53 -13.57 -1.63
N HIS A 45 11.08 -14.01 -0.45
CA HIS A 45 11.54 -15.24 0.19
C HIS A 45 13.06 -15.40 0.17
N LYS A 46 13.80 -14.31 0.40
CA LYS A 46 15.26 -14.32 0.34
C LYS A 46 15.89 -15.15 1.46
N ALA A 47 15.09 -15.72 2.36
CA ALA A 47 15.58 -16.56 3.44
C ALA A 47 15.95 -17.95 2.94
N GLU A 48 15.70 -18.24 1.66
CA GLU A 48 16.02 -19.51 1.04
C GLU A 48 16.34 -19.28 -0.43
N SER A 49 17.28 -20.07 -0.98
CA SER A 49 17.69 -19.94 -2.37
C SER A 49 18.08 -21.29 -2.96
N LYS A 50 17.97 -21.42 -4.28
CA LYS A 50 18.37 -22.61 -5.02
C LYS A 50 18.96 -22.25 -6.39
N SER A 51 19.01 -20.96 -6.70
CA SER A 51 19.54 -20.43 -7.96
C SER A 51 20.21 -19.08 -7.70
N TYR A 52 21.01 -18.61 -8.65
CA TYR A 52 21.70 -17.34 -8.53
C TYR A 52 20.79 -16.18 -8.96
N PHE A 53 21.07 -14.99 -8.41
CA PHE A 53 20.37 -13.72 -8.66
C PHE A 53 18.85 -13.80 -8.38
N PRO A 54 18.20 -12.65 -8.11
CA PRO A 54 16.81 -12.60 -7.69
C PRO A 54 15.83 -12.85 -8.85
N PRO A 55 14.54 -12.99 -8.54
CA PRO A 55 13.48 -13.18 -9.52
C PRO A 55 13.48 -12.09 -10.61
N LYS A 56 12.82 -12.38 -11.73
CA LYS A 56 12.79 -11.51 -12.89
C LYS A 56 11.43 -10.86 -13.07
N GLY A 57 11.40 -9.73 -13.77
CA GLY A 57 10.18 -9.00 -14.10
C GLY A 57 9.61 -8.19 -12.94
N TYR A 58 9.95 -8.53 -11.70
CA TYR A 58 9.48 -7.78 -10.54
C TYR A 58 10.44 -7.92 -9.36
N ALA A 59 10.42 -6.94 -8.46
CA ALA A 59 11.27 -6.93 -7.27
C ALA A 59 10.72 -5.93 -6.26
N PHE A 60 11.34 -5.90 -5.07
CA PHE A 60 11.00 -4.92 -4.04
C PHE A 60 12.24 -4.09 -3.73
N LEU A 61 12.01 -2.85 -3.30
CA LEU A 61 13.09 -1.90 -3.05
C LEU A 61 12.73 -1.05 -1.85
N LEU A 62 13.72 -0.36 -1.26
CA LEU A 62 13.46 0.65 -0.27
C LEU A 62 14.60 1.67 -0.31
N PHE A 63 14.22 2.95 -0.31
CA PHE A 63 15.17 4.03 -0.50
C PHE A 63 15.80 4.46 0.81
N GLN A 64 16.92 5.18 0.75
CA GLN A 64 17.65 5.57 1.95
C GLN A 64 16.96 6.72 2.70
N ASP A 65 16.01 7.39 2.05
CA ASP A 65 15.25 8.48 2.66
C ASP A 65 13.79 8.40 2.24
N GLU A 66 12.91 9.07 2.99
CA GLU A 66 11.48 9.07 2.70
C GLU A 66 11.08 10.30 1.88
N SER A 67 11.98 11.26 1.72
CA SER A 67 11.67 12.50 1.01
C SER A 67 11.98 12.41 -0.48
N SER A 68 12.97 11.58 -0.85
CA SER A 68 13.34 11.41 -2.25
C SER A 68 12.33 10.51 -2.95
N VAL A 69 11.68 9.62 -2.18
CA VAL A 69 10.70 8.68 -2.70
C VAL A 69 9.45 9.43 -3.17
N GLN A 70 9.13 10.55 -2.55
CA GLN A 70 7.92 11.28 -2.88
C GLN A 70 8.21 12.27 -4.00
N ALA A 71 9.42 12.83 -4.02
CA ALA A 71 9.80 13.82 -5.02
C ALA A 71 10.04 13.16 -6.38
N LEU A 72 10.67 11.98 -6.39
CA LEU A 72 11.04 11.33 -7.64
C LEU A 72 9.86 10.55 -8.21
N ILE A 73 9.05 9.92 -7.36
CA ILE A 73 7.87 9.20 -7.84
C ILE A 73 6.80 10.19 -8.30
N ASP A 74 6.88 11.45 -7.85
CA ASP A 74 5.97 12.49 -8.34
C ASP A 74 6.53 13.17 -9.58
N ALA A 75 7.84 13.04 -9.83
CA ALA A 75 8.50 13.63 -10.99
C ALA A 75 8.56 12.67 -12.18
N CYS A 76 7.95 11.48 -12.06
CA CYS A 76 7.94 10.48 -13.12
C CYS A 76 6.53 10.31 -13.69
N ILE A 77 6.37 9.37 -14.63
CA ILE A 77 5.09 9.13 -15.30
C ILE A 77 4.09 8.54 -14.30
N GLU A 78 2.80 8.73 -14.56
CA GLU A 78 1.74 8.28 -13.65
C GLU A 78 0.52 7.78 -14.40
N GLU A 79 -0.31 7.03 -13.69
CA GLU A 79 -1.58 6.49 -14.18
C GLU A 79 -2.59 6.50 -13.03
N ASP A 80 -3.88 6.51 -13.33
CA ASP A 80 -4.91 6.50 -12.31
C ASP A 80 -4.86 5.20 -11.49
N GLY A 81 -4.09 4.21 -11.96
CA GLY A 81 -3.96 2.92 -11.30
C GLY A 81 -2.60 2.69 -10.65
N LYS A 82 -1.55 3.37 -11.11
CA LYS A 82 -0.19 3.11 -10.63
C LYS A 82 0.76 4.21 -11.09
N LEU A 83 2.04 4.11 -10.70
CA LEU A 83 3.06 5.05 -11.12
C LEU A 83 4.03 4.34 -12.08
N TYR A 84 4.82 5.12 -12.83
CA TYR A 84 5.78 4.58 -13.79
C TYR A 84 7.09 5.36 -13.71
N LEU A 85 8.19 4.65 -13.44
CA LEU A 85 9.50 5.24 -13.27
C LEU A 85 10.19 5.39 -14.63
N CYS A 86 10.80 6.54 -14.89
CA CYS A 86 11.43 6.82 -16.17
C CYS A 86 12.78 6.13 -16.29
N VAL A 87 12.92 5.26 -17.29
CA VAL A 87 14.16 4.57 -17.61
C VAL A 87 14.08 4.09 -19.07
N SER A 88 15.21 4.04 -19.78
CA SER A 88 15.19 3.69 -21.20
C SER A 88 16.58 3.39 -21.75
N SER A 89 17.48 2.79 -20.95
CA SER A 89 18.82 2.50 -21.44
C SER A 89 19.38 1.15 -20.95
N PRO A 90 19.54 0.91 -19.64
CA PRO A 90 20.13 -0.32 -19.14
C PRO A 90 19.19 -1.51 -19.31
N THR A 91 19.53 -2.40 -20.25
CA THR A 91 18.77 -3.62 -20.58
C THR A 91 17.28 -3.33 -20.80
N ILE A 92 16.93 -2.06 -21.07
CA ILE A 92 15.56 -1.62 -21.23
C ILE A 92 15.58 -0.43 -22.19
N LYS A 93 14.53 -0.26 -23.01
CA LYS A 93 14.49 0.81 -24.01
C LYS A 93 13.09 1.38 -24.21
N ASP A 94 13.05 2.71 -24.42
CA ASP A 94 11.90 3.48 -24.82
C ASP A 94 10.61 3.28 -24.00
N LYS A 95 10.67 2.63 -22.83
CA LYS A 95 9.48 2.48 -22.00
C LYS A 95 9.84 2.48 -20.50
N PRO A 96 8.98 3.09 -19.67
CA PRO A 96 9.16 3.16 -18.23
C PRO A 96 8.83 1.83 -17.56
N VAL A 97 8.98 1.77 -16.24
CA VAL A 97 8.70 0.56 -15.47
C VAL A 97 7.63 0.83 -14.44
N GLN A 98 6.73 -0.14 -14.22
CA GLN A 98 5.68 0.01 -13.22
C GLN A 98 6.33 0.12 -11.85
N ILE A 99 5.80 1.02 -11.01
CA ILE A 99 6.36 1.24 -9.68
C ILE A 99 5.29 1.78 -8.72
N ARG A 100 5.43 1.53 -7.42
CA ARG A 100 4.53 2.10 -6.43
C ARG A 100 5.14 2.09 -5.03
N PRO A 101 5.11 3.25 -4.33
CA PRO A 101 5.45 3.41 -2.92
C PRO A 101 4.15 3.19 -2.13
N TRP A 102 3.98 3.74 -0.92
CA TRP A 102 2.67 3.71 -0.28
C TRP A 102 2.28 5.04 0.35
N ASN A 103 0.98 5.30 0.43
CA ASN A 103 0.44 6.52 0.99
C ASN A 103 -0.25 6.25 2.33
N LEU A 104 0.56 5.98 3.35
CA LEU A 104 0.11 5.70 4.71
C LEU A 104 -0.41 6.96 5.41
N SER A 105 -0.60 8.05 4.65
CA SER A 105 -1.14 9.29 5.20
C SER A 105 -2.57 9.54 4.72
N ASP A 106 -3.12 8.68 3.88
CA ASP A 106 -4.49 8.83 3.40
C ASP A 106 -5.30 7.56 3.60
N SER A 107 -4.64 6.40 3.58
CA SER A 107 -5.27 5.13 3.90
C SER A 107 -5.99 5.12 5.25
N ASP A 108 -5.71 6.09 6.12
CA ASP A 108 -6.34 6.14 7.43
C ASP A 108 -7.57 7.06 7.41
N PHE A 109 -8.73 6.47 7.75
CA PHE A 109 -9.96 7.22 7.90
C PHE A 109 -10.12 7.68 9.35
N VAL A 110 -10.94 8.71 9.56
CA VAL A 110 -11.12 9.33 10.87
C VAL A 110 -12.53 9.93 10.91
N MET A 111 -13.26 9.69 12.00
CA MET A 111 -14.58 10.27 12.18
C MET A 111 -14.87 10.61 13.64
N ASP A 112 -13.97 10.23 14.55
CA ASP A 112 -14.14 10.38 15.99
C ASP A 112 -15.40 9.67 16.51
N GLY A 113 -15.54 9.60 17.84
CA GLY A 113 -16.68 8.93 18.44
C GLY A 113 -16.59 8.88 19.96
N SER A 114 -17.46 8.09 20.58
CA SER A 114 -17.56 7.95 22.03
C SER A 114 -16.51 7.01 22.60
N GLN A 115 -15.66 6.43 21.74
CA GLN A 115 -14.73 5.40 22.18
C GLN A 115 -13.44 5.48 21.36
N PRO A 116 -12.31 5.83 21.99
CA PRO A 116 -10.98 5.85 21.39
C PRO A 116 -10.54 4.48 20.87
N LEU A 117 -9.38 4.46 20.20
CA LEU A 117 -8.82 3.24 19.64
C LEU A 117 -8.21 2.39 20.76
N ASP A 118 -8.55 1.10 20.78
CA ASP A 118 -8.04 0.14 21.73
C ASP A 118 -8.05 -1.25 21.11
N PRO A 119 -7.16 -2.17 21.55
CA PRO A 119 -7.05 -3.51 21.01
C PRO A 119 -8.28 -4.37 21.34
N ARG A 120 -9.22 -3.82 22.11
CA ARG A 120 -10.47 -4.49 22.46
C ARG A 120 -11.66 -3.71 21.91
N LYS A 121 -11.40 -2.68 21.10
CA LYS A 121 -12.41 -1.86 20.44
C LYS A 121 -12.12 -1.79 18.94
N THR A 122 -11.22 -2.67 18.47
CA THR A 122 -10.84 -2.73 17.06
C THR A 122 -11.51 -3.95 16.43
N ILE A 123 -11.72 -3.91 15.12
CA ILE A 123 -12.35 -4.99 14.37
C ILE A 123 -11.50 -5.29 13.13
N PHE A 124 -11.58 -6.53 12.66
CA PHE A 124 -10.83 -6.98 11.49
C PHE A 124 -11.80 -7.15 10.33
N VAL A 125 -11.33 -6.90 9.10
CA VAL A 125 -12.16 -7.03 7.91
C VAL A 125 -11.40 -7.82 6.85
N GLY A 126 -11.98 -8.92 6.40
CA GLY A 126 -11.37 -9.78 5.40
C GLY A 126 -11.86 -9.46 3.99
N GLY A 127 -10.99 -9.69 3.01
CA GLY A 127 -11.27 -9.46 1.60
C GLY A 127 -11.06 -8.00 1.20
N VAL A 128 -9.81 -7.66 0.84
CA VAL A 128 -9.43 -6.32 0.40
C VAL A 128 -8.42 -6.38 -0.75
N PRO A 129 -8.64 -7.21 -1.78
CA PRO A 129 -7.72 -7.37 -2.91
C PRO A 129 -7.69 -6.11 -3.79
N ARG A 130 -6.75 -6.11 -4.75
CA ARG A 130 -6.46 -4.99 -5.66
C ARG A 130 -6.03 -3.71 -4.93
N PRO A 131 -5.36 -2.78 -5.62
CA PRO A 131 -4.98 -1.49 -5.07
C PRO A 131 -6.19 -0.71 -4.58
N LEU A 132 -6.08 -0.11 -3.40
CA LEU A 132 -7.16 0.64 -2.78
C LEU A 132 -6.61 1.57 -1.70
N ARG A 133 -7.48 2.36 -1.07
CA ARG A 133 -7.10 3.25 0.01
C ARG A 133 -8.23 3.38 1.04
N ALA A 134 -8.74 2.21 1.45
CA ALA A 134 -9.84 2.03 2.40
C ALA A 134 -11.17 2.69 2.01
N VAL A 135 -11.26 3.28 0.80
CA VAL A 135 -12.49 3.92 0.36
C VAL A 135 -13.62 2.92 0.21
N GLU A 136 -13.33 1.71 -0.25
CA GLU A 136 -14.34 0.69 -0.46
C GLU A 136 -14.79 0.08 0.88
N LEU A 137 -13.89 0.06 1.87
CA LEU A 137 -14.16 -0.55 3.17
C LEU A 137 -15.04 0.39 3.99
N ALA A 138 -14.64 1.65 4.09
CA ALA A 138 -15.36 2.60 4.92
C ALA A 138 -16.71 2.96 4.31
N MET A 139 -16.85 2.89 2.98
CA MET A 139 -18.09 3.31 2.34
C MET A 139 -19.14 2.21 2.38
N ILE A 140 -18.77 0.93 2.41
CA ILE A 140 -19.77 -0.12 2.55
C ILE A 140 -20.23 -0.23 4.00
N MET A 141 -19.30 -0.20 4.96
CA MET A 141 -19.69 -0.32 6.37
C MET A 141 -20.50 0.89 6.80
N ASP A 142 -20.35 2.01 6.07
CA ASP A 142 -21.08 3.22 6.41
C ASP A 142 -22.39 3.37 5.64
N ARG A 143 -22.58 2.63 4.53
CA ARG A 143 -23.83 2.72 3.78
C ARG A 143 -24.88 1.74 4.29
N LEU A 144 -24.52 0.78 5.15
CA LEU A 144 -25.49 -0.10 5.78
C LEU A 144 -25.48 -0.07 7.31
N TYR A 145 -24.34 0.21 7.97
CA TYR A 145 -24.23 0.22 9.42
C TYR A 145 -23.28 1.32 9.87
N GLY A 146 -23.56 2.57 9.48
CA GLY A 146 -22.71 3.72 9.77
C GLY A 146 -22.54 3.96 11.27
N GLY A 147 -21.48 4.70 11.63
CA GLY A 147 -21.12 4.97 13.01
C GLY A 147 -19.62 4.77 13.25
N VAL A 148 -18.82 4.69 12.19
CA VAL A 148 -17.38 4.46 12.27
C VAL A 148 -16.68 5.56 13.07
N CYS A 149 -15.49 5.25 13.59
CA CYS A 149 -14.67 6.21 14.31
C CYS A 149 -13.27 6.30 13.71
N TYR A 150 -12.71 5.16 13.30
CA TYR A 150 -11.42 5.11 12.65
C TYR A 150 -11.31 3.85 11.79
N ALA A 151 -10.53 3.89 10.71
CA ALA A 151 -10.31 2.73 9.86
C ALA A 151 -9.02 2.86 9.05
N GLY A 152 -8.50 1.73 8.57
CA GLY A 152 -7.33 1.71 7.70
C GLY A 152 -7.14 0.32 7.09
N ILE A 153 -6.23 0.18 6.13
CA ILE A 153 -6.09 -1.08 5.42
C ILE A 153 -4.64 -1.52 5.24
N ASP A 154 -4.50 -2.85 5.28
CA ASP A 154 -3.24 -3.59 5.12
C ASP A 154 -1.99 -3.11 5.86
N THR A 155 -1.92 -1.89 6.39
CA THR A 155 -0.66 -1.35 6.90
C THR A 155 -0.18 -2.01 8.18
N ASP A 156 1.11 -1.80 8.44
CA ASP A 156 1.86 -2.46 9.49
C ASP A 156 2.84 -1.47 10.13
N PRO A 157 3.02 -1.53 11.45
CA PRO A 157 3.85 -0.60 12.20
C PRO A 157 5.34 -0.86 12.03
N GLU A 158 5.71 -1.93 11.31
CA GLU A 158 7.12 -2.25 11.10
C GLU A 158 7.80 -1.18 10.27
N LEU A 159 7.14 -0.75 9.19
CA LEU A 159 7.61 0.36 8.39
C LEU A 159 6.44 1.15 7.79
N LYS A 160 5.21 0.93 8.30
CA LYS A 160 4.04 1.70 7.89
C LYS A 160 3.73 1.41 6.43
N TYR A 161 3.73 0.12 6.10
CA TYR A 161 3.56 -0.35 4.73
C TYR A 161 2.67 -1.60 4.74
N PRO A 162 1.85 -1.78 3.69
CA PRO A 162 0.94 -2.91 3.57
C PRO A 162 1.58 -4.28 3.84
N LYS A 163 0.79 -5.15 4.47
CA LYS A 163 1.12 -6.54 4.77
C LYS A 163 -0.06 -7.44 4.41
N GLY A 164 -1.29 -6.94 4.55
CA GLY A 164 -2.49 -7.68 4.18
C GLY A 164 -3.67 -7.37 5.09
N ALA A 165 -4.88 -7.61 4.56
CA ALA A 165 -6.16 -7.53 5.25
C ALA A 165 -6.55 -6.11 5.70
N GLY A 166 -7.79 -5.94 6.15
CA GLY A 166 -8.31 -4.63 6.52
C GLY A 166 -8.72 -4.57 7.99
N ARG A 167 -8.97 -3.36 8.50
CA ARG A 167 -9.40 -3.16 9.88
C ARG A 167 -10.22 -1.89 10.03
N VAL A 168 -11.04 -1.85 11.08
CA VAL A 168 -11.87 -0.70 11.42
C VAL A 168 -12.11 -0.71 12.93
N ALA A 169 -12.36 0.45 13.53
CA ALA A 169 -12.59 0.55 14.96
C ALA A 169 -13.75 1.48 15.25
N PHE A 170 -14.84 0.92 15.82
CA PHE A 170 -16.01 1.69 16.19
C PHE A 170 -16.91 0.90 17.15
N SER A 171 -16.30 0.02 17.96
CA SER A 171 -17.03 -0.82 18.90
C SER A 171 -17.62 0.00 20.04
N ASN A 172 -18.71 0.74 19.76
CA ASN A 172 -19.33 1.60 20.75
C ASN A 172 -20.85 1.72 20.57
N GLN A 173 -21.40 1.13 19.51
CA GLN A 173 -22.81 1.29 19.16
C GLN A 173 -23.34 0.02 18.49
N GLN A 174 -24.67 -0.09 18.40
CA GLN A 174 -25.30 -1.24 17.78
C GLN A 174 -24.92 -1.34 16.31
N SER A 175 -24.30 -0.30 15.75
CA SER A 175 -23.85 -0.33 14.36
C SER A 175 -22.70 -1.32 14.21
N TYR A 176 -21.83 -1.39 15.22
CA TYR A 176 -20.75 -2.37 15.24
C TYR A 176 -21.33 -3.76 15.54
N ILE A 177 -22.39 -3.81 16.34
CA ILE A 177 -23.05 -5.08 16.64
C ILE A 177 -23.71 -5.62 15.36
N ALA A 178 -24.18 -4.72 14.50
CA ALA A 178 -24.89 -5.11 13.30
C ALA A 178 -23.94 -5.50 12.16
N ALA A 179 -22.70 -5.02 12.17
CA ALA A 179 -21.74 -5.36 11.12
C ALA A 179 -20.85 -6.54 11.53
N ILE A 180 -20.80 -6.86 12.82
CA ILE A 180 -19.99 -7.98 13.29
C ILE A 180 -20.83 -9.25 13.44
N SER A 181 -22.16 -9.08 13.46
CA SER A 181 -23.09 -10.20 13.41
C SER A 181 -23.58 -10.40 11.96
N ALA A 182 -23.03 -9.58 11.05
CA ALA A 182 -23.31 -9.69 9.63
C ALA A 182 -21.97 -9.92 8.94
N ARG A 183 -21.26 -10.94 9.45
CA ARG A 183 -19.90 -11.25 9.03
C ARG A 183 -19.83 -11.47 7.52
N PHE A 184 -20.92 -11.93 6.91
CA PHE A 184 -21.06 -12.01 5.47
C PHE A 184 -22.32 -11.24 5.07
N VAL A 185 -22.29 -10.52 3.95
CA VAL A 185 -23.43 -9.74 3.51
C VAL A 185 -23.29 -9.49 2.01
N GLN A 186 -24.34 -8.94 1.40
CA GLN A 186 -24.36 -8.68 -0.02
C GLN A 186 -23.34 -7.59 -0.38
N LEU A 187 -22.46 -7.89 -1.33
CA LEU A 187 -21.41 -6.97 -1.75
C LEU A 187 -20.96 -7.32 -3.17
N GLN A 188 -20.68 -6.30 -3.99
CA GLN A 188 -20.15 -6.48 -5.33
C GLN A 188 -19.22 -5.31 -5.63
N HIS A 189 -17.92 -5.59 -5.79
CA HIS A 189 -16.93 -4.57 -6.09
C HIS A 189 -15.71 -5.23 -6.72
N GLY A 190 -15.51 -5.06 -8.03
CA GLY A 190 -14.39 -5.68 -8.72
C GLY A 190 -14.49 -7.21 -8.59
N GLU A 191 -13.38 -7.85 -8.18
CA GLU A 191 -13.34 -9.29 -7.97
C GLU A 191 -13.87 -9.67 -6.58
N ILE A 192 -14.38 -8.70 -5.82
CA ILE A 192 -14.94 -8.95 -4.50
C ILE A 192 -16.45 -9.17 -4.61
N ASP A 193 -16.97 -10.10 -3.81
CA ASP A 193 -18.39 -10.41 -3.81
C ASP A 193 -18.87 -10.56 -2.37
N LYS A 194 -19.97 -11.28 -2.17
CA LYS A 194 -20.57 -11.57 -0.87
C LYS A 194 -19.57 -12.15 0.13
N ARG A 195 -18.45 -12.69 -0.38
CA ARG A 195 -17.52 -13.46 0.41
C ARG A 195 -16.48 -12.57 1.07
N VAL A 196 -16.87 -11.96 2.19
CA VAL A 196 -15.99 -11.11 3.00
C VAL A 196 -16.18 -11.49 4.46
N GLU A 197 -15.35 -10.91 5.34
CA GLU A 197 -15.40 -11.26 6.75
C GLU A 197 -15.32 -10.02 7.64
N VAL A 198 -15.99 -10.07 8.79
CA VAL A 198 -15.93 -9.05 9.83
C VAL A 198 -15.95 -9.76 11.18
N LYS A 199 -14.98 -9.45 12.04
CA LYS A 199 -14.82 -10.15 13.31
C LYS A 199 -13.92 -9.34 14.24
N PRO A 200 -14.00 -9.54 15.57
CA PRO A 200 -13.30 -8.73 16.54
C PRO A 200 -11.78 -8.91 16.47
N TYR A 201 -11.05 -7.87 16.87
CA TYR A 201 -9.60 -7.86 16.88
C TYR A 201 -9.06 -8.52 18.14
N VAL A 202 -7.77 -8.87 18.15
CA VAL A 202 -7.13 -9.51 19.29
C VAL A 202 -5.69 -9.06 19.43
N SER A 1 -5.46 28.78 -5.95
CA SER A 1 -4.35 29.55 -6.53
C SER A 1 -3.81 30.56 -5.53
N HIS A 2 -2.65 31.15 -5.84
CA HIS A 2 -2.01 32.17 -5.02
C HIS A 2 -1.77 31.73 -3.57
N GLN A 3 -1.66 30.41 -3.34
CA GLN A 3 -1.42 29.87 -2.01
C GLN A 3 -0.57 28.59 -2.10
N ASN A 4 -0.06 28.13 -0.96
CA ASN A 4 0.76 26.94 -0.88
C ASN A 4 0.47 26.16 0.40
N GLY A 5 0.87 24.89 0.44
CA GLY A 5 0.71 24.03 1.61
C GLY A 5 1.80 24.30 2.64
N GLU A 6 1.62 23.77 3.85
CA GLU A 6 2.57 23.92 4.94
C GLU A 6 2.99 22.55 5.48
N ARG A 7 2.64 21.48 4.77
CA ARG A 7 2.95 20.10 5.14
C ARG A 7 3.41 19.31 3.92
N VAL A 8 4.00 18.14 4.16
CA VAL A 8 4.52 17.28 3.10
C VAL A 8 4.08 15.84 3.33
N GLU A 9 3.74 15.13 2.25
CA GLU A 9 3.33 13.74 2.31
C GLU A 9 4.54 12.82 2.32
N ARG A 10 4.37 11.59 2.83
CA ARG A 10 5.45 10.64 3.00
C ARG A 10 4.92 9.22 2.81
N TYR A 11 5.81 8.31 2.39
CA TYR A 11 5.43 6.99 1.94
C TYR A 11 6.31 5.91 2.53
N SER A 12 5.86 4.66 2.45
CA SER A 12 6.66 3.53 2.88
C SER A 12 7.77 3.40 1.85
N ARG A 13 9.00 3.45 2.35
CA ARG A 13 10.20 3.53 1.53
C ARG A 13 10.52 2.24 0.80
N LYS A 14 9.74 1.17 1.02
CA LYS A 14 9.89 -0.06 0.28
C LYS A 14 9.10 0.10 -1.02
N VAL A 15 9.75 -0.16 -2.16
CA VAL A 15 9.13 0.06 -3.46
C VAL A 15 9.35 -1.16 -4.35
N PHE A 16 8.25 -1.73 -4.85
CA PHE A 16 8.31 -2.88 -5.74
C PHE A 16 8.47 -2.41 -7.19
N VAL A 17 9.14 -3.22 -8.01
CA VAL A 17 9.36 -2.91 -9.42
C VAL A 17 9.21 -4.19 -10.24
N GLY A 18 8.82 -4.07 -11.52
CA GLY A 18 8.64 -5.23 -12.37
C GLY A 18 8.86 -4.96 -13.85
N GLY A 19 8.99 -3.69 -14.23
CA GLY A 19 9.19 -3.32 -15.63
C GLY A 19 10.64 -3.52 -16.11
N LEU A 20 11.48 -4.18 -15.32
CA LEU A 20 12.88 -4.36 -15.64
C LEU A 20 13.05 -5.16 -16.95
N PRO A 21 14.16 -4.93 -17.65
CA PRO A 21 14.47 -5.55 -18.93
C PRO A 21 14.72 -7.06 -18.80
N PRO A 22 14.73 -7.79 -19.92
CA PRO A 22 14.99 -9.22 -19.97
C PRO A 22 16.35 -9.61 -19.41
N ASP A 23 17.24 -8.65 -19.21
CA ASP A 23 18.54 -8.87 -18.60
C ASP A 23 18.84 -7.70 -17.67
N ILE A 24 18.90 -7.98 -16.36
CA ILE A 24 19.04 -6.93 -15.36
C ILE A 24 20.00 -7.31 -14.23
N ASP A 25 20.65 -6.28 -13.68
CA ASP A 25 21.53 -6.34 -12.53
C ASP A 25 21.19 -5.15 -11.64
N GLU A 26 21.61 -5.14 -10.38
CA GLU A 26 21.27 -4.05 -9.47
C GLU A 26 21.83 -2.71 -9.98
N ASP A 27 22.86 -2.74 -10.82
CA ASP A 27 23.43 -1.52 -11.39
C ASP A 27 22.61 -1.06 -12.60
N GLU A 28 21.83 -1.96 -13.20
CA GLU A 28 21.01 -1.64 -14.36
C GLU A 28 19.77 -0.87 -13.91
N ILE A 29 19.10 -1.37 -12.87
CA ILE A 29 17.90 -0.71 -12.36
C ILE A 29 18.27 0.57 -11.62
N THR A 30 19.46 0.63 -11.02
CA THR A 30 19.89 1.85 -10.38
C THR A 30 20.20 2.90 -11.46
N ALA A 31 20.55 2.44 -12.67
CA ALA A 31 20.79 3.33 -13.80
C ALA A 31 19.49 3.67 -14.53
N SER A 32 18.43 2.89 -14.31
CA SER A 32 17.11 3.22 -14.83
C SER A 32 16.49 4.30 -13.95
N PHE A 33 16.87 4.33 -12.66
CA PHE A 33 16.46 5.37 -11.74
C PHE A 33 17.61 6.37 -11.57
N ARG A 34 18.21 6.79 -12.70
CA ARG A 34 19.42 7.62 -12.70
C ARG A 34 19.25 8.94 -11.93
N ARG A 35 18.02 9.41 -11.75
CA ARG A 35 17.75 10.66 -11.04
C ARG A 35 17.22 10.42 -9.63
N PHE A 36 17.37 9.19 -9.12
CA PHE A 36 16.94 8.81 -7.78
C PHE A 36 18.19 8.69 -6.89
N GLY A 37 18.02 8.85 -5.57
CA GLY A 37 19.13 8.84 -4.63
C GLY A 37 19.67 7.43 -4.38
N PRO A 38 20.47 7.26 -3.30
CA PRO A 38 21.03 5.97 -2.92
C PRO A 38 19.92 5.05 -2.39
N LEU A 39 20.04 3.75 -2.68
CA LEU A 39 19.02 2.78 -2.32
C LEU A 39 19.61 1.39 -2.10
N ILE A 40 18.80 0.48 -1.56
CA ILE A 40 19.18 -0.91 -1.32
C ILE A 40 18.22 -1.80 -2.09
N VAL A 41 18.68 -2.98 -2.52
CA VAL A 41 17.87 -3.85 -3.36
C VAL A 41 18.22 -5.33 -3.14
N ASP A 42 17.22 -6.20 -3.36
CA ASP A 42 17.40 -7.64 -3.22
C ASP A 42 16.48 -8.38 -4.20
N TRP A 43 16.86 -9.61 -4.55
CA TRP A 43 16.12 -10.44 -5.49
C TRP A 43 15.32 -11.51 -4.74
N PRO A 44 14.24 -12.03 -5.36
CA PRO A 44 13.44 -13.10 -4.78
C PRO A 44 14.24 -14.41 -4.73
N HIS A 45 15.36 -14.47 -5.47
CA HIS A 45 16.27 -15.60 -5.46
C HIS A 45 17.66 -15.12 -5.86
N LYS A 46 18.70 -15.64 -5.20
CA LYS A 46 20.08 -15.27 -5.49
C LYS A 46 21.03 -16.39 -5.08
N ALA A 47 22.30 -16.27 -5.49
CA ALA A 47 23.33 -17.26 -5.23
C ALA A 47 24.53 -16.63 -4.50
N GLU A 48 25.45 -17.47 -4.03
CA GLU A 48 26.64 -17.03 -3.30
C GLU A 48 27.76 -16.61 -4.25
N SER A 49 27.49 -16.65 -5.57
CA SER A 49 28.47 -16.28 -6.59
C SER A 49 28.75 -14.77 -6.57
N LYS A 50 29.81 -14.36 -7.27
CA LYS A 50 30.23 -12.96 -7.32
C LYS A 50 29.25 -12.11 -8.11
N SER A 51 28.45 -12.73 -8.98
CA SER A 51 27.44 -12.03 -9.77
C SER A 51 26.30 -12.97 -10.10
N TYR A 52 25.05 -12.48 -9.99
CA TYR A 52 23.86 -13.26 -10.26
C TYR A 52 22.72 -12.33 -10.68
N PHE A 53 21.68 -12.89 -11.31
CA PHE A 53 20.56 -12.13 -11.83
C PHE A 53 19.24 -12.75 -11.36
N PRO A 54 18.18 -11.95 -11.21
CA PRO A 54 16.89 -12.42 -10.74
C PRO A 54 16.25 -13.35 -11.78
N PRO A 55 15.43 -14.31 -11.32
CA PRO A 55 14.79 -15.29 -12.19
C PRO A 55 13.61 -14.69 -12.95
N LYS A 56 13.18 -13.48 -12.59
CA LYS A 56 12.03 -12.81 -13.19
C LYS A 56 12.33 -11.32 -13.34
N GLY A 57 11.45 -10.61 -14.05
CA GLY A 57 11.56 -9.17 -14.24
C GLY A 57 11.20 -8.39 -12.97
N TYR A 58 10.82 -9.11 -11.90
CA TYR A 58 10.41 -8.48 -10.66
C TYR A 58 11.62 -8.18 -9.79
N ALA A 59 11.51 -7.13 -8.96
CA ALA A 59 12.56 -6.71 -8.06
C ALA A 59 11.96 -6.14 -6.79
N PHE A 60 12.71 -6.19 -5.70
CA PHE A 60 12.29 -5.64 -4.42
C PHE A 60 13.41 -4.75 -3.90
N LEU A 61 13.12 -3.47 -3.70
CA LEU A 61 14.12 -2.51 -3.27
C LEU A 61 13.52 -1.51 -2.29
N LEU A 62 14.38 -0.78 -1.58
CA LEU A 62 13.94 0.22 -0.63
C LEU A 62 14.92 1.39 -0.60
N PHE A 63 14.45 2.54 -0.10
CA PHE A 63 15.23 3.76 -0.18
C PHE A 63 15.78 4.20 1.18
N GLN A 64 16.79 5.08 1.15
CA GLN A 64 17.49 5.52 2.35
C GLN A 64 16.72 6.60 3.11
N ASP A 65 15.94 7.43 2.40
CA ASP A 65 15.17 8.48 3.03
C ASP A 65 13.82 8.67 2.32
N GLU A 66 12.82 9.16 3.06
CA GLU A 66 11.46 9.28 2.55
C GLU A 66 11.20 10.60 1.81
N SER A 67 12.10 11.58 1.91
CA SER A 67 11.93 12.85 1.22
C SER A 67 12.37 12.73 -0.23
N SER A 68 13.36 11.87 -0.49
CA SER A 68 13.81 11.61 -1.85
C SER A 68 12.78 10.76 -2.57
N VAL A 69 12.07 9.91 -1.82
CA VAL A 69 11.01 9.07 -2.34
C VAL A 69 9.85 9.95 -2.82
N GLN A 70 9.60 11.07 -2.15
CA GLN A 70 8.52 11.96 -2.54
C GLN A 70 8.91 12.76 -3.79
N ALA A 71 10.19 13.10 -3.93
CA ALA A 71 10.63 13.92 -5.06
C ALA A 71 10.64 13.13 -6.37
N LEU A 72 11.01 11.84 -6.32
CA LEU A 72 11.10 11.04 -7.53
C LEU A 72 9.73 10.49 -7.92
N ILE A 73 8.92 10.09 -6.93
CA ILE A 73 7.55 9.64 -7.20
C ILE A 73 6.73 10.78 -7.80
N ASP A 74 7.10 12.04 -7.50
CA ASP A 74 6.42 13.20 -8.06
C ASP A 74 7.01 13.57 -9.42
N ALA A 75 8.24 13.11 -9.70
CA ALA A 75 8.90 13.34 -10.98
C ALA A 75 8.72 12.17 -11.94
N CYS A 76 7.63 11.40 -11.78
CA CYS A 76 7.35 10.27 -12.65
C CYS A 76 5.84 10.13 -12.91
N ILE A 77 5.46 9.11 -13.69
CA ILE A 77 4.08 8.85 -14.05
C ILE A 77 3.32 8.25 -12.85
N GLU A 78 2.00 8.43 -12.80
CA GLU A 78 1.20 7.97 -11.67
C GLU A 78 -0.19 7.49 -12.10
N GLU A 79 -0.83 6.73 -11.21
CA GLU A 79 -2.19 6.25 -11.38
C GLU A 79 -2.88 6.25 -10.01
N ASP A 80 -4.21 6.30 -9.98
CA ASP A 80 -4.95 6.32 -8.74
C ASP A 80 -4.71 5.02 -7.93
N GLY A 81 -4.17 3.98 -8.57
CA GLY A 81 -3.93 2.71 -7.91
C GLY A 81 -2.45 2.41 -7.67
N LYS A 82 -1.55 3.04 -8.43
CA LYS A 82 -0.13 2.71 -8.41
C LYS A 82 0.71 3.79 -9.06
N LEU A 83 2.02 3.60 -9.11
CA LEU A 83 2.95 4.54 -9.70
C LEU A 83 3.66 3.90 -10.90
N TYR A 84 4.29 4.71 -11.73
CA TYR A 84 5.05 4.23 -12.88
C TYR A 84 6.27 5.09 -13.11
N LEU A 85 7.39 4.48 -13.53
CA LEU A 85 8.61 5.21 -13.83
C LEU A 85 8.86 5.17 -15.33
N CYS A 86 9.40 6.26 -15.88
CA CYS A 86 9.74 6.32 -17.29
C CYS A 86 11.15 5.80 -17.48
N VAL A 87 11.28 4.71 -18.25
CA VAL A 87 12.55 4.04 -18.47
C VAL A 87 12.58 3.46 -19.88
N SER A 88 13.68 3.69 -20.60
CA SER A 88 13.88 3.16 -21.94
C SER A 88 15.38 3.14 -22.28
N SER A 89 15.75 2.24 -23.20
CA SER A 89 17.10 1.96 -23.66
C SER A 89 17.99 1.03 -22.82
N PRO A 90 17.68 0.64 -21.57
CA PRO A 90 18.46 -0.37 -20.88
C PRO A 90 18.03 -1.78 -21.32
N THR A 91 18.34 -2.15 -22.57
CA THR A 91 17.93 -3.42 -23.15
C THR A 91 16.41 -3.59 -23.22
N ILE A 92 15.69 -2.46 -23.21
CA ILE A 92 14.24 -2.39 -23.38
C ILE A 92 13.91 -1.06 -24.05
N LYS A 93 12.77 -0.94 -24.73
CA LYS A 93 12.41 0.31 -25.38
C LYS A 93 10.92 0.65 -25.26
N ASP A 94 10.66 1.94 -25.08
CA ASP A 94 9.34 2.57 -25.13
C ASP A 94 8.27 1.89 -24.27
N LYS A 95 8.62 1.48 -23.04
CA LYS A 95 7.64 0.94 -22.12
C LYS A 95 8.02 1.33 -20.69
N PRO A 96 7.10 1.92 -19.92
CA PRO A 96 7.35 2.33 -18.54
C PRO A 96 7.46 1.12 -17.62
N VAL A 97 7.82 1.36 -16.35
CA VAL A 97 7.98 0.29 -15.38
C VAL A 97 7.01 0.49 -14.22
N GLN A 98 6.51 -0.60 -13.64
CA GLN A 98 5.59 -0.51 -12.51
C GLN A 98 6.35 -0.12 -11.24
N ILE A 99 5.69 0.64 -10.38
CA ILE A 99 6.26 1.13 -9.13
C ILE A 99 5.17 1.07 -8.05
N ARG A 100 5.49 0.51 -6.87
CA ARG A 100 4.51 0.38 -5.80
C ARG A 100 5.14 0.62 -4.42
N PRO A 101 5.13 1.87 -3.94
CA PRO A 101 5.47 2.26 -2.57
C PRO A 101 4.22 2.08 -1.72
N TRP A 102 4.16 2.62 -0.50
CA TRP A 102 2.89 2.66 0.21
C TRP A 102 2.53 4.06 0.73
N ASN A 103 1.23 4.35 0.77
CA ASN A 103 0.70 5.65 1.13
C ASN A 103 0.06 5.62 2.52
N LEU A 104 0.88 5.34 3.54
CA LEU A 104 0.42 5.32 4.92
C LEU A 104 -0.02 6.71 5.40
N SER A 105 0.08 7.72 4.53
CA SER A 105 -0.36 9.06 4.84
C SER A 105 -1.80 9.31 4.38
N ASP A 106 -2.42 8.35 3.69
CA ASP A 106 -3.78 8.50 3.21
C ASP A 106 -4.64 7.27 3.52
N SER A 107 -4.01 6.15 3.88
CA SER A 107 -4.72 4.95 4.30
C SER A 107 -5.56 5.15 5.56
N ASP A 108 -5.50 6.33 6.18
CA ASP A 108 -6.30 6.64 7.35
C ASP A 108 -7.58 7.37 6.95
N PHE A 109 -8.72 6.77 7.32
CA PHE A 109 -10.03 7.35 7.09
C PHE A 109 -10.54 8.03 8.36
N VAL A 110 -11.49 8.96 8.19
CA VAL A 110 -12.00 9.77 9.30
C VAL A 110 -13.42 10.22 8.96
N MET A 111 -14.36 10.05 9.91
CA MET A 111 -15.73 10.51 9.72
C MET A 111 -16.43 10.72 11.07
N ASP A 112 -15.67 10.82 12.15
CA ASP A 112 -16.22 10.96 13.49
C ASP A 112 -16.90 12.32 13.69
N GLY A 113 -17.78 12.41 14.69
CA GLY A 113 -18.49 13.63 15.01
C GLY A 113 -19.57 13.42 16.07
N SER A 114 -19.77 12.18 16.52
CA SER A 114 -20.78 11.85 17.53
C SER A 114 -20.21 10.97 18.65
N GLN A 115 -19.01 10.41 18.47
CA GLN A 115 -18.41 9.53 19.45
C GLN A 115 -16.88 9.52 19.27
N PRO A 116 -16.11 9.69 20.35
CA PRO A 116 -14.66 9.67 20.32
C PRO A 116 -14.12 8.24 20.21
N LEU A 117 -12.83 8.12 19.89
CA LEU A 117 -12.19 6.82 19.78
C LEU A 117 -11.94 6.24 21.17
N ASP A 118 -12.29 4.97 21.36
CA ASP A 118 -12.07 4.27 22.61
C ASP A 118 -12.00 2.76 22.33
N PRO A 119 -11.13 2.01 23.02
CA PRO A 119 -10.95 0.58 22.81
C PRO A 119 -12.24 -0.24 22.90
N ARG A 120 -13.27 0.29 23.58
CA ARG A 120 -14.54 -0.40 23.76
C ARG A 120 -15.43 -0.26 22.53
N LYS A 121 -15.04 0.60 21.59
CA LYS A 121 -15.76 0.82 20.34
C LYS A 121 -14.89 0.51 19.13
N THR A 122 -13.71 -0.08 19.37
CA THR A 122 -12.81 -0.47 18.28
C THR A 122 -13.26 -1.82 17.73
N ILE A 123 -13.07 -2.01 16.42
CA ILE A 123 -13.50 -3.21 15.73
C ILE A 123 -12.38 -3.66 14.80
N PHE A 124 -12.31 -4.96 14.49
CA PHE A 124 -11.28 -5.52 13.64
C PHE A 124 -11.90 -5.97 12.32
N VAL A 125 -11.13 -5.90 11.23
CA VAL A 125 -11.58 -6.35 9.92
C VAL A 125 -10.49 -7.17 9.26
N GLY A 126 -10.82 -8.41 8.90
CA GLY A 126 -9.86 -9.32 8.30
C GLY A 126 -10.03 -9.39 6.79
N GLY A 127 -8.92 -9.64 6.09
CA GLY A 127 -8.90 -9.80 4.64
C GLY A 127 -8.84 -8.45 3.91
N VAL A 128 -7.63 -8.01 3.59
CA VAL A 128 -7.38 -6.83 2.76
C VAL A 128 -6.26 -7.13 1.75
N PRO A 129 -6.37 -8.23 0.98
CA PRO A 129 -5.32 -8.70 0.10
C PRO A 129 -5.09 -7.75 -1.08
N ARG A 130 -3.86 -7.82 -1.65
CA ARG A 130 -3.37 -6.99 -2.74
C ARG A 130 -3.35 -5.50 -2.37
N PRO A 131 -2.58 -4.67 -3.10
CA PRO A 131 -2.45 -3.25 -2.84
C PRO A 131 -3.71 -2.44 -3.16
N LEU A 132 -4.45 -2.04 -2.12
CA LEU A 132 -5.55 -1.09 -2.23
C LEU A 132 -5.81 -0.47 -0.85
N ARG A 133 -6.26 0.79 -0.85
CA ARG A 133 -6.49 1.56 0.37
C ARG A 133 -7.73 1.04 1.09
N ALA A 134 -8.02 1.59 2.28
CA ALA A 134 -9.19 1.21 3.05
C ALA A 134 -10.50 1.63 2.36
N VAL A 135 -10.40 2.12 1.12
CA VAL A 135 -11.55 2.44 0.29
C VAL A 135 -12.51 1.26 0.23
N GLU A 136 -11.96 0.05 0.11
CA GLU A 136 -12.76 -1.16 0.00
C GLU A 136 -13.48 -1.47 1.30
N LEU A 137 -12.90 -1.11 2.45
CA LEU A 137 -13.42 -1.45 3.76
C LEU A 137 -14.58 -0.53 4.13
N ALA A 138 -14.39 0.78 3.94
CA ALA A 138 -15.42 1.73 4.34
C ALA A 138 -16.61 1.66 3.38
N MET A 139 -16.37 1.40 2.10
CA MET A 139 -17.42 1.45 1.10
C MET A 139 -18.30 0.19 1.12
N ILE A 140 -17.75 -0.97 1.52
CA ILE A 140 -18.58 -2.16 1.59
C ILE A 140 -19.47 -2.11 2.82
N MET A 141 -18.94 -1.73 3.98
CA MET A 141 -19.73 -1.70 5.19
C MET A 141 -20.76 -0.57 5.13
N ASP A 142 -20.56 0.37 4.21
CA ASP A 142 -21.50 1.47 4.02
C ASP A 142 -22.48 1.24 2.87
N ARG A 143 -22.25 0.23 2.01
CA ARG A 143 -23.18 -0.05 0.91
C ARG A 143 -24.19 -1.14 1.27
N LEU A 144 -23.94 -1.88 2.36
CA LEU A 144 -24.93 -2.84 2.87
C LEU A 144 -25.41 -2.43 4.26
N TYR A 145 -24.70 -2.86 5.31
CA TYR A 145 -24.98 -2.53 6.68
C TYR A 145 -23.67 -2.30 7.42
N GLY A 146 -23.59 -1.21 8.19
CA GLY A 146 -22.40 -0.87 8.95
C GLY A 146 -22.30 0.64 9.16
N GLY A 147 -21.08 1.15 9.25
CA GLY A 147 -20.81 2.56 9.46
C GLY A 147 -19.32 2.79 9.66
N VAL A 148 -18.93 4.03 9.94
CA VAL A 148 -17.53 4.37 10.16
C VAL A 148 -17.41 5.71 10.91
N CYS A 149 -16.38 5.81 11.75
CA CYS A 149 -16.00 7.07 12.38
C CYS A 149 -14.48 7.25 12.28
N TYR A 150 -13.75 6.12 12.32
CA TYR A 150 -12.33 6.10 12.09
C TYR A 150 -11.96 4.72 11.54
N ALA A 151 -11.10 4.66 10.52
CA ALA A 151 -10.72 3.40 9.92
C ALA A 151 -9.35 3.48 9.25
N GLY A 152 -8.76 2.32 8.94
CA GLY A 152 -7.51 2.26 8.22
C GLY A 152 -7.00 0.83 8.13
N ILE A 153 -5.92 0.63 7.38
CA ILE A 153 -5.32 -0.67 7.21
C ILE A 153 -4.22 -0.87 8.26
N ASP A 154 -4.12 -2.09 8.79
CA ASP A 154 -3.12 -2.42 9.80
C ASP A 154 -1.74 -2.48 9.14
N THR A 155 -0.72 -2.01 9.85
CA THR A 155 0.61 -1.90 9.28
C THR A 155 1.69 -2.44 10.21
N ASP A 156 2.79 -2.85 9.56
CA ASP A 156 3.99 -3.33 10.21
C ASP A 156 4.77 -2.13 10.73
N PRO A 157 5.06 -2.04 12.03
CA PRO A 157 5.83 -0.94 12.60
C PRO A 157 7.30 -0.99 12.13
N GLU A 158 7.67 -2.04 11.39
CA GLU A 158 9.02 -2.20 10.86
C GLU A 158 9.30 -1.18 9.76
N LEU A 159 8.35 -1.01 8.85
CA LEU A 159 8.51 -0.08 7.74
C LEU A 159 7.18 0.59 7.39
N LYS A 160 6.22 0.46 8.31
CA LYS A 160 4.90 1.10 8.20
C LYS A 160 4.20 0.69 6.91
N TYR A 161 4.18 -0.63 6.68
CA TYR A 161 3.63 -1.21 5.45
C TYR A 161 2.53 -2.21 5.78
N PRO A 162 1.50 -2.34 4.93
CA PRO A 162 0.36 -3.21 5.18
C PRO A 162 0.75 -4.62 5.62
N LYS A 163 -0.06 -5.21 6.49
CA LYS A 163 0.19 -6.54 7.06
C LYS A 163 -0.94 -7.53 6.75
N GLY A 164 -1.86 -7.18 5.85
CA GLY A 164 -2.92 -8.09 5.43
C GLY A 164 -4.15 -8.05 6.33
N ALA A 165 -4.29 -7.01 7.16
CA ALA A 165 -5.41 -6.86 8.08
C ALA A 165 -5.77 -5.37 8.22
N GLY A 166 -6.87 -5.06 8.91
CA GLY A 166 -7.28 -3.68 9.12
C GLY A 166 -8.17 -3.53 10.35
N ARG A 167 -8.54 -2.29 10.67
CA ARG A 167 -9.37 -1.99 11.83
C ARG A 167 -10.21 -0.74 11.60
N VAL A 168 -11.35 -0.67 12.30
CA VAL A 168 -12.30 0.43 12.20
C VAL A 168 -12.93 0.65 13.57
N ALA A 169 -13.48 1.85 13.81
CA ALA A 169 -14.14 2.14 15.06
C ALA A 169 -15.42 2.93 14.80
N PHE A 170 -16.56 2.36 15.20
CA PHE A 170 -17.86 3.00 15.10
C PHE A 170 -18.89 2.20 15.91
N SER A 171 -20.06 2.79 16.14
CA SER A 171 -21.13 2.17 16.90
C SER A 171 -22.49 2.60 16.33
N ASN A 172 -22.62 2.55 15.00
CA ASN A 172 -23.80 3.03 14.29
C ASN A 172 -25.03 2.15 14.51
N GLN A 173 -25.63 2.23 15.70
CA GLN A 173 -26.88 1.57 16.04
C GLN A 173 -26.88 0.10 15.62
N GLN A 174 -28.04 -0.43 15.22
CA GLN A 174 -28.17 -1.83 14.85
C GLN A 174 -27.37 -2.16 13.58
N SER A 175 -26.94 -1.16 12.82
CA SER A 175 -26.14 -1.42 11.63
C SER A 175 -24.74 -1.87 12.04
N TYR A 176 -24.25 -1.36 13.17
CA TYR A 176 -22.99 -1.81 13.74
C TYR A 176 -23.16 -3.20 14.34
N ILE A 177 -24.37 -3.49 14.86
CA ILE A 177 -24.67 -4.84 15.37
C ILE A 177 -24.75 -5.82 14.20
N ALA A 178 -25.23 -5.36 13.04
CA ALA A 178 -25.42 -6.23 11.89
C ALA A 178 -24.11 -6.56 11.18
N ALA A 179 -23.09 -5.70 11.30
CA ALA A 179 -21.80 -5.94 10.65
C ALA A 179 -20.81 -6.60 11.61
N ILE A 180 -20.97 -6.43 12.92
CA ILE A 180 -20.09 -7.07 13.89
C ILE A 180 -20.60 -8.49 14.19
N SER A 181 -21.83 -8.79 13.79
CA SER A 181 -22.36 -10.14 13.82
C SER A 181 -22.20 -10.80 12.44
N ALA A 182 -21.72 -10.04 11.47
CA ALA A 182 -21.44 -10.55 10.13
C ALA A 182 -19.97 -10.96 10.08
N ARG A 183 -19.58 -11.83 11.03
CA ARG A 183 -18.19 -12.25 11.18
C ARG A 183 -17.74 -13.11 10.00
N PHE A 184 -18.69 -13.58 9.19
CA PHE A 184 -18.41 -14.23 7.91
C PHE A 184 -19.66 -14.04 7.05
N VAL A 185 -19.54 -13.35 5.91
CA VAL A 185 -20.66 -13.17 5.00
C VAL A 185 -20.10 -12.89 3.61
N GLN A 186 -20.94 -13.07 2.59
CA GLN A 186 -20.55 -12.85 1.21
C GLN A 186 -20.07 -11.41 1.01
N LEU A 187 -19.12 -11.25 0.08
CA LEU A 187 -18.53 -9.96 -0.23
C LEU A 187 -17.93 -10.03 -1.63
N GLN A 188 -18.21 -9.03 -2.47
CA GLN A 188 -17.66 -8.97 -3.82
C GLN A 188 -17.16 -7.56 -4.11
N HIS A 189 -15.92 -7.49 -4.63
CA HIS A 189 -15.26 -6.25 -4.99
C HIS A 189 -14.16 -6.58 -6.00
N GLY A 190 -13.37 -5.59 -6.41
CA GLY A 190 -12.26 -5.85 -7.31
C GLY A 190 -11.26 -6.79 -6.64
N GLU A 191 -10.83 -7.81 -7.38
CA GLU A 191 -9.86 -8.81 -6.93
C GLU A 191 -10.25 -9.55 -5.65
N ILE A 192 -11.49 -9.43 -5.17
CA ILE A 192 -11.95 -10.11 -3.96
C ILE A 192 -13.37 -10.64 -4.18
N ASP A 193 -13.64 -11.88 -3.75
CA ASP A 193 -14.92 -12.52 -3.97
C ASP A 193 -15.40 -13.35 -2.78
N LYS A 194 -14.55 -13.56 -1.77
CA LYS A 194 -14.92 -14.35 -0.61
C LYS A 194 -13.98 -14.13 0.57
N ARG A 195 -14.31 -14.75 1.71
CA ARG A 195 -13.55 -14.75 2.95
C ARG A 195 -13.24 -13.35 3.48
N VAL A 196 -14.10 -12.89 4.39
CA VAL A 196 -13.90 -11.62 5.09
C VAL A 196 -14.33 -11.78 6.54
N GLU A 197 -13.82 -10.93 7.42
CA GLU A 197 -14.10 -11.03 8.85
C GLU A 197 -14.32 -9.66 9.47
N VAL A 198 -15.24 -9.58 10.44
CA VAL A 198 -15.51 -8.38 11.22
C VAL A 198 -15.90 -8.77 12.63
N LYS A 199 -15.10 -8.38 13.63
CA LYS A 199 -15.34 -8.77 15.02
C LYS A 199 -14.89 -7.65 15.97
N PRO A 200 -15.33 -7.67 17.24
CA PRO A 200 -14.89 -6.72 18.24
C PRO A 200 -13.39 -6.75 18.45
N TYR A 201 -12.82 -5.64 18.95
CA TYR A 201 -11.39 -5.53 19.21
C TYR A 201 -11.04 -5.95 20.64
N VAL A 202 -12.07 -6.13 21.49
CA VAL A 202 -11.90 -6.50 22.89
C VAL A 202 -12.92 -7.55 23.30
N SER A 1 -1.59 27.32 6.59
CA SER A 1 -0.82 26.22 5.97
C SER A 1 -0.23 26.66 4.64
N HIS A 2 0.72 25.89 4.11
CA HIS A 2 1.38 26.18 2.85
C HIS A 2 1.80 24.89 2.14
N GLN A 3 2.13 25.00 0.85
CA GLN A 3 2.54 23.87 0.03
C GLN A 3 3.57 24.34 -1.00
N ASN A 4 4.48 23.46 -1.40
CA ASN A 4 5.53 23.79 -2.36
C ASN A 4 5.76 22.66 -3.36
N GLY A 5 4.95 21.60 -3.31
CA GLY A 5 5.06 20.47 -4.24
C GLY A 5 6.25 19.56 -3.92
N GLU A 6 6.93 19.79 -2.80
CA GLU A 6 8.08 18.98 -2.40
C GLU A 6 8.01 18.61 -0.92
N ARG A 7 6.86 18.82 -0.29
CA ARG A 7 6.66 18.56 1.14
C ARG A 7 5.72 17.37 1.36
N VAL A 8 5.34 16.67 0.27
CA VAL A 8 4.42 15.55 0.31
C VAL A 8 5.17 14.27 0.66
N GLU A 9 5.98 14.32 1.73
CA GLU A 9 6.81 13.21 2.18
C GLU A 9 6.01 12.15 2.93
N ARG A 10 4.72 12.01 2.61
CA ARG A 10 3.78 11.13 3.31
C ARG A 10 3.84 9.69 2.81
N TYR A 11 5.00 9.23 2.32
CA TYR A 11 5.14 7.90 1.75
C TYR A 11 6.07 6.99 2.54
N SER A 12 5.87 5.68 2.36
CA SER A 12 6.78 4.67 2.88
C SER A 12 7.81 4.38 1.81
N ARG A 13 9.06 4.21 2.24
CA ARG A 13 10.21 4.11 1.35
C ARG A 13 10.22 2.81 0.56
N LYS A 14 9.40 1.83 0.95
CA LYS A 14 9.32 0.57 0.22
C LYS A 14 8.56 0.79 -1.07
N VAL A 15 9.19 0.47 -2.20
CA VAL A 15 8.60 0.69 -3.51
C VAL A 15 8.60 -0.60 -4.31
N PHE A 16 7.42 -0.92 -4.88
CA PHE A 16 7.26 -2.09 -5.72
C PHE A 16 7.70 -1.77 -7.14
N VAL A 17 8.28 -2.75 -7.83
CA VAL A 17 8.67 -2.60 -9.23
C VAL A 17 8.27 -3.87 -9.98
N GLY A 18 7.98 -3.77 -11.28
CA GLY A 18 7.65 -4.93 -12.09
C GLY A 18 8.02 -4.77 -13.55
N GLY A 19 8.36 -3.54 -13.97
CA GLY A 19 8.77 -3.27 -15.34
C GLY A 19 10.24 -3.63 -15.60
N LEU A 20 10.87 -4.39 -14.69
CA LEU A 20 12.28 -4.72 -14.80
C LEU A 20 12.59 -5.43 -16.14
N PRO A 21 13.80 -5.25 -16.68
CA PRO A 21 14.26 -5.90 -17.90
C PRO A 21 14.25 -7.43 -17.74
N PRO A 22 14.32 -8.18 -18.85
CA PRO A 22 14.34 -9.63 -18.86
C PRO A 22 15.63 -10.18 -18.27
N ASP A 23 16.62 -9.31 -18.04
CA ASP A 23 17.87 -9.64 -17.39
C ASP A 23 18.23 -8.49 -16.46
N ILE A 24 18.26 -8.75 -15.15
CA ILE A 24 18.47 -7.71 -14.17
C ILE A 24 19.38 -8.18 -13.03
N ASP A 25 20.15 -7.22 -12.52
CA ASP A 25 21.04 -7.36 -11.38
C ASP A 25 20.97 -6.06 -10.58
N GLU A 26 21.43 -6.05 -9.33
CA GLU A 26 21.39 -4.86 -8.49
C GLU A 26 22.03 -3.66 -9.20
N ASP A 27 23.07 -3.90 -10.00
CA ASP A 27 23.75 -2.83 -10.72
C ASP A 27 22.94 -2.33 -11.91
N GLU A 28 21.99 -3.14 -12.39
CA GLU A 28 21.17 -2.79 -13.54
C GLU A 28 20.03 -1.88 -13.09
N ILE A 29 19.36 -2.24 -11.99
CA ILE A 29 18.25 -1.48 -11.47
C ILE A 29 18.76 -0.21 -10.79
N THR A 30 19.98 -0.24 -10.25
CA THR A 30 20.57 0.96 -9.65
C THR A 30 21.00 1.93 -10.75
N ALA A 31 21.37 1.42 -11.93
CA ALA A 31 21.73 2.27 -13.05
C ALA A 31 20.49 2.75 -13.81
N SER A 32 19.38 2.01 -13.69
CA SER A 32 18.12 2.42 -14.28
C SER A 32 17.50 3.55 -13.47
N PHE A 33 17.56 3.47 -12.14
CA PHE A 33 17.06 4.53 -11.27
C PHE A 33 18.14 5.59 -11.06
N ARG A 34 18.61 6.17 -12.16
CA ARG A 34 19.68 7.16 -12.16
C ARG A 34 19.23 8.49 -11.56
N ARG A 35 18.09 8.50 -10.86
CA ARG A 35 17.54 9.68 -10.21
C ARG A 35 17.18 9.39 -8.75
N PHE A 36 17.45 8.17 -8.27
CA PHE A 36 17.23 7.82 -6.87
C PHE A 36 18.55 7.79 -6.11
N GLY A 37 18.47 7.89 -4.78
CA GLY A 37 19.63 7.79 -3.89
C GLY A 37 20.08 6.34 -3.78
N PRO A 38 20.91 6.02 -2.77
CA PRO A 38 21.38 4.66 -2.54
C PRO A 38 20.22 3.76 -2.13
N LEU A 39 20.33 2.47 -2.44
CA LEU A 39 19.21 1.55 -2.33
C LEU A 39 19.58 0.25 -1.64
N ILE A 40 18.55 -0.49 -1.20
CA ILE A 40 18.65 -1.85 -0.72
C ILE A 40 17.54 -2.63 -1.41
N VAL A 41 17.80 -3.88 -1.81
CA VAL A 41 16.87 -4.62 -2.65
C VAL A 41 16.69 -6.06 -2.17
N ASP A 42 15.57 -6.67 -2.54
CA ASP A 42 15.33 -8.09 -2.28
C ASP A 42 14.40 -8.69 -3.33
N TRP A 43 14.72 -9.90 -3.78
CA TRP A 43 13.92 -10.67 -4.72
C TRP A 43 14.36 -12.14 -4.68
N PRO A 44 13.48 -13.07 -5.08
CA PRO A 44 13.77 -14.49 -5.11
C PRO A 44 14.68 -14.85 -6.28
N HIS A 45 15.03 -16.13 -6.40
CA HIS A 45 15.84 -16.68 -7.48
C HIS A 45 17.22 -16.04 -7.62
N LYS A 46 17.75 -15.45 -6.53
CA LYS A 46 19.08 -14.84 -6.53
C LYS A 46 20.10 -15.70 -5.78
N ALA A 47 19.72 -16.93 -5.39
CA ALA A 47 20.57 -17.83 -4.64
C ALA A 47 20.49 -19.26 -5.17
N GLU A 48 20.05 -19.41 -6.43
CA GLU A 48 19.90 -20.73 -7.04
C GLU A 48 21.27 -21.32 -7.41
N SER A 49 21.31 -22.63 -7.61
CA SER A 49 22.54 -23.35 -7.94
C SER A 49 22.49 -23.91 -9.36
N LYS A 50 21.45 -23.56 -10.12
CA LYS A 50 21.27 -24.03 -11.50
C LYS A 50 20.81 -22.88 -12.41
N SER A 51 20.56 -21.71 -11.82
CA SER A 51 20.08 -20.54 -12.53
C SER A 51 20.74 -19.27 -11.99
N TYR A 52 20.63 -18.17 -12.73
CA TYR A 52 21.21 -16.88 -12.34
C TYR A 52 20.28 -15.74 -12.74
N PHE A 53 20.28 -14.67 -11.92
CA PHE A 53 19.37 -13.54 -12.01
C PHE A 53 17.89 -13.95 -11.90
N PRO A 54 17.05 -13.06 -11.34
CA PRO A 54 15.63 -13.32 -11.19
C PRO A 54 14.91 -13.20 -12.54
N PRO A 55 13.71 -13.79 -12.66
CA PRO A 55 12.86 -13.64 -13.83
C PRO A 55 12.43 -12.19 -14.07
N LYS A 56 11.68 -11.96 -15.14
CA LYS A 56 11.15 -10.64 -15.48
C LYS A 56 9.96 -10.27 -14.56
N GLY A 57 9.86 -10.96 -13.42
CA GLY A 57 8.78 -10.76 -12.47
C GLY A 57 8.94 -9.47 -11.65
N TYR A 58 8.22 -9.39 -10.53
CA TYR A 58 8.22 -8.22 -9.68
C TYR A 58 9.42 -8.21 -8.73
N ALA A 59 9.68 -7.05 -8.13
CA ALA A 59 10.77 -6.84 -7.21
C ALA A 59 10.36 -5.88 -6.09
N PHE A 60 11.07 -5.94 -4.97
CA PHE A 60 10.83 -5.02 -3.87
C PHE A 60 12.16 -4.39 -3.44
N LEU A 61 12.14 -3.09 -3.17
CA LEU A 61 13.34 -2.36 -2.80
C LEU A 61 12.98 -1.05 -2.12
N LEU A 62 13.98 -0.41 -1.51
CA LEU A 62 13.80 0.88 -0.86
C LEU A 62 15.08 1.70 -0.94
N PHE A 63 14.99 2.96 -0.53
CA PHE A 63 16.10 3.90 -0.52
C PHE A 63 15.97 4.79 0.71
N GLN A 64 17.10 5.27 1.24
CA GLN A 64 17.11 5.98 2.50
C GLN A 64 17.04 7.49 2.34
N ASP A 65 17.21 8.01 1.12
CA ASP A 65 17.11 9.45 0.87
C ASP A 65 15.65 9.86 0.66
N GLU A 66 14.98 10.24 1.75
CA GLU A 66 13.57 10.59 1.70
C GLU A 66 13.30 11.83 0.83
N SER A 67 14.32 12.66 0.59
CA SER A 67 14.16 13.83 -0.26
C SER A 67 14.06 13.39 -1.72
N SER A 68 14.63 12.22 -2.03
CA SER A 68 14.59 11.68 -3.38
C SER A 68 13.30 10.89 -3.59
N VAL A 69 12.70 10.38 -2.51
CA VAL A 69 11.44 9.66 -2.60
C VAL A 69 10.36 10.60 -3.08
N GLN A 70 10.34 11.84 -2.58
CA GLN A 70 9.32 12.81 -2.95
C GLN A 70 9.64 13.42 -4.31
N ALA A 71 10.93 13.61 -4.62
CA ALA A 71 11.34 14.24 -5.86
C ALA A 71 11.05 13.36 -7.08
N LEU A 72 11.36 12.07 -7.00
CA LEU A 72 11.24 11.19 -8.15
C LEU A 72 9.78 10.75 -8.34
N ILE A 73 9.10 10.40 -7.23
CA ILE A 73 7.72 9.94 -7.31
C ILE A 73 6.80 11.07 -7.78
N ASP A 74 7.22 12.34 -7.62
CA ASP A 74 6.44 13.47 -8.11
C ASP A 74 6.87 13.88 -9.53
N ALA A 75 8.07 13.47 -9.96
CA ALA A 75 8.59 13.82 -11.27
C ALA A 75 8.32 12.74 -12.32
N CYS A 76 7.36 11.85 -12.07
CA CYS A 76 7.05 10.76 -12.98
C CYS A 76 5.55 10.67 -13.28
N ILE A 77 5.17 9.74 -14.15
CA ILE A 77 3.78 9.55 -14.54
C ILE A 77 3.03 8.96 -13.35
N GLU A 78 1.73 9.28 -13.22
CA GLU A 78 0.94 8.85 -12.07
C GLU A 78 -0.48 8.46 -12.46
N GLU A 79 -1.12 7.69 -11.57
CA GLU A 79 -2.50 7.26 -11.67
C GLU A 79 -3.07 7.18 -10.25
N ASP A 80 -4.39 7.27 -10.11
CA ASP A 80 -5.03 7.20 -8.80
C ASP A 80 -4.81 5.83 -8.14
N GLY A 81 -4.25 4.87 -8.88
CA GLY A 81 -4.00 3.53 -8.38
C GLY A 81 -2.52 3.18 -8.26
N LYS A 82 -1.64 3.84 -9.02
CA LYS A 82 -0.21 3.52 -9.04
C LYS A 82 0.57 4.61 -9.76
N LEU A 83 1.88 4.42 -9.93
CA LEU A 83 2.69 5.34 -10.71
C LEU A 83 3.52 4.58 -11.74
N TYR A 84 4.15 5.31 -12.65
CA TYR A 84 4.98 4.73 -13.70
C TYR A 84 6.21 5.59 -13.93
N LEU A 85 7.36 4.95 -14.11
CA LEU A 85 8.59 5.66 -14.40
C LEU A 85 8.89 5.59 -15.89
N CYS A 86 9.44 6.68 -16.43
CA CYS A 86 9.74 6.83 -17.84
C CYS A 86 11.16 6.37 -18.17
N VAL A 87 11.67 5.39 -17.43
CA VAL A 87 13.03 4.89 -17.56
C VAL A 87 13.28 4.15 -18.88
N SER A 88 12.21 3.90 -19.65
CA SER A 88 12.32 3.26 -20.95
C SER A 88 12.68 4.30 -22.02
N SER A 89 13.94 4.72 -22.04
CA SER A 89 14.39 5.76 -22.97
C SER A 89 15.89 5.71 -23.27
N PRO A 90 16.75 5.39 -22.29
CA PRO A 90 18.19 5.16 -22.50
C PRO A 90 18.44 3.94 -23.39
N THR A 91 19.61 3.32 -23.21
CA THR A 91 19.97 2.09 -23.93
C THR A 91 18.97 0.97 -23.65
N ILE A 92 18.03 1.19 -22.73
CA ILE A 92 16.97 0.25 -22.41
C ILE A 92 15.61 0.90 -22.67
N LYS A 93 14.74 0.19 -23.40
CA LYS A 93 13.39 0.65 -23.64
C LYS A 93 12.48 -0.54 -23.92
N ASP A 94 11.47 -0.72 -23.07
CA ASP A 94 10.49 -1.78 -23.20
C ASP A 94 9.23 -1.38 -22.44
N LYS A 95 8.63 -0.25 -22.84
CA LYS A 95 7.50 0.38 -22.15
C LYS A 95 7.90 0.85 -20.74
N PRO A 96 7.19 1.84 -20.17
CA PRO A 96 7.47 2.35 -18.85
C PRO A 96 7.31 1.27 -17.78
N VAL A 97 7.86 1.52 -16.60
CA VAL A 97 7.87 0.53 -15.52
C VAL A 97 6.84 0.91 -14.46
N GLN A 98 6.07 -0.07 -13.99
CA GLN A 98 5.09 0.15 -12.93
C GLN A 98 5.83 0.31 -11.61
N ILE A 99 5.41 1.28 -10.79
CA ILE A 99 6.04 1.54 -9.51
C ILE A 99 5.05 2.14 -8.53
N ARG A 100 5.20 1.80 -7.24
CA ARG A 100 4.38 2.42 -6.20
C ARG A 100 5.04 2.30 -4.82
N PRO A 101 5.05 3.39 -4.05
CA PRO A 101 5.46 3.43 -2.65
C PRO A 101 4.27 3.02 -1.79
N TRP A 102 4.21 3.42 -0.52
CA TRP A 102 2.97 3.26 0.25
C TRP A 102 2.51 4.60 0.79
N ASN A 103 1.20 4.76 0.99
CA ASN A 103 0.62 6.01 1.44
C ASN A 103 0.23 5.91 2.92
N LEU A 104 1.02 6.58 3.77
CA LEU A 104 0.83 6.56 5.21
C LEU A 104 -0.49 7.22 5.59
N SER A 105 -0.99 8.06 4.68
CA SER A 105 -2.18 8.85 4.94
C SER A 105 -3.44 8.09 4.56
N ASP A 106 -3.40 7.19 3.56
CA ASP A 106 -4.55 6.36 3.23
C ASP A 106 -4.66 5.20 4.21
N SER A 107 -3.60 4.89 4.95
CA SER A 107 -3.66 3.92 6.03
C SER A 107 -4.63 4.36 7.13
N ASP A 108 -5.15 5.58 7.06
CA ASP A 108 -5.98 6.12 8.11
C ASP A 108 -7.26 6.74 7.55
N PHE A 109 -8.37 6.06 7.82
CA PHE A 109 -9.69 6.57 7.49
C PHE A 109 -10.30 7.23 8.73
N VAL A 110 -11.23 8.17 8.52
CA VAL A 110 -11.74 9.04 9.57
C VAL A 110 -13.10 9.56 9.10
N MET A 111 -13.98 9.95 10.02
CA MET A 111 -15.25 10.58 9.66
C MET A 111 -15.44 11.91 10.38
N ASP A 112 -15.37 11.92 11.71
CA ASP A 112 -15.53 13.14 12.48
C ASP A 112 -14.92 13.03 13.89
N GLY A 113 -14.43 11.85 14.28
CA GLY A 113 -13.87 11.67 15.61
C GLY A 113 -14.96 11.66 16.69
N SER A 114 -16.17 11.22 16.33
CA SER A 114 -17.33 11.22 17.22
C SER A 114 -17.17 10.23 18.36
N GLN A 115 -16.16 9.35 18.28
CA GLN A 115 -15.92 8.33 19.27
C GLN A 115 -14.42 8.05 19.37
N PRO A 116 -13.85 8.04 20.57
CA PRO A 116 -12.44 7.74 20.81
C PRO A 116 -12.16 6.27 20.63
N LEU A 117 -10.89 5.93 20.38
CA LEU A 117 -10.48 4.55 20.15
C LEU A 117 -10.19 3.86 21.48
N ASP A 118 -10.79 2.68 21.66
CA ASP A 118 -10.59 1.81 22.82
C ASP A 118 -10.81 0.37 22.37
N PRO A 119 -10.20 -0.61 23.04
CA PRO A 119 -10.34 -2.01 22.69
C PRO A 119 -11.77 -2.50 22.91
N ARG A 120 -12.58 -1.73 23.65
CA ARG A 120 -13.97 -2.04 23.90
C ARG A 120 -14.87 -1.61 22.74
N LYS A 121 -14.33 -0.82 21.80
CA LYS A 121 -15.09 -0.25 20.69
C LYS A 121 -14.37 -0.46 19.36
N THR A 122 -13.28 -1.23 19.37
CA THR A 122 -12.54 -1.53 18.16
C THR A 122 -13.09 -2.81 17.53
N ILE A 123 -12.91 -2.93 16.22
CA ILE A 123 -13.40 -4.06 15.45
C ILE A 123 -12.28 -4.53 14.53
N PHE A 124 -12.30 -5.81 14.15
CA PHE A 124 -11.28 -6.39 13.30
C PHE A 124 -11.90 -6.80 11.97
N VAL A 125 -11.12 -6.70 10.88
CA VAL A 125 -11.59 -7.10 9.56
C VAL A 125 -10.49 -7.89 8.87
N GLY A 126 -10.84 -9.10 8.43
CA GLY A 126 -9.90 -9.99 7.75
C GLY A 126 -10.42 -10.35 6.36
N GLY A 127 -9.65 -11.15 5.63
CA GLY A 127 -10.01 -11.57 4.29
C GLY A 127 -9.54 -10.58 3.22
N VAL A 128 -8.70 -9.60 3.58
CA VAL A 128 -8.13 -8.69 2.61
C VAL A 128 -7.19 -9.51 1.71
N PRO A 129 -7.34 -9.43 0.38
CA PRO A 129 -6.61 -10.27 -0.56
C PRO A 129 -5.16 -9.82 -0.75
N ARG A 130 -4.91 -8.51 -0.68
CA ARG A 130 -3.61 -7.90 -0.91
C ARG A 130 -3.54 -6.61 -0.10
N PRO A 131 -2.35 -6.02 0.06
CA PRO A 131 -2.22 -4.70 0.65
C PRO A 131 -3.12 -3.72 -0.09
N LEU A 132 -3.99 -3.03 0.63
CA LEU A 132 -4.99 -2.16 0.03
C LEU A 132 -5.21 -0.91 0.88
N ARG A 133 -5.59 0.18 0.23
CA ARG A 133 -5.69 1.51 0.84
C ARG A 133 -6.99 1.68 1.60
N ALA A 134 -7.46 0.60 2.26
CA ALA A 134 -8.71 0.56 3.02
C ALA A 134 -9.92 1.02 2.18
N VAL A 135 -9.76 1.03 0.84
CA VAL A 135 -10.79 1.51 -0.06
C VAL A 135 -11.98 0.56 -0.11
N GLU A 136 -11.73 -0.72 -0.37
CA GLU A 136 -12.79 -1.69 -0.53
C GLU A 136 -13.44 -2.04 0.80
N LEU A 137 -12.73 -1.77 1.91
CA LEU A 137 -13.15 -2.14 3.25
C LEU A 137 -14.21 -1.17 3.75
N ALA A 138 -13.91 0.13 3.76
CA ALA A 138 -14.84 1.11 4.29
C ALA A 138 -16.03 1.30 3.35
N MET A 139 -15.82 1.09 2.04
CA MET A 139 -16.86 1.35 1.07
C MET A 139 -17.94 0.27 1.08
N ILE A 140 -17.57 -1.01 1.27
CA ILE A 140 -18.59 -2.05 1.32
C ILE A 140 -19.38 -1.98 2.63
N MET A 141 -18.70 -1.72 3.75
CA MET A 141 -19.38 -1.73 5.03
C MET A 141 -20.38 -0.59 5.12
N ASP A 142 -20.15 0.48 4.35
CA ASP A 142 -21.06 1.62 4.34
C ASP A 142 -22.20 1.43 3.35
N ARG A 143 -22.06 0.56 2.35
CA ARG A 143 -23.13 0.34 1.37
C ARG A 143 -24.22 -0.59 1.85
N LEU A 144 -23.92 -1.56 2.72
CA LEU A 144 -24.92 -2.52 3.17
C LEU A 144 -25.43 -2.31 4.60
N TYR A 145 -24.67 -1.66 5.48
CA TYR A 145 -25.10 -1.43 6.85
C TYR A 145 -24.70 -0.02 7.35
N GLY A 146 -23.95 0.05 8.45
CA GLY A 146 -23.69 1.30 9.16
C GLY A 146 -22.58 2.12 8.51
N GLY A 147 -22.32 3.30 9.07
CA GLY A 147 -21.28 4.20 8.60
C GLY A 147 -19.92 3.76 9.12
N VAL A 148 -19.10 4.75 9.50
CA VAL A 148 -17.78 4.52 10.05
C VAL A 148 -17.33 5.78 10.78
N CYS A 149 -16.51 5.62 11.83
CA CYS A 149 -15.94 6.77 12.54
C CYS A 149 -14.42 6.75 12.43
N TYR A 150 -13.85 5.53 12.44
CA TYR A 150 -12.42 5.34 12.24
C TYR A 150 -12.22 3.98 11.59
N ALA A 151 -11.23 3.87 10.69
CA ALA A 151 -10.89 2.63 10.04
C ALA A 151 -9.49 2.71 9.43
N GLY A 152 -8.94 1.58 9.00
CA GLY A 152 -7.67 1.57 8.30
C GLY A 152 -7.11 0.15 8.23
N ILE A 153 -6.02 -0.02 7.48
CA ILE A 153 -5.36 -1.31 7.37
C ILE A 153 -4.27 -1.42 8.43
N ASP A 154 -4.01 -2.64 8.89
CA ASP A 154 -2.97 -2.87 9.89
C ASP A 154 -1.60 -2.72 9.23
N THR A 155 -0.71 -2.01 9.92
CA THR A 155 0.62 -1.69 9.41
C THR A 155 1.73 -2.17 10.32
N ASP A 156 2.92 -2.25 9.72
CA ASP A 156 4.15 -2.64 10.34
C ASP A 156 4.85 -1.41 10.90
N PRO A 157 5.12 -1.35 12.21
CA PRO A 157 5.81 -0.22 12.83
C PRO A 157 7.30 -0.21 12.45
N GLU A 158 7.78 -1.24 11.76
CA GLU A 158 9.18 -1.35 11.38
C GLU A 158 9.52 -0.41 10.22
N LEU A 159 8.65 -0.37 9.21
CA LEU A 159 8.85 0.51 8.07
C LEU A 159 7.56 1.22 7.67
N LYS A 160 6.54 1.16 8.54
CA LYS A 160 5.27 1.85 8.33
C LYS A 160 4.62 1.42 7.02
N TYR A 161 4.53 0.10 6.83
CA TYR A 161 4.01 -0.50 5.61
C TYR A 161 3.02 -1.60 5.97
N PRO A 162 1.97 -1.85 5.17
CA PRO A 162 0.95 -2.84 5.47
C PRO A 162 1.52 -4.20 5.88
N LYS A 163 0.90 -4.83 6.87
CA LYS A 163 1.31 -6.12 7.40
C LYS A 163 0.19 -7.16 7.22
N GLY A 164 -0.87 -6.78 6.50
CA GLY A 164 -2.03 -7.65 6.25
C GLY A 164 -3.13 -7.37 7.26
N ALA A 165 -4.38 -7.74 6.91
CA ALA A 165 -5.57 -7.48 7.71
C ALA A 165 -5.82 -5.98 7.94
N GLY A 166 -6.94 -5.65 8.59
CA GLY A 166 -7.30 -4.27 8.88
C GLY A 166 -8.27 -4.18 10.06
N ARG A 167 -8.81 -2.97 10.29
CA ARG A 167 -9.61 -2.70 11.47
C ARG A 167 -10.55 -1.52 11.28
N VAL A 168 -11.53 -1.41 12.18
CA VAL A 168 -12.54 -0.38 12.19
C VAL A 168 -12.88 -0.05 13.64
N ALA A 169 -13.43 1.14 13.90
CA ALA A 169 -13.92 1.50 15.22
C ALA A 169 -15.10 2.45 15.05
N PHE A 170 -16.31 1.96 15.31
CA PHE A 170 -17.53 2.74 15.19
C PHE A 170 -18.69 2.10 15.97
N SER A 171 -18.37 1.47 17.10
CA SER A 171 -19.37 0.84 17.95
C SER A 171 -20.23 1.89 18.64
N ASN A 172 -21.24 2.41 17.93
CA ASN A 172 -22.11 3.46 18.46
C ASN A 172 -23.56 3.34 17.97
N GLN A 173 -23.87 2.37 17.10
CA GLN A 173 -25.21 2.28 16.53
C GLN A 173 -25.59 0.83 16.22
N GLN A 174 -26.89 0.55 16.19
CA GLN A 174 -27.39 -0.78 15.88
C GLN A 174 -26.94 -1.22 14.48
N SER A 175 -26.46 -0.29 13.66
CA SER A 175 -26.00 -0.65 12.32
C SER A 175 -24.57 -1.20 12.40
N TYR A 176 -23.85 -0.88 13.48
CA TYR A 176 -22.54 -1.49 13.73
C TYR A 176 -22.78 -2.94 14.17
N ILE A 177 -23.90 -3.17 14.88
CA ILE A 177 -24.25 -4.53 15.30
C ILE A 177 -24.47 -5.40 14.05
N ALA A 178 -25.10 -4.81 13.03
CA ALA A 178 -25.43 -5.54 11.82
C ALA A 178 -24.20 -5.81 10.96
N ALA A 179 -23.19 -4.95 11.02
CA ALA A 179 -21.97 -5.12 10.23
C ALA A 179 -20.95 -5.99 10.92
N ILE A 180 -21.02 -6.14 12.25
CA ILE A 180 -20.14 -7.05 12.97
C ILE A 180 -20.75 -8.46 12.95
N SER A 181 -22.04 -8.54 12.61
CA SER A 181 -22.69 -9.82 12.35
C SER A 181 -22.61 -10.15 10.86
N ALA A 182 -22.16 -9.17 10.05
CA ALA A 182 -21.97 -9.37 8.63
C ALA A 182 -20.58 -9.97 8.40
N ARG A 183 -20.32 -11.11 9.03
CA ARG A 183 -19.01 -11.73 9.01
C ARG A 183 -18.74 -12.40 7.66
N PHE A 184 -19.78 -12.58 6.84
CA PHE A 184 -19.64 -13.14 5.50
C PHE A 184 -20.56 -12.38 4.56
N VAL A 185 -20.20 -12.32 3.28
CA VAL A 185 -20.98 -11.68 2.24
C VAL A 185 -20.58 -12.32 0.91
N GLN A 186 -21.45 -12.15 -0.09
CA GLN A 186 -21.22 -12.68 -1.43
C GLN A 186 -19.95 -12.09 -2.04
N LEU A 187 -19.68 -10.84 -1.65
CA LEU A 187 -18.47 -10.06 -1.86
C LEU A 187 -17.41 -10.68 -2.76
N GLN A 188 -17.13 -10.02 -3.89
CA GLN A 188 -16.03 -10.38 -4.76
C GLN A 188 -15.02 -9.23 -4.72
N HIS A 189 -13.77 -9.55 -4.34
CA HIS A 189 -12.74 -8.54 -4.18
C HIS A 189 -11.35 -9.15 -4.35
N GLY A 190 -10.52 -8.54 -5.20
CA GLY A 190 -9.18 -9.03 -5.45
C GLY A 190 -9.21 -10.48 -5.95
N GLU A 191 -8.30 -11.30 -5.42
CA GLU A 191 -8.18 -12.70 -5.78
C GLU A 191 -9.02 -13.61 -4.85
N ILE A 192 -9.96 -13.02 -4.11
CA ILE A 192 -10.79 -13.76 -3.17
C ILE A 192 -12.27 -13.57 -3.49
N ASP A 193 -13.10 -14.55 -3.12
CA ASP A 193 -14.54 -14.50 -3.35
C ASP A 193 -15.28 -15.04 -2.14
N LYS A 194 -16.48 -14.51 -1.91
CA LYS A 194 -17.47 -14.95 -0.93
C LYS A 194 -16.97 -15.23 0.49
N ARG A 195 -15.72 -14.90 0.83
CA ARG A 195 -15.17 -15.29 2.12
C ARG A 195 -14.31 -14.19 2.74
N VAL A 196 -14.82 -13.63 3.84
CA VAL A 196 -14.09 -12.66 4.65
C VAL A 196 -14.45 -12.90 6.11
N GLU A 197 -13.91 -12.08 7.02
CA GLU A 197 -14.17 -12.19 8.44
C GLU A 197 -14.29 -10.81 9.08
N VAL A 198 -15.21 -10.68 10.05
CA VAL A 198 -15.40 -9.46 10.81
C VAL A 198 -15.79 -9.85 12.23
N LYS A 199 -15.07 -9.32 13.23
CA LYS A 199 -15.30 -9.68 14.63
C LYS A 199 -14.93 -8.51 15.54
N PRO A 200 -15.42 -8.47 16.78
CA PRO A 200 -15.02 -7.47 17.77
C PRO A 200 -13.55 -7.67 18.14
N TYR A 201 -12.91 -6.61 18.62
CA TYR A 201 -11.50 -6.62 18.97
C TYR A 201 -11.27 -7.23 20.36
N VAL A 202 -12.36 -7.56 21.07
CA VAL A 202 -12.30 -8.14 22.41
C VAL A 202 -13.40 -9.19 22.60
N SER A 1 -8.96 27.13 -12.48
CA SER A 1 -8.74 27.03 -11.02
C SER A 1 -8.82 25.58 -10.55
N HIS A 2 -8.39 25.32 -9.32
CA HIS A 2 -8.41 23.98 -8.74
C HIS A 2 -8.64 24.07 -7.23
N GLN A 3 -8.94 22.93 -6.60
CA GLN A 3 -9.18 22.83 -5.17
C GLN A 3 -8.52 21.57 -4.60
N ASN A 4 -8.33 21.54 -3.28
CA ASN A 4 -7.72 20.41 -2.61
C ASN A 4 -8.29 20.26 -1.20
N GLY A 5 -8.11 19.09 -0.58
CA GLY A 5 -8.60 18.80 0.76
C GLY A 5 -7.76 17.73 1.45
N GLU A 6 -6.65 17.29 0.83
CA GLU A 6 -5.80 16.25 1.38
C GLU A 6 -4.32 16.56 1.10
N ARG A 7 -3.43 16.05 1.96
CA ARG A 7 -1.99 16.26 1.83
C ARG A 7 -1.21 15.15 2.52
N VAL A 8 0.05 14.99 2.15
CA VAL A 8 0.96 14.01 2.73
C VAL A 8 2.35 14.64 2.85
N GLU A 9 3.06 14.34 3.95
CA GLU A 9 4.41 14.86 4.16
C GLU A 9 5.44 13.87 3.62
N ARG A 10 5.26 12.59 3.94
CA ARG A 10 6.07 11.50 3.39
C ARG A 10 5.31 10.18 3.53
N TYR A 11 5.90 9.11 3.00
CA TYR A 11 5.25 7.80 2.97
C TYR A 11 6.27 6.67 3.00
N SER A 12 5.84 5.45 2.63
CA SER A 12 6.66 4.26 2.81
C SER A 12 7.72 4.19 1.74
N ARG A 13 8.97 4.23 2.23
CA ARG A 13 10.16 4.19 1.40
C ARG A 13 10.37 2.85 0.71
N LYS A 14 9.58 1.83 1.06
CA LYS A 14 9.63 0.55 0.35
C LYS A 14 8.91 0.73 -0.98
N VAL A 15 9.52 0.24 -2.07
CA VAL A 15 8.96 0.42 -3.39
C VAL A 15 9.02 -0.89 -4.17
N PHE A 16 7.87 -1.32 -4.69
CA PHE A 16 7.79 -2.48 -5.56
C PHE A 16 7.98 -2.03 -7.00
N VAL A 17 8.62 -2.87 -7.82
CA VAL A 17 8.85 -2.55 -9.22
C VAL A 17 8.31 -3.70 -10.08
N GLY A 18 7.36 -3.39 -10.97
CA GLY A 18 6.69 -4.43 -11.75
C GLY A 18 7.35 -4.66 -13.10
N GLY A 19 8.10 -3.68 -13.59
CA GLY A 19 8.80 -3.81 -14.86
C GLY A 19 10.31 -3.81 -14.65
N LEU A 20 11.00 -4.82 -15.19
CA LEU A 20 12.45 -4.95 -15.08
C LEU A 20 12.98 -5.68 -16.31
N PRO A 21 14.16 -5.30 -16.82
CA PRO A 21 14.76 -5.88 -18.02
C PRO A 21 14.92 -7.40 -17.96
N PRO A 22 15.00 -8.05 -19.14
CA PRO A 22 15.18 -9.50 -19.27
C PRO A 22 16.48 -10.00 -18.64
N ASP A 23 17.41 -9.09 -18.35
CA ASP A 23 18.65 -9.40 -17.65
C ASP A 23 18.90 -8.26 -16.66
N ILE A 24 18.87 -8.56 -15.37
CA ILE A 24 18.99 -7.53 -14.35
C ILE A 24 19.97 -7.93 -13.24
N ASP A 25 20.65 -6.89 -12.74
CA ASP A 25 21.57 -6.94 -11.62
C ASP A 25 21.39 -5.63 -10.85
N GLU A 26 21.94 -5.52 -9.64
CA GLU A 26 21.80 -4.32 -8.84
C GLU A 26 22.24 -3.07 -9.62
N ASP A 27 23.24 -3.22 -10.49
CA ASP A 27 23.75 -2.11 -11.29
C ASP A 27 22.81 -1.75 -12.44
N GLU A 28 21.93 -2.67 -12.83
CA GLU A 28 21.01 -2.44 -13.93
C GLU A 28 19.81 -1.62 -13.44
N ILE A 29 19.27 -1.98 -12.28
CA ILE A 29 18.14 -1.28 -11.71
C ILE A 29 18.58 0.05 -11.13
N THR A 30 19.87 0.16 -10.74
CA THR A 30 20.41 1.44 -10.28
C THR A 30 20.66 2.35 -11.49
N ALA A 31 20.90 1.77 -12.67
CA ALA A 31 21.07 2.53 -13.89
C ALA A 31 19.70 2.84 -14.53
N SER A 32 18.68 2.05 -14.19
CA SER A 32 17.32 2.30 -14.64
C SER A 32 16.72 3.44 -13.81
N PHE A 33 17.09 3.52 -12.54
CA PHE A 33 16.66 4.62 -11.68
C PHE A 33 17.76 5.67 -11.58
N ARG A 34 18.37 6.02 -12.73
CA ARG A 34 19.47 6.99 -12.77
C ARG A 34 19.02 8.37 -12.29
N ARG A 35 17.71 8.62 -12.28
CA ARG A 35 17.11 9.87 -11.82
C ARG A 35 16.81 9.79 -10.31
N PHE A 36 17.27 8.73 -9.66
CA PHE A 36 16.97 8.44 -8.26
C PHE A 36 18.25 8.37 -7.44
N GLY A 37 18.14 8.49 -6.11
CA GLY A 37 19.29 8.45 -5.22
C GLY A 37 19.80 7.03 -4.97
N PRO A 38 20.71 6.85 -4.01
CA PRO A 38 21.26 5.56 -3.64
C PRO A 38 20.22 4.72 -2.91
N LEU A 39 20.21 3.42 -3.17
CA LEU A 39 19.23 2.50 -2.60
C LEU A 39 19.81 1.08 -2.53
N ILE A 40 19.05 0.15 -1.95
CA ILE A 40 19.44 -1.25 -1.89
C ILE A 40 18.29 -2.12 -2.41
N VAL A 41 18.62 -3.31 -2.91
CA VAL A 41 17.68 -4.15 -3.65
C VAL A 41 17.46 -5.51 -2.99
N ASP A 42 16.34 -6.16 -3.33
CA ASP A 42 16.07 -7.52 -2.91
C ASP A 42 15.19 -8.20 -3.96
N TRP A 43 15.45 -9.48 -4.24
CA TRP A 43 14.72 -10.21 -5.27
C TRP A 43 13.64 -11.10 -4.63
N PRO A 44 12.58 -11.43 -5.39
CA PRO A 44 11.46 -12.23 -4.88
C PRO A 44 11.88 -13.62 -4.42
N HIS A 45 12.91 -14.21 -5.04
CA HIS A 45 13.40 -15.53 -4.68
C HIS A 45 14.85 -15.75 -5.13
N LYS A 46 15.35 -14.91 -6.04
CA LYS A 46 16.70 -15.03 -6.57
C LYS A 46 17.73 -14.60 -5.53
N ALA A 47 18.96 -15.09 -5.65
CA ALA A 47 20.05 -14.76 -4.73
C ALA A 47 21.37 -14.68 -5.49
N GLU A 48 22.39 -14.11 -4.85
CA GLU A 48 23.72 -13.92 -5.44
C GLU A 48 24.57 -15.19 -5.27
N SER A 49 23.96 -16.29 -4.84
CA SER A 49 24.66 -17.55 -4.62
C SER A 49 24.92 -18.30 -5.92
N LYS A 50 24.61 -17.68 -7.06
CA LYS A 50 24.79 -18.29 -8.39
C LYS A 50 25.35 -17.24 -9.36
N SER A 51 26.04 -17.71 -10.40
CA SER A 51 26.70 -16.85 -11.38
C SER A 51 25.77 -16.44 -12.53
N TYR A 52 24.46 -16.64 -12.38
CA TYR A 52 23.49 -16.32 -13.42
C TYR A 52 22.46 -15.32 -12.91
N PHE A 53 21.89 -14.53 -13.83
CA PHE A 53 20.94 -13.48 -13.49
C PHE A 53 19.51 -13.91 -13.79
N PRO A 54 18.52 -13.36 -13.08
CA PRO A 54 17.12 -13.69 -13.25
C PRO A 54 16.56 -13.08 -14.53
N PRO A 55 15.47 -13.67 -15.06
CA PRO A 55 14.80 -13.20 -16.26
C PRO A 55 13.95 -11.96 -15.96
N LYS A 56 13.21 -11.47 -16.95
CA LYS A 56 12.31 -10.34 -16.78
C LYS A 56 11.27 -10.67 -15.70
N GLY A 57 10.78 -9.63 -15.01
CA GLY A 57 9.83 -9.83 -13.93
C GLY A 57 9.74 -8.59 -13.05
N TYR A 58 9.65 -8.83 -11.74
CA TYR A 58 9.46 -7.77 -10.76
C TYR A 58 10.48 -7.91 -9.64
N ALA A 59 10.63 -6.86 -8.82
CA ALA A 59 11.60 -6.83 -7.73
C ALA A 59 11.10 -5.95 -6.60
N PHE A 60 11.84 -5.97 -5.47
CA PHE A 60 11.51 -5.15 -4.32
C PHE A 60 12.70 -4.24 -3.99
N LEU A 61 12.41 -3.01 -3.60
CA LEU A 61 13.43 -2.02 -3.31
C LEU A 61 13.04 -1.24 -2.06
N LEU A 62 14.02 -0.59 -1.44
CA LEU A 62 13.76 0.37 -0.38
C LEU A 62 14.87 1.40 -0.36
N PHE A 63 14.59 2.57 0.22
CA PHE A 63 15.48 3.71 0.13
C PHE A 63 16.01 4.14 1.49
N GLN A 64 17.13 4.88 1.46
CA GLN A 64 17.80 5.34 2.68
C GLN A 64 17.23 6.67 3.14
N ASP A 65 16.54 7.40 2.26
CA ASP A 65 15.89 8.66 2.60
C ASP A 65 14.42 8.59 2.22
N GLU A 66 13.58 9.40 2.88
CA GLU A 66 12.14 9.37 2.67
C GLU A 66 11.64 10.54 1.83
N SER A 67 12.48 11.56 1.60
CA SER A 67 12.07 12.73 0.83
C SER A 67 12.43 12.54 -0.64
N SER A 68 13.46 11.73 -0.93
CA SER A 68 13.84 11.43 -2.30
C SER A 68 12.82 10.50 -2.93
N VAL A 69 12.23 9.60 -2.12
CA VAL A 69 11.21 8.66 -2.59
C VAL A 69 9.99 9.42 -3.05
N GLN A 70 9.68 10.56 -2.41
CA GLN A 70 8.50 11.33 -2.73
C GLN A 70 8.79 12.28 -3.90
N ALA A 71 10.03 12.76 -4.01
CA ALA A 71 10.38 13.73 -5.03
C ALA A 71 10.51 13.09 -6.41
N LEU A 72 11.03 11.86 -6.48
CA LEU A 72 11.24 11.20 -7.76
C LEU A 72 9.98 10.48 -8.22
N ILE A 73 9.25 9.82 -7.31
CA ILE A 73 8.03 9.14 -7.70
C ILE A 73 6.95 10.17 -8.09
N ASP A 74 7.06 11.41 -7.59
CA ASP A 74 6.15 12.48 -7.98
C ASP A 74 6.65 13.20 -9.24
N ALA A 75 7.94 13.10 -9.56
CA ALA A 75 8.49 13.68 -10.78
C ALA A 75 8.23 12.75 -11.98
N CYS A 76 7.68 11.56 -11.71
CA CYS A 76 7.31 10.59 -12.73
C CYS A 76 5.78 10.58 -12.86
N ILE A 77 5.22 9.63 -13.62
CA ILE A 77 3.78 9.65 -13.90
C ILE A 77 3.02 8.81 -12.86
N GLU A 78 1.75 9.13 -12.63
CA GLU A 78 1.00 8.52 -11.55
C GLU A 78 -0.45 8.19 -11.92
N GLU A 79 -1.08 7.37 -11.08
CA GLU A 79 -2.47 6.98 -11.14
C GLU A 79 -2.97 6.78 -9.71
N ASP A 80 -4.27 6.95 -9.45
CA ASP A 80 -4.80 6.77 -8.11
C ASP A 80 -4.67 5.30 -7.67
N GLY A 81 -4.36 4.40 -8.61
CA GLY A 81 -4.21 2.99 -8.32
C GLY A 81 -2.74 2.56 -8.19
N LYS A 82 -1.81 3.26 -8.86
CA LYS A 82 -0.40 2.89 -8.86
C LYS A 82 0.47 4.01 -9.42
N LEU A 83 1.79 3.85 -9.31
CA LEU A 83 2.75 4.83 -9.81
C LEU A 83 3.52 4.20 -10.98
N TYR A 84 4.21 5.03 -11.78
CA TYR A 84 5.02 4.55 -12.89
C TYR A 84 6.28 5.40 -13.04
N LEU A 85 7.41 4.72 -13.25
CA LEU A 85 8.72 5.36 -13.41
C LEU A 85 9.00 5.58 -14.89
N CYS A 86 9.59 6.73 -15.24
CA CYS A 86 9.99 7.01 -16.61
C CYS A 86 11.43 6.59 -16.79
N VAL A 87 11.68 5.62 -17.68
CA VAL A 87 13.02 5.10 -17.92
C VAL A 87 13.16 4.59 -19.35
N SER A 88 14.35 4.72 -19.92
CA SER A 88 14.66 4.19 -21.24
C SER A 88 16.17 4.06 -21.40
N SER A 89 16.70 2.85 -21.21
CA SER A 89 18.12 2.60 -21.44
C SER A 89 18.36 1.11 -21.66
N PRO A 90 17.84 0.21 -20.80
CA PRO A 90 17.84 -1.21 -21.07
C PRO A 90 17.05 -1.54 -22.34
N THR A 91 16.86 -2.83 -22.62
CA THR A 91 16.19 -3.29 -23.83
C THR A 91 14.69 -2.99 -23.85
N ILE A 92 14.15 -2.30 -22.84
CA ILE A 92 12.72 -2.00 -22.82
C ILE A 92 12.38 -0.88 -23.80
N LYS A 93 13.32 0.04 -24.01
CA LYS A 93 13.24 1.20 -24.91
C LYS A 93 11.91 1.95 -24.87
N ASP A 94 11.93 3.14 -24.26
CA ASP A 94 10.80 4.04 -24.17
C ASP A 94 9.56 3.41 -23.52
N LYS A 95 9.77 2.49 -22.56
CA LYS A 95 8.66 1.89 -21.82
C LYS A 95 8.85 2.09 -20.31
N PRO A 96 7.80 2.50 -19.60
CA PRO A 96 7.84 2.74 -18.17
C PRO A 96 7.77 1.43 -17.38
N VAL A 97 7.89 1.54 -16.06
CA VAL A 97 7.80 0.39 -15.16
C VAL A 97 6.87 0.73 -14.00
N GLN A 98 6.12 -0.26 -13.51
CA GLN A 98 5.17 -0.04 -12.42
C GLN A 98 5.91 0.22 -11.11
N ILE A 99 5.35 1.08 -10.28
CA ILE A 99 5.95 1.53 -9.02
C ILE A 99 4.88 1.57 -7.94
N ARG A 100 5.22 1.17 -6.70
CA ARG A 100 4.27 1.21 -5.60
C ARG A 100 4.93 1.45 -4.24
N PRO A 101 5.04 2.72 -3.80
CA PRO A 101 5.39 3.08 -2.44
C PRO A 101 4.11 2.93 -1.62
N TRP A 102 4.06 3.33 -0.33
CA TRP A 102 2.78 3.33 0.36
C TRP A 102 2.54 4.49 1.31
N ASN A 103 1.49 5.26 1.02
CA ASN A 103 1.01 6.39 1.80
C ASN A 103 0.43 5.97 3.15
N LEU A 104 1.32 5.69 4.11
CA LEU A 104 0.94 5.37 5.48
C LEU A 104 0.30 6.57 6.20
N SER A 105 0.14 7.69 5.48
CA SER A 105 -0.50 8.87 6.03
C SER A 105 -1.85 9.12 5.37
N ASP A 106 -2.27 8.25 4.44
CA ASP A 106 -3.55 8.40 3.76
C ASP A 106 -4.48 7.24 4.12
N SER A 107 -3.93 6.14 4.64
CA SER A 107 -4.72 5.03 5.19
C SER A 107 -5.57 5.39 6.40
N ASP A 108 -6.16 6.59 6.43
CA ASP A 108 -7.03 6.99 7.52
C ASP A 108 -8.20 7.81 6.99
N PHE A 109 -9.40 7.28 7.23
CA PHE A 109 -10.64 7.95 6.85
C PHE A 109 -11.60 8.01 8.03
N VAL A 110 -11.85 9.23 8.54
CA VAL A 110 -12.77 9.43 9.64
C VAL A 110 -14.04 10.14 9.20
N MET A 111 -15.12 9.84 9.92
CA MET A 111 -16.44 10.44 9.68
C MET A 111 -17.11 10.75 11.03
N ASP A 112 -16.32 10.74 12.10
CA ASP A 112 -16.82 10.90 13.46
C ASP A 112 -17.42 12.29 13.70
N GLY A 113 -18.27 12.36 14.72
CA GLY A 113 -18.95 13.57 15.16
C GLY A 113 -19.73 13.32 16.45
N SER A 114 -19.55 12.15 17.08
CA SER A 114 -20.31 11.78 18.28
C SER A 114 -19.56 10.80 19.17
N GLN A 115 -18.60 10.04 18.63
CA GLN A 115 -17.97 8.95 19.34
C GLN A 115 -16.47 8.93 19.10
N PRO A 116 -15.69 9.64 19.93
CA PRO A 116 -14.24 9.70 19.85
C PRO A 116 -13.59 8.32 19.90
N LEU A 117 -12.33 8.24 19.48
CA LEU A 117 -11.59 7.00 19.43
C LEU A 117 -11.33 6.48 20.84
N ASP A 118 -11.53 5.17 21.02
CA ASP A 118 -11.27 4.47 22.27
C ASP A 118 -11.03 2.99 21.98
N PRO A 119 -10.05 2.34 22.63
CA PRO A 119 -9.72 0.94 22.40
C PRO A 119 -10.89 -0.02 22.56
N ARG A 120 -11.92 0.36 23.34
CA ARG A 120 -13.08 -0.48 23.58
C ARG A 120 -14.05 -0.42 22.40
N LYS A 121 -13.90 0.57 21.52
CA LYS A 121 -14.77 0.80 20.39
C LYS A 121 -14.06 0.45 19.07
N THR A 122 -12.85 -0.12 19.17
CA THR A 122 -12.08 -0.50 17.99
C THR A 122 -12.48 -1.90 17.54
N ILE A 123 -12.46 -2.13 16.23
CA ILE A 123 -12.85 -3.40 15.63
C ILE A 123 -11.82 -3.76 14.57
N PHE A 124 -11.65 -5.05 14.28
CA PHE A 124 -10.68 -5.53 13.32
C PHE A 124 -11.41 -6.02 12.07
N VAL A 125 -10.77 -5.87 10.91
CA VAL A 125 -11.34 -6.29 9.63
C VAL A 125 -10.26 -6.93 8.77
N GLY A 126 -10.40 -8.22 8.49
CA GLY A 126 -9.48 -8.93 7.60
C GLY A 126 -10.09 -9.00 6.20
N GLY A 127 -9.32 -8.60 5.18
CA GLY A 127 -9.82 -8.60 3.81
C GLY A 127 -9.11 -7.61 2.88
N VAL A 128 -8.01 -6.99 3.31
CA VAL A 128 -7.30 -6.01 2.49
C VAL A 128 -5.87 -6.48 2.20
N PRO A 129 -5.70 -7.59 1.47
CA PRO A 129 -4.41 -8.22 1.20
C PRO A 129 -3.53 -7.41 0.24
N ARG A 130 -4.01 -6.26 -0.25
CA ARG A 130 -3.27 -5.43 -1.19
C ARG A 130 -3.41 -3.94 -0.84
N PRO A 131 -2.46 -3.10 -1.26
CA PRO A 131 -2.52 -1.66 -1.05
C PRO A 131 -3.63 -1.03 -1.89
N LEU A 132 -4.48 -0.23 -1.22
CA LEU A 132 -5.55 0.54 -1.83
C LEU A 132 -6.03 1.57 -0.81
N ARG A 133 -6.66 2.66 -1.27
CA ARG A 133 -7.02 3.78 -0.40
C ARG A 133 -8.29 3.51 0.41
N ALA A 134 -8.39 2.30 0.99
CA ALA A 134 -9.54 1.82 1.74
C ALA A 134 -10.86 2.03 0.99
N VAL A 135 -10.80 2.18 -0.34
CA VAL A 135 -11.98 2.48 -1.14
C VAL A 135 -13.00 1.35 -1.05
N GLU A 136 -12.53 0.11 -1.10
CA GLU A 136 -13.41 -1.04 -1.04
C GLU A 136 -13.86 -1.33 0.39
N LEU A 137 -13.08 -0.89 1.39
CA LEU A 137 -13.36 -1.13 2.80
C LEU A 137 -14.44 -0.16 3.27
N ALA A 138 -14.24 1.13 3.00
CA ALA A 138 -15.15 2.16 3.45
C ALA A 138 -16.50 2.01 2.76
N MET A 139 -16.48 1.69 1.46
CA MET A 139 -17.70 1.69 0.67
C MET A 139 -18.57 0.46 0.93
N ILE A 140 -17.99 -0.70 1.25
CA ILE A 140 -18.83 -1.86 1.53
C ILE A 140 -19.51 -1.73 2.89
N MET A 141 -18.78 -1.32 3.93
CA MET A 141 -19.39 -1.21 5.24
C MET A 141 -20.46 -0.11 5.22
N ASP A 142 -20.39 0.79 4.24
CA ASP A 142 -21.36 1.86 4.10
C ASP A 142 -22.45 1.56 3.07
N ARG A 143 -22.36 0.47 2.28
CA ARG A 143 -23.38 0.17 1.28
C ARG A 143 -24.33 -0.97 1.69
N LEU A 144 -24.02 -1.72 2.75
CA LEU A 144 -24.90 -2.79 3.22
C LEU A 144 -25.61 -2.44 4.53
N TYR A 145 -24.97 -2.67 5.67
CA TYR A 145 -25.60 -2.50 6.97
C TYR A 145 -24.62 -2.00 8.04
N GLY A 146 -23.35 -1.78 7.68
CA GLY A 146 -22.34 -1.35 8.62
C GLY A 146 -22.41 0.15 8.89
N GLY A 147 -21.35 0.69 9.49
CA GLY A 147 -21.20 2.10 9.79
C GLY A 147 -19.73 2.43 10.01
N VAL A 148 -19.40 3.70 10.19
CA VAL A 148 -18.02 4.10 10.39
C VAL A 148 -17.90 5.46 11.08
N CYS A 149 -16.87 5.58 11.92
CA CYS A 149 -16.47 6.85 12.50
C CYS A 149 -14.96 7.01 12.32
N TYR A 150 -14.24 5.88 12.29
CA TYR A 150 -12.82 5.86 11.95
C TYR A 150 -12.55 4.56 11.20
N ALA A 151 -11.73 4.61 10.14
CA ALA A 151 -11.37 3.42 9.39
C ALA A 151 -10.01 3.60 8.75
N GLY A 152 -9.28 2.50 8.55
CA GLY A 152 -7.97 2.55 7.91
C GLY A 152 -7.39 1.15 7.73
N ILE A 153 -6.27 1.07 7.02
CA ILE A 153 -5.59 -0.19 6.77
C ILE A 153 -4.46 -0.36 7.78
N ASP A 154 -4.34 -1.57 8.33
CA ASP A 154 -3.31 -1.87 9.31
C ASP A 154 -1.96 -2.00 8.62
N THR A 155 -0.91 -1.58 9.31
CA THR A 155 0.43 -1.57 8.73
C THR A 155 1.44 -2.25 9.65
N ASP A 156 2.45 -2.83 9.00
CA ASP A 156 3.58 -3.47 9.63
C ASP A 156 4.37 -2.45 10.41
N PRO A 157 4.58 -2.64 11.73
CA PRO A 157 5.32 -1.71 12.55
C PRO A 157 6.82 -1.73 12.25
N GLU A 158 7.26 -2.64 11.37
CA GLU A 158 8.66 -2.76 11.02
C GLU A 158 9.09 -1.62 10.09
N LEU A 159 8.26 -1.29 9.11
CA LEU A 159 8.55 -0.20 8.20
C LEU A 159 7.30 0.59 7.81
N LYS A 160 6.21 0.36 8.56
CA LYS A 160 4.94 1.07 8.38
C LYS A 160 4.41 0.85 6.97
N TYR A 161 4.31 -0.43 6.58
CA TYR A 161 3.88 -0.84 5.25
C TYR A 161 2.71 -1.83 5.39
N PRO A 162 1.75 -1.86 4.45
CA PRO A 162 0.56 -2.68 4.56
C PRO A 162 0.88 -4.12 4.95
N LYS A 163 0.14 -4.65 5.93
CA LYS A 163 0.36 -5.98 6.48
C LYS A 163 -0.76 -6.95 6.11
N GLY A 164 -1.66 -6.54 5.20
CA GLY A 164 -2.72 -7.40 4.70
C GLY A 164 -3.98 -7.41 5.57
N ALA A 165 -4.11 -6.44 6.48
CA ALA A 165 -5.23 -6.35 7.41
C ALA A 165 -5.69 -4.91 7.56
N GLY A 166 -6.84 -4.69 8.18
CA GLY A 166 -7.38 -3.35 8.40
C GLY A 166 -8.21 -3.28 9.68
N ARG A 167 -8.71 -2.08 9.99
CA ARG A 167 -9.49 -1.87 11.20
C ARG A 167 -10.44 -0.69 11.06
N VAL A 168 -11.46 -0.69 11.93
CA VAL A 168 -12.52 0.30 11.94
C VAL A 168 -12.91 0.54 13.40
N ALA A 169 -13.44 1.71 13.72
CA ALA A 169 -13.93 2.01 15.06
C ALA A 169 -15.18 2.88 14.96
N PHE A 170 -16.29 2.40 15.53
CA PHE A 170 -17.54 3.15 15.54
C PHE A 170 -18.48 2.62 16.62
N SER A 171 -18.73 1.30 16.63
CA SER A 171 -19.62 0.67 17.61
C SER A 171 -20.89 1.49 17.83
N ASN A 172 -21.46 2.04 16.75
CA ASN A 172 -22.57 2.98 16.81
C ASN A 172 -23.84 2.34 17.37
N GLN A 173 -24.45 1.42 16.62
CA GLN A 173 -25.73 0.83 16.99
C GLN A 173 -25.85 -0.55 16.35
N GLN A 174 -27.06 -0.99 16.01
CA GLN A 174 -27.27 -2.30 15.42
C GLN A 174 -26.51 -2.42 14.08
N SER A 175 -25.99 -1.31 13.56
CA SER A 175 -25.22 -1.34 12.33
C SER A 175 -23.90 -2.07 12.55
N TYR A 176 -23.22 -1.83 13.68
CA TYR A 176 -21.99 -2.54 13.99
C TYR A 176 -22.32 -3.96 14.42
N ILE A 177 -23.51 -4.17 14.99
CA ILE A 177 -23.97 -5.51 15.34
C ILE A 177 -24.20 -6.33 14.07
N ALA A 178 -24.62 -5.66 12.99
CA ALA A 178 -24.95 -6.35 11.75
C ALA A 178 -23.70 -6.75 10.98
N ALA A 179 -22.61 -5.99 11.05
CA ALA A 179 -21.39 -6.31 10.33
C ALA A 179 -20.39 -7.09 11.18
N ILE A 180 -20.67 -7.28 12.47
CA ILE A 180 -19.82 -8.09 13.34
C ILE A 180 -20.48 -9.44 13.63
N SER A 181 -21.77 -9.57 13.32
CA SER A 181 -22.48 -10.85 13.43
C SER A 181 -22.70 -11.45 12.05
N ALA A 182 -22.34 -10.73 11.00
CA ALA A 182 -22.39 -11.24 9.64
C ALA A 182 -21.09 -10.85 8.93
N ARG A 183 -20.25 -11.87 8.67
CA ARG A 183 -18.94 -11.66 8.06
C ARG A 183 -18.68 -12.68 6.94
N PHE A 184 -19.72 -13.36 6.45
CA PHE A 184 -19.57 -14.42 5.47
C PHE A 184 -20.63 -14.27 4.36
N VAL A 185 -20.94 -13.02 3.98
CA VAL A 185 -21.94 -12.74 2.96
C VAL A 185 -21.22 -12.39 1.66
N GLN A 186 -21.95 -12.41 0.56
CA GLN A 186 -21.41 -12.10 -0.75
C GLN A 186 -20.60 -10.81 -0.74
N LEU A 187 -19.45 -10.85 -1.41
CA LEU A 187 -18.50 -9.75 -1.45
C LEU A 187 -17.42 -10.04 -2.48
N GLN A 188 -16.82 -9.00 -3.06
CA GLN A 188 -15.68 -9.13 -3.94
C GLN A 188 -14.76 -7.92 -3.73
N HIS A 189 -13.62 -8.15 -3.07
CA HIS A 189 -12.68 -7.09 -2.74
C HIS A 189 -11.27 -7.64 -2.57
N GLY A 190 -10.25 -6.81 -2.77
CA GLY A 190 -8.87 -7.25 -2.66
C GLY A 190 -8.63 -8.46 -3.57
N GLU A 191 -8.26 -9.59 -2.96
CA GLU A 191 -8.04 -10.84 -3.67
C GLU A 191 -8.89 -11.95 -3.05
N ILE A 192 -9.96 -11.58 -2.35
CA ILE A 192 -10.82 -12.50 -1.61
C ILE A 192 -12.29 -12.26 -1.98
N ASP A 193 -13.10 -13.30 -1.85
CA ASP A 193 -14.51 -13.23 -2.21
C ASP A 193 -15.39 -13.93 -1.17
N LYS A 194 -16.63 -13.45 -1.05
CA LYS A 194 -17.72 -13.99 -0.22
C LYS A 194 -17.37 -14.35 1.24
N ARG A 195 -16.16 -14.04 1.72
CA ARG A 195 -15.82 -14.26 3.13
C ARG A 195 -14.84 -13.21 3.65
N VAL A 196 -15.07 -12.78 4.89
CA VAL A 196 -14.18 -11.85 5.57
C VAL A 196 -14.15 -12.18 7.06
N GLU A 197 -13.35 -11.42 7.81
CA GLU A 197 -13.23 -11.60 9.25
C GLU A 197 -13.46 -10.27 9.94
N VAL A 198 -14.43 -10.22 10.85
CA VAL A 198 -14.74 -8.99 11.59
C VAL A 198 -15.05 -9.34 13.03
N LYS A 199 -14.32 -8.72 13.97
CA LYS A 199 -14.46 -9.00 15.39
C LYS A 199 -13.82 -7.88 16.20
N PRO A 200 -14.16 -7.77 17.50
CA PRO A 200 -13.62 -6.73 18.37
C PRO A 200 -12.10 -6.72 18.41
N TYR A 201 -11.53 -5.54 18.69
CA TYR A 201 -10.09 -5.36 18.76
C TYR A 201 -9.54 -5.82 20.11
N VAL A 202 -8.22 -6.02 20.17
CA VAL A 202 -7.48 -6.46 21.36
C VAL A 202 -8.24 -7.55 22.13
N SER A 1 18.69 30.55 14.58
CA SER A 1 17.35 29.97 14.35
C SER A 1 16.44 31.00 13.69
N HIS A 2 15.37 30.54 13.04
CA HIS A 2 14.42 31.40 12.34
C HIS A 2 12.99 30.90 12.54
N GLN A 3 12.01 31.77 12.28
CA GLN A 3 10.60 31.43 12.44
C GLN A 3 10.05 30.82 11.16
N ASN A 4 8.91 30.12 11.30
CA ASN A 4 8.22 29.43 10.21
C ASN A 4 9.09 28.34 9.57
N GLY A 5 8.47 27.48 8.75
CA GLY A 5 9.17 26.39 8.06
C GLY A 5 8.18 25.47 7.36
N GLU A 6 8.71 24.49 6.63
CA GLU A 6 7.90 23.51 5.91
C GLU A 6 8.60 22.15 5.88
N ARG A 7 7.84 21.10 5.53
CA ARG A 7 8.37 19.74 5.44
C ARG A 7 7.59 18.96 4.39
N VAL A 8 8.26 17.99 3.76
CA VAL A 8 7.65 17.14 2.73
C VAL A 8 6.81 16.04 3.38
N GLU A 9 5.86 15.48 2.64
CA GLU A 9 5.03 14.38 3.12
C GLU A 9 5.87 13.12 3.27
N ARG A 10 5.44 12.19 4.13
CA ARG A 10 6.18 10.97 4.43
C ARG A 10 5.24 9.78 4.51
N TYR A 11 5.71 8.68 3.92
CA TYR A 11 4.89 7.51 3.68
C TYR A 11 5.83 6.33 3.39
N SER A 12 5.32 5.25 2.78
CA SER A 12 6.10 4.04 2.61
C SER A 12 7.10 4.22 1.47
N ARG A 13 8.33 4.45 1.90
CA ARG A 13 9.49 4.54 1.02
C ARG A 13 9.83 3.20 0.36
N LYS A 14 9.13 2.12 0.72
CA LYS A 14 9.32 0.84 0.04
C LYS A 14 8.52 0.86 -1.24
N VAL A 15 9.11 0.37 -2.34
CA VAL A 15 8.50 0.46 -3.64
C VAL A 15 8.57 -0.85 -4.39
N PHE A 16 7.46 -1.22 -5.02
CA PHE A 16 7.40 -2.38 -5.92
C PHE A 16 7.79 -1.91 -7.32
N VAL A 17 8.56 -2.74 -8.03
CA VAL A 17 8.96 -2.43 -9.40
C VAL A 17 8.49 -3.58 -10.29
N GLY A 18 7.59 -3.28 -11.22
CA GLY A 18 6.94 -4.30 -12.04
C GLY A 18 7.72 -4.63 -13.31
N GLY A 19 8.58 -3.72 -13.75
CA GLY A 19 9.39 -3.93 -14.92
C GLY A 19 10.88 -3.82 -14.61
N LEU A 20 11.66 -4.78 -15.12
CA LEU A 20 13.12 -4.83 -14.99
C LEU A 20 13.68 -5.49 -16.25
N PRO A 21 14.91 -5.16 -16.65
CA PRO A 21 15.54 -5.73 -17.83
C PRO A 21 15.82 -7.22 -17.64
N PRO A 22 15.91 -8.00 -18.72
CA PRO A 22 16.12 -9.44 -18.70
C PRO A 22 17.44 -9.87 -18.04
N ASP A 23 18.32 -8.91 -17.72
CA ASP A 23 19.63 -9.20 -17.14
C ASP A 23 19.84 -8.41 -15.86
N ILE A 24 18.75 -8.06 -15.16
CA ILE A 24 18.82 -7.26 -13.95
C ILE A 24 19.59 -7.96 -12.84
N ASP A 25 20.55 -7.24 -12.25
CA ASP A 25 21.31 -7.70 -11.10
C ASP A 25 21.88 -6.50 -10.36
N GLU A 26 21.31 -6.22 -9.18
CA GLU A 26 21.79 -5.15 -8.29
C GLU A 26 22.17 -3.84 -8.97
N ASP A 27 23.42 -3.73 -9.44
CA ASP A 27 23.93 -2.50 -10.03
C ASP A 27 23.15 -2.10 -11.29
N GLU A 28 22.48 -3.06 -11.93
CA GLU A 28 21.71 -2.78 -13.13
C GLU A 28 20.52 -1.90 -12.80
N ILE A 29 19.77 -2.25 -11.76
CA ILE A 29 18.59 -1.49 -11.37
C ILE A 29 19.01 -0.23 -10.61
N THR A 30 20.15 -0.29 -9.93
CA THR A 30 20.65 0.85 -9.19
C THR A 30 21.10 1.95 -10.16
N ALA A 31 21.37 1.58 -11.41
CA ALA A 31 21.75 2.53 -12.45
C ALA A 31 20.58 2.81 -13.40
N SER A 32 19.58 1.93 -13.45
CA SER A 32 18.39 2.16 -14.25
C SER A 32 17.58 3.30 -13.65
N PHE A 33 17.60 3.44 -12.32
CA PHE A 33 17.03 4.60 -11.65
C PHE A 33 18.11 5.66 -11.54
N ARG A 34 17.72 6.94 -11.61
CA ARG A 34 18.69 8.03 -11.60
C ARG A 34 18.53 8.87 -10.34
N ARG A 35 19.65 9.20 -9.70
CA ARG A 35 19.71 10.04 -8.51
C ARG A 35 18.70 9.62 -7.43
N PHE A 36 18.35 8.32 -7.37
CA PHE A 36 17.36 7.85 -6.42
C PHE A 36 17.97 7.57 -5.04
N GLY A 37 19.27 7.87 -4.89
CA GLY A 37 19.99 7.68 -3.63
C GLY A 37 20.31 6.20 -3.36
N PRO A 38 21.08 5.93 -2.30
CA PRO A 38 21.42 4.58 -1.87
C PRO A 38 20.17 3.77 -1.57
N LEU A 39 20.17 2.49 -1.94
CA LEU A 39 19.01 1.63 -1.76
C LEU A 39 19.40 0.18 -1.49
N ILE A 40 18.43 -0.60 -0.99
CA ILE A 40 18.57 -2.03 -0.74
C ILE A 40 17.49 -2.74 -1.55
N VAL A 41 17.80 -3.95 -2.03
CA VAL A 41 16.91 -4.67 -2.93
C VAL A 41 16.74 -6.12 -2.51
N ASP A 42 15.61 -6.73 -2.89
CA ASP A 42 15.37 -8.14 -2.68
C ASP A 42 14.49 -8.68 -3.80
N TRP A 43 14.72 -9.94 -4.20
CA TRP A 43 14.01 -10.54 -5.33
C TRP A 43 12.89 -11.45 -4.83
N PRO A 44 11.83 -11.63 -5.63
CA PRO A 44 10.70 -12.48 -5.29
C PRO A 44 11.09 -13.95 -5.36
N HIS A 45 12.20 -14.27 -6.04
CA HIS A 45 12.70 -15.62 -6.15
C HIS A 45 14.19 -15.62 -6.46
N LYS A 46 14.91 -16.61 -5.91
CA LYS A 46 16.33 -16.82 -6.16
C LYS A 46 16.67 -18.28 -5.91
N ALA A 47 17.81 -18.75 -6.45
CA ALA A 47 18.19 -20.15 -6.33
C ALA A 47 19.70 -20.32 -6.07
N GLU A 48 20.45 -19.23 -5.99
CA GLU A 48 21.89 -19.29 -5.75
C GLU A 48 22.39 -18.03 -5.04
N SER A 49 23.64 -18.08 -4.57
CA SER A 49 24.27 -16.99 -3.83
C SER A 49 24.98 -16.00 -4.76
N LYS A 50 24.70 -16.08 -6.06
CA LYS A 50 25.32 -15.23 -7.07
C LYS A 50 24.22 -14.59 -7.93
N SER A 51 24.62 -13.91 -9.01
CA SER A 51 23.68 -13.24 -9.90
C SER A 51 22.60 -14.23 -10.37
N TYR A 52 21.35 -13.75 -10.41
CA TYR A 52 20.20 -14.56 -10.79
C TYR A 52 19.11 -13.64 -11.34
N PHE A 53 18.16 -14.22 -12.09
CA PHE A 53 17.07 -13.44 -12.69
C PHE A 53 15.72 -14.02 -12.28
N PRO A 54 14.86 -13.21 -11.64
CA PRO A 54 13.54 -13.64 -11.21
C PRO A 54 12.59 -13.73 -12.40
N PRO A 55 11.50 -14.49 -12.26
CA PRO A 55 10.47 -14.62 -13.29
C PRO A 55 9.69 -13.30 -13.42
N LYS A 56 9.06 -13.09 -14.58
CA LYS A 56 8.27 -11.90 -14.90
C LYS A 56 9.01 -10.57 -14.73
N GLY A 57 10.23 -10.59 -14.19
CA GLY A 57 11.09 -9.41 -14.06
C GLY A 57 10.52 -8.32 -13.17
N TYR A 58 10.29 -8.63 -11.89
CA TYR A 58 9.79 -7.66 -10.92
C TYR A 58 10.56 -7.81 -9.61
N ALA A 59 10.53 -6.78 -8.76
CA ALA A 59 11.26 -6.79 -7.51
C ALA A 59 10.64 -5.84 -6.48
N PHE A 60 11.21 -5.88 -5.26
CA PHE A 60 10.84 -4.95 -4.20
C PHE A 60 12.12 -4.33 -3.66
N LEU A 61 12.08 -3.05 -3.33
CA LEU A 61 13.26 -2.33 -2.85
C LEU A 61 12.88 -1.09 -2.04
N LEU A 62 13.86 -0.54 -1.34
CA LEU A 62 13.67 0.66 -0.53
C LEU A 62 14.98 1.44 -0.44
N PHE A 63 14.89 2.72 -0.09
CA PHE A 63 16.04 3.62 -0.07
C PHE A 63 16.03 4.48 1.19
N GLN A 64 17.19 5.02 1.54
CA GLN A 64 17.36 5.72 2.82
C GLN A 64 17.09 7.23 2.71
N ASP A 65 17.12 7.78 1.50
CA ASP A 65 16.85 9.19 1.30
C ASP A 65 15.33 9.39 1.19
N GLU A 66 14.68 9.63 2.34
CA GLU A 66 13.23 9.77 2.39
C GLU A 66 12.71 11.01 1.66
N SER A 67 13.61 11.94 1.29
CA SER A 67 13.21 13.12 0.55
C SER A 67 13.19 12.81 -0.95
N SER A 68 13.91 11.76 -1.36
CA SER A 68 13.98 11.36 -2.76
C SER A 68 12.77 10.51 -3.12
N VAL A 69 12.10 9.96 -2.11
CA VAL A 69 10.89 9.15 -2.30
C VAL A 69 9.83 9.98 -2.99
N GLN A 70 9.65 11.22 -2.52
CA GLN A 70 8.62 12.10 -3.06
C GLN A 70 9.14 12.80 -4.32
N ALA A 71 10.44 13.11 -4.35
CA ALA A 71 11.02 13.83 -5.48
C ALA A 71 10.99 13.01 -6.76
N LEU A 72 11.35 11.72 -6.68
CA LEU A 72 11.46 10.90 -7.87
C LEU A 72 10.09 10.36 -8.29
N ILE A 73 9.27 9.93 -7.33
CA ILE A 73 7.96 9.36 -7.65
C ILE A 73 7.02 10.46 -8.16
N ASP A 74 7.35 11.74 -7.95
CA ASP A 74 6.55 12.84 -8.48
C ASP A 74 7.14 13.40 -9.78
N ALA A 75 8.42 13.16 -10.03
CA ALA A 75 9.09 13.64 -11.24
C ALA A 75 8.92 12.67 -12.41
N CYS A 76 7.93 11.76 -12.34
CA CYS A 76 7.71 10.75 -13.35
C CYS A 76 6.23 10.65 -13.74
N ILE A 77 5.90 9.69 -14.61
CA ILE A 77 4.55 9.51 -15.12
C ILE A 77 3.63 9.03 -13.99
N GLU A 78 2.35 9.42 -14.06
CA GLU A 78 1.38 9.15 -13.00
C GLU A 78 0.07 8.63 -13.58
N GLU A 79 -0.61 7.78 -12.79
CA GLU A 79 -1.93 7.27 -13.08
C GLU A 79 -2.68 7.15 -11.74
N ASP A 80 -4.01 7.23 -11.77
CA ASP A 80 -4.79 7.12 -10.54
C ASP A 80 -4.64 5.74 -9.91
N GLY A 81 -4.07 4.78 -10.65
CA GLY A 81 -3.89 3.42 -10.17
C GLY A 81 -2.44 3.10 -9.78
N LYS A 82 -1.46 3.80 -10.37
CA LYS A 82 -0.05 3.49 -10.15
C LYS A 82 0.85 4.59 -10.72
N LEU A 83 2.16 4.46 -10.51
CA LEU A 83 3.14 5.38 -11.09
C LEU A 83 3.99 4.63 -12.11
N TYR A 84 4.68 5.36 -12.97
CA TYR A 84 5.55 4.78 -13.98
C TYR A 84 6.83 5.58 -14.10
N LEU A 85 7.96 4.89 -14.27
CA LEU A 85 9.27 5.50 -14.45
C LEU A 85 9.72 5.32 -15.89
N CYS A 86 10.20 6.39 -16.50
CA CYS A 86 10.73 6.33 -17.85
C CYS A 86 12.20 5.92 -17.78
N VAL A 87 12.60 4.91 -18.55
CA VAL A 87 13.95 4.37 -18.49
C VAL A 87 14.35 3.73 -19.83
N SER A 88 13.50 3.81 -20.84
CA SER A 88 13.72 3.18 -22.13
C SER A 88 14.50 4.10 -23.09
N SER A 89 15.71 4.50 -22.69
CA SER A 89 16.50 5.44 -23.49
C SER A 89 18.00 5.18 -23.39
N PRO A 90 18.57 4.91 -22.21
CA PRO A 90 19.96 4.54 -22.06
C PRO A 90 20.20 3.14 -22.64
N THR A 91 21.39 2.57 -22.38
CA THR A 91 21.77 1.26 -22.89
C THR A 91 20.86 0.15 -22.34
N ILE A 92 20.02 0.46 -21.36
CA ILE A 92 19.06 -0.48 -20.80
C ILE A 92 17.91 -0.70 -21.79
N LYS A 93 17.49 0.39 -22.47
CA LYS A 93 16.49 0.44 -23.53
C LYS A 93 15.08 -0.09 -23.20
N ASP A 94 14.93 -1.07 -22.31
CA ASP A 94 13.62 -1.67 -22.06
C ASP A 94 12.58 -0.63 -21.63
N LYS A 95 11.35 -0.83 -22.12
CA LYS A 95 10.18 0.02 -21.90
C LYS A 95 10.02 0.43 -20.43
N PRO A 96 9.26 1.51 -20.18
CA PRO A 96 9.00 2.06 -18.85
C PRO A 96 8.57 1.00 -17.84
N VAL A 97 8.74 1.33 -16.54
CA VAL A 97 8.52 0.37 -15.47
C VAL A 97 7.49 0.89 -14.47
N GLN A 98 6.68 -0.02 -13.91
CA GLN A 98 5.62 0.32 -12.98
C GLN A 98 6.17 0.44 -11.56
N ILE A 99 5.81 1.52 -10.86
CA ILE A 99 6.27 1.80 -9.50
C ILE A 99 5.06 1.96 -8.58
N ARG A 100 5.17 1.47 -7.34
CA ARG A 100 4.11 1.60 -6.35
C ARG A 100 4.68 1.71 -4.93
N PRO A 101 4.68 2.91 -4.35
CA PRO A 101 4.96 3.15 -2.93
C PRO A 101 3.67 2.91 -2.17
N TRP A 102 3.54 3.37 -0.91
CA TRP A 102 2.25 3.36 -0.24
C TRP A 102 2.09 4.57 0.67
N ASN A 103 0.90 5.17 0.70
CA ASN A 103 0.60 6.37 1.47
C ASN A 103 -0.22 6.04 2.71
N LEU A 104 0.44 5.43 3.69
CA LEU A 104 -0.12 5.10 4.99
C LEU A 104 -0.55 6.35 5.77
N SER A 105 -0.35 7.54 5.19
CA SER A 105 -0.73 8.79 5.82
C SER A 105 -2.12 9.22 5.36
N ASP A 106 -2.70 8.51 4.39
CA ASP A 106 -4.03 8.84 3.88
C ASP A 106 -4.99 7.66 4.05
N SER A 107 -4.46 6.45 4.22
CA SER A 107 -5.25 5.27 4.52
C SER A 107 -6.17 5.40 5.73
N ASP A 108 -6.07 6.49 6.50
CA ASP A 108 -6.91 6.67 7.67
C ASP A 108 -8.21 7.37 7.30
N PHE A 109 -9.32 6.72 7.66
CA PHE A 109 -10.66 7.28 7.45
C PHE A 109 -11.25 7.68 8.80
N VAL A 110 -12.25 8.56 8.78
CA VAL A 110 -12.81 9.13 10.01
C VAL A 110 -14.13 9.81 9.67
N MET A 111 -15.10 9.76 10.60
CA MET A 111 -16.39 10.41 10.40
C MET A 111 -16.89 11.08 11.68
N ASP A 112 -16.25 10.81 12.82
CA ASP A 112 -16.63 11.40 14.09
C ASP A 112 -15.41 11.53 15.00
N GLY A 113 -15.48 12.46 15.97
CA GLY A 113 -14.41 12.71 16.92
C GLY A 113 -14.95 12.85 18.34
N SER A 114 -16.26 12.63 18.53
CA SER A 114 -16.91 12.74 19.82
C SER A 114 -16.52 11.58 20.73
N GLN A 115 -15.92 10.53 20.16
CA GLN A 115 -15.69 9.28 20.87
C GLN A 115 -14.21 8.89 20.77
N PRO A 116 -13.57 8.54 21.90
CA PRO A 116 -12.20 8.06 21.95
C PRO A 116 -11.98 6.77 21.16
N LEU A 117 -10.71 6.38 21.05
CA LEU A 117 -10.30 5.18 20.32
C LEU A 117 -9.42 4.32 21.21
N ASP A 118 -9.81 3.04 21.34
CA ASP A 118 -9.09 2.06 22.14
C ASP A 118 -9.22 0.68 21.48
N PRO A 119 -8.26 -0.23 21.69
CA PRO A 119 -8.26 -1.54 21.07
C PRO A 119 -9.45 -2.39 21.56
N ARG A 120 -10.02 -2.03 22.72
CA ARG A 120 -11.19 -2.70 23.26
C ARG A 120 -12.45 -2.26 22.52
N LYS A 121 -12.35 -1.16 21.77
CA LYS A 121 -13.46 -0.61 20.99
C LYS A 121 -13.16 -0.69 19.50
N THR A 122 -12.22 -1.56 19.11
CA THR A 122 -11.80 -1.67 17.73
C THR A 122 -12.27 -3.00 17.15
N ILE A 123 -12.44 -3.03 15.82
CA ILE A 123 -12.91 -4.21 15.11
C ILE A 123 -11.98 -4.43 13.92
N PHE A 124 -11.91 -5.67 13.43
CA PHE A 124 -11.01 -6.04 12.36
C PHE A 124 -11.82 -6.40 11.13
N VAL A 125 -11.27 -6.15 9.94
CA VAL A 125 -11.92 -6.46 8.68
C VAL A 125 -10.90 -7.13 7.76
N GLY A 126 -11.20 -8.36 7.31
CA GLY A 126 -10.29 -9.12 6.48
C GLY A 126 -10.61 -8.96 5.00
N GLY A 127 -9.55 -8.88 4.19
CA GLY A 127 -9.66 -8.78 2.74
C GLY A 127 -9.67 -7.34 2.24
N VAL A 128 -8.49 -6.84 1.84
CA VAL A 128 -8.32 -5.56 1.17
C VAL A 128 -7.33 -5.72 0.02
N PRO A 129 -7.64 -6.59 -0.95
CA PRO A 129 -6.75 -6.97 -2.04
C PRO A 129 -6.54 -5.82 -3.03
N ARG A 130 -5.47 -5.95 -3.83
CA ARG A 130 -5.00 -5.00 -4.84
C ARG A 130 -4.84 -3.56 -4.30
N PRO A 131 -4.18 -2.67 -5.05
CA PRO A 131 -4.05 -1.27 -4.66
C PRO A 131 -5.41 -0.62 -4.43
N LEU A 132 -5.51 0.19 -3.36
CA LEU A 132 -6.74 0.86 -3.00
C LEU A 132 -6.46 2.13 -2.21
N ARG A 133 -7.51 2.83 -1.79
CA ARG A 133 -7.45 3.99 -0.93
C ARG A 133 -8.48 3.88 0.19
N ALA A 134 -8.70 2.64 0.67
CA ALA A 134 -9.70 2.28 1.67
C ALA A 134 -11.14 2.66 1.26
N VAL A 135 -11.31 3.15 0.03
CA VAL A 135 -12.62 3.48 -0.50
C VAL A 135 -13.54 2.27 -0.48
N GLU A 136 -13.01 1.07 -0.67
CA GLU A 136 -13.83 -0.13 -0.68
C GLU A 136 -14.18 -0.58 0.74
N LEU A 137 -13.32 -0.27 1.73
CA LEU A 137 -13.50 -0.66 3.12
C LEU A 137 -14.62 0.16 3.75
N ALA A 138 -14.58 1.48 3.55
CA ALA A 138 -15.54 2.36 4.18
C ALA A 138 -16.90 2.28 3.48
N MET A 139 -16.90 2.06 2.16
CA MET A 139 -18.14 2.07 1.40
C MET A 139 -18.96 0.80 1.59
N ILE A 140 -18.33 -0.32 1.93
CA ILE A 140 -19.09 -1.54 2.19
C ILE A 140 -19.64 -1.54 3.62
N MET A 141 -18.85 -1.16 4.62
CA MET A 141 -19.35 -1.17 6.00
C MET A 141 -20.43 -0.11 6.17
N ASP A 142 -20.49 0.86 5.26
CA ASP A 142 -21.45 1.94 5.36
C ASP A 142 -22.61 1.82 4.37
N ARG A 143 -22.55 0.90 3.39
CA ARG A 143 -23.72 0.61 2.56
C ARG A 143 -24.56 -0.44 3.28
N LEU A 144 -23.99 -1.07 4.30
CA LEU A 144 -24.71 -1.98 5.17
C LEU A 144 -25.38 -1.25 6.33
N TYR A 145 -24.62 -0.97 7.39
CA TYR A 145 -25.19 -0.46 8.63
C TYR A 145 -24.62 0.89 9.05
N GLY A 146 -23.44 1.26 8.54
CA GLY A 146 -22.84 2.56 8.80
C GLY A 146 -22.54 2.77 10.28
N GLY A 147 -22.58 4.04 10.72
CA GLY A 147 -22.32 4.40 12.10
C GLY A 147 -20.82 4.44 12.41
N VAL A 148 -19.98 4.32 11.37
CA VAL A 148 -18.53 4.34 11.52
C VAL A 148 -18.07 5.64 12.19
N CYS A 149 -16.99 5.55 12.97
CA CYS A 149 -16.41 6.70 13.65
C CYS A 149 -14.95 6.88 13.20
N TYR A 150 -14.22 5.77 13.08
CA TYR A 150 -12.84 5.79 12.63
C TYR A 150 -12.55 4.47 11.91
N ALA A 151 -11.66 4.50 10.91
CA ALA A 151 -11.32 3.31 10.15
C ALA A 151 -9.96 3.50 9.46
N GLY A 152 -9.39 2.40 8.96
CA GLY A 152 -8.17 2.47 8.17
C GLY A 152 -7.68 1.07 7.80
N ILE A 153 -6.66 1.02 6.95
CA ILE A 153 -6.07 -0.24 6.52
C ILE A 153 -5.01 -0.68 7.53
N ASP A 154 -5.02 -1.96 7.88
CA ASP A 154 -4.09 -2.51 8.85
C ASP A 154 -2.69 -2.60 8.24
N THR A 155 -1.67 -2.30 9.03
CA THR A 155 -0.30 -2.22 8.53
C THR A 155 0.70 -2.96 9.40
N ASP A 156 1.83 -3.26 8.77
CA ASP A 156 2.99 -3.87 9.37
C ASP A 156 3.72 -2.81 10.18
N PRO A 157 3.86 -2.99 11.50
CA PRO A 157 4.61 -2.07 12.36
C PRO A 157 6.08 -1.96 11.96
N GLU A 158 6.54 -2.84 11.06
CA GLU A 158 7.93 -2.88 10.62
C GLU A 158 8.26 -1.68 9.74
N LEU A 159 7.36 -1.33 8.82
CA LEU A 159 7.58 -0.19 7.94
C LEU A 159 6.27 0.55 7.65
N LYS A 160 5.23 0.24 8.44
CA LYS A 160 3.93 0.87 8.34
C LYS A 160 3.32 0.66 6.96
N TYR A 161 3.36 -0.58 6.49
CA TYR A 161 2.90 -0.93 5.14
C TYR A 161 1.76 -1.95 5.21
N PRO A 162 0.77 -1.89 4.30
CA PRO A 162 -0.39 -2.75 4.34
C PRO A 162 -0.06 -4.23 4.56
N LYS A 163 -0.85 -4.89 5.40
CA LYS A 163 -0.66 -6.29 5.76
C LYS A 163 -1.77 -7.18 5.17
N GLY A 164 -2.61 -6.64 4.28
CA GLY A 164 -3.66 -7.40 3.63
C GLY A 164 -4.97 -7.43 4.43
N ALA A 165 -5.12 -6.53 5.40
CA ALA A 165 -6.30 -6.46 6.26
C ALA A 165 -6.61 -5.01 6.60
N GLY A 166 -7.73 -4.78 7.31
CA GLY A 166 -8.16 -3.45 7.70
C GLY A 166 -8.81 -3.47 9.08
N ARG A 167 -9.20 -2.28 9.58
CA ARG A 167 -9.83 -2.17 10.88
C ARG A 167 -10.75 -0.96 10.95
N VAL A 168 -11.69 -1.03 11.88
CA VAL A 168 -12.70 0.00 12.08
C VAL A 168 -12.98 0.11 13.58
N ALA A 169 -13.29 1.31 14.07
CA ALA A 169 -13.65 1.51 15.46
C ALA A 169 -14.96 2.28 15.49
N PHE A 170 -16.06 1.58 15.83
CA PHE A 170 -17.39 2.17 15.86
C PHE A 170 -18.33 1.38 16.76
N SER A 171 -17.78 0.60 17.70
CA SER A 171 -18.57 -0.24 18.59
C SER A 171 -19.36 0.59 19.60
N ASN A 172 -20.53 1.10 19.19
CA ASN A 172 -21.35 1.89 20.09
C ASN A 172 -22.86 1.68 19.87
N GLN A 173 -23.26 1.02 18.78
CA GLN A 173 -24.67 0.80 18.49
C GLN A 173 -24.91 -0.46 17.67
N GLN A 174 -26.16 -0.72 17.31
CA GLN A 174 -26.54 -1.96 16.66
C GLN A 174 -25.88 -2.12 15.29
N SER A 175 -25.26 -1.08 14.74
CA SER A 175 -24.61 -1.21 13.44
C SER A 175 -23.37 -2.08 13.56
N TYR A 176 -22.59 -1.92 14.64
CA TYR A 176 -21.43 -2.77 14.88
C TYR A 176 -21.92 -4.16 15.29
N ILE A 177 -23.07 -4.23 15.96
CA ILE A 177 -23.66 -5.52 16.31
C ILE A 177 -24.06 -6.27 15.04
N ALA A 178 -24.48 -5.53 14.01
CA ALA A 178 -24.98 -6.13 12.79
C ALA A 178 -23.86 -6.59 11.85
N ALA A 179 -22.64 -6.05 12.00
CA ALA A 179 -21.51 -6.48 11.19
C ALA A 179 -20.50 -7.30 12.00
N ILE A 180 -20.76 -7.55 13.29
CA ILE A 180 -19.89 -8.40 14.09
C ILE A 180 -20.62 -9.68 14.50
N SER A 181 -21.96 -9.68 14.44
CA SER A 181 -22.73 -10.90 14.58
C SER A 181 -22.90 -11.55 13.21
N ALA A 182 -22.41 -10.86 12.17
CA ALA A 182 -22.37 -11.36 10.81
C ALA A 182 -20.90 -11.33 10.39
N ARG A 183 -20.14 -12.31 10.90
CA ARG A 183 -18.70 -12.36 10.69
C ARG A 183 -18.30 -12.65 9.24
N PHE A 184 -19.29 -12.87 8.37
CA PHE A 184 -19.07 -12.93 6.94
C PHE A 184 -20.04 -11.95 6.29
N VAL A 185 -19.58 -11.26 5.25
CA VAL A 185 -20.38 -10.21 4.64
C VAL A 185 -20.40 -10.34 3.11
N GLN A 186 -20.12 -11.54 2.60
CA GLN A 186 -20.11 -11.82 1.17
C GLN A 186 -19.20 -10.84 0.42
N LEU A 187 -19.80 -9.81 -0.18
CA LEU A 187 -19.13 -8.80 -0.98
C LEU A 187 -18.43 -9.37 -2.22
N GLN A 188 -18.15 -8.49 -3.18
CA GLN A 188 -17.50 -8.84 -4.43
C GLN A 188 -16.67 -7.63 -4.89
N HIS A 189 -15.41 -7.57 -4.48
CA HIS A 189 -14.55 -6.43 -4.73
C HIS A 189 -13.10 -6.85 -4.81
N GLY A 190 -12.32 -6.20 -5.67
CA GLY A 190 -10.91 -6.52 -5.83
C GLY A 190 -10.72 -7.96 -6.29
N GLU A 191 -9.75 -8.66 -5.71
CA GLU A 191 -9.47 -10.05 -6.03
C GLU A 191 -10.40 -11.00 -5.27
N ILE A 192 -11.32 -10.45 -4.46
CA ILE A 192 -12.28 -11.22 -3.69
C ILE A 192 -13.61 -11.25 -4.43
N ASP A 193 -14.31 -12.39 -4.39
CA ASP A 193 -15.52 -12.58 -5.17
C ASP A 193 -16.71 -13.07 -4.35
N LYS A 194 -16.50 -13.54 -3.12
CA LYS A 194 -17.60 -14.16 -2.38
C LYS A 194 -17.48 -14.15 -0.86
N ARG A 195 -16.36 -13.70 -0.27
CA ARG A 195 -16.23 -13.74 1.18
C ARG A 195 -15.29 -12.67 1.74
N VAL A 196 -15.72 -12.03 2.83
CA VAL A 196 -14.90 -11.10 3.59
C VAL A 196 -15.14 -11.38 5.06
N GLU A 197 -14.22 -10.93 5.93
CA GLU A 197 -14.27 -11.28 7.34
C GLU A 197 -14.40 -10.05 8.23
N VAL A 198 -15.13 -10.18 9.34
CA VAL A 198 -15.27 -9.10 10.33
C VAL A 198 -15.42 -9.69 11.73
N LYS A 199 -14.55 -9.28 12.66
CA LYS A 199 -14.58 -9.76 14.04
C LYS A 199 -13.79 -8.82 14.95
N PRO A 200 -13.90 -8.93 16.27
CA PRO A 200 -13.22 -8.06 17.23
C PRO A 200 -11.73 -7.94 16.97
N TYR A 201 -11.15 -6.80 17.36
CA TYR A 201 -9.74 -6.51 17.17
C TYR A 201 -8.88 -7.10 18.30
N VAL A 202 -9.53 -7.59 19.36
CA VAL A 202 -8.85 -8.18 20.51
C VAL A 202 -9.67 -9.33 21.09
N SER A 1 3.49 38.40 0.04
CA SER A 1 3.02 37.74 1.28
C SER A 1 3.78 36.45 1.52
N HIS A 2 3.85 36.02 2.78
CA HIS A 2 4.57 34.82 3.18
C HIS A 2 3.82 34.09 4.30
N GLN A 3 4.16 32.81 4.50
CA GLN A 3 3.53 31.98 5.52
C GLN A 3 4.59 31.16 6.25
N ASN A 4 4.23 30.65 7.44
CA ASN A 4 5.12 29.85 8.26
C ASN A 4 4.82 28.36 8.09
N GLY A 5 5.75 27.51 8.54
CA GLY A 5 5.59 26.06 8.43
C GLY A 5 5.81 25.58 6.99
N GLU A 6 5.41 24.34 6.72
CA GLU A 6 5.57 23.71 5.42
C GLU A 6 4.24 23.11 4.94
N ARG A 7 4.15 22.81 3.65
CA ARG A 7 2.95 22.25 3.02
C ARG A 7 3.24 20.88 2.42
N VAL A 8 4.50 20.41 2.51
CA VAL A 8 4.91 19.13 1.98
C VAL A 8 4.41 18.00 2.88
N GLU A 9 4.18 16.82 2.30
CA GLU A 9 3.72 15.65 3.02
C GLU A 9 4.70 14.50 2.82
N ARG A 10 4.61 13.45 3.64
CA ARG A 10 5.52 12.33 3.57
C ARG A 10 4.78 11.00 3.75
N TYR A 11 5.39 9.94 3.25
CA TYR A 11 4.75 8.64 3.11
C TYR A 11 5.82 7.56 3.06
N SER A 12 5.49 6.39 2.51
CA SER A 12 6.33 5.22 2.59
C SER A 12 7.31 5.20 1.44
N ARG A 13 8.59 5.27 1.83
CA ARG A 13 9.72 5.12 0.93
C ARG A 13 9.87 3.70 0.40
N LYS A 14 8.99 2.79 0.84
CA LYS A 14 8.98 1.42 0.35
C LYS A 14 8.27 1.42 -1.00
N VAL A 15 8.95 0.93 -2.05
CA VAL A 15 8.43 0.99 -3.40
C VAL A 15 8.52 -0.38 -4.07
N PHE A 16 7.35 -0.92 -4.43
CA PHE A 16 7.27 -2.17 -5.17
C PHE A 16 7.48 -1.89 -6.66
N VAL A 17 8.19 -2.80 -7.34
CA VAL A 17 8.49 -2.65 -8.76
C VAL A 17 8.27 -3.97 -9.49
N GLY A 18 7.93 -3.91 -10.78
CA GLY A 18 7.69 -5.10 -11.58
C GLY A 18 8.08 -4.94 -13.05
N GLY A 19 8.53 -3.74 -13.45
CA GLY A 19 8.93 -3.48 -14.82
C GLY A 19 10.39 -3.86 -15.07
N LEU A 20 10.98 -4.61 -14.14
CA LEU A 20 12.39 -4.99 -14.17
C LEU A 20 12.71 -5.87 -15.37
N PRO A 21 13.96 -5.83 -15.86
CA PRO A 21 14.43 -6.67 -16.96
C PRO A 21 14.19 -8.17 -16.70
N PRO A 22 14.13 -8.99 -17.76
CA PRO A 22 13.92 -10.43 -17.66
C PRO A 22 15.03 -11.14 -16.87
N ASP A 23 16.19 -10.50 -16.73
CA ASP A 23 17.29 -11.02 -15.94
C ASP A 23 17.83 -9.87 -15.10
N ILE A 24 17.62 -9.94 -13.79
CA ILE A 24 17.92 -8.82 -12.91
C ILE A 24 18.30 -9.29 -11.49
N ASP A 25 19.18 -8.53 -10.83
CA ASP A 25 19.57 -8.76 -9.46
C ASP A 25 19.44 -7.46 -8.65
N GLU A 26 20.52 -6.69 -8.46
CA GLU A 26 20.46 -5.46 -7.68
C GLU A 26 21.34 -4.35 -8.25
N ASP A 27 22.38 -4.67 -9.02
CA ASP A 27 23.27 -3.66 -9.56
C ASP A 27 22.71 -3.14 -10.88
N GLU A 28 22.04 -4.02 -11.63
CA GLU A 28 21.43 -3.66 -12.91
C GLU A 28 20.20 -2.80 -12.68
N ILE A 29 19.45 -3.05 -11.60
CA ILE A 29 18.26 -2.26 -11.31
C ILE A 29 18.67 -0.90 -10.76
N THR A 30 19.80 -0.85 -10.03
CA THR A 30 20.31 0.43 -9.53
C THR A 30 20.77 1.29 -10.71
N ALA A 31 21.14 0.65 -11.83
CA ALA A 31 21.55 1.37 -13.02
C ALA A 31 20.40 1.56 -14.01
N SER A 32 19.36 0.71 -13.93
CA SER A 32 18.20 0.84 -14.81
C SER A 32 17.46 2.14 -14.54
N PHE A 33 17.17 2.43 -13.28
CA PHE A 33 16.43 3.63 -12.91
C PHE A 33 17.21 4.88 -13.30
N ARG A 34 16.50 5.99 -13.53
CA ARG A 34 17.10 7.26 -13.87
C ARG A 34 16.91 8.26 -12.73
N ARG A 35 17.88 9.16 -12.56
CA ARG A 35 17.88 10.16 -11.49
C ARG A 35 17.66 9.53 -10.11
N PHE A 36 18.05 8.27 -9.94
CA PHE A 36 17.90 7.54 -8.69
C PHE A 36 19.26 6.94 -8.32
N GLY A 37 19.83 7.37 -7.20
CA GLY A 37 21.13 6.91 -6.73
C GLY A 37 21.04 5.53 -6.08
N PRO A 38 22.12 5.11 -5.41
CA PRO A 38 22.20 3.84 -4.71
C PRO A 38 21.03 3.65 -3.73
N LEU A 39 20.54 2.42 -3.63
CA LEU A 39 19.36 2.09 -2.83
C LEU A 39 19.45 0.66 -2.29
N ILE A 40 18.56 0.32 -1.36
CA ILE A 40 18.52 -1.00 -0.73
C ILE A 40 17.24 -1.73 -1.13
N VAL A 41 17.28 -3.07 -1.16
CA VAL A 41 16.16 -3.86 -1.65
C VAL A 41 16.15 -5.27 -1.05
N ASP A 42 14.97 -5.90 -1.04
CA ASP A 42 14.83 -7.29 -0.63
C ASP A 42 13.93 -8.04 -1.62
N TRP A 43 14.02 -9.37 -1.60
CA TRP A 43 13.30 -10.23 -2.54
C TRP A 43 12.24 -11.06 -1.82
N PRO A 44 11.21 -11.54 -2.54
CA PRO A 44 10.17 -12.39 -1.98
C PRO A 44 10.73 -13.76 -1.61
N HIS A 45 11.93 -14.09 -2.08
CA HIS A 45 12.62 -15.33 -1.74
C HIS A 45 14.13 -15.11 -1.80
N LYS A 46 14.87 -15.73 -0.87
CA LYS A 46 16.32 -15.58 -0.78
C LYS A 46 16.93 -16.77 -0.04
N ALA A 47 18.26 -16.80 0.04
CA ALA A 47 19.00 -17.84 0.73
C ALA A 47 19.95 -17.22 1.75
N GLU A 48 20.49 -18.04 2.66
CA GLU A 48 21.38 -17.57 3.72
C GLU A 48 22.71 -18.33 3.71
N SER A 49 22.95 -19.16 2.70
CA SER A 49 24.19 -19.92 2.56
C SER A 49 24.79 -19.78 1.17
N LYS A 50 24.10 -19.05 0.28
CA LYS A 50 24.55 -18.81 -1.08
C LYS A 50 23.89 -17.56 -1.63
N SER A 51 24.39 -17.05 -2.76
CA SER A 51 23.81 -15.88 -3.42
C SER A 51 22.57 -16.30 -4.21
N TYR A 52 21.61 -15.39 -4.36
CA TYR A 52 20.38 -15.65 -5.09
C TYR A 52 19.76 -14.34 -5.59
N PHE A 53 19.00 -14.42 -6.69
CA PHE A 53 18.27 -13.30 -7.23
C PHE A 53 16.99 -13.81 -7.90
N PRO A 54 15.90 -13.04 -7.82
CA PRO A 54 14.61 -13.42 -8.39
C PRO A 54 14.62 -13.20 -9.91
N PRO A 55 14.46 -14.26 -10.72
CA PRO A 55 14.44 -14.15 -12.17
C PRO A 55 13.11 -13.53 -12.63
N LYS A 56 13.20 -12.48 -13.44
CA LYS A 56 12.06 -11.72 -13.96
C LYS A 56 10.99 -11.42 -12.91
N GLY A 57 11.37 -11.44 -11.63
CA GLY A 57 10.45 -11.26 -10.53
C GLY A 57 10.25 -9.79 -10.16
N TYR A 58 9.46 -9.56 -9.11
CA TYR A 58 9.20 -8.23 -8.59
C TYR A 58 10.31 -7.82 -7.62
N ALA A 59 10.28 -6.57 -7.17
CA ALA A 59 11.24 -6.05 -6.21
C ALA A 59 10.54 -5.27 -5.10
N PHE A 60 11.15 -5.26 -3.92
CA PHE A 60 10.66 -4.51 -2.78
C PHE A 60 11.76 -3.56 -2.31
N LEU A 61 12.05 -2.56 -3.13
CA LEU A 61 13.17 -1.65 -2.87
C LEU A 61 12.73 -0.40 -2.14
N LEU A 62 13.69 0.29 -1.52
CA LEU A 62 13.46 1.54 -0.84
C LEU A 62 14.70 2.42 -0.97
N PHE A 63 14.53 3.73 -0.82
CA PHE A 63 15.64 4.65 -1.03
C PHE A 63 16.25 5.06 0.31
N GLN A 64 17.55 5.38 0.31
CA GLN A 64 18.28 5.66 1.54
C GLN A 64 17.92 7.02 2.12
N ASP A 65 17.34 7.90 1.31
CA ASP A 65 16.88 9.21 1.76
C ASP A 65 15.48 9.48 1.21
N GLU A 66 14.63 10.12 2.00
CA GLU A 66 13.24 10.36 1.61
C GLU A 66 13.09 11.62 0.76
N SER A 67 14.16 12.39 0.57
CA SER A 67 14.12 13.56 -0.29
C SER A 67 14.10 13.13 -1.76
N SER A 68 14.70 11.96 -2.04
CA SER A 68 14.71 11.42 -3.40
C SER A 68 13.42 10.66 -3.67
N VAL A 69 12.77 10.15 -2.62
CA VAL A 69 11.51 9.45 -2.75
C VAL A 69 10.47 10.39 -3.32
N GLN A 70 10.37 11.61 -2.79
CA GLN A 70 9.37 12.56 -3.24
C GLN A 70 9.80 13.24 -4.54
N ALA A 71 11.10 13.45 -4.76
CA ALA A 71 11.57 14.17 -5.93
C ALA A 71 11.44 13.34 -7.21
N LEU A 72 11.73 12.03 -7.15
CA LEU A 72 11.74 11.21 -8.34
C LEU A 72 10.37 10.56 -8.58
N ILE A 73 9.57 10.38 -7.53
CA ILE A 73 8.19 9.92 -7.70
C ILE A 73 7.33 11.08 -8.22
N ASP A 74 7.77 12.32 -8.01
CA ASP A 74 7.05 13.48 -8.55
C ASP A 74 7.54 13.80 -9.97
N ALA A 75 8.74 13.35 -10.32
CA ALA A 75 9.32 13.56 -11.65
C ALA A 75 9.09 12.35 -12.56
N CYS A 76 8.17 11.46 -12.20
CA CYS A 76 7.90 10.25 -12.98
C CYS A 76 6.48 10.25 -13.55
N ILE A 77 6.16 9.21 -14.34
CA ILE A 77 4.87 9.07 -15.00
C ILE A 77 3.82 8.62 -13.98
N GLU A 78 2.55 8.93 -14.24
CA GLU A 78 1.46 8.58 -13.34
C GLU A 78 0.22 8.11 -14.10
N GLU A 79 -0.66 7.41 -13.39
CA GLU A 79 -1.93 6.92 -13.89
C GLU A 79 -2.97 7.05 -12.77
N ASP A 80 -4.25 7.16 -13.13
CA ASP A 80 -5.32 7.29 -12.15
C ASP A 80 -5.41 6.02 -11.28
N GLY A 81 -4.68 4.95 -11.66
CA GLY A 81 -4.69 3.70 -10.95
C GLY A 81 -3.37 3.38 -10.24
N LYS A 82 -2.24 3.92 -10.71
CA LYS A 82 -0.93 3.57 -10.18
C LYS A 82 0.14 4.56 -10.64
N LEU A 83 1.40 4.32 -10.28
CA LEU A 83 2.51 5.17 -10.71
C LEU A 83 3.47 4.38 -11.60
N TYR A 84 4.32 5.10 -12.34
CA TYR A 84 5.28 4.49 -13.23
C TYR A 84 6.59 5.28 -13.22
N LEU A 85 7.73 4.59 -13.30
CA LEU A 85 9.03 5.24 -13.42
C LEU A 85 9.62 4.95 -14.79
N CYS A 86 10.61 5.74 -15.19
CA CYS A 86 11.31 5.53 -16.46
C CYS A 86 12.67 4.91 -16.19
N VAL A 87 13.00 3.83 -16.91
CA VAL A 87 14.26 3.13 -16.76
C VAL A 87 14.72 2.67 -18.14
N SER A 88 16.01 2.32 -18.27
CA SER A 88 16.51 1.82 -19.55
C SER A 88 17.65 0.84 -19.37
N SER A 89 17.43 -0.39 -19.85
CA SER A 89 18.34 -1.52 -19.85
C SER A 89 17.90 -2.48 -20.96
N PRO A 90 18.70 -3.48 -21.31
CA PRO A 90 18.37 -4.41 -22.37
C PRO A 90 16.96 -5.00 -22.24
N THR A 91 16.34 -5.27 -23.40
CA THR A 91 15.00 -5.82 -23.54
C THR A 91 13.87 -4.93 -22.97
N ILE A 92 14.19 -3.87 -22.21
CA ILE A 92 13.17 -2.96 -21.69
C ILE A 92 13.58 -1.50 -21.89
N LYS A 93 14.53 -1.27 -22.81
CA LYS A 93 15.08 0.05 -23.09
C LYS A 93 13.97 1.04 -23.45
N ASP A 94 13.99 2.20 -22.80
CA ASP A 94 13.03 3.27 -22.99
C ASP A 94 11.59 2.86 -22.71
N LYS A 95 11.38 1.90 -21.81
CA LYS A 95 10.04 1.49 -21.38
C LYS A 95 9.86 1.77 -19.88
N PRO A 96 8.64 2.13 -19.46
CA PRO A 96 8.33 2.44 -18.09
C PRO A 96 8.23 1.18 -17.22
N VAL A 97 8.21 1.37 -15.90
CA VAL A 97 8.07 0.27 -14.95
C VAL A 97 6.95 0.58 -13.95
N GLN A 98 6.26 -0.46 -13.47
CA GLN A 98 5.18 -0.27 -12.51
C GLN A 98 5.76 0.14 -11.15
N ILE A 99 5.07 1.04 -10.44
CA ILE A 99 5.56 1.61 -9.20
C ILE A 99 4.44 1.74 -8.17
N ARG A 100 4.74 1.42 -6.91
CA ARG A 100 3.80 1.52 -5.80
C ARG A 100 4.49 1.92 -4.49
N PRO A 101 4.52 3.21 -4.15
CA PRO A 101 4.92 3.71 -2.83
C PRO A 101 3.70 3.55 -1.90
N TRP A 102 3.67 4.14 -0.71
CA TRP A 102 2.44 4.10 0.07
C TRP A 102 2.25 5.24 1.07
N ASN A 103 1.13 5.97 0.95
CA ASN A 103 0.77 7.07 1.83
C ASN A 103 0.16 6.57 3.13
N LEU A 104 1.04 6.29 4.10
CA LEU A 104 0.65 5.85 5.44
C LEU A 104 -0.05 6.94 6.25
N SER A 105 -0.23 8.13 5.67
CA SER A 105 -0.88 9.23 6.36
C SER A 105 -2.37 9.32 6.01
N ASP A 106 -2.86 8.46 5.11
CA ASP A 106 -4.27 8.46 4.74
C ASP A 106 -4.90 7.08 4.91
N SER A 107 -4.05 6.03 4.92
CA SER A 107 -4.49 4.67 5.24
C SER A 107 -5.45 4.60 6.42
N ASP A 108 -5.28 5.49 7.41
CA ASP A 108 -6.10 5.48 8.60
C ASP A 108 -7.37 6.30 8.37
N PHE A 109 -8.52 5.61 8.33
CA PHE A 109 -9.80 6.28 8.17
C PHE A 109 -10.47 6.39 9.54
N VAL A 110 -10.16 7.50 10.22
CA VAL A 110 -10.73 7.81 11.54
C VAL A 110 -11.96 8.70 11.38
N MET A 111 -12.82 8.71 12.41
CA MET A 111 -14.02 9.55 12.40
C MET A 111 -14.21 10.23 13.76
N ASP A 112 -13.80 9.59 14.85
CA ASP A 112 -13.92 10.16 16.19
C ASP A 112 -12.96 9.47 17.17
N GLY A 113 -12.80 10.07 18.36
CA GLY A 113 -11.96 9.53 19.42
C GLY A 113 -12.80 8.83 20.49
N SER A 114 -14.00 8.38 20.13
CA SER A 114 -14.96 7.80 21.07
C SER A 114 -14.48 6.51 21.72
N GLN A 115 -13.48 5.85 21.14
CA GLN A 115 -13.08 4.51 21.57
C GLN A 115 -11.57 4.39 21.73
N PRO A 116 -11.13 3.50 22.64
CA PRO A 116 -9.73 3.30 23.02
C PRO A 116 -8.93 2.42 22.07
N LEU A 117 -9.53 1.98 20.96
CA LEU A 117 -8.88 1.10 19.99
C LEU A 117 -8.44 -0.20 20.66
N ASP A 118 -9.21 -0.68 21.65
CA ASP A 118 -8.89 -1.88 22.40
C ASP A 118 -9.05 -3.11 21.50
N PRO A 119 -8.18 -4.14 21.65
CA PRO A 119 -8.19 -5.33 20.82
C PRO A 119 -9.45 -6.18 21.00
N ARG A 120 -10.36 -5.80 21.91
CA ARG A 120 -11.66 -6.46 22.07
C ARG A 120 -12.78 -5.53 21.64
N LYS A 121 -12.42 -4.39 21.05
CA LYS A 121 -13.33 -3.40 20.47
C LYS A 121 -12.91 -3.11 19.04
N THR A 122 -12.01 -3.95 18.50
CA THR A 122 -11.52 -3.81 17.14
C THR A 122 -12.10 -4.93 16.29
N ILE A 123 -12.14 -4.74 14.97
CA ILE A 123 -12.74 -5.70 14.06
C ILE A 123 -11.80 -5.90 12.86
N PHE A 124 -11.86 -7.08 12.26
CA PHE A 124 -11.05 -7.41 11.10
C PHE A 124 -11.92 -7.36 9.84
N VAL A 125 -11.32 -7.03 8.70
CA VAL A 125 -12.04 -6.96 7.44
C VAL A 125 -11.23 -7.65 6.34
N GLY A 126 -11.80 -8.70 5.75
CA GLY A 126 -11.15 -9.44 4.68
C GLY A 126 -11.73 -9.05 3.33
N GLY A 127 -10.98 -9.34 2.25
CA GLY A 127 -11.43 -9.03 0.90
C GLY A 127 -11.04 -7.62 0.45
N VAL A 128 -9.86 -7.16 0.88
CA VAL A 128 -9.34 -5.84 0.50
C VAL A 128 -7.95 -5.96 -0.17
N PRO A 129 -7.76 -6.87 -1.13
CA PRO A 129 -6.49 -7.08 -1.79
C PRO A 129 -6.08 -5.86 -2.63
N ARG A 130 -4.80 -5.78 -2.98
CA ARG A 130 -4.18 -4.65 -3.66
C ARG A 130 -4.24 -3.37 -2.82
N PRO A 131 -3.42 -2.36 -3.12
CA PRO A 131 -3.39 -1.09 -2.41
C PRO A 131 -4.68 -0.28 -2.61
N LEU A 132 -5.47 -0.13 -1.54
CA LEU A 132 -6.63 0.75 -1.51
C LEU A 132 -6.49 1.64 -0.29
N ARG A 133 -6.77 2.94 -0.42
CA ARG A 133 -6.68 3.86 0.70
C ARG A 133 -7.99 3.90 1.50
N ALA A 134 -8.52 2.70 1.77
CA ALA A 134 -9.76 2.47 2.50
C ALA A 134 -11.01 3.09 1.87
N VAL A 135 -10.91 3.57 0.62
CA VAL A 135 -12.05 4.19 -0.05
C VAL A 135 -13.23 3.24 -0.19
N GLU A 136 -12.97 2.02 -0.66
CA GLU A 136 -14.02 1.06 -0.91
C GLU A 136 -14.48 0.38 0.38
N LEU A 137 -13.61 0.31 1.38
CA LEU A 137 -13.85 -0.36 2.64
C LEU A 137 -14.77 0.50 3.51
N ALA A 138 -14.39 1.77 3.70
CA ALA A 138 -15.13 2.66 4.57
C ALA A 138 -16.45 3.07 3.95
N MET A 139 -16.54 3.15 2.62
CA MET A 139 -17.74 3.62 1.96
C MET A 139 -18.83 2.55 1.96
N ILE A 140 -18.49 1.26 1.78
CA ILE A 140 -19.54 0.24 1.80
C ILE A 140 -20.06 0.04 3.22
N MET A 141 -19.19 0.06 4.23
CA MET A 141 -19.63 -0.14 5.60
C MET A 141 -20.48 1.03 6.06
N ASP A 142 -20.31 2.20 5.44
CA ASP A 142 -21.07 3.37 5.81
C ASP A 142 -22.38 3.45 5.02
N ARG A 143 -22.52 2.66 3.96
CA ARG A 143 -23.76 2.62 3.18
C ARG A 143 -24.78 1.65 3.77
N LEU A 144 -24.34 0.66 4.56
CA LEU A 144 -25.26 -0.29 5.17
C LEU A 144 -25.17 -0.40 6.70
N TYR A 145 -24.02 -0.13 7.32
CA TYR A 145 -23.83 -0.28 8.76
C TYR A 145 -22.94 0.82 9.31
N GLY A 146 -23.21 2.08 8.94
CA GLY A 146 -22.38 3.21 9.34
C GLY A 146 -22.35 3.40 10.85
N GLY A 147 -21.30 4.05 11.34
CA GLY A 147 -21.06 4.24 12.76
C GLY A 147 -19.59 4.08 13.13
N VAL A 148 -18.69 4.10 12.14
CA VAL A 148 -17.25 3.92 12.32
C VAL A 148 -16.67 4.96 13.27
N CYS A 149 -15.55 4.63 13.92
CA CYS A 149 -14.89 5.53 14.86
C CYS A 149 -13.41 5.68 14.53
N TYR A 150 -12.71 4.56 14.33
CA TYR A 150 -11.30 4.58 13.96
C TYR A 150 -10.97 3.35 13.13
N ALA A 151 -10.19 3.49 12.05
CA ALA A 151 -9.81 2.33 11.26
C ALA A 151 -8.52 2.55 10.46
N GLY A 152 -8.01 1.46 9.86
CA GLY A 152 -6.85 1.50 8.99
C GLY A 152 -6.98 0.44 7.90
N ILE A 153 -5.98 0.31 7.03
CA ILE A 153 -6.06 -0.66 5.93
C ILE A 153 -4.70 -1.32 5.70
N ASP A 154 -4.69 -2.65 5.78
CA ASP A 154 -3.49 -3.50 5.65
C ASP A 154 -2.22 -3.02 6.37
N THR A 155 -2.22 -1.92 7.11
CA THR A 155 -0.99 -1.33 7.61
C THR A 155 -0.24 -2.16 8.64
N ASP A 156 1.05 -1.83 8.80
CA ASP A 156 1.98 -2.53 9.66
C ASP A 156 2.93 -1.54 10.32
N PRO A 157 3.25 -1.73 11.61
CA PRO A 157 4.06 -0.81 12.39
C PRO A 157 5.55 -0.93 12.06
N GLU A 158 5.94 -1.97 11.31
CA GLU A 158 7.34 -2.23 11.00
C GLU A 158 7.94 -1.06 10.22
N LEU A 159 7.24 -0.63 9.18
CA LEU A 159 7.64 0.54 8.40
C LEU A 159 6.43 1.32 7.91
N LYS A 160 5.24 1.04 8.45
CA LYS A 160 4.04 1.79 8.11
C LYS A 160 3.68 1.51 6.66
N TYR A 161 3.65 0.22 6.33
CA TYR A 161 3.43 -0.23 4.95
C TYR A 161 2.51 -1.45 4.95
N PRO A 162 1.66 -1.60 3.92
CA PRO A 162 0.72 -2.70 3.81
C PRO A 162 1.38 -4.07 3.97
N LYS A 163 0.71 -4.94 4.74
CA LYS A 163 1.09 -6.35 4.91
C LYS A 163 -0.11 -7.24 4.60
N GLY A 164 -1.33 -6.74 4.83
CA GLY A 164 -2.55 -7.47 4.51
C GLY A 164 -3.68 -7.19 5.50
N ALA A 165 -4.91 -7.43 5.04
CA ALA A 165 -6.16 -7.33 5.79
C ALA A 165 -6.48 -5.94 6.37
N GLY A 166 -7.67 -5.45 6.02
CA GLY A 166 -8.20 -4.23 6.59
C GLY A 166 -8.64 -4.43 8.03
N ARG A 167 -8.84 -3.34 8.76
CA ARG A 167 -9.28 -3.39 10.14
C ARG A 167 -10.00 -2.10 10.53
N VAL A 168 -11.05 -2.22 11.34
CA VAL A 168 -11.88 -1.10 11.75
C VAL A 168 -12.31 -1.30 13.20
N ALA A 169 -12.53 -0.20 13.93
CA ALA A 169 -12.89 -0.28 15.33
C ALA A 169 -14.09 0.62 15.63
N PHE A 170 -15.22 0.00 15.94
CA PHE A 170 -16.41 0.68 16.40
C PHE A 170 -17.28 -0.32 17.16
N SER A 171 -17.86 0.11 18.28
CA SER A 171 -18.66 -0.75 19.15
C SER A 171 -19.79 0.05 19.81
N ASN A 172 -20.10 1.23 19.27
CA ASN A 172 -20.99 2.19 19.92
C ASN A 172 -22.46 2.03 19.52
N GLN A 173 -22.78 1.21 18.53
CA GLN A 173 -24.13 1.17 17.99
C GLN A 173 -24.49 -0.22 17.47
N GLN A 174 -25.79 -0.45 17.25
CA GLN A 174 -26.28 -1.70 16.68
C GLN A 174 -25.74 -1.87 15.26
N SER A 175 -25.12 -0.84 14.68
CA SER A 175 -24.54 -0.96 13.36
C SER A 175 -23.29 -1.83 13.44
N TYR A 176 -22.57 -1.73 14.56
CA TYR A 176 -21.43 -2.59 14.82
C TYR A 176 -21.94 -4.01 15.07
N ILE A 177 -23.08 -4.14 15.74
CA ILE A 177 -23.68 -5.46 15.98
C ILE A 177 -24.09 -6.07 14.65
N ALA A 178 -24.55 -5.23 13.71
CA ALA A 178 -25.08 -5.70 12.45
C ALA A 178 -24.00 -6.02 11.42
N ALA A 179 -22.81 -5.40 11.51
CA ALA A 179 -21.73 -5.67 10.57
C ALA A 179 -20.81 -6.76 11.10
N ILE A 180 -20.79 -7.00 12.41
CA ILE A 180 -19.98 -8.07 12.97
C ILE A 180 -20.78 -9.38 12.98
N SER A 181 -22.10 -9.29 12.81
CA SER A 181 -22.94 -10.45 12.58
C SER A 181 -23.07 -10.69 11.07
N ALA A 182 -22.59 -9.74 10.26
CA ALA A 182 -22.54 -9.87 8.82
C ALA A 182 -21.19 -10.48 8.45
N ARG A 183 -20.92 -11.65 9.05
CA ARG A 183 -19.65 -12.33 8.91
C ARG A 183 -19.31 -12.66 7.46
N PHE A 184 -20.30 -12.66 6.57
CA PHE A 184 -20.07 -12.80 5.13
C PHE A 184 -21.01 -11.87 4.40
N VAL A 185 -20.50 -11.26 3.34
CA VAL A 185 -21.20 -10.24 2.57
C VAL A 185 -20.67 -10.31 1.15
N GLN A 186 -21.43 -9.80 0.18
CA GLN A 186 -21.00 -9.78 -1.20
C GLN A 186 -20.59 -8.36 -1.59
N LEU A 187 -19.66 -8.26 -2.54
CA LEU A 187 -19.10 -6.99 -2.96
C LEU A 187 -18.74 -7.04 -4.44
N GLN A 188 -19.18 -6.02 -5.18
CA GLN A 188 -18.91 -5.90 -6.61
C GLN A 188 -18.54 -4.45 -6.90
N HIS A 189 -17.31 -4.08 -6.53
CA HIS A 189 -16.81 -2.73 -6.66
C HIS A 189 -15.31 -2.76 -6.99
N GLY A 190 -14.85 -1.81 -7.81
CA GLY A 190 -13.44 -1.77 -8.20
C GLY A 190 -13.05 -3.04 -8.95
N GLU A 191 -11.86 -3.55 -8.68
CA GLU A 191 -11.34 -4.76 -9.30
C GLU A 191 -11.76 -6.01 -8.52
N ILE A 192 -12.74 -5.88 -7.61
CA ILE A 192 -13.20 -6.98 -6.77
C ILE A 192 -14.63 -7.34 -7.11
N ASP A 193 -14.92 -8.65 -7.14
CA ASP A 193 -16.24 -9.16 -7.49
C ASP A 193 -16.62 -10.34 -6.60
N LYS A 194 -16.04 -10.42 -5.40
CA LYS A 194 -16.19 -11.58 -4.55
C LYS A 194 -16.58 -11.19 -3.13
N ARG A 195 -16.91 -12.20 -2.32
CA ARG A 195 -17.35 -12.02 -0.95
C ARG A 195 -16.29 -11.37 -0.06
N VAL A 196 -16.74 -10.82 1.06
CA VAL A 196 -15.87 -10.19 2.04
C VAL A 196 -16.26 -10.66 3.43
N GLU A 197 -15.40 -10.39 4.42
CA GLU A 197 -15.61 -10.87 5.78
C GLU A 197 -15.44 -9.75 6.78
N VAL A 198 -16.23 -9.78 7.87
CA VAL A 198 -16.13 -8.81 8.95
C VAL A 198 -16.39 -9.53 10.27
N LYS A 199 -15.33 -9.69 11.09
CA LYS A 199 -15.42 -10.46 12.33
C LYS A 199 -14.53 -9.83 13.41
N PRO A 200 -14.72 -10.19 14.69
CA PRO A 200 -13.97 -9.63 15.80
C PRO A 200 -12.46 -9.77 15.63
N TYR A 201 -11.72 -8.83 16.23
CA TYR A 201 -10.27 -8.83 16.22
C TYR A 201 -9.73 -9.72 17.34
N VAL A 202 -8.46 -10.11 17.24
CA VAL A 202 -7.83 -11.00 18.23
C VAL A 202 -6.46 -10.47 18.65
N SER A 1 2.01 29.72 17.45
CA SER A 1 3.05 29.50 16.44
C SER A 1 2.91 28.10 15.83
N HIS A 2 3.41 27.93 14.60
CA HIS A 2 3.33 26.68 13.88
C HIS A 2 4.61 26.42 13.08
N GLN A 3 4.83 25.17 12.68
CA GLN A 3 6.02 24.77 11.92
C GLN A 3 5.63 23.78 10.83
N ASN A 4 6.52 23.57 9.86
CA ASN A 4 6.29 22.65 8.75
C ASN A 4 7.56 21.84 8.44
N GLY A 5 8.57 21.93 9.31
CA GLY A 5 9.83 21.24 9.12
C GLY A 5 10.66 21.84 7.99
N GLU A 6 11.79 21.18 7.67
CA GLU A 6 12.70 21.62 6.62
C GLU A 6 13.10 20.44 5.73
N ARG A 7 12.42 19.30 5.87
CA ARG A 7 12.69 18.09 5.13
C ARG A 7 11.40 17.29 4.91
N VAL A 8 11.46 16.29 4.02
CA VAL A 8 10.33 15.40 3.82
C VAL A 8 10.31 14.37 4.93
N GLU A 9 9.11 14.03 5.42
CA GLU A 9 8.96 13.09 6.52
C GLU A 9 7.68 12.26 6.32
N ARG A 10 7.36 11.96 5.06
CA ARG A 10 6.16 11.21 4.70
C ARG A 10 6.53 10.03 3.81
N TYR A 11 5.51 9.26 3.41
CA TYR A 11 5.66 8.03 2.64
C TYR A 11 6.52 6.94 3.27
N SER A 12 6.12 5.69 3.03
CA SER A 12 6.93 4.54 3.38
C SER A 12 7.75 4.21 2.14
N ARG A 13 9.05 4.03 2.37
CA ARG A 13 10.04 3.96 1.30
C ARG A 13 10.09 2.59 0.64
N LYS A 14 9.33 1.61 1.15
CA LYS A 14 9.26 0.31 0.49
C LYS A 14 8.47 0.46 -0.79
N VAL A 15 9.06 0.02 -1.91
CA VAL A 15 8.43 0.15 -3.22
C VAL A 15 8.53 -1.17 -3.98
N PHE A 16 7.38 -1.63 -4.47
CA PHE A 16 7.31 -2.81 -5.32
C PHE A 16 7.52 -2.41 -6.77
N VAL A 17 8.15 -3.28 -7.56
CA VAL A 17 8.31 -3.08 -8.99
C VAL A 17 8.11 -4.38 -9.75
N GLY A 18 7.98 -4.26 -11.08
CA GLY A 18 7.80 -5.41 -11.95
C GLY A 18 8.15 -5.11 -13.41
N GLY A 19 8.39 -3.84 -13.75
CA GLY A 19 8.69 -3.46 -15.12
C GLY A 19 10.19 -3.48 -15.41
N LEU A 20 10.99 -4.06 -14.53
CA LEU A 20 12.44 -4.09 -14.67
C LEU A 20 12.84 -4.87 -15.92
N PRO A 21 13.98 -4.53 -16.52
CA PRO A 21 14.52 -5.23 -17.68
C PRO A 21 14.69 -6.73 -17.40
N PRO A 22 14.81 -7.54 -18.45
CA PRO A 22 15.00 -8.98 -18.33
C PRO A 22 16.39 -9.29 -17.77
N ASP A 23 16.57 -10.54 -17.32
CA ASP A 23 17.84 -11.01 -16.75
C ASP A 23 18.33 -10.12 -15.60
N ILE A 24 17.40 -9.48 -14.87
CA ILE A 24 17.74 -8.56 -13.79
C ILE A 24 18.25 -9.31 -12.57
N ASP A 25 19.32 -8.75 -11.96
CA ASP A 25 19.91 -9.31 -10.75
C ASP A 25 20.34 -8.23 -9.74
N GLU A 26 20.32 -6.95 -10.16
CA GLU A 26 20.73 -5.81 -9.34
C GLU A 26 21.14 -4.63 -10.23
N ASP A 27 21.82 -4.91 -11.34
CA ASP A 27 22.45 -3.86 -12.14
C ASP A 27 21.46 -3.17 -13.07
N GLU A 28 20.48 -3.90 -13.59
CA GLU A 28 19.55 -3.34 -14.55
C GLU A 28 18.68 -2.30 -13.89
N ILE A 29 18.32 -2.53 -12.63
CA ILE A 29 17.40 -1.67 -11.91
C ILE A 29 18.12 -0.43 -11.41
N THR A 30 19.37 -0.58 -10.95
CA THR A 30 20.13 0.55 -10.46
C THR A 30 20.49 1.48 -11.62
N ALA A 31 20.43 0.97 -12.86
CA ALA A 31 20.67 1.76 -14.05
C ALA A 31 19.36 2.19 -14.71
N SER A 32 18.28 1.41 -14.50
CA SER A 32 16.97 1.75 -15.02
C SER A 32 16.55 3.15 -14.57
N PHE A 33 16.39 3.34 -13.25
CA PHE A 33 15.89 4.60 -12.74
C PHE A 33 16.94 5.68 -13.03
N ARG A 34 16.51 6.85 -13.54
CA ARG A 34 17.42 7.88 -14.00
C ARG A 34 17.37 9.15 -13.14
N ARG A 35 16.55 9.16 -12.09
CA ARG A 35 16.38 10.34 -11.25
C ARG A 35 16.31 9.99 -9.76
N PHE A 36 16.46 8.71 -9.42
CA PHE A 36 16.33 8.28 -8.04
C PHE A 36 17.65 8.45 -7.29
N GLY A 37 18.72 7.87 -7.82
CA GLY A 37 20.03 7.87 -7.17
C GLY A 37 20.29 6.55 -6.46
N PRO A 38 21.37 6.46 -5.66
CA PRO A 38 21.74 5.27 -4.92
C PRO A 38 20.63 4.78 -3.99
N LEU A 39 20.38 3.47 -4.00
CA LEU A 39 19.29 2.86 -3.25
C LEU A 39 19.65 1.44 -2.83
N ILE A 40 18.80 0.81 -2.02
CA ILE A 40 18.98 -0.55 -1.55
C ILE A 40 17.86 -1.42 -2.13
N VAL A 41 18.14 -2.71 -2.36
CA VAL A 41 17.20 -3.61 -3.00
C VAL A 41 17.00 -4.88 -2.18
N ASP A 42 15.91 -5.60 -2.48
CA ASP A 42 15.59 -6.85 -1.80
C ASP A 42 14.83 -7.76 -2.77
N TRP A 43 15.23 -9.03 -2.84
CA TRP A 43 14.62 -9.97 -3.77
C TRP A 43 13.62 -10.86 -3.04
N PRO A 44 12.58 -11.36 -3.75
CA PRO A 44 11.57 -12.23 -3.19
C PRO A 44 12.13 -13.54 -2.63
N HIS A 45 13.42 -13.82 -2.87
CA HIS A 45 14.07 -15.04 -2.41
C HIS A 45 15.39 -14.74 -1.69
N LYS A 46 15.63 -13.47 -1.33
CA LYS A 46 16.84 -13.07 -0.64
C LYS A 46 16.81 -13.56 0.81
N ALA A 47 17.85 -14.29 1.21
CA ALA A 47 18.01 -14.80 2.56
C ALA A 47 19.49 -14.94 2.95
N GLU A 48 20.39 -14.70 1.99
CA GLU A 48 21.83 -14.80 2.24
C GLU A 48 22.59 -13.85 1.31
N SER A 49 23.85 -13.56 1.65
CA SER A 49 24.68 -12.63 0.90
C SER A 49 25.34 -13.27 -0.32
N LYS A 50 24.98 -14.52 -0.63
CA LYS A 50 25.59 -15.27 -1.73
C LYS A 50 24.58 -15.59 -2.84
N SER A 51 23.33 -15.15 -2.69
CA SER A 51 22.30 -15.41 -3.70
C SER A 51 22.18 -14.24 -4.66
N TYR A 52 21.78 -14.52 -5.91
CA TYR A 52 21.64 -13.51 -6.95
C TYR A 52 20.67 -13.99 -8.02
N PHE A 53 20.34 -13.09 -8.96
CA PHE A 53 19.44 -13.35 -10.09
C PHE A 53 18.12 -14.00 -9.66
N PRO A 54 17.14 -13.19 -9.23
CA PRO A 54 15.81 -13.64 -8.87
C PRO A 54 15.13 -14.36 -10.04
N PRO A 55 14.23 -15.31 -9.75
CA PRO A 55 13.52 -16.09 -10.76
C PRO A 55 12.61 -15.25 -11.66
N LYS A 56 12.33 -14.00 -11.29
CA LYS A 56 11.42 -13.15 -12.04
C LYS A 56 11.91 -11.70 -12.09
N GLY A 57 11.34 -10.91 -13.00
CA GLY A 57 11.65 -9.51 -13.19
C GLY A 57 10.98 -8.59 -12.16
N TYR A 58 10.35 -9.18 -11.14
CA TYR A 58 9.66 -8.42 -10.10
C TYR A 58 10.53 -8.36 -8.85
N ALA A 59 10.49 -7.23 -8.13
CA ALA A 59 11.36 -7.04 -6.99
C ALA A 59 10.83 -6.00 -6.01
N PHE A 60 11.48 -5.93 -4.85
CA PHE A 60 11.22 -4.88 -3.88
C PHE A 60 12.49 -4.05 -3.70
N LEU A 61 12.33 -2.77 -3.42
CA LEU A 61 13.45 -1.86 -3.24
C LEU A 61 13.01 -0.65 -2.44
N LEU A 62 13.97 0.06 -1.85
CA LEU A 62 13.67 1.22 -1.03
C LEU A 62 14.82 2.20 -1.10
N PHE A 63 14.57 3.44 -0.68
CA PHE A 63 15.57 4.49 -0.78
C PHE A 63 16.11 4.87 0.59
N GLN A 64 17.30 5.46 0.63
CA GLN A 64 17.99 5.77 1.87
C GLN A 64 17.41 7.01 2.56
N ASP A 65 16.71 7.88 1.82
CA ASP A 65 16.15 9.09 2.37
C ASP A 65 14.75 9.36 1.82
N GLU A 66 13.90 10.02 2.63
CA GLU A 66 12.50 10.25 2.28
C GLU A 66 12.31 11.37 1.25
N SER A 67 13.27 12.28 1.12
CA SER A 67 13.14 13.40 0.18
C SER A 67 13.31 12.93 -1.25
N SER A 68 14.05 11.83 -1.46
CA SER A 68 14.25 11.28 -2.79
C SER A 68 13.04 10.42 -3.19
N VAL A 69 12.33 9.89 -2.20
CA VAL A 69 11.14 9.07 -2.43
C VAL A 69 10.02 9.94 -2.96
N GLN A 70 9.81 11.12 -2.38
CA GLN A 70 8.76 12.01 -2.82
C GLN A 70 9.13 12.62 -4.18
N ALA A 71 10.43 12.85 -4.40
CA ALA A 71 10.91 13.44 -5.64
C ALA A 71 10.73 12.49 -6.83
N LEU A 72 10.89 11.18 -6.61
CA LEU A 72 10.83 10.20 -7.68
C LEU A 72 9.39 9.79 -7.95
N ILE A 73 8.59 9.63 -6.89
CA ILE A 73 7.19 9.25 -7.03
C ILE A 73 6.39 10.39 -7.66
N ASP A 74 6.90 11.62 -7.59
CA ASP A 74 6.22 12.78 -8.19
C ASP A 74 6.77 13.12 -9.57
N ALA A 75 7.99 12.65 -9.89
CA ALA A 75 8.61 12.90 -11.18
C ALA A 75 8.25 11.82 -12.21
N CYS A 76 7.19 11.06 -11.96
CA CYS A 76 6.78 9.97 -12.83
C CYS A 76 5.28 10.01 -13.15
N ILE A 77 4.84 9.10 -14.02
CA ILE A 77 3.45 8.99 -14.44
C ILE A 77 2.64 8.33 -13.32
N GLU A 78 1.34 8.61 -13.25
CA GLU A 78 0.48 8.09 -12.20
C GLU A 78 -0.85 7.56 -12.74
N GLU A 79 -1.50 6.72 -11.93
CA GLU A 79 -2.81 6.14 -12.22
C GLU A 79 -3.60 6.05 -10.92
N ASP A 80 -4.92 5.94 -11.03
CA ASP A 80 -5.80 5.83 -9.87
C ASP A 80 -5.46 4.61 -9.01
N GLY A 81 -4.66 3.67 -9.53
CA GLY A 81 -4.31 2.46 -8.80
C GLY A 81 -2.81 2.29 -8.54
N LYS A 82 -1.96 2.99 -9.29
CA LYS A 82 -0.51 2.76 -9.25
C LYS A 82 0.24 3.91 -9.92
N LEU A 83 1.56 3.77 -10.06
CA LEU A 83 2.37 4.74 -10.77
C LEU A 83 3.31 4.02 -11.74
N TYR A 84 3.89 4.75 -12.69
CA TYR A 84 4.80 4.19 -13.67
C TYR A 84 6.01 5.08 -13.86
N LEU A 85 7.19 4.50 -13.73
CA LEU A 85 8.46 5.18 -13.93
C LEU A 85 8.89 5.04 -15.38
N CYS A 86 9.36 6.14 -15.99
CA CYS A 86 9.80 6.16 -17.37
C CYS A 86 11.31 5.90 -17.41
N VAL A 87 11.72 4.68 -17.05
CA VAL A 87 13.12 4.31 -16.98
C VAL A 87 13.71 3.98 -18.35
N SER A 88 12.92 4.16 -19.42
CA SER A 88 13.34 3.86 -20.78
C SER A 88 14.26 4.96 -21.28
N SER A 89 15.57 4.79 -21.10
CA SER A 89 16.56 5.81 -21.45
C SER A 89 17.98 5.25 -21.66
N PRO A 90 18.46 4.33 -20.82
CA PRO A 90 19.81 3.78 -20.95
C PRO A 90 19.84 2.70 -22.03
N THR A 91 20.60 1.62 -21.80
CA THR A 91 20.74 0.53 -22.75
C THR A 91 19.40 -0.19 -23.01
N ILE A 92 18.36 0.15 -22.23
CA ILE A 92 17.04 -0.45 -22.40
C ILE A 92 16.03 0.61 -22.85
N LYS A 93 14.91 0.17 -23.42
CA LYS A 93 13.87 1.07 -23.88
C LYS A 93 12.51 0.36 -23.88
N ASP A 94 11.43 1.14 -23.91
CA ASP A 94 10.05 0.64 -23.97
C ASP A 94 9.72 -0.31 -22.82
N LYS A 95 10.32 -0.10 -21.65
CA LYS A 95 10.09 -0.92 -20.47
C LYS A 95 9.99 -0.05 -19.22
N PRO A 96 8.87 0.65 -19.02
CA PRO A 96 8.60 1.45 -17.84
C PRO A 96 8.38 0.52 -16.64
N VAL A 97 8.43 1.07 -15.42
CA VAL A 97 8.33 0.27 -14.21
C VAL A 97 7.11 0.67 -13.38
N GLN A 98 6.23 -0.30 -13.10
CA GLN A 98 5.07 -0.06 -12.26
C GLN A 98 5.53 0.01 -10.82
N ILE A 99 5.22 1.11 -10.13
CA ILE A 99 5.68 1.37 -8.77
C ILE A 99 4.51 1.40 -7.80
N ARG A 100 4.72 0.87 -6.59
CA ARG A 100 3.74 0.91 -5.51
C ARG A 100 4.42 1.19 -4.17
N PRO A 101 4.45 2.45 -3.74
CA PRO A 101 4.99 2.91 -2.45
C PRO A 101 3.89 2.80 -1.39
N TRP A 102 3.98 3.57 -0.30
CA TRP A 102 2.86 3.67 0.63
C TRP A 102 2.81 5.05 1.31
N ASN A 103 1.59 5.48 1.68
CA ASN A 103 1.37 6.77 2.33
C ASN A 103 0.77 6.57 3.72
N LEU A 104 1.50 7.03 4.74
CA LEU A 104 1.13 6.79 6.12
C LEU A 104 -0.06 7.66 6.49
N SER A 105 -0.35 8.68 5.67
CA SER A 105 -1.48 9.55 5.90
C SER A 105 -2.78 8.84 5.54
N ASP A 106 -2.75 7.89 4.59
CA ASP A 106 -3.94 7.12 4.24
C ASP A 106 -4.11 5.90 5.15
N SER A 107 -3.05 5.48 5.85
CA SER A 107 -3.16 4.42 6.85
C SER A 107 -4.23 4.71 7.89
N ASP A 108 -4.60 5.98 8.08
CA ASP A 108 -5.64 6.32 9.04
C ASP A 108 -6.64 7.27 8.39
N PHE A 109 -7.88 6.78 8.34
CA PHE A 109 -9.00 7.52 7.80
C PHE A 109 -10.12 7.58 8.83
N VAL A 110 -10.20 8.71 9.54
CA VAL A 110 -11.18 8.90 10.60
C VAL A 110 -12.33 9.79 10.11
N MET A 111 -13.56 9.47 10.52
CA MET A 111 -14.73 10.25 10.16
C MET A 111 -15.19 11.13 11.32
N ASP A 112 -14.90 10.73 12.56
CA ASP A 112 -15.21 11.47 13.78
C ASP A 112 -16.70 11.82 13.88
N GLY A 113 -17.06 12.59 14.92
CA GLY A 113 -18.41 13.13 15.06
C GLY A 113 -19.41 12.13 15.64
N SER A 114 -18.95 11.01 16.21
CA SER A 114 -19.85 10.03 16.78
C SER A 114 -19.47 9.68 18.22
N GLN A 115 -18.39 8.91 18.39
CA GLN A 115 -18.03 8.37 19.70
C GLN A 115 -16.51 8.17 19.85
N PRO A 116 -16.02 8.12 21.10
CA PRO A 116 -14.64 7.81 21.42
C PRO A 116 -14.21 6.43 20.97
N LEU A 117 -12.92 6.13 21.14
CA LEU A 117 -12.32 4.89 20.69
C LEU A 117 -11.92 4.03 21.88
N ASP A 118 -12.20 2.73 21.78
CA ASP A 118 -11.86 1.76 22.81
C ASP A 118 -11.68 0.37 22.18
N PRO A 119 -10.74 -0.45 22.67
CA PRO A 119 -10.47 -1.79 22.13
C PRO A 119 -11.68 -2.72 22.13
N ARG A 120 -12.66 -2.48 23.01
CA ARG A 120 -13.86 -3.30 23.10
C ARG A 120 -14.93 -2.78 22.15
N LYS A 121 -14.65 -1.68 21.45
CA LYS A 121 -15.55 -1.05 20.49
C LYS A 121 -14.93 -1.02 19.11
N THR A 122 -13.87 -1.83 18.91
CA THR A 122 -13.16 -1.88 17.63
C THR A 122 -13.47 -3.19 16.92
N ILE A 123 -13.31 -3.20 15.60
CA ILE A 123 -13.58 -4.36 14.77
C ILE A 123 -12.36 -4.61 13.88
N PHE A 124 -12.19 -5.85 13.43
CA PHE A 124 -11.05 -6.23 12.60
C PHE A 124 -11.54 -6.64 11.22
N VAL A 125 -10.72 -6.36 10.19
CA VAL A 125 -11.02 -6.73 8.83
C VAL A 125 -9.77 -7.31 8.18
N GLY A 126 -9.82 -8.60 7.82
CA GLY A 126 -8.65 -9.28 7.26
C GLY A 126 -8.85 -9.62 5.79
N GLY A 127 -7.73 -9.89 5.11
CA GLY A 127 -7.74 -10.31 3.71
C GLY A 127 -7.87 -9.13 2.74
N VAL A 128 -7.44 -7.92 3.12
CA VAL A 128 -7.54 -6.77 2.21
C VAL A 128 -6.69 -7.02 0.96
N PRO A 129 -7.18 -6.62 -0.22
CA PRO A 129 -6.54 -6.88 -1.49
C PRO A 129 -5.36 -5.94 -1.72
N ARG A 130 -4.21 -6.26 -1.12
CA ARG A 130 -2.96 -5.53 -1.28
C ARG A 130 -3.07 -4.08 -0.76
N PRO A 131 -1.96 -3.36 -0.64
CA PRO A 131 -1.95 -1.97 -0.19
C PRO A 131 -2.87 -1.09 -1.04
N LEU A 132 -3.73 -0.33 -0.37
CA LEU A 132 -4.67 0.58 -1.03
C LEU A 132 -5.03 1.71 -0.07
N ARG A 133 -5.40 2.88 -0.60
CA ARG A 133 -5.60 4.10 0.17
C ARG A 133 -6.97 4.14 0.86
N ALA A 134 -7.28 3.11 1.65
CA ALA A 134 -8.54 2.99 2.36
C ALA A 134 -9.77 3.08 1.46
N VAL A 135 -9.60 2.82 0.16
CA VAL A 135 -10.66 3.00 -0.82
C VAL A 135 -11.84 2.09 -0.55
N GLU A 136 -11.61 0.78 -0.53
CA GLU A 136 -12.69 -0.18 -0.37
C GLU A 136 -13.20 -0.17 1.07
N LEU A 137 -12.30 -0.22 2.05
CA LEU A 137 -12.66 -0.41 3.45
C LEU A 137 -13.70 0.61 3.88
N ALA A 138 -13.48 1.89 3.57
CA ALA A 138 -14.40 2.92 4.00
C ALA A 138 -15.66 2.93 3.14
N MET A 139 -15.55 2.70 1.83
CA MET A 139 -16.67 2.84 0.93
C MET A 139 -17.64 1.66 1.02
N ILE A 140 -17.16 0.47 1.42
CA ILE A 140 -18.03 -0.68 1.54
C ILE A 140 -18.73 -0.69 2.89
N MET A 141 -18.00 -0.44 3.98
CA MET A 141 -18.59 -0.46 5.31
C MET A 141 -19.58 0.70 5.45
N ASP A 142 -19.45 1.71 4.59
CA ASP A 142 -20.33 2.86 4.65
C ASP A 142 -21.55 2.73 3.74
N ARG A 143 -21.46 2.01 2.61
CA ARG A 143 -22.59 1.92 1.69
C ARG A 143 -23.68 0.97 2.18
N LEU A 144 -23.32 -0.15 2.82
CA LEU A 144 -24.31 -1.12 3.27
C LEU A 144 -24.89 -0.89 4.67
N TYR A 145 -24.12 -0.36 5.62
CA TYR A 145 -24.65 -0.19 6.98
C TYR A 145 -24.22 1.14 7.62
N GLY A 146 -23.06 1.69 7.26
CA GLY A 146 -22.65 3.01 7.72
C GLY A 146 -22.35 3.07 9.22
N GLY A 147 -22.29 4.30 9.74
CA GLY A 147 -22.07 4.55 11.16
C GLY A 147 -20.59 4.62 11.54
N VAL A 148 -19.68 4.49 10.57
CA VAL A 148 -18.25 4.49 10.83
C VAL A 148 -17.79 5.80 11.48
N CYS A 149 -16.94 5.70 12.51
CA CYS A 149 -16.37 6.87 13.15
C CYS A 149 -14.85 6.92 13.03
N TYR A 150 -14.19 5.75 13.10
CA TYR A 150 -12.74 5.68 12.99
C TYR A 150 -12.32 4.43 12.23
N ALA A 151 -11.33 4.55 11.33
CA ALA A 151 -10.84 3.40 10.60
C ALA A 151 -9.39 3.59 10.16
N GLY A 152 -8.71 2.47 9.90
CA GLY A 152 -7.34 2.48 9.40
C GLY A 152 -6.93 1.08 8.97
N ILE A 153 -5.70 0.91 8.49
CA ILE A 153 -5.20 -0.40 8.13
C ILE A 153 -4.06 -0.80 9.06
N ASP A 154 -3.83 -2.11 9.19
CA ASP A 154 -2.79 -2.62 10.06
C ASP A 154 -1.44 -2.48 9.39
N THR A 155 -0.46 -1.92 10.11
CA THR A 155 0.86 -1.66 9.57
C THR A 155 1.97 -2.23 10.43
N ASP A 156 3.12 -2.39 9.80
CA ASP A 156 4.33 -2.89 10.41
C ASP A 156 5.13 -1.72 10.97
N PRO A 157 5.32 -1.64 12.30
CA PRO A 157 6.10 -0.60 12.93
C PRO A 157 7.56 -0.60 12.47
N GLU A 158 7.98 -1.64 11.75
CA GLU A 158 9.36 -1.77 11.28
C GLU A 158 9.68 -0.75 10.20
N LEU A 159 8.74 -0.51 9.29
CA LEU A 159 8.92 0.49 8.25
C LEU A 159 7.61 1.21 7.92
N LYS A 160 6.59 0.99 8.77
CA LYS A 160 5.28 1.62 8.66
C LYS A 160 4.65 1.29 7.30
N TYR A 161 4.59 0.00 7.01
CA TYR A 161 4.05 -0.51 5.75
C TYR A 161 2.93 -1.50 6.03
N PRO A 162 1.89 -1.55 5.19
CA PRO A 162 0.76 -2.45 5.37
C PRO A 162 1.19 -3.91 5.52
N LYS A 163 0.43 -4.68 6.32
CA LYS A 163 0.74 -6.08 6.58
C LYS A 163 -0.35 -7.01 6.03
N GLY A 164 -1.32 -6.48 5.27
CA GLY A 164 -2.36 -7.30 4.66
C GLY A 164 -3.63 -7.41 5.50
N ALA A 165 -3.85 -6.47 6.44
CA ALA A 165 -5.02 -6.47 7.30
C ALA A 165 -5.40 -5.03 7.68
N GLY A 166 -6.54 -4.86 8.37
CA GLY A 166 -6.97 -3.55 8.81
C GLY A 166 -8.00 -3.62 9.94
N ARG A 167 -8.44 -2.45 10.42
CA ARG A 167 -9.38 -2.38 11.54
C ARG A 167 -10.21 -1.09 11.49
N VAL A 168 -11.43 -1.17 11.99
CA VAL A 168 -12.39 -0.06 11.99
C VAL A 168 -13.21 -0.11 13.28
N ALA A 169 -13.63 1.03 13.80
CA ALA A 169 -14.35 1.10 15.06
C ALA A 169 -15.64 1.90 14.91
N PHE A 170 -16.76 1.24 15.17
CA PHE A 170 -18.08 1.84 15.16
C PHE A 170 -19.09 0.92 15.86
N SER A 171 -18.64 0.19 16.88
CA SER A 171 -19.45 -0.76 17.63
C SER A 171 -20.41 -0.04 18.56
N ASN A 172 -21.36 0.72 17.99
CA ASN A 172 -22.30 1.53 18.74
C ASN A 172 -23.71 1.45 18.16
N GLN A 173 -23.93 0.68 17.09
CA GLN A 173 -25.23 0.62 16.43
C GLN A 173 -25.41 -0.72 15.73
N GLN A 174 -26.65 -1.03 15.36
CA GLN A 174 -26.97 -2.26 14.63
C GLN A 174 -26.21 -2.32 13.30
N SER A 175 -25.60 -1.21 12.88
CA SER A 175 -24.83 -1.19 11.66
C SER A 175 -23.57 -2.05 11.83
N TYR A 176 -22.93 -1.96 12.99
CA TYR A 176 -21.80 -2.80 13.32
C TYR A 176 -22.25 -4.25 13.51
N ILE A 177 -23.46 -4.44 14.08
CA ILE A 177 -24.00 -5.78 14.28
C ILE A 177 -24.19 -6.45 12.91
N ALA A 178 -24.58 -5.67 11.90
CA ALA A 178 -24.89 -6.20 10.59
C ALA A 178 -23.64 -6.46 9.74
N ALA A 179 -22.53 -5.77 10.03
CA ALA A 179 -21.29 -5.97 9.28
C ALA A 179 -20.38 -7.01 9.94
N ILE A 180 -20.67 -7.40 11.18
CA ILE A 180 -19.80 -8.33 11.91
C ILE A 180 -20.46 -9.70 12.08
N SER A 181 -21.77 -9.80 11.90
CA SER A 181 -22.49 -11.07 12.04
C SER A 181 -22.61 -11.80 10.71
N ALA A 182 -22.22 -11.16 9.61
CA ALA A 182 -22.27 -11.78 8.29
C ALA A 182 -20.99 -12.57 8.01
N ARG A 183 -19.90 -12.20 8.70
CA ARG A 183 -18.57 -12.80 8.55
C ARG A 183 -18.02 -12.89 7.13
N PHE A 184 -18.82 -12.54 6.11
CA PHE A 184 -18.35 -12.38 4.73
C PHE A 184 -19.24 -11.34 4.08
N VAL A 185 -18.75 -10.70 3.02
CA VAL A 185 -19.45 -9.61 2.40
C VAL A 185 -19.18 -9.61 0.90
N GLN A 186 -20.16 -9.15 0.11
CA GLN A 186 -20.03 -9.09 -1.34
C GLN A 186 -19.31 -7.81 -1.74
N LEU A 187 -18.47 -7.89 -2.77
CA LEU A 187 -17.62 -6.78 -3.16
C LEU A 187 -17.58 -6.61 -4.68
N GLN A 188 -16.99 -5.50 -5.13
CA GLN A 188 -16.87 -5.14 -6.53
C GLN A 188 -15.50 -4.51 -6.78
N HIS A 189 -14.48 -4.94 -6.03
CA HIS A 189 -13.17 -4.30 -6.04
C HIS A 189 -12.10 -5.24 -6.59
N GLY A 190 -10.88 -4.73 -6.78
CA GLY A 190 -9.80 -5.51 -7.34
C GLY A 190 -9.50 -6.76 -6.52
N GLU A 191 -9.22 -7.86 -7.22
CA GLU A 191 -8.85 -9.16 -6.68
C GLU A 191 -9.90 -9.80 -5.74
N ILE A 192 -10.96 -9.09 -5.33
CA ILE A 192 -11.95 -9.66 -4.43
C ILE A 192 -13.36 -9.17 -4.76
N ASP A 193 -14.32 -10.10 -4.82
CA ASP A 193 -15.69 -9.79 -5.19
C ASP A 193 -16.72 -10.48 -4.29
N LYS A 194 -16.29 -11.32 -3.35
CA LYS A 194 -17.26 -12.16 -2.65
C LYS A 194 -16.92 -12.55 -1.21
N ARG A 195 -15.67 -12.34 -0.75
CA ARG A 195 -15.36 -12.71 0.63
C ARG A 195 -14.20 -11.94 1.25
N VAL A 196 -14.51 -11.37 2.41
CA VAL A 196 -13.53 -10.77 3.31
C VAL A 196 -13.91 -11.07 4.75
N GLU A 197 -12.91 -11.19 5.62
CA GLU A 197 -13.16 -11.56 7.00
C GLU A 197 -13.43 -10.32 7.84
N VAL A 198 -14.47 -10.39 8.69
CA VAL A 198 -14.83 -9.31 9.59
C VAL A 198 -15.23 -9.90 10.93
N LYS A 199 -14.50 -9.54 12.00
CA LYS A 199 -14.71 -10.10 13.32
C LYS A 199 -14.34 -9.07 14.39
N PRO A 200 -14.72 -9.29 15.66
CA PRO A 200 -14.35 -8.41 16.76
C PRO A 200 -12.84 -8.22 16.85
N TYR A 201 -12.40 -7.07 17.37
CA TYR A 201 -11.00 -6.75 17.52
C TYR A 201 -10.39 -7.49 18.70
N VAL A 202 -9.08 -7.77 18.64
CA VAL A 202 -8.36 -8.51 19.67
C VAL A 202 -6.96 -7.92 19.87
N SER A 1 0.24 27.45 2.33
CA SER A 1 -1.09 27.35 2.95
C SER A 1 -1.04 26.53 4.24
N HIS A 2 -0.61 25.27 4.16
CA HIS A 2 -0.53 24.38 5.31
C HIS A 2 0.75 23.54 5.29
N GLN A 3 1.64 23.81 4.35
CA GLN A 3 2.89 23.06 4.20
C GLN A 3 3.88 23.47 5.29
N ASN A 4 4.82 22.57 5.63
CA ASN A 4 5.84 22.82 6.64
C ASN A 4 7.09 22.01 6.35
N GLY A 5 8.24 22.48 6.84
CA GLY A 5 9.52 21.80 6.65
C GLY A 5 10.04 21.95 5.23
N GLU A 6 11.18 21.29 4.95
CA GLU A 6 11.82 21.33 3.64
C GLU A 6 12.19 19.92 3.16
N ARG A 7 11.68 18.90 3.86
CA ARG A 7 11.95 17.50 3.53
C ARG A 7 10.72 16.63 3.84
N VAL A 8 10.71 15.40 3.33
CA VAL A 8 9.62 14.47 3.54
C VAL A 8 9.94 13.57 4.74
N GLU A 9 8.92 13.32 5.58
CA GLU A 9 9.06 12.49 6.77
C GLU A 9 7.79 11.69 7.03
N ARG A 10 6.96 11.46 5.99
CA ARG A 10 5.65 10.86 6.17
C ARG A 10 5.36 9.68 5.24
N TYR A 11 6.25 9.36 4.30
CA TYR A 11 6.02 8.25 3.37
C TYR A 11 6.79 7.00 3.80
N SER A 12 6.32 5.83 3.36
CA SER A 12 7.02 4.59 3.62
C SER A 12 8.05 4.42 2.53
N ARG A 13 9.28 4.09 2.97
CA ARG A 13 10.44 4.04 2.10
C ARG A 13 10.44 2.79 1.24
N LYS A 14 9.57 1.83 1.55
CA LYS A 14 9.45 0.62 0.75
C LYS A 14 8.85 1.00 -0.59
N VAL A 15 9.48 0.56 -1.68
CA VAL A 15 8.98 0.81 -3.02
C VAL A 15 8.97 -0.50 -3.78
N PHE A 16 7.78 -1.04 -4.01
CA PHE A 16 7.63 -2.27 -4.78
C PHE A 16 7.83 -1.96 -6.26
N VAL A 17 8.44 -2.91 -6.98
CA VAL A 17 8.63 -2.80 -8.41
C VAL A 17 8.17 -4.10 -9.08
N GLY A 18 7.46 -3.97 -10.21
CA GLY A 18 6.97 -5.13 -10.95
C GLY A 18 7.36 -5.05 -12.42
N GLY A 19 7.82 -3.88 -12.87
CA GLY A 19 8.22 -3.69 -14.26
C GLY A 19 9.71 -3.96 -14.48
N LEU A 20 10.35 -4.66 -13.54
CA LEU A 20 11.78 -4.93 -13.62
C LEU A 20 12.09 -5.83 -14.81
N PRO A 21 13.19 -5.59 -15.54
CA PRO A 21 13.56 -6.38 -16.71
C PRO A 21 13.81 -7.84 -16.34
N PRO A 22 13.73 -8.74 -17.33
CA PRO A 22 13.87 -10.18 -17.15
C PRO A 22 15.30 -10.60 -16.82
N ASP A 23 16.26 -9.68 -16.94
CA ASP A 23 17.63 -9.90 -16.53
C ASP A 23 18.00 -8.74 -15.61
N ILE A 24 18.34 -9.03 -14.36
CA ILE A 24 18.57 -7.98 -13.39
C ILE A 24 19.62 -8.35 -12.32
N ASP A 25 20.36 -7.32 -11.91
CA ASP A 25 21.35 -7.34 -10.85
C ASP A 25 21.30 -5.96 -10.18
N GLU A 26 21.90 -5.79 -9.01
CA GLU A 26 21.88 -4.51 -8.30
C GLU A 26 22.32 -3.35 -9.19
N ASP A 27 23.23 -3.62 -10.13
CA ASP A 27 23.74 -2.59 -11.02
C ASP A 27 22.74 -2.29 -12.14
N GLU A 28 21.84 -3.23 -12.43
CA GLU A 28 20.86 -3.09 -13.49
C GLU A 28 19.71 -2.22 -13.02
N ILE A 29 19.23 -2.44 -11.80
CA ILE A 29 18.11 -1.69 -11.25
C ILE A 29 18.55 -0.28 -10.89
N THR A 30 19.84 -0.12 -10.56
CA THR A 30 20.39 1.21 -10.28
C THR A 30 20.61 1.96 -11.60
N ALA A 31 20.77 1.24 -12.71
CA ALA A 31 20.90 1.85 -14.03
C ALA A 31 19.56 1.93 -14.76
N SER A 32 18.57 1.15 -14.30
CA SER A 32 17.22 1.20 -14.85
C SER A 32 16.61 2.56 -14.51
N PHE A 33 16.41 2.81 -13.22
CA PHE A 33 15.83 4.07 -12.78
C PHE A 33 16.74 5.22 -13.19
N ARG A 34 16.14 6.35 -13.57
CA ARG A 34 16.87 7.53 -14.02
C ARG A 34 16.67 8.67 -13.03
N ARG A 35 17.65 9.56 -12.93
CA ARG A 35 17.65 10.66 -11.98
C ARG A 35 17.36 10.17 -10.55
N PHE A 36 17.75 8.92 -10.25
CA PHE A 36 17.48 8.29 -8.98
C PHE A 36 18.79 7.80 -8.38
N GLY A 37 19.11 8.24 -7.17
CA GLY A 37 20.36 7.91 -6.50
C GLY A 37 20.37 6.47 -5.98
N PRO A 38 21.43 6.11 -5.23
CA PRO A 38 21.60 4.80 -4.65
C PRO A 38 20.42 4.40 -3.76
N LEU A 39 20.11 3.10 -3.74
CA LEU A 39 19.01 2.55 -2.96
C LEU A 39 19.30 1.07 -2.65
N ILE A 40 18.61 0.53 -1.63
CA ILE A 40 18.82 -0.86 -1.21
C ILE A 40 17.83 -1.75 -1.96
N VAL A 41 18.19 -3.02 -2.17
CA VAL A 41 17.38 -3.94 -2.95
C VAL A 41 17.16 -5.26 -2.21
N ASP A 42 16.06 -5.95 -2.53
CA ASP A 42 15.77 -7.26 -1.98
C ASP A 42 14.87 -8.03 -2.95
N TRP A 43 15.13 -9.34 -3.12
CA TRP A 43 14.36 -10.15 -4.04
C TRP A 43 13.33 -10.99 -3.28
N PRO A 44 12.22 -11.38 -3.92
CA PRO A 44 11.18 -12.18 -3.30
C PRO A 44 11.71 -13.55 -2.86
N HIS A 45 12.72 -14.07 -3.57
CA HIS A 45 13.35 -15.34 -3.26
C HIS A 45 14.72 -15.41 -3.96
N LYS A 46 15.61 -16.25 -3.45
CA LYS A 46 16.92 -16.49 -4.04
C LYS A 46 17.41 -17.87 -3.64
N ALA A 47 18.11 -18.55 -4.56
CA ALA A 47 18.65 -19.88 -4.32
C ALA A 47 19.87 -20.12 -5.22
N GLU A 48 20.66 -21.14 -4.90
CA GLU A 48 21.83 -21.49 -5.68
C GLU A 48 21.42 -22.30 -6.91
N SER A 49 21.79 -21.83 -8.10
CA SER A 49 21.46 -22.48 -9.36
C SER A 49 22.35 -21.94 -10.48
N LYS A 50 22.06 -22.33 -11.73
CA LYS A 50 22.78 -21.83 -12.90
C LYS A 50 22.35 -20.40 -13.24
N SER A 51 21.54 -19.78 -12.38
CA SER A 51 21.03 -18.43 -12.57
C SER A 51 21.06 -17.68 -11.24
N TYR A 52 20.83 -16.36 -11.29
CA TYR A 52 20.81 -15.51 -10.10
C TYR A 52 19.67 -14.50 -10.15
N PHE A 53 18.81 -14.58 -11.17
CA PHE A 53 17.68 -13.68 -11.30
C PHE A 53 16.55 -14.09 -10.36
N PRO A 54 15.68 -13.15 -9.94
CA PRO A 54 14.55 -13.43 -9.07
C PRO A 54 13.67 -14.52 -9.66
N PRO A 55 13.56 -15.68 -9.00
CA PRO A 55 12.79 -16.83 -9.46
C PRO A 55 11.29 -16.58 -9.64
N LYS A 56 10.81 -15.39 -9.27
CA LYS A 56 9.38 -15.07 -9.33
C LYS A 56 9.13 -13.73 -10.04
N GLY A 57 10.17 -13.08 -10.55
CA GLY A 57 10.05 -11.75 -11.14
C GLY A 57 9.82 -10.72 -10.04
N TYR A 58 9.54 -9.47 -10.44
CA TYR A 58 9.37 -8.34 -9.53
C TYR A 58 10.49 -8.21 -8.47
N ALA A 59 10.41 -7.18 -7.65
CA ALA A 59 11.39 -6.94 -6.61
C ALA A 59 10.86 -6.00 -5.54
N PHE A 60 11.60 -5.90 -4.43
CA PHE A 60 11.31 -4.96 -3.37
C PHE A 60 12.52 -4.04 -3.21
N LEU A 61 12.26 -2.76 -2.90
CA LEU A 61 13.31 -1.77 -2.79
C LEU A 61 13.00 -0.83 -1.63
N LEU A 62 14.01 -0.10 -1.17
CA LEU A 62 13.83 1.00 -0.26
C LEU A 62 14.95 2.01 -0.48
N PHE A 63 14.66 3.29 -0.25
CA PHE A 63 15.56 4.35 -0.63
C PHE A 63 16.23 4.98 0.59
N GLN A 64 17.36 5.67 0.37
CA GLN A 64 18.15 6.25 1.45
C GLN A 64 17.40 7.34 2.19
N ASP A 65 16.52 8.07 1.49
CA ASP A 65 15.72 9.12 2.10
C ASP A 65 14.34 9.25 1.46
N GLU A 66 13.39 9.81 2.21
CA GLU A 66 12.01 9.92 1.76
C GLU A 66 11.81 11.10 0.81
N SER A 67 12.69 12.09 0.84
CA SER A 67 12.56 13.26 -0.02
C SER A 67 12.89 12.89 -1.46
N SER A 68 13.67 11.82 -1.65
CA SER A 68 14.00 11.33 -2.97
C SER A 68 12.88 10.42 -3.50
N VAL A 69 12.19 9.74 -2.59
CA VAL A 69 11.08 8.85 -2.96
C VAL A 69 9.93 9.69 -3.49
N GLN A 70 9.64 10.83 -2.85
CA GLN A 70 8.50 11.65 -3.23
C GLN A 70 8.85 12.51 -4.45
N ALA A 71 10.12 12.93 -4.58
CA ALA A 71 10.52 13.82 -5.66
C ALA A 71 10.60 13.11 -7.00
N LEU A 72 11.12 11.88 -7.04
CA LEU A 72 11.30 11.19 -8.30
C LEU A 72 10.02 10.47 -8.72
N ILE A 73 9.25 9.95 -7.77
CA ILE A 73 7.99 9.30 -8.11
C ILE A 73 6.99 10.34 -8.60
N ASP A 74 7.13 11.61 -8.18
CA ASP A 74 6.26 12.68 -8.64
C ASP A 74 6.77 13.28 -9.95
N ALA A 75 8.05 13.11 -10.25
CA ALA A 75 8.65 13.59 -11.50
C ALA A 75 8.47 12.57 -12.63
N CYS A 76 7.69 11.51 -12.38
CA CYS A 76 7.46 10.45 -13.34
C CYS A 76 5.96 10.28 -13.61
N ILE A 77 5.59 9.27 -14.41
CA ILE A 77 4.21 9.07 -14.84
C ILE A 77 3.33 8.66 -13.65
N GLU A 78 2.02 8.93 -13.76
CA GLU A 78 1.06 8.63 -12.70
C GLU A 78 -0.19 7.98 -13.29
N GLU A 79 -0.92 7.25 -12.44
CA GLU A 79 -2.19 6.63 -12.78
C GLU A 79 -3.09 6.65 -11.55
N ASP A 80 -4.41 6.69 -11.74
CA ASP A 80 -5.33 6.73 -10.61
C ASP A 80 -5.26 5.44 -9.78
N GLY A 81 -4.55 4.42 -10.29
CA GLY A 81 -4.40 3.16 -9.62
C GLY A 81 -3.01 2.95 -9.01
N LYS A 82 -1.97 3.58 -9.58
CA LYS A 82 -0.59 3.36 -9.14
C LYS A 82 0.35 4.37 -9.77
N LEU A 83 1.65 4.26 -9.47
CA LEU A 83 2.66 5.16 -10.03
C LEU A 83 3.48 4.43 -11.08
N TYR A 84 4.06 5.18 -12.02
CA TYR A 84 4.85 4.60 -13.09
C TYR A 84 6.12 5.41 -13.34
N LEU A 85 7.25 4.72 -13.53
CA LEU A 85 8.53 5.35 -13.83
C LEU A 85 9.04 4.83 -15.17
N CYS A 86 9.85 5.63 -15.86
CA CYS A 86 10.34 5.27 -17.19
C CYS A 86 11.79 4.80 -17.11
N VAL A 87 12.06 3.58 -17.62
CA VAL A 87 13.41 3.05 -17.69
C VAL A 87 13.63 2.30 -19.00
N SER A 88 12.61 2.24 -19.87
CA SER A 88 12.67 1.58 -21.16
C SER A 88 13.52 2.41 -22.14
N SER A 89 14.28 1.72 -22.98
CA SER A 89 15.19 2.35 -23.94
C SER A 89 15.50 1.35 -25.07
N PRO A 90 16.10 1.80 -26.18
CA PRO A 90 16.48 0.95 -27.30
C PRO A 90 17.45 -0.18 -26.94
N THR A 91 17.95 -0.23 -25.69
CA THR A 91 18.91 -1.22 -25.25
C THR A 91 18.39 -2.05 -24.07
N ILE A 92 17.09 -1.95 -23.80
CA ILE A 92 16.42 -2.65 -22.71
C ILE A 92 14.96 -2.90 -23.14
N LYS A 93 14.17 -3.59 -22.32
CA LYS A 93 12.77 -3.85 -22.62
C LYS A 93 11.96 -2.56 -22.60
N ASP A 94 10.71 -2.65 -23.07
CA ASP A 94 9.80 -1.55 -23.26
C ASP A 94 8.76 -1.44 -22.13
N LYS A 95 7.91 -0.41 -22.21
CA LYS A 95 6.91 -0.07 -21.20
C LYS A 95 7.53 0.34 -19.86
N PRO A 96 6.83 1.21 -19.12
CA PRO A 96 7.29 1.76 -17.85
C PRO A 96 7.27 0.72 -16.73
N VAL A 97 7.71 1.14 -15.54
CA VAL A 97 7.82 0.27 -14.38
C VAL A 97 6.72 0.62 -13.37
N GLN A 98 6.04 -0.40 -12.82
CA GLN A 98 5.03 -0.18 -11.80
C GLN A 98 5.71 0.05 -10.46
N ILE A 99 5.40 1.19 -9.81
CA ILE A 99 6.00 1.58 -8.54
C ILE A 99 4.90 1.88 -7.52
N ARG A 100 5.15 1.56 -6.24
CA ARG A 100 4.27 2.01 -5.17
C ARG A 100 5.01 2.18 -3.84
N PRO A 101 5.17 3.42 -3.36
CA PRO A 101 5.65 3.75 -2.01
C PRO A 101 4.42 3.70 -1.10
N TRP A 102 4.41 4.32 0.09
CA TRP A 102 3.15 4.46 0.81
C TRP A 102 3.01 5.77 1.59
N ASN A 103 1.76 6.12 1.90
CA ASN A 103 1.38 7.34 2.59
C ASN A 103 0.68 7.00 3.91
N LEU A 104 1.37 6.23 4.76
CA LEU A 104 0.92 5.76 6.06
C LEU A 104 0.58 6.89 7.04
N SER A 105 0.76 8.15 6.62
CA SER A 105 0.47 9.29 7.48
C SER A 105 -0.99 9.72 7.38
N ASP A 106 -1.76 9.17 6.44
CA ASP A 106 -3.14 9.58 6.26
C ASP A 106 -4.04 8.45 5.75
N SER A 107 -3.46 7.35 5.26
CA SER A 107 -4.24 6.17 4.87
C SER A 107 -5.15 5.66 5.98
N ASP A 108 -4.93 6.08 7.22
CA ASP A 108 -5.81 5.72 8.32
C ASP A 108 -7.02 6.65 8.32
N PHE A 109 -8.21 6.07 8.24
CA PHE A 109 -9.45 6.85 8.27
C PHE A 109 -9.97 6.93 9.69
N VAL A 110 -10.70 7.99 10.03
CA VAL A 110 -11.01 8.32 11.42
C VAL A 110 -12.29 9.16 11.48
N MET A 111 -13.01 9.08 12.61
CA MET A 111 -14.17 9.94 12.86
C MET A 111 -14.03 10.66 14.21
N ASP A 112 -13.11 10.18 15.07
CA ASP A 112 -12.80 10.78 16.36
C ASP A 112 -14.06 11.09 17.18
N GLY A 113 -14.86 10.06 17.45
CA GLY A 113 -16.08 10.22 18.22
C GLY A 113 -16.57 8.88 18.78
N SER A 114 -17.70 8.91 19.49
CA SER A 114 -18.32 7.75 20.14
C SER A 114 -17.44 7.05 21.17
N GLN A 115 -16.44 6.29 20.72
CA GLN A 115 -15.67 5.41 21.58
C GLN A 115 -14.18 5.48 21.27
N PRO A 116 -13.32 5.28 22.28
CA PRO A 116 -11.87 5.29 22.15
C PRO A 116 -11.36 4.00 21.51
N LEU A 117 -10.08 4.00 21.15
CA LEU A 117 -9.42 2.84 20.55
C LEU A 117 -9.14 1.80 21.64
N ASP A 118 -9.46 0.54 21.37
CA ASP A 118 -9.21 -0.56 22.29
C ASP A 118 -9.18 -1.88 21.53
N PRO A 119 -8.25 -2.79 21.85
CA PRO A 119 -8.07 -4.05 21.14
C PRO A 119 -9.25 -5.01 21.32
N ARG A 120 -10.15 -4.75 22.28
CA ARG A 120 -11.33 -5.58 22.49
C ARG A 120 -12.53 -5.05 21.72
N LYS A 121 -12.34 -3.93 21.02
CA LYS A 121 -13.38 -3.27 20.24
C LYS A 121 -12.86 -2.94 18.84
N THR A 122 -11.89 -3.73 18.38
CA THR A 122 -11.33 -3.59 17.04
C THR A 122 -11.91 -4.71 16.17
N ILE A 123 -11.97 -4.49 14.85
CA ILE A 123 -12.56 -5.45 13.93
C ILE A 123 -11.60 -5.69 12.77
N PHE A 124 -11.77 -6.83 12.09
CA PHE A 124 -10.97 -7.17 10.92
C PHE A 124 -11.90 -7.20 9.72
N VAL A 125 -11.38 -6.83 8.55
CA VAL A 125 -12.15 -6.88 7.32
C VAL A 125 -11.33 -7.50 6.20
N GLY A 126 -11.92 -8.47 5.51
CA GLY A 126 -11.29 -9.13 4.39
C GLY A 126 -11.92 -8.66 3.08
N GLY A 127 -11.22 -8.91 1.97
CA GLY A 127 -11.69 -8.48 0.66
C GLY A 127 -11.10 -7.16 0.19
N VAL A 128 -9.88 -6.84 0.65
CA VAL A 128 -9.15 -5.63 0.24
C VAL A 128 -7.76 -6.00 -0.30
N PRO A 129 -7.69 -6.82 -1.36
CA PRO A 129 -6.45 -7.33 -1.93
C PRO A 129 -5.65 -6.28 -2.69
N ARG A 130 -5.99 -5.01 -2.57
CA ARG A 130 -5.37 -3.93 -3.34
C ARG A 130 -5.05 -2.74 -2.45
N PRO A 131 -3.82 -2.20 -2.49
CA PRO A 131 -3.46 -0.97 -1.80
C PRO A 131 -4.27 0.21 -2.33
N LEU A 132 -4.89 0.98 -1.43
CA LEU A 132 -5.72 2.11 -1.80
C LEU A 132 -5.98 3.02 -0.59
N ARG A 133 -6.50 4.22 -0.86
CA ARG A 133 -6.72 5.27 0.11
C ARG A 133 -7.94 5.01 1.01
N ALA A 134 -8.14 3.75 1.41
CA ALA A 134 -9.27 3.30 2.20
C ALA A 134 -10.63 3.64 1.57
N VAL A 135 -10.62 4.01 0.30
CA VAL A 135 -11.81 4.48 -0.40
C VAL A 135 -12.93 3.44 -0.42
N GLU A 136 -12.63 2.22 -0.87
CA GLU A 136 -13.65 1.21 -1.07
C GLU A 136 -14.03 0.53 0.25
N LEU A 137 -13.11 0.53 1.22
CA LEU A 137 -13.28 -0.20 2.47
C LEU A 137 -14.11 0.61 3.45
N ALA A 138 -13.81 1.90 3.59
CA ALA A 138 -14.54 2.75 4.51
C ALA A 138 -15.92 3.06 3.94
N MET A 139 -16.04 3.19 2.61
CA MET A 139 -17.31 3.57 2.00
C MET A 139 -18.32 2.43 2.02
N ILE A 140 -17.89 1.17 1.99
CA ILE A 140 -18.85 0.07 2.07
C ILE A 140 -19.35 -0.10 3.50
N MET A 141 -18.45 -0.06 4.50
CA MET A 141 -18.90 -0.23 5.87
C MET A 141 -19.67 1.00 6.35
N ASP A 142 -19.62 2.08 5.58
CA ASP A 142 -20.34 3.30 5.91
C ASP A 142 -21.61 3.48 5.08
N ARG A 143 -21.79 2.72 3.98
CA ARG A 143 -23.00 2.84 3.18
C ARG A 143 -24.09 1.88 3.66
N LEU A 144 -23.73 0.82 4.39
CA LEU A 144 -24.74 -0.08 4.97
C LEU A 144 -24.86 0.04 6.49
N TYR A 145 -23.76 0.18 7.22
CA TYR A 145 -23.78 0.18 8.69
C TYR A 145 -22.68 1.09 9.24
N GLY A 146 -22.74 2.38 8.92
CA GLY A 146 -21.74 3.35 9.33
C GLY A 146 -21.69 3.53 10.85
N GLY A 147 -20.56 4.07 11.34
CA GLY A 147 -20.32 4.26 12.76
C GLY A 147 -18.84 4.18 13.13
N VAL A 148 -17.96 4.04 12.13
CA VAL A 148 -16.52 3.92 12.33
C VAL A 148 -15.96 5.06 13.18
N CYS A 149 -14.93 4.77 13.99
CA CYS A 149 -14.25 5.78 14.77
C CYS A 149 -12.77 5.87 14.40
N TYR A 150 -12.13 4.73 14.17
CA TYR A 150 -10.73 4.69 13.77
C TYR A 150 -10.48 3.44 12.93
N ALA A 151 -9.61 3.53 11.93
CA ALA A 151 -9.35 2.42 11.05
C ALA A 151 -8.08 2.62 10.22
N GLY A 152 -7.60 1.52 9.62
CA GLY A 152 -6.42 1.55 8.77
C GLY A 152 -6.61 0.58 7.60
N ILE A 153 -5.85 0.79 6.52
CA ILE A 153 -5.99 -0.02 5.31
C ILE A 153 -4.68 -0.77 5.04
N ASP A 154 -4.82 -2.09 4.92
CA ASP A 154 -3.72 -3.05 4.71
C ASP A 154 -2.32 -2.79 5.27
N THR A 155 -2.06 -1.79 6.10
CA THR A 155 -0.69 -1.51 6.52
C THR A 155 -0.19 -2.49 7.57
N ASP A 156 1.08 -2.85 7.40
CA ASP A 156 1.85 -3.65 8.33
C ASP A 156 2.32 -2.79 9.48
N PRO A 157 1.95 -3.09 10.72
CA PRO A 157 2.43 -2.39 11.90
C PRO A 157 3.95 -2.49 12.06
N GLU A 158 4.60 -3.36 11.28
CA GLU A 158 6.04 -3.60 11.36
C GLU A 158 6.84 -2.44 10.79
N LEU A 159 6.45 -1.95 9.60
CA LEU A 159 7.12 -0.83 8.98
C LEU A 159 6.11 0.12 8.33
N LYS A 160 4.85 0.01 8.74
CA LYS A 160 3.77 0.88 8.29
C LYS A 160 3.64 0.87 6.77
N TYR A 161 3.60 -0.33 6.20
CA TYR A 161 3.54 -0.49 4.75
C TYR A 161 2.55 -1.59 4.37
N PRO A 162 1.75 -1.40 3.30
CA PRO A 162 0.76 -2.37 2.84
C PRO A 162 1.28 -3.81 2.81
N LYS A 163 0.48 -4.72 3.38
CA LYS A 163 0.79 -6.15 3.44
C LYS A 163 -0.46 -7.03 3.24
N GLY A 164 -1.63 -6.40 3.03
CA GLY A 164 -2.89 -7.11 2.80
C GLY A 164 -3.90 -6.95 3.94
N ALA A 165 -5.14 -7.39 3.70
CA ALA A 165 -6.27 -7.31 4.62
C ALA A 165 -6.59 -5.87 5.07
N GLY A 166 -7.63 -5.71 5.90
CA GLY A 166 -8.00 -4.41 6.42
C GLY A 166 -8.51 -4.50 7.85
N ARG A 167 -8.71 -3.33 8.49
CA ARG A 167 -9.18 -3.26 9.86
C ARG A 167 -10.00 -2.00 10.09
N VAL A 168 -10.92 -2.06 11.05
CA VAL A 168 -11.79 -0.94 11.40
C VAL A 168 -12.19 -1.10 12.87
N ALA A 169 -12.47 0.00 13.58
CA ALA A 169 -12.82 -0.06 14.99
C ALA A 169 -14.00 0.83 15.34
N PHE A 170 -15.09 0.19 15.78
CA PHE A 170 -16.27 0.83 16.35
C PHE A 170 -17.13 -0.25 17.01
N SER A 171 -17.87 0.11 18.06
CA SER A 171 -18.71 -0.83 18.79
C SER A 171 -19.85 -0.13 19.50
N ASN A 172 -20.13 1.13 19.12
CA ASN A 172 -21.03 2.00 19.84
C ASN A 172 -22.50 1.90 19.42
N GLN A 173 -22.83 1.10 18.40
CA GLN A 173 -24.19 1.09 17.87
C GLN A 173 -24.55 -0.26 17.23
N GLN A 174 -25.83 -0.47 16.97
CA GLN A 174 -26.31 -1.67 16.32
C GLN A 174 -25.73 -1.77 14.91
N SER A 175 -25.09 -0.71 14.41
CA SER A 175 -24.46 -0.76 13.10
C SER A 175 -23.23 -1.69 13.17
N TYR A 176 -22.49 -1.62 14.28
CA TYR A 176 -21.40 -2.56 14.53
C TYR A 176 -21.98 -3.96 14.69
N ILE A 177 -23.14 -4.07 15.34
CA ILE A 177 -23.78 -5.36 15.52
C ILE A 177 -24.25 -5.92 14.17
N ALA A 178 -24.58 -5.04 13.22
CA ALA A 178 -25.13 -5.46 11.95
C ALA A 178 -24.05 -5.77 10.91
N ALA A 179 -22.82 -5.27 11.08
CA ALA A 179 -21.74 -5.55 10.16
C ALA A 179 -20.88 -6.72 10.65
N ILE A 180 -21.01 -7.09 11.94
CA ILE A 180 -20.20 -8.15 12.52
C ILE A 180 -21.00 -9.42 12.80
N SER A 181 -22.34 -9.32 12.79
CA SER A 181 -23.21 -10.48 12.96
C SER A 181 -23.82 -10.93 11.63
N ALA A 182 -23.28 -10.39 10.53
CA ALA A 182 -23.70 -10.78 9.19
C ALA A 182 -22.50 -11.45 8.52
N ARG A 183 -21.31 -10.94 8.88
CA ARG A 183 -20.03 -11.52 8.51
C ARG A 183 -19.72 -11.57 7.02
N PHE A 184 -20.73 -11.61 6.15
CA PHE A 184 -20.52 -11.62 4.71
C PHE A 184 -21.62 -10.81 4.05
N VAL A 185 -21.22 -10.00 3.08
CA VAL A 185 -22.13 -9.11 2.37
C VAL A 185 -21.61 -8.94 0.95
N GLN A 186 -22.47 -8.58 0.00
CA GLN A 186 -22.04 -8.41 -1.37
C GLN A 186 -21.73 -6.96 -1.70
N LEU A 187 -20.53 -6.76 -2.25
CA LEU A 187 -20.00 -5.46 -2.63
C LEU A 187 -19.29 -5.62 -3.96
N GLN A 188 -19.08 -4.52 -4.69
CA GLN A 188 -18.35 -4.56 -5.95
C GLN A 188 -17.24 -3.52 -5.93
N HIS A 189 -16.00 -3.99 -5.73
CA HIS A 189 -14.82 -3.15 -5.69
C HIS A 189 -13.58 -4.00 -5.91
N GLY A 190 -12.56 -3.46 -6.59
CA GLY A 190 -11.34 -4.20 -6.83
C GLY A 190 -11.64 -5.53 -7.53
N GLU A 191 -11.06 -6.62 -7.00
CA GLU A 191 -11.27 -7.97 -7.53
C GLU A 191 -12.49 -8.62 -6.86
N ILE A 192 -13.11 -7.95 -5.89
CA ILE A 192 -14.26 -8.48 -5.16
C ILE A 192 -15.55 -8.12 -5.90
N ASP A 193 -16.44 -9.11 -6.03
CA ASP A 193 -17.72 -8.91 -6.70
C ASP A 193 -18.82 -9.78 -6.10
N LYS A 194 -18.49 -10.60 -5.09
CA LYS A 194 -19.45 -11.58 -4.56
C LYS A 194 -19.51 -11.61 -3.03
N ARG A 195 -18.42 -11.35 -2.31
CA ARG A 195 -18.47 -11.34 -0.85
C ARG A 195 -17.28 -10.62 -0.21
N VAL A 196 -17.52 -10.16 1.03
CA VAL A 196 -16.46 -9.64 1.89
C VAL A 196 -16.51 -10.38 3.22
N GLU A 197 -15.55 -10.12 4.09
CA GLU A 197 -15.45 -10.81 5.37
C GLU A 197 -15.33 -9.81 6.51
N VAL A 198 -16.05 -10.03 7.61
CA VAL A 198 -15.98 -9.14 8.76
C VAL A 198 -16.13 -9.95 10.06
N LYS A 199 -15.19 -9.75 10.99
CA LYS A 199 -15.25 -10.41 12.29
C LYS A 199 -14.31 -9.70 13.28
N PRO A 200 -14.45 -9.96 14.58
CA PRO A 200 -13.64 -9.33 15.62
C PRO A 200 -12.14 -9.48 15.38
N TYR A 201 -11.38 -8.51 15.90
CA TYR A 201 -9.93 -8.49 15.76
C TYR A 201 -9.27 -9.49 16.70
N VAL A 202 -8.07 -9.95 16.34
CA VAL A 202 -7.32 -10.95 17.11
C VAL A 202 -5.83 -10.61 17.12
N SER A 1 4.23 32.52 0.70
CA SER A 1 4.16 32.67 2.17
C SER A 1 5.26 31.86 2.84
N HIS A 2 5.54 32.15 4.11
CA HIS A 2 6.57 31.46 4.88
C HIS A 2 6.09 30.08 5.32
N GLN A 3 7.05 29.22 5.69
CA GLN A 3 6.75 27.87 6.14
C GLN A 3 6.26 27.87 7.59
N ASN A 4 5.64 26.77 8.00
CA ASN A 4 5.10 26.62 9.35
C ASN A 4 6.05 25.78 10.22
N GLY A 5 7.32 25.70 9.81
CA GLY A 5 8.33 24.90 10.52
C GLY A 5 8.33 23.46 10.04
N GLU A 6 7.43 23.11 9.12
CA GLU A 6 7.32 21.79 8.53
C GLU A 6 7.03 21.90 7.03
N ARG A 7 7.38 20.87 6.27
CA ARG A 7 7.18 20.86 4.82
C ARG A 7 6.99 19.43 4.33
N VAL A 8 6.05 19.24 3.40
CA VAL A 8 5.69 17.96 2.78
C VAL A 8 5.56 16.83 3.79
N GLU A 9 4.33 16.58 4.26
CA GLU A 9 4.07 15.39 5.07
C GLU A 9 4.31 14.19 4.16
N ARG A 10 5.09 13.20 4.63
CA ARG A 10 5.54 12.13 3.75
C ARG A 10 4.72 10.85 3.86
N TYR A 11 5.28 9.79 3.26
CA TYR A 11 4.60 8.54 3.04
C TYR A 11 5.60 7.40 2.90
N SER A 12 5.13 6.24 2.43
CA SER A 12 5.92 5.03 2.44
C SER A 12 6.96 5.04 1.35
N ARG A 13 8.23 5.05 1.81
CA ARG A 13 9.39 5.01 0.95
C ARG A 13 9.64 3.62 0.36
N LYS A 14 8.78 2.65 0.69
CA LYS A 14 8.87 1.33 0.07
C LYS A 14 8.29 1.45 -1.33
N VAL A 15 8.99 0.91 -2.33
CA VAL A 15 8.58 1.04 -3.72
C VAL A 15 8.49 -0.32 -4.39
N PHE A 16 7.33 -0.59 -5.00
CA PHE A 16 7.11 -1.80 -5.77
C PHE A 16 7.53 -1.54 -7.21
N VAL A 17 8.07 -2.57 -7.88
CA VAL A 17 8.50 -2.46 -9.27
C VAL A 17 8.12 -3.73 -10.03
N GLY A 18 7.84 -3.62 -11.33
CA GLY A 18 7.52 -4.78 -12.15
C GLY A 18 7.96 -4.61 -13.61
N GLY A 19 8.36 -3.40 -14.00
CA GLY A 19 8.83 -3.12 -15.35
C GLY A 19 10.29 -3.52 -15.55
N LEU A 20 10.88 -4.22 -14.59
CA LEU A 20 12.29 -4.59 -14.61
C LEU A 20 12.66 -5.34 -15.89
N PRO A 21 13.91 -5.20 -16.37
CA PRO A 21 14.42 -5.92 -17.52
C PRO A 21 14.27 -7.44 -17.37
N PRO A 22 14.23 -8.18 -18.48
CA PRO A 22 14.10 -9.63 -18.49
C PRO A 22 15.38 -10.33 -18.04
N ASP A 23 16.41 -9.55 -17.68
CA ASP A 23 17.70 -10.08 -17.22
C ASP A 23 18.13 -9.39 -15.92
N ILE A 24 17.17 -8.85 -15.17
CA ILE A 24 17.45 -8.12 -13.94
C ILE A 24 18.12 -9.00 -12.90
N ASP A 25 19.17 -8.47 -12.26
CA ASP A 25 19.88 -9.16 -11.20
C ASP A 25 20.61 -8.13 -10.34
N GLU A 26 19.93 -7.63 -9.30
CA GLU A 26 20.46 -6.64 -8.37
C GLU A 26 21.14 -5.42 -8.99
N ASP A 27 22.39 -5.59 -9.46
CA ASP A 27 23.19 -4.48 -9.96
C ASP A 27 22.53 -3.84 -11.18
N GLU A 28 21.64 -4.57 -11.86
CA GLU A 28 20.96 -4.07 -13.04
C GLU A 28 19.99 -2.95 -12.65
N ILE A 29 19.15 -3.20 -11.65
CA ILE A 29 18.17 -2.23 -11.19
C ILE A 29 18.85 -1.15 -10.36
N THR A 30 19.98 -1.49 -9.71
CA THR A 30 20.72 -0.52 -8.92
C THR A 30 21.32 0.55 -9.84
N ALA A 31 21.56 0.21 -11.11
CA ALA A 31 22.07 1.15 -12.10
C ALA A 31 20.93 1.81 -12.88
N SER A 32 19.72 1.22 -12.85
CA SER A 32 18.57 1.81 -13.51
C SER A 32 18.02 2.98 -12.70
N PHE A 33 18.09 2.92 -11.38
CA PHE A 33 17.60 3.99 -10.53
C PHE A 33 18.74 4.90 -10.09
N ARG A 34 19.52 5.39 -11.05
CA ARG A 34 20.65 6.27 -10.81
C ARG A 34 20.23 7.64 -10.25
N ARG A 35 18.94 7.80 -9.94
CA ARG A 35 18.38 9.03 -9.37
C ARG A 35 17.79 8.78 -7.98
N PHE A 36 17.85 7.55 -7.48
CA PHE A 36 17.36 7.21 -6.15
C PHE A 36 18.51 7.05 -5.15
N GLY A 37 19.75 7.31 -5.56
CA GLY A 37 20.90 7.14 -4.68
C GLY A 37 21.15 5.65 -4.43
N PRO A 38 21.83 5.30 -3.34
CA PRO A 38 22.09 3.92 -2.98
C PRO A 38 20.80 3.27 -2.46
N LEU A 39 20.67 1.96 -2.67
CA LEU A 39 19.44 1.23 -2.39
C LEU A 39 19.72 -0.16 -1.84
N ILE A 40 18.66 -0.82 -1.37
CA ILE A 40 18.68 -2.22 -0.96
C ILE A 40 17.41 -2.86 -1.49
N VAL A 41 17.49 -4.13 -1.91
CA VAL A 41 16.40 -4.78 -2.61
C VAL A 41 16.12 -6.18 -2.08
N ASP A 42 14.89 -6.67 -2.26
CA ASP A 42 14.52 -8.01 -1.84
C ASP A 42 13.38 -8.56 -2.70
N TRP A 43 13.47 -9.87 -3.01
CA TRP A 43 12.44 -10.60 -3.71
C TRP A 43 12.63 -12.11 -3.49
N PRO A 44 11.58 -12.91 -3.68
CA PRO A 44 11.59 -14.35 -3.49
C PRO A 44 12.64 -15.07 -4.33
N HIS A 45 12.86 -16.35 -4.01
CA HIS A 45 13.80 -17.25 -4.68
C HIS A 45 15.25 -16.75 -4.66
N LYS A 46 15.54 -15.69 -3.88
CA LYS A 46 16.90 -15.22 -3.73
C LYS A 46 17.63 -16.02 -2.67
N ALA A 47 18.92 -16.29 -2.88
CA ALA A 47 19.76 -17.02 -1.95
C ALA A 47 21.23 -16.62 -2.13
N GLU A 48 22.08 -17.05 -1.20
CA GLU A 48 23.51 -16.74 -1.26
C GLU A 48 24.22 -17.60 -2.30
N SER A 49 23.48 -18.51 -2.95
CA SER A 49 24.02 -19.42 -3.95
C SER A 49 23.21 -19.40 -5.23
N LYS A 50 22.34 -18.40 -5.41
CA LYS A 50 21.47 -18.28 -6.57
C LYS A 50 21.48 -16.85 -7.12
N SER A 51 21.12 -16.70 -8.39
CA SER A 51 21.07 -15.42 -9.07
C SER A 51 19.94 -15.37 -10.10
N TYR A 52 19.00 -16.32 -10.01
CA TYR A 52 17.90 -16.41 -10.95
C TYR A 52 16.85 -15.32 -10.70
N PHE A 53 15.97 -15.12 -11.67
CA PHE A 53 14.94 -14.09 -11.63
C PHE A 53 13.86 -14.44 -10.61
N PRO A 54 13.13 -13.44 -10.08
CA PRO A 54 12.04 -13.67 -9.15
C PRO A 54 10.89 -14.39 -9.87
N PRO A 55 10.10 -15.18 -9.14
CA PRO A 55 9.06 -16.02 -9.69
C PRO A 55 7.83 -15.25 -10.17
N LYS A 56 7.78 -13.92 -9.94
CA LYS A 56 6.66 -13.09 -10.34
C LYS A 56 7.10 -11.92 -11.22
N GLY A 57 8.41 -11.75 -11.44
CA GLY A 57 8.93 -10.64 -12.22
C GLY A 57 8.82 -9.30 -11.50
N TYR A 58 8.34 -9.32 -10.25
CA TYR A 58 8.16 -8.10 -9.47
C TYR A 58 9.27 -7.95 -8.43
N ALA A 59 9.37 -6.78 -7.82
CA ALA A 59 10.37 -6.49 -6.83
C ALA A 59 9.84 -5.54 -5.75
N PHE A 60 10.46 -5.58 -4.57
CA PHE A 60 10.16 -4.66 -3.49
C PHE A 60 11.48 -4.12 -2.97
N LEU A 61 11.60 -2.79 -2.87
CA LEU A 61 12.85 -2.16 -2.49
C LEU A 61 12.64 -0.78 -1.90
N LEU A 62 13.71 -0.24 -1.31
CA LEU A 62 13.73 1.11 -0.78
C LEU A 62 15.17 1.63 -0.81
N PHE A 63 15.35 2.92 -0.52
CA PHE A 63 16.63 3.58 -0.61
C PHE A 63 16.80 4.59 0.52
N GLN A 64 18.04 5.04 0.74
CA GLN A 64 18.39 5.83 1.91
C GLN A 64 17.90 7.28 1.84
N ASP A 65 17.66 7.80 0.63
CA ASP A 65 17.19 9.17 0.47
C ASP A 65 15.66 9.20 0.46
N GLU A 66 15.06 9.31 1.65
CA GLU A 66 13.61 9.28 1.80
C GLU A 66 12.94 10.52 1.19
N SER A 67 13.71 11.57 0.91
CA SER A 67 13.16 12.78 0.28
C SER A 67 13.12 12.60 -1.24
N SER A 68 13.88 11.64 -1.76
CA SER A 68 13.93 11.40 -3.20
C SER A 68 12.71 10.58 -3.61
N VAL A 69 12.03 9.94 -2.64
CA VAL A 69 10.85 9.15 -2.91
C VAL A 69 9.81 10.02 -3.61
N GLN A 70 9.58 11.22 -3.08
CA GLN A 70 8.55 12.09 -3.60
C GLN A 70 9.10 12.93 -4.75
N ALA A 71 10.40 13.26 -4.72
CA ALA A 71 10.99 14.10 -5.75
C ALA A 71 11.10 13.34 -7.08
N LEU A 72 11.46 12.06 -7.04
CA LEU A 72 11.69 11.29 -8.25
C LEU A 72 10.37 10.77 -8.81
N ILE A 73 9.47 10.29 -7.93
CA ILE A 73 8.17 9.79 -8.40
C ILE A 73 7.37 10.93 -9.03
N ASP A 74 7.60 12.18 -8.61
CA ASP A 74 6.90 13.33 -9.17
C ASP A 74 7.63 13.90 -10.39
N ALA A 75 8.92 13.59 -10.54
CA ALA A 75 9.71 14.06 -11.67
C ALA A 75 9.59 13.14 -12.88
N CYS A 76 8.64 12.19 -12.85
CA CYS A 76 8.46 11.24 -13.94
C CYS A 76 6.96 11.06 -14.25
N ILE A 77 6.61 9.96 -14.92
CA ILE A 77 5.27 9.74 -15.45
C ILE A 77 4.30 9.30 -14.35
N GLU A 78 3.00 9.49 -14.57
CA GLU A 78 1.98 9.12 -13.61
C GLU A 78 0.68 8.75 -14.32
N GLU A 79 -0.22 8.08 -13.58
CA GLU A 79 -1.54 7.68 -14.03
C GLU A 79 -2.51 7.84 -12.87
N ASP A 80 -3.81 8.04 -13.17
CA ASP A 80 -4.82 8.18 -12.14
C ASP A 80 -4.98 6.89 -11.33
N GLY A 81 -4.27 5.83 -11.72
CA GLY A 81 -4.33 4.54 -11.04
C GLY A 81 -2.99 4.11 -10.43
N LYS A 82 -1.86 4.64 -10.93
CA LYS A 82 -0.54 4.20 -10.47
C LYS A 82 0.55 5.17 -10.93
N LEU A 83 1.81 4.88 -10.55
CA LEU A 83 2.95 5.70 -10.91
C LEU A 83 3.79 4.99 -11.96
N TYR A 84 4.60 5.76 -12.69
CA TYR A 84 5.47 5.21 -13.73
C TYR A 84 6.80 5.93 -13.77
N LEU A 85 7.88 5.16 -13.84
CA LEU A 85 9.22 5.71 -14.01
C LEU A 85 9.73 5.37 -15.41
N CYS A 86 10.77 6.08 -15.86
CA CYS A 86 11.38 5.84 -17.15
C CYS A 86 12.89 5.71 -16.99
N VAL A 87 13.50 4.80 -17.75
CA VAL A 87 14.93 4.53 -17.65
C VAL A 87 15.49 4.03 -18.98
N SER A 88 16.80 4.26 -19.20
CA SER A 88 17.49 3.83 -20.40
C SER A 88 18.99 3.70 -20.11
N SER A 89 19.71 2.97 -20.97
CA SER A 89 21.14 2.76 -20.84
C SER A 89 21.74 2.41 -22.20
N PRO A 90 23.07 2.36 -22.34
CA PRO A 90 23.72 1.98 -23.58
C PRO A 90 23.57 0.48 -23.88
N THR A 91 22.90 -0.28 -23.02
CA THR A 91 22.67 -1.71 -23.23
C THR A 91 21.18 -2.05 -23.28
N ILE A 92 20.32 -1.13 -22.82
CA ILE A 92 18.87 -1.28 -22.91
C ILE A 92 18.26 0.11 -23.06
N LYS A 93 17.46 0.31 -24.11
CA LYS A 93 16.90 1.61 -24.48
C LYS A 93 15.76 2.03 -23.55
N ASP A 94 15.12 3.16 -23.87
CA ASP A 94 14.04 3.71 -23.07
C ASP A 94 12.97 2.66 -22.75
N LYS A 95 12.62 2.55 -21.47
CA LYS A 95 11.65 1.58 -20.97
C LYS A 95 10.88 2.18 -19.80
N PRO A 96 9.56 2.32 -19.92
CA PRO A 96 8.71 2.71 -18.80
C PRO A 96 8.56 1.52 -17.86
N VAL A 97 8.40 1.80 -16.55
CA VAL A 97 8.25 0.75 -15.56
C VAL A 97 7.09 1.06 -14.63
N GLN A 98 6.27 0.04 -14.33
CA GLN A 98 5.14 0.17 -13.43
C GLN A 98 5.66 0.17 -11.99
N ILE A 99 5.26 1.17 -11.20
CA ILE A 99 5.78 1.35 -9.86
C ILE A 99 4.70 1.90 -8.93
N ARG A 100 4.81 1.58 -7.63
CA ARG A 100 3.87 2.05 -6.62
C ARG A 100 4.56 2.27 -5.26
N PRO A 101 4.47 3.48 -4.70
CA PRO A 101 4.85 3.78 -3.32
C PRO A 101 3.64 3.44 -2.44
N TRP A 102 3.55 3.95 -1.21
CA TRP A 102 2.32 3.82 -0.44
C TRP A 102 2.09 5.05 0.43
N ASN A 103 0.83 5.32 0.77
CA ASN A 103 0.46 6.47 1.60
C ASN A 103 -0.19 6.02 2.91
N LEU A 104 0.66 5.92 3.93
CA LEU A 104 0.26 5.62 5.29
C LEU A 104 -0.62 6.74 5.86
N SER A 105 -0.92 7.76 5.06
CA SER A 105 -1.83 8.83 5.46
C SER A 105 -3.28 8.38 5.21
N ASP A 106 -3.51 7.52 4.21
CA ASP A 106 -4.83 6.92 4.01
C ASP A 106 -4.98 5.66 4.85
N SER A 107 -3.86 5.06 5.29
CA SER A 107 -3.92 3.92 6.20
C SER A 107 -4.58 4.27 7.53
N ASP A 108 -4.78 5.55 7.80
CA ASP A 108 -5.41 5.98 9.04
C ASP A 108 -6.52 6.98 8.73
N PHE A 109 -7.77 6.57 8.98
CA PHE A 109 -8.92 7.44 8.76
C PHE A 109 -9.88 7.42 9.95
N VAL A 110 -10.01 8.56 10.61
CA VAL A 110 -10.97 8.75 11.70
C VAL A 110 -12.23 9.42 11.17
N MET A 111 -13.36 9.24 11.86
CA MET A 111 -14.61 9.88 11.48
C MET A 111 -15.27 10.61 12.66
N ASP A 112 -14.99 10.17 13.89
CA ASP A 112 -15.56 10.80 15.08
C ASP A 112 -14.72 10.48 16.32
N GLY A 113 -15.00 11.18 17.42
CA GLY A 113 -14.32 10.99 18.71
C GLY A 113 -15.21 10.22 19.69
N SER A 114 -16.21 9.49 19.18
CA SER A 114 -17.21 8.81 19.99
C SER A 114 -16.61 7.71 20.88
N GLN A 115 -15.43 7.21 20.54
CA GLN A 115 -14.88 6.04 21.19
C GLN A 115 -13.44 6.27 21.69
N PRO A 116 -13.01 5.50 22.70
CA PRO A 116 -11.67 5.53 23.25
C PRO A 116 -10.66 4.74 22.39
N LEU A 117 -11.13 4.20 21.26
CA LEU A 117 -10.31 3.38 20.36
C LEU A 117 -9.74 2.17 21.11
N ASP A 118 -10.52 1.61 22.04
CA ASP A 118 -10.11 0.48 22.86
C ASP A 118 -10.41 -0.82 22.12
N PRO A 119 -9.58 -1.87 22.30
CA PRO A 119 -9.75 -3.15 21.63
C PRO A 119 -11.13 -3.79 21.82
N ARG A 120 -11.86 -3.44 22.88
CA ARG A 120 -13.19 -4.00 23.13
C ARG A 120 -14.27 -3.25 22.34
N LYS A 121 -13.86 -2.16 21.67
CA LYS A 121 -14.74 -1.36 20.81
C LYS A 121 -14.23 -1.38 19.37
N THR A 122 -13.27 -2.27 19.09
CA THR A 122 -12.65 -2.36 17.78
C THR A 122 -13.05 -3.66 17.09
N ILE A 123 -13.01 -3.67 15.75
CA ILE A 123 -13.39 -4.82 14.95
C ILE A 123 -12.28 -5.08 13.92
N PHE A 124 -12.14 -6.32 13.48
CA PHE A 124 -11.11 -6.71 12.53
C PHE A 124 -11.75 -6.92 11.16
N VAL A 125 -10.99 -6.69 10.09
CA VAL A 125 -11.49 -6.87 8.72
C VAL A 125 -10.44 -7.59 7.88
N GLY A 126 -10.84 -8.73 7.29
CA GLY A 126 -9.96 -9.49 6.43
C GLY A 126 -10.39 -9.37 4.97
N GLY A 127 -9.42 -9.45 4.06
CA GLY A 127 -9.64 -9.32 2.62
C GLY A 127 -9.42 -7.88 2.17
N VAL A 128 -8.22 -7.62 1.62
CA VAL A 128 -7.83 -6.33 1.06
C VAL A 128 -6.97 -6.56 -0.20
N PRO A 129 -7.51 -7.28 -1.20
CA PRO A 129 -6.77 -7.66 -2.41
C PRO A 129 -6.58 -6.48 -3.36
N ARG A 130 -5.70 -6.67 -4.35
CA ARG A 130 -5.36 -5.72 -5.42
C ARG A 130 -4.88 -4.36 -4.89
N PRO A 131 -4.35 -3.47 -5.75
CA PRO A 131 -3.94 -2.14 -5.32
C PRO A 131 -5.16 -1.34 -4.89
N LEU A 132 -5.04 -0.63 -3.76
CA LEU A 132 -6.19 -0.01 -3.12
C LEU A 132 -5.80 1.14 -2.19
N ARG A 133 -6.82 1.62 -1.45
CA ARG A 133 -6.71 2.57 -0.35
C ARG A 133 -7.69 2.10 0.72
N ALA A 134 -7.72 2.76 1.88
CA ALA A 134 -8.69 2.40 2.92
C ALA A 134 -10.13 2.73 2.47
N VAL A 135 -10.25 3.38 1.30
CA VAL A 135 -11.53 3.78 0.74
C VAL A 135 -12.49 2.62 0.54
N GLU A 136 -12.01 1.49 0.04
CA GLU A 136 -12.90 0.40 -0.35
C GLU A 136 -13.51 -0.29 0.86
N LEU A 137 -12.83 -0.30 2.01
CA LEU A 137 -13.33 -0.99 3.18
C LEU A 137 -14.23 -0.08 4.01
N ALA A 138 -14.05 1.23 3.86
CA ALA A 138 -14.87 2.18 4.58
C ALA A 138 -16.15 2.42 3.79
N MET A 139 -16.05 2.46 2.46
CA MET A 139 -17.19 2.75 1.62
C MET A 139 -18.17 1.58 1.63
N ILE A 140 -17.71 0.33 1.67
CA ILE A 140 -18.67 -0.77 1.78
C ILE A 140 -19.28 -0.79 3.18
N MET A 141 -18.47 -0.67 4.25
CA MET A 141 -19.05 -0.72 5.58
C MET A 141 -19.95 0.47 5.84
N ASP A 142 -20.02 1.41 4.89
CA ASP A 142 -20.97 2.50 4.94
C ASP A 142 -22.03 2.38 3.83
N ARG A 143 -21.91 1.38 2.96
CA ARG A 143 -22.95 1.08 1.98
C ARG A 143 -24.10 0.37 2.65
N LEU A 144 -23.84 -0.31 3.77
CA LEU A 144 -24.86 -1.08 4.45
C LEU A 144 -24.70 -1.22 5.97
N TYR A 145 -23.59 -0.77 6.55
CA TYR A 145 -23.33 -0.92 7.98
C TYR A 145 -22.77 0.37 8.58
N GLY A 146 -23.15 1.53 8.03
CA GLY A 146 -22.58 2.81 8.40
C GLY A 146 -22.67 3.12 9.89
N GLY A 147 -21.74 3.93 10.38
CA GLY A 147 -21.64 4.27 11.80
C GLY A 147 -20.19 4.27 12.30
N VAL A 148 -19.21 4.17 11.40
CA VAL A 148 -17.79 4.08 11.76
C VAL A 148 -17.33 5.27 12.59
N CYS A 149 -16.34 5.04 13.46
CA CYS A 149 -15.77 6.09 14.30
C CYS A 149 -14.27 6.18 14.08
N TYR A 150 -13.60 5.02 13.99
CA TYR A 150 -12.16 4.95 13.74
C TYR A 150 -11.86 3.71 12.91
N ALA A 151 -10.87 3.78 12.03
CA ALA A 151 -10.50 2.65 11.20
C ALA A 151 -9.16 2.88 10.50
N GLY A 152 -8.60 1.80 9.94
CA GLY A 152 -7.37 1.89 9.15
C GLY A 152 -6.91 0.51 8.68
N ILE A 153 -5.94 0.48 7.77
CA ILE A 153 -5.36 -0.76 7.30
C ILE A 153 -4.25 -1.15 8.26
N ASP A 154 -4.11 -2.46 8.52
CA ASP A 154 -3.11 -2.96 9.46
C ASP A 154 -1.71 -2.50 9.05
N THR A 155 -0.88 -2.15 10.04
CA THR A 155 0.47 -1.67 9.79
C THR A 155 1.47 -2.24 10.77
N ASP A 156 2.74 -2.21 10.36
CA ASP A 156 3.88 -2.64 11.12
C ASP A 156 4.42 -1.47 11.92
N PRO A 157 4.44 -1.54 13.26
CA PRO A 157 5.03 -0.52 14.11
C PRO A 157 6.52 -0.32 13.84
N GLU A 158 7.14 -1.23 13.07
CA GLU A 158 8.55 -1.17 12.77
C GLU A 158 8.88 0.02 11.88
N LEU A 159 8.05 0.26 10.86
CA LEU A 159 8.24 1.40 9.98
C LEU A 159 6.91 2.07 9.64
N LYS A 160 5.85 1.66 10.35
CA LYS A 160 4.50 2.19 10.24
C LYS A 160 3.91 1.98 8.85
N TYR A 161 4.26 0.86 8.21
CA TYR A 161 3.84 0.57 6.83
C TYR A 161 2.96 -0.68 6.80
N PRO A 162 2.12 -0.84 5.77
CA PRO A 162 1.16 -1.92 5.65
C PRO A 162 1.77 -3.32 5.79
N LYS A 163 0.95 -4.27 6.26
CA LYS A 163 1.33 -5.66 6.41
C LYS A 163 0.18 -6.59 5.99
N GLY A 164 -0.91 -6.04 5.46
CA GLY A 164 -2.07 -6.81 5.02
C GLY A 164 -3.14 -6.86 6.11
N ALA A 165 -4.39 -7.09 5.71
CA ALA A 165 -5.57 -7.03 6.57
C ALA A 165 -5.81 -5.62 7.11
N GLY A 166 -6.93 -5.41 7.80
CA GLY A 166 -7.28 -4.09 8.31
C GLY A 166 -8.22 -4.18 9.50
N ARG A 167 -8.73 -3.01 9.93
CA ARG A 167 -9.62 -2.93 11.09
C ARG A 167 -10.54 -1.72 10.99
N VAL A 168 -11.65 -1.78 11.72
CA VAL A 168 -12.66 -0.73 11.80
C VAL A 168 -13.22 -0.74 13.22
N ALA A 169 -13.69 0.39 13.73
CA ALA A 169 -14.17 0.47 15.10
C ALA A 169 -15.43 1.32 15.22
N PHE A 170 -16.51 0.69 15.66
CA PHE A 170 -17.76 1.34 16.01
C PHE A 170 -18.65 0.37 16.79
N SER A 171 -19.50 0.92 17.66
CA SER A 171 -20.43 0.15 18.48
C SER A 171 -21.78 0.86 18.51
N ASN A 172 -22.10 1.61 17.46
CA ASN A 172 -23.24 2.51 17.39
C ASN A 172 -24.58 1.80 17.61
N GLN A 173 -25.00 0.97 16.64
CA GLN A 173 -26.30 0.34 16.65
C GLN A 173 -26.24 -1.03 15.96
N GLN A 174 -27.39 -1.54 15.53
CA GLN A 174 -27.47 -2.83 14.85
C GLN A 174 -26.60 -2.82 13.59
N SER A 175 -26.13 -1.64 13.15
CA SER A 175 -25.26 -1.56 11.99
C SER A 175 -23.90 -2.18 12.32
N TYR A 176 -23.42 -2.04 13.56
CA TYR A 176 -22.17 -2.68 13.97
C TYR A 176 -22.42 -4.15 14.28
N ILE A 177 -23.64 -4.48 14.74
CA ILE A 177 -24.01 -5.86 14.98
C ILE A 177 -24.04 -6.62 13.65
N ALA A 178 -24.50 -5.94 12.59
CA ALA A 178 -24.64 -6.56 11.29
C ALA A 178 -23.29 -6.70 10.59
N ALA A 179 -22.32 -5.83 10.88
CA ALA A 179 -20.99 -5.94 10.31
C ALA A 179 -20.13 -6.90 11.09
N ILE A 180 -20.30 -6.99 12.42
CA ILE A 180 -19.54 -7.93 13.22
C ILE A 180 -20.11 -9.35 13.02
N SER A 181 -21.27 -9.43 12.37
CA SER A 181 -21.84 -10.68 11.92
C SER A 181 -21.71 -10.81 10.40
N ALA A 182 -20.85 -10.00 9.77
CA ALA A 182 -20.59 -10.06 8.35
C ALA A 182 -19.44 -11.03 8.11
N ARG A 183 -19.49 -12.12 8.88
CA ARG A 183 -18.49 -13.17 8.80
C ARG A 183 -18.90 -14.03 7.61
N PHE A 184 -18.33 -13.67 6.46
CA PHE A 184 -18.72 -14.22 5.16
C PHE A 184 -20.14 -13.77 4.81
N VAL A 185 -20.25 -12.86 3.84
CA VAL A 185 -21.51 -12.29 3.40
C VAL A 185 -21.32 -11.81 1.97
N GLN A 186 -22.39 -11.35 1.33
CA GLN A 186 -22.36 -10.91 -0.04
C GLN A 186 -21.61 -9.58 -0.17
N LEU A 187 -20.55 -9.57 -0.97
CA LEU A 187 -19.73 -8.39 -1.20
C LEU A 187 -19.02 -8.55 -2.54
N GLN A 188 -19.17 -7.55 -3.43
CA GLN A 188 -18.53 -7.58 -4.73
C GLN A 188 -17.72 -6.31 -4.95
N HIS A 189 -16.39 -6.44 -4.87
CA HIS A 189 -15.44 -5.37 -5.11
C HIS A 189 -14.07 -5.98 -5.35
N GLY A 190 -13.36 -5.52 -6.39
CA GLY A 190 -12.03 -6.04 -6.69
C GLY A 190 -12.11 -7.55 -6.92
N GLU A 191 -11.24 -8.30 -6.24
CA GLU A 191 -11.18 -9.76 -6.36
C GLU A 191 -12.21 -10.42 -5.42
N ILE A 192 -12.91 -9.63 -4.59
CA ILE A 192 -13.88 -10.16 -3.65
C ILE A 192 -15.21 -10.40 -4.35
N ASP A 193 -15.89 -11.50 -4.00
CA ASP A 193 -17.18 -11.83 -4.58
C ASP A 193 -18.12 -12.53 -3.59
N LYS A 194 -17.56 -13.23 -2.59
CA LYS A 194 -18.35 -14.00 -1.64
C LYS A 194 -17.64 -14.24 -0.31
N ARG A 195 -16.43 -13.69 -0.13
CA ARG A 195 -15.61 -14.02 1.02
C ARG A 195 -14.97 -12.78 1.63
N VAL A 196 -15.48 -12.40 2.80
CA VAL A 196 -14.91 -11.32 3.60
C VAL A 196 -15.00 -11.71 5.07
N GLU A 197 -14.03 -11.27 5.88
CA GLU A 197 -14.00 -11.62 7.29
C GLU A 197 -14.17 -10.38 8.15
N VAL A 198 -15.07 -10.43 9.12
CA VAL A 198 -15.29 -9.33 10.04
C VAL A 198 -15.69 -9.90 11.41
N LYS A 199 -14.87 -9.64 12.43
CA LYS A 199 -15.07 -10.19 13.77
C LYS A 199 -14.53 -9.24 14.84
N PRO A 200 -14.83 -9.44 16.12
CA PRO A 200 -14.27 -8.63 17.19
C PRO A 200 -12.75 -8.57 17.14
N TYR A 201 -12.17 -7.44 17.55
CA TYR A 201 -10.74 -7.23 17.53
C TYR A 201 -10.08 -7.85 18.77
N VAL A 202 -8.78 -8.12 18.68
CA VAL A 202 -8.01 -8.71 19.78
C VAL A 202 -6.56 -8.24 19.73
N SER A 1 22.62 24.67 1.16
CA SER A 1 21.94 25.75 1.91
C SER A 1 20.42 25.63 1.76
N HIS A 2 19.68 26.24 2.68
CA HIS A 2 18.22 26.21 2.68
C HIS A 2 17.68 27.51 3.26
N GLN A 3 16.51 27.95 2.79
CA GLN A 3 15.90 29.20 3.26
C GLN A 3 14.38 29.18 3.15
N ASN A 4 13.83 28.37 2.24
CA ASN A 4 12.39 28.28 2.04
C ASN A 4 11.98 26.90 1.55
N GLY A 5 10.69 26.57 1.70
CA GLY A 5 10.15 25.28 1.31
C GLY A 5 10.46 24.20 2.34
N GLU A 6 9.94 22.99 2.11
CA GLU A 6 10.15 21.86 3.00
C GLU A 6 10.05 20.55 2.22
N ARG A 7 10.51 19.45 2.84
CA ARG A 7 10.49 18.13 2.23
C ARG A 7 9.16 17.43 2.51
N VAL A 8 8.91 16.33 1.78
CA VAL A 8 7.70 15.53 1.91
C VAL A 8 8.09 14.08 2.18
N GLU A 9 7.39 13.43 3.11
CA GLU A 9 7.68 12.05 3.50
C GLU A 9 6.41 11.32 3.91
N ARG A 10 5.26 11.73 3.35
CA ARG A 10 3.95 11.17 3.69
C ARG A 10 3.71 9.80 3.07
N TYR A 11 4.74 9.20 2.45
CA TYR A 11 4.64 7.86 1.90
C TYR A 11 5.57 6.88 2.63
N SER A 12 5.36 5.59 2.37
CA SER A 12 6.27 4.54 2.84
C SER A 12 7.27 4.23 1.75
N ARG A 13 8.53 4.06 2.15
CA ARG A 13 9.63 3.82 1.22
C ARG A 13 9.66 2.38 0.72
N LYS A 14 8.72 1.54 1.15
CA LYS A 14 8.64 0.16 0.69
C LYS A 14 7.92 0.16 -0.67
N VAL A 15 8.61 0.69 -1.69
CA VAL A 15 8.04 0.86 -3.01
C VAL A 15 7.92 -0.48 -3.72
N PHE A 16 6.72 -0.76 -4.26
CA PHE A 16 6.48 -1.96 -5.04
C PHE A 16 6.80 -1.69 -6.51
N VAL A 17 7.43 -2.65 -7.19
CA VAL A 17 7.75 -2.54 -8.60
C VAL A 17 7.49 -3.86 -9.30
N GLY A 18 7.25 -3.82 -10.61
CA GLY A 18 7.01 -5.02 -11.38
C GLY A 18 7.23 -4.81 -12.88
N GLY A 19 7.44 -3.57 -13.31
CA GLY A 19 7.67 -3.27 -14.71
C GLY A 19 9.13 -3.47 -15.12
N LEU A 20 9.93 -4.09 -14.23
CA LEU A 20 11.35 -4.28 -14.45
C LEU A 20 11.64 -4.96 -15.79
N PRO A 21 12.78 -4.66 -16.41
CA PRO A 21 13.22 -5.29 -17.65
C PRO A 21 13.48 -6.79 -17.42
N PRO A 22 13.60 -7.58 -18.50
CA PRO A 22 13.88 -9.00 -18.41
C PRO A 22 15.31 -9.26 -17.92
N ASP A 23 15.58 -10.51 -17.51
CA ASP A 23 16.87 -10.93 -16.99
C ASP A 23 17.37 -10.02 -15.86
N ILE A 24 16.44 -9.48 -15.07
CA ILE A 24 16.74 -8.52 -14.02
C ILE A 24 17.39 -9.18 -12.80
N ASP A 25 18.38 -8.48 -12.25
CA ASP A 25 19.03 -8.79 -10.99
C ASP A 25 19.23 -7.45 -10.26
N GLU A 26 19.66 -7.47 -9.00
CA GLU A 26 19.70 -6.26 -8.18
C GLU A 26 20.57 -5.16 -8.78
N ASP A 27 21.55 -5.49 -9.64
CA ASP A 27 22.38 -4.49 -10.27
C ASP A 27 21.70 -3.94 -11.52
N GLU A 28 20.84 -4.74 -12.15
CA GLU A 28 20.10 -4.33 -13.33
C GLU A 28 19.08 -3.27 -12.94
N ILE A 29 18.35 -3.49 -11.85
CA ILE A 29 17.33 -2.56 -11.41
C ILE A 29 17.98 -1.30 -10.85
N THR A 30 19.14 -1.42 -10.22
CA THR A 30 19.84 -0.25 -9.70
C THR A 30 20.31 0.63 -10.86
N ALA A 31 20.50 0.05 -12.05
CA ALA A 31 20.89 0.81 -13.23
C ALA A 31 19.69 1.13 -14.13
N SER A 32 18.61 0.36 -14.02
CA SER A 32 17.40 0.61 -14.81
C SER A 32 16.79 1.96 -14.47
N PHE A 33 16.73 2.33 -13.19
CA PHE A 33 16.26 3.64 -12.79
C PHE A 33 17.34 4.65 -13.18
N ARG A 34 16.96 5.71 -13.90
CA ARG A 34 17.94 6.62 -14.51
C ARG A 34 18.09 7.95 -13.78
N ARG A 35 17.23 8.22 -12.79
CA ARG A 35 17.24 9.48 -12.04
C ARG A 35 17.19 9.22 -10.54
N PHE A 36 17.46 7.97 -10.12
CA PHE A 36 17.37 7.56 -8.73
C PHE A 36 18.78 7.27 -8.21
N GLY A 37 19.04 7.65 -6.96
CA GLY A 37 20.34 7.44 -6.33
C GLY A 37 20.51 5.99 -5.85
N PRO A 38 21.54 5.73 -5.05
CA PRO A 38 21.80 4.41 -4.50
C PRO A 38 20.67 3.99 -3.56
N LEU A 39 20.30 2.71 -3.63
CA LEU A 39 19.15 2.16 -2.91
C LEU A 39 19.41 0.71 -2.53
N ILE A 40 18.44 0.08 -1.84
CA ILE A 40 18.51 -1.31 -1.46
C ILE A 40 17.26 -2.03 -1.96
N VAL A 41 17.39 -3.30 -2.35
CA VAL A 41 16.29 -4.05 -2.94
C VAL A 41 16.37 -5.52 -2.52
N ASP A 42 15.21 -6.18 -2.47
CA ASP A 42 15.14 -7.59 -2.09
C ASP A 42 13.98 -8.27 -2.82
N TRP A 43 14.05 -9.59 -2.94
CA TRP A 43 13.05 -10.39 -3.64
C TRP A 43 12.10 -11.03 -2.63
N PRO A 44 10.84 -11.30 -3.01
CA PRO A 44 9.85 -11.90 -2.14
C PRO A 44 10.17 -13.36 -1.85
N HIS A 45 11.00 -13.99 -2.69
CA HIS A 45 11.45 -15.35 -2.52
C HIS A 45 12.71 -15.60 -3.35
N LYS A 46 13.50 -16.60 -2.98
CA LYS A 46 14.69 -17.00 -3.73
C LYS A 46 15.00 -18.46 -3.44
N ALA A 47 15.63 -19.16 -4.40
CA ALA A 47 15.86 -20.59 -4.31
C ALA A 47 17.11 -20.93 -3.49
N GLU A 48 18.02 -19.98 -3.30
CA GLU A 48 19.22 -20.18 -2.52
C GLU A 48 19.71 -18.85 -1.97
N SER A 49 20.42 -18.87 -0.83
CA SER A 49 20.89 -17.67 -0.16
C SER A 49 22.02 -16.99 -0.93
N LYS A 50 22.47 -17.58 -2.03
CA LYS A 50 23.53 -17.02 -2.86
C LYS A 50 22.99 -16.51 -4.19
N SER A 51 21.68 -16.70 -4.44
CA SER A 51 21.06 -16.24 -5.67
C SER A 51 20.82 -14.73 -5.62
N TYR A 52 20.73 -14.11 -6.81
CA TYR A 52 20.50 -12.68 -6.93
C TYR A 52 19.40 -12.39 -7.96
N PHE A 53 18.70 -13.44 -8.42
CA PHE A 53 17.67 -13.33 -9.43
C PHE A 53 16.30 -13.66 -8.82
N PRO A 54 15.28 -12.82 -9.03
CA PRO A 54 13.94 -13.03 -8.52
C PRO A 54 13.21 -14.09 -9.34
N PRO A 55 12.33 -14.88 -8.71
CA PRO A 55 11.55 -15.93 -9.37
C PRO A 55 10.39 -15.35 -10.17
N LYS A 56 10.09 -14.06 -9.99
CA LYS A 56 8.99 -13.38 -10.66
C LYS A 56 9.41 -11.97 -11.07
N GLY A 57 8.62 -11.33 -11.93
CA GLY A 57 8.91 -10.00 -12.44
C GLY A 57 8.65 -8.88 -11.42
N TYR A 58 8.08 -9.22 -10.27
CA TYR A 58 7.77 -8.24 -9.23
C TYR A 58 8.92 -8.18 -8.22
N ALA A 59 9.06 -7.03 -7.57
CA ALA A 59 10.12 -6.81 -6.60
C ALA A 59 9.71 -5.78 -5.54
N PHE A 60 10.48 -5.72 -4.45
CA PHE A 60 10.28 -4.73 -3.42
C PHE A 60 11.62 -4.02 -3.18
N LEU A 61 11.63 -2.69 -3.31
CA LEU A 61 12.84 -1.92 -3.16
C LEU A 61 12.56 -0.71 -2.28
N LEU A 62 13.61 -0.17 -1.66
CA LEU A 62 13.45 0.98 -0.78
C LEU A 62 14.67 1.88 -0.89
N PHE A 63 14.50 3.14 -0.53
CA PHE A 63 15.54 4.14 -0.71
C PHE A 63 16.15 4.51 0.64
N GLN A 64 17.39 5.01 0.63
CA GLN A 64 18.10 5.30 1.86
C GLN A 64 17.53 6.51 2.58
N ASP A 65 16.75 7.34 1.89
CA ASP A 65 16.02 8.43 2.51
C ASP A 65 14.57 8.45 1.99
N GLU A 66 13.61 8.72 2.87
CA GLU A 66 12.21 8.61 2.54
C GLU A 66 11.66 9.85 1.84
N SER A 67 12.42 10.95 1.83
CA SER A 67 11.99 12.16 1.14
C SER A 67 12.43 12.12 -0.32
N SER A 68 13.44 11.28 -0.63
CA SER A 68 13.90 11.10 -1.99
C SER A 68 12.92 10.20 -2.75
N VAL A 69 12.13 9.41 -2.02
CA VAL A 69 11.12 8.54 -2.60
C VAL A 69 10.00 9.40 -3.20
N GLN A 70 9.64 10.51 -2.56
CA GLN A 70 8.55 11.34 -3.03
C GLN A 70 9.04 12.28 -4.12
N ALA A 71 10.29 12.73 -4.05
CA ALA A 71 10.81 13.70 -5.01
C ALA A 71 10.90 13.10 -6.41
N LEU A 72 11.31 11.83 -6.51
CA LEU A 72 11.51 11.21 -7.81
C LEU A 72 10.25 10.51 -8.30
N ILE A 73 9.35 10.10 -7.38
CA ILE A 73 8.06 9.55 -7.77
C ILE A 73 7.11 10.69 -8.17
N ASP A 74 7.43 11.92 -7.80
CA ASP A 74 6.65 13.09 -8.23
C ASP A 74 7.21 13.65 -9.53
N ALA A 75 8.50 13.41 -9.79
CA ALA A 75 9.16 13.85 -11.02
C ALA A 75 9.03 12.81 -12.14
N CYS A 76 8.06 11.90 -12.05
CA CYS A 76 7.86 10.84 -13.03
C CYS A 76 6.40 10.80 -13.51
N ILE A 77 6.09 9.84 -14.38
CA ILE A 77 4.76 9.68 -14.96
C ILE A 77 3.74 9.30 -13.90
N GLU A 78 2.49 9.74 -14.09
CA GLU A 78 1.42 9.54 -13.12
C GLU A 78 0.16 9.00 -13.78
N GLU A 79 -0.59 8.21 -13.01
CA GLU A 79 -1.88 7.67 -13.41
C GLU A 79 -2.81 7.76 -12.20
N ASP A 80 -4.13 7.85 -12.41
CA ASP A 80 -5.06 7.94 -11.30
C ASP A 80 -5.07 6.65 -10.47
N GLY A 81 -4.38 5.61 -10.93
CA GLY A 81 -4.30 4.33 -10.24
C GLY A 81 -2.92 4.03 -9.67
N LYS A 82 -1.85 4.61 -10.25
CA LYS A 82 -0.48 4.28 -9.84
C LYS A 82 0.52 5.26 -10.44
N LEU A 83 1.81 5.05 -10.15
CA LEU A 83 2.88 5.88 -10.69
C LEU A 83 3.75 5.03 -11.63
N TYR A 84 4.56 5.70 -12.46
CA TYR A 84 5.44 5.02 -13.40
C TYR A 84 6.72 5.83 -13.60
N LEU A 85 7.86 5.17 -13.66
CA LEU A 85 9.11 5.83 -14.02
C LEU A 85 9.40 5.60 -15.50
N CYS A 86 9.98 6.61 -16.15
CA CYS A 86 10.21 6.64 -17.59
C CYS A 86 11.56 6.03 -17.98
N VAL A 87 11.92 4.89 -17.39
CA VAL A 87 13.20 4.25 -17.66
C VAL A 87 13.28 3.68 -19.08
N SER A 88 12.17 3.75 -19.84
CA SER A 88 12.12 3.29 -21.22
C SER A 88 12.42 4.43 -22.17
N SER A 89 13.71 4.75 -22.34
CA SER A 89 14.16 5.82 -23.20
C SER A 89 15.63 5.70 -23.63
N PRO A 90 16.56 5.33 -22.72
CA PRO A 90 17.98 5.24 -23.03
C PRO A 90 18.31 3.89 -23.68
N THR A 91 19.25 3.13 -23.10
CA THR A 91 19.71 1.85 -23.62
C THR A 91 18.61 0.78 -23.62
N ILE A 92 17.42 1.12 -23.10
CA ILE A 92 16.25 0.25 -23.12
C ILE A 92 15.03 1.11 -23.43
N LYS A 93 14.16 0.61 -24.32
CA LYS A 93 12.94 1.33 -24.67
C LYS A 93 11.88 0.33 -25.13
N ASP A 94 11.00 -0.08 -24.22
CA ASP A 94 9.90 -0.97 -24.55
C ASP A 94 8.72 -0.80 -23.60
N LYS A 95 8.99 -0.65 -22.30
CA LYS A 95 7.94 -0.48 -21.30
C LYS A 95 8.52 0.23 -20.06
N PRO A 96 7.78 1.16 -19.46
CA PRO A 96 8.16 1.84 -18.23
C PRO A 96 8.03 0.88 -17.04
N VAL A 97 8.30 1.37 -15.83
CA VAL A 97 8.23 0.55 -14.63
C VAL A 97 7.06 1.00 -13.75
N GLN A 98 6.29 0.04 -13.22
CA GLN A 98 5.18 0.34 -12.33
C GLN A 98 5.72 0.69 -10.95
N ILE A 99 5.09 1.65 -10.27
CA ILE A 99 5.57 2.17 -9.00
C ILE A 99 4.41 2.38 -8.03
N ARG A 100 4.58 1.95 -6.77
CA ARG A 100 3.59 2.17 -5.73
C ARG A 100 4.24 2.27 -4.35
N PRO A 101 4.53 3.48 -3.87
CA PRO A 101 4.89 3.73 -2.48
C PRO A 101 3.58 3.77 -1.68
N TRP A 102 3.58 3.55 -0.37
CA TRP A 102 2.32 3.53 0.36
C TRP A 102 1.88 4.91 0.80
N ASN A 103 0.56 5.08 1.01
CA ASN A 103 -0.04 6.37 1.32
C ASN A 103 -0.55 6.37 2.77
N LEU A 104 0.36 6.21 3.74
CA LEU A 104 -0.01 6.09 5.15
C LEU A 104 -0.47 7.42 5.76
N SER A 105 -0.64 8.46 4.93
CA SER A 105 -1.17 9.73 5.39
C SER A 105 -2.55 10.00 4.78
N ASP A 106 -3.01 9.15 3.84
CA ASP A 106 -4.33 9.31 3.25
C ASP A 106 -5.18 8.07 3.47
N SER A 107 -4.55 6.91 3.74
CA SER A 107 -5.26 5.72 4.19
C SER A 107 -6.08 5.98 5.44
N ASP A 108 -5.92 7.16 6.05
CA ASP A 108 -6.70 7.56 7.21
C ASP A 108 -8.04 8.12 6.74
N PHE A 109 -9.14 7.52 7.22
CA PHE A 109 -10.48 7.98 6.92
C PHE A 109 -11.15 8.45 8.21
N VAL A 110 -12.23 9.23 8.09
CA VAL A 110 -12.86 9.85 9.24
C VAL A 110 -14.28 10.30 8.86
N MET A 111 -15.25 10.03 9.74
CA MET A 111 -16.64 10.39 9.50
C MET A 111 -17.38 10.70 10.81
N ASP A 112 -16.65 10.85 11.92
CA ASP A 112 -17.26 11.06 13.22
C ASP A 112 -17.80 12.48 13.37
N GLY A 113 -18.69 12.66 14.36
CA GLY A 113 -19.27 13.95 14.67
C GLY A 113 -20.04 13.91 15.99
N SER A 114 -19.95 12.79 16.73
CA SER A 114 -20.68 12.61 17.97
C SER A 114 -19.88 11.79 18.99
N GLN A 115 -18.82 11.11 18.56
CA GLN A 115 -18.14 10.15 19.41
C GLN A 115 -16.61 10.28 19.28
N PRO A 116 -15.88 10.15 20.39
CA PRO A 116 -14.43 10.16 20.40
C PRO A 116 -13.86 8.81 19.96
N LEU A 117 -12.61 8.81 19.51
CA LEU A 117 -11.93 7.59 19.09
C LEU A 117 -11.31 6.91 20.31
N ASP A 118 -11.53 5.61 20.43
CA ASP A 118 -10.98 4.81 21.53
C ASP A 118 -10.89 3.35 21.07
N PRO A 119 -9.82 2.63 21.44
CA PRO A 119 -9.57 1.26 20.99
C PRO A 119 -10.62 0.26 21.47
N ARG A 120 -11.53 0.65 22.36
CA ARG A 120 -12.59 -0.21 22.86
C ARG A 120 -13.74 -0.31 21.85
N LYS A 121 -13.62 0.39 20.72
CA LYS A 121 -14.65 0.45 19.69
C LYS A 121 -14.05 0.24 18.29
N THR A 122 -12.89 -0.41 18.22
CA THR A 122 -12.19 -0.62 16.95
C THR A 122 -12.40 -2.06 16.48
N ILE A 123 -12.35 -2.30 15.18
CA ILE A 123 -12.61 -3.61 14.60
C ILE A 123 -11.47 -3.94 13.64
N PHE A 124 -11.31 -5.24 13.33
CA PHE A 124 -10.22 -5.74 12.52
C PHE A 124 -10.72 -6.67 11.41
N VAL A 125 -10.03 -6.65 10.27
CA VAL A 125 -10.22 -7.59 9.16
C VAL A 125 -8.87 -7.97 8.59
N GLY A 126 -8.67 -9.26 8.32
CA GLY A 126 -7.49 -9.74 7.64
C GLY A 126 -7.82 -9.90 6.17
N GLY A 127 -7.09 -9.20 5.29
CA GLY A 127 -7.33 -9.26 3.86
C GLY A 127 -7.05 -7.96 3.12
N VAL A 128 -6.02 -7.20 3.53
CA VAL A 128 -5.67 -5.94 2.85
C VAL A 128 -4.23 -5.92 2.32
N PRO A 129 -3.74 -7.00 1.67
CA PRO A 129 -2.41 -7.03 1.11
C PRO A 129 -2.31 -6.21 -0.18
N ARG A 130 -1.10 -6.11 -0.73
CA ARG A 130 -0.78 -5.34 -1.95
C ARG A 130 -1.07 -3.84 -1.78
N PRO A 131 -0.59 -3.00 -2.70
CA PRO A 131 -0.84 -1.56 -2.68
C PRO A 131 -2.30 -1.20 -2.97
N LEU A 132 -2.90 -0.43 -2.06
CA LEU A 132 -4.20 0.21 -2.23
C LEU A 132 -4.28 1.37 -1.23
N ARG A 133 -5.42 2.06 -1.13
CA ARG A 133 -5.52 3.25 -0.29
C ARG A 133 -6.71 3.19 0.68
N ALA A 134 -6.94 2.01 1.26
CA ALA A 134 -8.05 1.70 2.16
C ALA A 134 -9.43 1.88 1.51
N VAL A 135 -9.48 2.39 0.28
CA VAL A 135 -10.72 2.61 -0.45
C VAL A 135 -11.60 1.37 -0.47
N GLU A 136 -11.00 0.20 -0.63
CA GLU A 136 -11.76 -1.03 -0.78
C GLU A 136 -12.40 -1.50 0.52
N LEU A 137 -11.77 -1.25 1.68
CA LEU A 137 -12.24 -1.82 2.94
C LEU A 137 -13.38 -0.99 3.51
N ALA A 138 -13.33 0.33 3.31
CA ALA A 138 -14.32 1.22 3.86
C ALA A 138 -15.55 1.26 2.95
N MET A 139 -15.38 1.06 1.64
CA MET A 139 -16.48 1.15 0.71
C MET A 139 -17.32 -0.13 0.71
N ILE A 140 -16.73 -1.28 1.04
CA ILE A 140 -17.51 -2.51 1.14
C ILE A 140 -18.26 -2.56 2.47
N MET A 141 -17.58 -2.25 3.58
CA MET A 141 -18.22 -2.34 4.89
C MET A 141 -19.28 -1.25 5.05
N ASP A 142 -19.21 -0.20 4.23
CA ASP A 142 -20.17 0.88 4.31
C ASP A 142 -21.31 0.72 3.31
N ARG A 143 -21.15 -0.06 2.23
CA ARG A 143 -22.24 -0.26 1.29
C ARG A 143 -23.26 -1.29 1.77
N LEU A 144 -22.85 -2.24 2.62
CA LEU A 144 -23.78 -3.22 3.17
C LEU A 144 -24.13 -3.00 4.65
N TYR A 145 -23.24 -2.38 5.43
CA TYR A 145 -23.47 -2.17 6.87
C TYR A 145 -22.90 -0.81 7.29
N GLY A 146 -23.33 0.26 6.60
CA GLY A 146 -22.81 1.60 6.80
C GLY A 146 -23.16 2.18 8.18
N GLY A 147 -22.54 3.32 8.50
CA GLY A 147 -22.68 3.99 9.79
C GLY A 147 -21.32 4.21 10.47
N VAL A 148 -20.23 4.02 9.71
CA VAL A 148 -18.87 4.13 10.24
C VAL A 148 -18.56 5.55 10.70
N CYS A 149 -17.69 5.67 11.72
CA CYS A 149 -17.27 6.97 12.23
C CYS A 149 -15.76 7.17 12.06
N TYR A 150 -14.98 6.10 12.04
CA TYR A 150 -13.55 6.18 11.76
C TYR A 150 -13.10 4.93 11.01
N ALA A 151 -12.12 5.07 10.11
CA ALA A 151 -11.63 3.92 9.36
C ALA A 151 -10.17 4.12 8.92
N GLY A 152 -9.46 3.01 8.73
CA GLY A 152 -8.10 3.05 8.22
C GLY A 152 -7.48 1.66 8.19
N ILE A 153 -6.21 1.60 7.79
CA ILE A 153 -5.47 0.35 7.70
C ILE A 153 -4.40 0.32 8.79
N ASP A 154 -4.24 -0.84 9.43
CA ASP A 154 -3.26 -1.01 10.49
C ASP A 154 -1.86 -1.07 9.89
N THR A 155 -0.99 -0.17 10.35
CA THR A 155 0.35 -0.02 9.79
C THR A 155 1.44 -0.40 10.77
N ASP A 156 2.59 -0.73 10.18
CA ASP A 156 3.81 -1.10 10.86
C ASP A 156 4.65 0.16 11.10
N PRO A 157 4.96 0.50 12.36
CA PRO A 157 5.83 1.62 12.68
C PRO A 157 7.24 1.45 12.12
N GLU A 158 7.58 0.24 11.66
CA GLU A 158 8.92 -0.06 11.17
C GLU A 158 9.06 0.25 9.69
N LEU A 159 8.09 -0.18 8.87
CA LEU A 159 8.09 0.11 7.46
C LEU A 159 7.17 1.28 7.14
N LYS A 160 6.45 1.76 8.17
CA LYS A 160 5.37 2.72 7.97
C LYS A 160 4.40 2.17 6.93
N TYR A 161 4.29 0.84 6.88
CA TYR A 161 3.56 0.14 5.83
C TYR A 161 2.59 -0.87 6.46
N PRO A 162 1.44 -1.14 5.84
CA PRO A 162 0.45 -2.06 6.36
C PRO A 162 1.04 -3.42 6.75
N LYS A 163 0.56 -3.98 7.86
CA LYS A 163 0.97 -5.32 8.28
C LYS A 163 0.01 -6.37 7.72
N GLY A 164 -0.90 -5.97 6.81
CA GLY A 164 -1.86 -6.87 6.21
C GLY A 164 -3.20 -6.87 6.95
N ALA A 165 -3.45 -5.84 7.77
CA ALA A 165 -4.66 -5.75 8.58
C ALA A 165 -5.23 -4.32 8.55
N GLY A 166 -6.52 -4.18 8.86
CA GLY A 166 -7.17 -2.86 8.90
C GLY A 166 -8.65 -3.05 9.21
N ARG A 167 -9.41 -1.94 9.25
CA ARG A 167 -10.85 -1.94 9.54
C ARG A 167 -11.31 -0.55 9.98
N VAL A 168 -12.02 -0.44 11.11
CA VAL A 168 -12.75 0.76 11.45
C VAL A 168 -13.01 0.86 12.94
N ALA A 169 -13.64 1.96 13.36
CA ALA A 169 -14.15 2.08 14.70
C ALA A 169 -15.54 2.74 14.65
N PHE A 170 -16.56 1.95 14.97
CA PHE A 170 -17.94 2.42 15.02
C PHE A 170 -18.82 1.46 15.84
N SER A 171 -18.22 0.82 16.85
CA SER A 171 -18.89 -0.15 17.71
C SER A 171 -19.90 0.53 18.64
N ASN A 172 -21.01 1.01 18.07
CA ASN A 172 -22.02 1.74 18.84
C ASN A 172 -23.46 1.45 18.38
N GLN A 173 -23.64 0.73 17.27
CA GLN A 173 -24.97 0.43 16.73
C GLN A 173 -25.01 -0.96 16.10
N GLN A 174 -26.21 -1.41 15.73
CA GLN A 174 -26.39 -2.72 15.12
C GLN A 174 -25.66 -2.80 13.78
N SER A 175 -25.18 -1.67 13.26
CA SER A 175 -24.44 -1.65 12.01
C SER A 175 -23.11 -2.39 12.18
N TYR A 176 -22.42 -2.15 13.31
CA TYR A 176 -21.19 -2.88 13.61
C TYR A 176 -21.51 -4.32 14.01
N ILE A 177 -22.65 -4.55 14.66
CA ILE A 177 -23.07 -5.89 15.03
C ILE A 177 -23.26 -6.72 13.78
N ALA A 178 -23.74 -6.08 12.69
CA ALA A 178 -23.99 -6.78 11.45
C ALA A 178 -22.73 -6.97 10.62
N ALA A 179 -21.71 -6.13 10.83
CA ALA A 179 -20.47 -6.21 10.06
C ALA A 179 -19.36 -6.94 10.84
N ILE A 180 -19.64 -7.45 12.04
CA ILE A 180 -18.66 -8.20 12.81
C ILE A 180 -19.16 -9.59 13.19
N SER A 181 -20.48 -9.79 13.28
CA SER A 181 -21.05 -11.09 13.62
C SER A 181 -21.28 -11.93 12.37
N ALA A 182 -20.96 -11.41 11.19
CA ALA A 182 -21.04 -12.17 9.95
C ALA A 182 -19.84 -13.09 9.84
N ARG A 183 -18.77 -12.74 10.58
CA ARG A 183 -17.49 -13.45 10.61
C ARG A 183 -16.83 -13.77 9.27
N PHE A 184 -17.54 -13.65 8.14
CA PHE A 184 -16.98 -13.84 6.82
C PHE A 184 -17.78 -13.00 5.83
N VAL A 185 -17.15 -12.69 4.70
CA VAL A 185 -17.74 -11.90 3.64
C VAL A 185 -17.15 -12.42 2.34
N GLN A 186 -17.91 -12.38 1.25
CA GLN A 186 -17.48 -12.98 0.00
C GLN A 186 -16.37 -12.13 -0.63
N LEU A 187 -16.71 -10.92 -1.06
CA LEU A 187 -15.78 -9.95 -1.64
C LEU A 187 -14.99 -10.49 -2.84
N GLN A 188 -14.30 -9.56 -3.52
CA GLN A 188 -13.41 -9.89 -4.64
C GLN A 188 -12.46 -8.70 -4.83
N HIS A 189 -11.36 -8.69 -4.07
CA HIS A 189 -10.40 -7.58 -4.10
C HIS A 189 -8.98 -8.09 -3.83
N GLY A 190 -8.00 -7.50 -4.51
CA GLY A 190 -6.60 -7.92 -4.35
C GLY A 190 -6.47 -9.40 -4.65
N GLU A 191 -5.65 -10.11 -3.86
CA GLU A 191 -5.49 -11.55 -3.98
C GLU A 191 -6.46 -12.29 -3.07
N ILE A 192 -7.42 -11.56 -2.48
CA ILE A 192 -8.42 -12.13 -1.59
C ILE A 192 -9.70 -12.44 -2.37
N ASP A 193 -10.27 -13.62 -2.10
CA ASP A 193 -11.52 -14.03 -2.72
C ASP A 193 -12.33 -14.88 -1.74
N LYS A 194 -13.66 -14.83 -1.90
CA LYS A 194 -14.68 -15.61 -1.19
C LYS A 194 -14.62 -15.63 0.34
N ARG A 195 -13.57 -15.10 0.99
CA ARG A 195 -13.54 -15.04 2.45
C ARG A 195 -12.56 -14.01 2.98
N VAL A 196 -12.94 -13.43 4.13
CA VAL A 196 -12.07 -12.57 4.92
C VAL A 196 -12.30 -12.83 6.40
N GLU A 197 -11.29 -12.52 7.21
CA GLU A 197 -11.39 -12.71 8.65
C GLU A 197 -11.98 -11.45 9.26
N VAL A 198 -12.89 -11.58 10.24
CA VAL A 198 -13.54 -10.41 10.82
C VAL A 198 -13.79 -10.59 12.32
N LYS A 199 -13.24 -9.69 13.15
CA LYS A 199 -13.44 -9.73 14.60
C LYS A 199 -12.96 -8.42 15.22
N PRO A 200 -13.24 -8.18 16.52
CA PRO A 200 -12.81 -6.97 17.22
C PRO A 200 -11.30 -6.76 17.16
N TYR A 201 -10.89 -5.50 17.35
CA TYR A 201 -9.49 -5.10 17.29
C TYR A 201 -8.76 -5.41 18.60
N VAL A 202 -9.50 -5.80 19.65
CA VAL A 202 -8.95 -6.11 20.96
C VAL A 202 -9.60 -7.39 21.50
N SER A 1 13.97 32.77 3.84
CA SER A 1 12.96 33.80 3.58
C SER A 1 12.51 33.78 2.12
N HIS A 2 11.37 34.42 1.83
CA HIS A 2 10.80 34.50 0.49
C HIS A 2 10.59 33.14 -0.17
N GLN A 3 10.50 32.07 0.64
CA GLN A 3 10.29 30.71 0.15
C GLN A 3 9.32 29.97 1.06
N ASN A 4 8.66 28.94 0.51
CA ASN A 4 7.68 28.14 1.24
C ASN A 4 7.84 26.66 0.94
N GLY A 5 8.93 26.27 0.26
CA GLY A 5 9.18 24.88 -0.11
C GLY A 5 9.45 24.01 1.11
N GLU A 6 9.21 22.71 0.99
CA GLU A 6 9.40 21.74 2.05
C GLU A 6 9.69 20.35 1.47
N ARG A 7 10.10 19.41 2.33
CA ARG A 7 10.39 18.04 1.95
C ARG A 7 9.33 17.09 2.49
N VAL A 8 9.24 15.91 1.90
CA VAL A 8 8.26 14.90 2.28
C VAL A 8 8.92 13.53 2.37
N GLU A 9 8.59 12.76 3.40
CA GLU A 9 9.17 11.45 3.68
C GLU A 9 8.11 10.49 4.21
N ARG A 10 6.83 10.77 3.95
CA ARG A 10 5.73 10.05 4.57
C ARG A 10 5.43 8.69 3.97
N TYR A 11 5.97 8.37 2.78
CA TYR A 11 5.68 7.10 2.12
C TYR A 11 6.67 6.01 2.54
N SER A 12 6.22 4.77 2.46
CA SER A 12 7.05 3.62 2.76
C SER A 12 7.87 3.31 1.53
N ARG A 13 9.17 3.06 1.74
CA ARG A 13 10.13 2.87 0.67
C ARG A 13 10.10 1.45 0.11
N LYS A 14 9.13 0.63 0.51
CA LYS A 14 8.95 -0.70 -0.08
C LYS A 14 8.34 -0.53 -1.47
N VAL A 15 9.14 0.00 -2.40
CA VAL A 15 8.65 0.29 -3.73
C VAL A 15 8.85 -0.90 -4.65
N PHE A 16 7.72 -1.47 -5.08
CA PHE A 16 7.71 -2.57 -6.02
C PHE A 16 7.81 -2.01 -7.42
N VAL A 17 8.48 -2.72 -8.33
CA VAL A 17 8.59 -2.29 -9.72
C VAL A 17 8.08 -3.38 -10.64
N GLY A 18 7.31 -3.00 -11.65
CA GLY A 18 6.68 -3.93 -12.58
C GLY A 18 7.52 -4.23 -13.81
N GLY A 19 8.81 -3.89 -13.75
CA GLY A 19 9.71 -4.12 -14.87
C GLY A 19 11.12 -3.61 -14.59
N LEU A 20 12.09 -4.26 -15.23
CA LEU A 20 13.50 -3.92 -15.15
C LEU A 20 14.15 -4.24 -16.50
N PRO A 21 15.25 -3.56 -16.85
CA PRO A 21 15.96 -3.80 -18.10
C PRO A 21 16.43 -5.26 -18.20
N PRO A 22 16.60 -5.77 -19.43
CA PRO A 22 16.89 -7.16 -19.71
C PRO A 22 18.33 -7.57 -19.35
N ASP A 23 19.14 -6.63 -18.85
CA ASP A 23 20.52 -6.88 -18.49
C ASP A 23 20.82 -6.29 -17.11
N ILE A 24 19.82 -6.36 -16.21
CA ILE A 24 19.87 -5.71 -14.92
C ILE A 24 20.89 -6.34 -13.98
N ASP A 25 21.62 -5.46 -13.29
CA ASP A 25 22.60 -5.76 -12.26
C ASP A 25 22.59 -4.54 -11.33
N GLU A 26 23.21 -4.62 -10.14
CA GLU A 26 23.13 -3.56 -9.15
C GLU A 26 23.45 -2.17 -9.72
N ASP A 27 24.35 -2.09 -10.71
CA ASP A 27 24.71 -0.81 -11.30
C ASP A 27 23.67 -0.35 -12.31
N GLU A 28 22.93 -1.29 -12.91
CA GLU A 28 21.93 -0.98 -13.91
C GLU A 28 20.68 -0.41 -13.24
N ILE A 29 20.24 -1.01 -12.14
CA ILE A 29 19.03 -0.58 -11.46
C ILE A 29 19.27 0.76 -10.78
N THR A 30 20.49 0.98 -10.26
CA THR A 30 20.83 2.25 -9.63
C THR A 30 20.97 3.34 -10.69
N ALA A 31 21.23 2.96 -11.95
CA ALA A 31 21.31 3.91 -13.05
C ALA A 31 20.00 4.00 -13.83
N SER A 32 19.10 3.02 -13.65
CA SER A 32 17.79 3.06 -14.28
C SER A 32 17.00 4.23 -13.71
N PHE A 33 16.89 4.28 -12.37
CA PHE A 33 16.29 5.41 -11.71
C PHE A 33 17.28 6.58 -11.76
N ARG A 34 16.82 7.81 -11.59
CA ARG A 34 17.66 8.97 -11.87
C ARG A 34 17.87 9.91 -10.68
N ARG A 35 17.43 9.51 -9.48
CA ARG A 35 17.63 10.33 -8.28
C ARG A 35 17.84 9.49 -7.03
N PHE A 36 17.46 8.21 -7.06
CA PHE A 36 17.60 7.34 -5.90
C PHE A 36 19.06 6.97 -5.64
N GLY A 37 19.39 6.77 -4.36
CA GLY A 37 20.71 6.31 -3.93
C GLY A 37 20.73 4.79 -3.83
N PRO A 38 21.70 4.22 -3.08
CA PRO A 38 21.79 2.80 -2.81
C PRO A 38 20.51 2.27 -2.18
N LEU A 39 20.25 0.96 -2.32
CA LEU A 39 18.97 0.38 -1.94
C LEU A 39 19.09 -1.05 -1.40
N ILE A 40 18.01 -1.51 -0.75
CA ILE A 40 17.83 -2.90 -0.41
C ILE A 40 17.53 -3.59 -1.75
N VAL A 41 17.96 -4.85 -1.91
CA VAL A 41 17.97 -5.45 -3.24
C VAL A 41 16.77 -6.29 -3.65
N ASP A 42 16.03 -5.71 -4.60
CA ASP A 42 14.96 -6.38 -5.34
C ASP A 42 15.28 -7.71 -5.98
N TRP A 43 16.53 -8.17 -5.96
CA TRP A 43 16.92 -9.42 -6.59
C TRP A 43 17.60 -10.36 -5.59
N PRO A 44 17.49 -11.68 -5.80
CA PRO A 44 18.11 -12.70 -4.96
C PRO A 44 19.63 -12.71 -5.17
N HIS A 45 20.34 -13.48 -4.34
CA HIS A 45 21.79 -13.57 -4.43
C HIS A 45 22.22 -14.12 -5.78
N LYS A 46 23.42 -13.71 -6.24
CA LYS A 46 23.96 -14.10 -7.54
C LYS A 46 24.79 -15.38 -7.43
N ALA A 47 25.11 -15.97 -8.58
CA ALA A 47 25.92 -17.17 -8.66
C ALA A 47 27.38 -16.87 -8.35
N GLU A 48 28.22 -17.92 -8.35
CA GLU A 48 29.64 -17.81 -8.05
C GLU A 48 30.46 -17.24 -9.21
N SER A 49 29.79 -16.63 -10.20
CA SER A 49 30.46 -16.07 -11.37
C SER A 49 29.94 -14.66 -11.65
N LYS A 50 30.80 -13.80 -12.21
CA LYS A 50 30.45 -12.43 -12.54
C LYS A 50 29.64 -12.36 -13.83
N SER A 51 29.60 -13.45 -14.59
CA SER A 51 28.86 -13.52 -15.85
C SER A 51 27.38 -13.83 -15.61
N TYR A 52 26.97 -13.94 -14.34
CA TYR A 52 25.59 -14.22 -13.98
C TYR A 52 24.82 -12.91 -13.77
N PHE A 53 23.51 -12.94 -14.03
CA PHE A 53 22.63 -11.80 -13.85
C PHE A 53 21.31 -12.25 -13.24
N PRO A 54 20.71 -11.42 -12.36
CA PRO A 54 19.43 -11.69 -11.74
C PRO A 54 18.29 -11.60 -12.76
N PRO A 55 17.08 -12.05 -12.38
CA PRO A 55 15.88 -12.00 -13.21
C PRO A 55 15.56 -10.58 -13.67
N LYS A 56 14.76 -10.49 -14.75
CA LYS A 56 14.35 -9.23 -15.36
C LYS A 56 12.85 -8.97 -15.16
N GLY A 57 12.22 -9.73 -14.27
CA GLY A 57 10.80 -9.63 -13.95
C GLY A 57 10.50 -8.42 -13.08
N TYR A 58 9.92 -8.66 -11.89
CA TYR A 58 9.54 -7.61 -10.97
C TYR A 58 10.63 -7.38 -9.93
N ALA A 59 10.42 -6.44 -9.01
CA ALA A 59 11.47 -6.01 -8.11
C ALA A 59 10.97 -5.66 -6.71
N PHE A 60 11.84 -5.83 -5.69
CA PHE A 60 11.56 -5.33 -4.34
C PHE A 60 12.75 -4.48 -3.85
N LEU A 61 12.67 -3.16 -3.97
CA LEU A 61 13.82 -2.30 -3.69
C LEU A 61 13.43 -1.18 -2.77
N LEU A 62 14.36 -0.84 -1.87
CA LEU A 62 14.11 0.19 -0.90
C LEU A 62 15.38 1.02 -0.69
N PHE A 63 15.41 2.18 -1.33
CA PHE A 63 16.49 3.14 -1.29
C PHE A 63 16.69 3.67 0.13
N GLN A 64 17.90 4.16 0.43
CA GLN A 64 18.24 4.58 1.78
C GLN A 64 17.89 6.03 2.09
N ASP A 65 17.32 6.76 1.12
CA ASP A 65 16.87 8.12 1.34
C ASP A 65 15.36 8.19 1.13
N GLU A 66 14.65 8.86 2.05
CA GLU A 66 13.19 8.91 2.01
C GLU A 66 12.65 10.19 1.38
N SER A 67 13.49 11.19 1.12
CA SER A 67 13.05 12.44 0.51
C SER A 67 13.04 12.33 -1.01
N SER A 68 13.95 11.52 -1.55
CA SER A 68 14.02 11.30 -2.98
C SER A 68 12.82 10.46 -3.45
N VAL A 69 12.17 9.77 -2.51
CA VAL A 69 11.02 8.93 -2.82
C VAL A 69 9.90 9.78 -3.38
N GLN A 70 9.71 10.98 -2.85
CA GLN A 70 8.62 11.84 -3.27
C GLN A 70 9.07 12.70 -4.45
N ALA A 71 10.36 13.03 -4.54
CA ALA A 71 10.86 13.86 -5.63
C ALA A 71 10.96 13.08 -6.94
N LEU A 72 11.35 11.80 -6.88
CA LEU A 72 11.53 11.00 -8.07
C LEU A 72 10.16 10.50 -8.56
N ILE A 73 9.32 10.02 -7.64
CA ILE A 73 7.98 9.58 -8.01
C ILE A 73 7.17 10.73 -8.60
N ASP A 74 7.44 11.97 -8.19
CA ASP A 74 6.72 13.13 -8.70
C ASP A 74 7.38 13.69 -9.97
N ALA A 75 8.63 13.31 -10.25
CA ALA A 75 9.35 13.76 -11.44
C ALA A 75 8.98 12.93 -12.67
N CYS A 76 8.04 11.98 -12.52
CA CYS A 76 7.64 11.12 -13.63
C CYS A 76 6.11 10.98 -13.67
N ILE A 77 5.61 9.95 -14.38
CA ILE A 77 4.19 9.82 -14.67
C ILE A 77 3.39 9.31 -13.47
N GLU A 78 2.11 9.71 -13.40
CA GLU A 78 1.20 9.35 -12.34
C GLU A 78 -0.20 9.15 -12.91
N GLU A 79 -0.96 8.21 -12.33
CA GLU A 79 -2.35 7.98 -12.71
C GLU A 79 -3.15 7.47 -11.52
N ASP A 80 -4.48 7.48 -11.64
CA ASP A 80 -5.37 7.12 -10.55
C ASP A 80 -5.31 5.64 -10.19
N GLY A 81 -4.59 4.81 -10.96
CA GLY A 81 -4.49 3.40 -10.67
C GLY A 81 -3.12 2.99 -10.14
N LYS A 82 -2.09 3.80 -10.40
CA LYS A 82 -0.71 3.46 -10.04
C LYS A 82 0.22 4.64 -10.27
N LEU A 83 1.49 4.44 -9.91
CA LEU A 83 2.56 5.36 -10.24
C LEU A 83 3.35 4.73 -11.39
N TYR A 84 4.01 5.55 -12.22
CA TYR A 84 4.66 5.05 -13.41
C TYR A 84 5.99 5.77 -13.66
N LEU A 85 7.06 5.00 -13.87
CA LEU A 85 8.39 5.54 -14.08
C LEU A 85 8.86 5.27 -15.51
N CYS A 86 9.76 6.13 -16.02
CA CYS A 86 10.25 6.06 -17.38
C CYS A 86 11.76 5.83 -17.39
N VAL A 87 12.24 4.82 -16.66
CA VAL A 87 13.67 4.54 -16.56
C VAL A 87 14.27 4.02 -17.86
N SER A 88 13.43 3.75 -18.88
CA SER A 88 13.88 3.23 -20.15
C SER A 88 14.10 4.36 -21.15
N SER A 89 15.34 4.49 -21.67
CA SER A 89 15.63 5.50 -22.68
C SER A 89 16.90 5.18 -23.46
N PRO A 90 18.00 4.76 -22.81
CA PRO A 90 19.22 4.33 -23.49
C PRO A 90 18.99 3.01 -24.23
N THR A 91 20.08 2.39 -24.68
CA THR A 91 20.02 1.10 -25.39
C THR A 91 19.52 -0.01 -24.47
N ILE A 92 19.25 0.31 -23.20
CA ILE A 92 18.72 -0.65 -22.23
C ILE A 92 17.19 -0.62 -22.21
N LYS A 93 16.58 0.13 -23.12
CA LYS A 93 15.14 0.38 -23.13
C LYS A 93 14.33 -0.90 -22.96
N ASP A 94 13.34 -0.82 -22.06
CA ASP A 94 12.46 -1.93 -21.72
C ASP A 94 11.05 -1.43 -21.44
N LYS A 95 10.69 -0.27 -22.01
CA LYS A 95 9.44 0.44 -21.77
C LYS A 95 9.31 0.88 -20.31
N PRO A 96 8.40 1.84 -20.02
CA PRO A 96 8.11 2.33 -18.69
C PRO A 96 7.82 1.21 -17.69
N VAL A 97 7.85 1.54 -16.39
CA VAL A 97 7.73 0.56 -15.32
C VAL A 97 6.64 0.93 -14.32
N GLN A 98 5.99 -0.09 -13.76
CA GLN A 98 4.93 0.04 -12.77
C GLN A 98 5.56 0.38 -11.43
N ILE A 99 4.91 1.19 -10.58
CA ILE A 99 5.49 1.63 -9.32
C ILE A 99 4.45 1.61 -8.19
N ARG A 100 4.85 1.13 -7.00
CA ARG A 100 3.95 1.03 -5.85
C ARG A 100 4.66 1.26 -4.50
N PRO A 101 4.68 2.50 -3.99
CA PRO A 101 5.09 2.82 -2.62
C PRO A 101 3.88 2.66 -1.71
N TRP A 102 3.94 3.00 -0.41
CA TRP A 102 2.74 3.01 0.41
C TRP A 102 2.56 4.28 1.22
N ASN A 103 1.30 4.56 1.58
CA ASN A 103 0.87 5.77 2.27
C ASN A 103 0.46 5.48 3.72
N LEU A 104 1.41 4.94 4.50
CA LEU A 104 1.25 4.57 5.89
C LEU A 104 0.93 5.74 6.82
N SER A 105 0.71 6.94 6.26
CA SER A 105 0.30 8.10 7.04
C SER A 105 -1.08 8.58 6.59
N ASP A 106 -1.62 7.99 5.51
CA ASP A 106 -2.90 8.40 4.95
C ASP A 106 -3.81 7.20 4.66
N SER A 107 -3.49 6.02 5.19
CA SER A 107 -4.37 4.86 5.05
C SER A 107 -5.63 5.01 5.90
N ASP A 108 -5.68 6.06 6.72
CA ASP A 108 -6.84 6.33 7.54
C ASP A 108 -7.88 7.08 6.72
N PHE A 109 -9.12 6.59 6.77
CA PHE A 109 -10.24 7.24 6.10
C PHE A 109 -11.31 7.62 7.12
N VAL A 110 -11.55 8.93 7.26
CA VAL A 110 -12.55 9.45 8.18
C VAL A 110 -13.74 10.00 7.39
N MET A 111 -14.97 9.73 7.85
CA MET A 111 -16.16 10.20 7.17
C MET A 111 -16.57 11.59 7.67
N ASP A 112 -16.55 11.81 8.99
CA ASP A 112 -16.88 13.10 9.57
C ASP A 112 -16.37 13.18 11.02
N GLY A 113 -16.27 14.40 11.55
CA GLY A 113 -15.81 14.65 12.91
C GLY A 113 -16.92 14.42 13.95
N SER A 114 -17.93 13.62 13.61
CA SER A 114 -19.09 13.36 14.45
C SER A 114 -18.73 12.87 15.85
N GLN A 115 -17.64 12.12 15.99
CA GLN A 115 -17.32 11.46 17.24
C GLN A 115 -15.82 11.47 17.51
N PRO A 116 -15.41 11.50 18.79
CA PRO A 116 -14.02 11.44 19.19
C PRO A 116 -13.46 10.04 18.99
N LEU A 117 -12.13 9.93 18.94
CA LEU A 117 -11.45 8.66 18.71
C LEU A 117 -11.07 8.03 20.05
N ASP A 118 -11.52 6.79 20.27
CA ASP A 118 -11.18 6.01 21.46
C ASP A 118 -11.21 4.52 21.11
N PRO A 119 -10.35 3.70 21.72
CA PRO A 119 -10.37 2.25 21.53
C PRO A 119 -11.70 1.63 21.96
N ARG A 120 -12.52 2.39 22.69
CA ARG A 120 -13.79 1.95 23.23
C ARG A 120 -14.85 1.73 22.16
N LYS A 121 -14.58 2.12 20.90
CA LYS A 121 -15.54 1.99 19.81
C LYS A 121 -14.91 1.42 18.54
N THR A 122 -13.69 0.87 18.66
CA THR A 122 -12.97 0.32 17.53
C THR A 122 -13.34 -1.15 17.32
N ILE A 123 -13.25 -1.60 16.07
CA ILE A 123 -13.58 -2.97 15.69
C ILE A 123 -12.47 -3.51 14.79
N PHE A 124 -12.31 -4.83 14.74
CA PHE A 124 -11.31 -5.47 13.89
C PHE A 124 -12.04 -6.18 12.75
N VAL A 125 -11.47 -6.11 11.54
CA VAL A 125 -12.05 -6.75 10.37
C VAL A 125 -10.98 -7.53 9.61
N GLY A 126 -11.13 -8.85 9.55
CA GLY A 126 -10.25 -9.69 8.76
C GLY A 126 -10.91 -9.98 7.42
N GLY A 127 -10.26 -9.60 6.32
CA GLY A 127 -10.85 -9.80 5.00
C GLY A 127 -10.26 -8.93 3.90
N VAL A 128 -9.04 -8.40 4.07
CA VAL A 128 -8.42 -7.55 3.06
C VAL A 128 -7.03 -8.06 2.66
N PRO A 129 -6.87 -9.36 2.39
CA PRO A 129 -5.58 -9.96 2.06
C PRO A 129 -5.09 -9.54 0.67
N ARG A 130 -5.94 -8.88 -0.12
CA ARG A 130 -5.58 -8.40 -1.44
C ARG A 130 -5.20 -6.92 -1.34
N PRO A 131 -4.18 -6.46 -2.08
CA PRO A 131 -3.78 -5.06 -2.08
C PRO A 131 -4.97 -4.13 -2.32
N LEU A 132 -5.03 -3.04 -1.54
CA LEU A 132 -6.13 -2.09 -1.60
C LEU A 132 -5.68 -0.73 -1.06
N ARG A 133 -6.58 0.26 -1.13
CA ARG A 133 -6.36 1.57 -0.53
C ARG A 133 -7.57 1.93 0.33
N ALA A 134 -7.84 1.06 1.32
CA ALA A 134 -8.99 1.13 2.23
C ALA A 134 -10.34 1.04 1.52
N VAL A 135 -10.34 0.65 0.23
CA VAL A 135 -11.57 0.56 -0.54
C VAL A 135 -12.41 -0.64 -0.15
N GLU A 136 -11.79 -1.81 0.01
CA GLU A 136 -12.52 -3.05 0.23
C GLU A 136 -13.18 -3.07 1.60
N LEU A 137 -12.52 -2.46 2.60
CA LEU A 137 -12.97 -2.45 3.98
C LEU A 137 -14.12 -1.45 4.13
N ALA A 138 -13.96 -0.27 3.53
CA ALA A 138 -14.97 0.77 3.68
C ALA A 138 -16.21 0.44 2.86
N MET A 139 -16.06 -0.16 1.68
CA MET A 139 -17.19 -0.37 0.78
C MET A 139 -18.05 -1.54 1.24
N ILE A 140 -17.49 -2.54 1.92
CA ILE A 140 -18.32 -3.63 2.42
C ILE A 140 -19.13 -3.15 3.62
N MET A 141 -18.50 -2.46 4.58
CA MET A 141 -19.24 -2.03 5.75
C MET A 141 -20.20 -0.90 5.39
N ASP A 142 -20.07 -0.35 4.17
CA ASP A 142 -20.95 0.71 3.70
C ASP A 142 -21.96 0.22 2.66
N ARG A 143 -21.87 -1.05 2.22
CA ARG A 143 -22.85 -1.59 1.27
C ARG A 143 -23.91 -2.45 1.97
N LEU A 144 -23.67 -2.86 3.22
CA LEU A 144 -24.68 -3.62 3.96
C LEU A 144 -25.16 -2.94 5.25
N TYR A 145 -24.30 -2.26 6.00
CA TYR A 145 -24.66 -1.64 7.27
C TYR A 145 -23.85 -0.36 7.48
N GLY A 146 -24.10 0.66 6.65
CA GLY A 146 -23.35 1.91 6.69
C GLY A 146 -23.51 2.64 8.02
N GLY A 147 -22.53 3.49 8.35
CA GLY A 147 -22.52 4.21 9.61
C GLY A 147 -21.09 4.50 10.12
N VAL A 148 -20.07 4.22 9.31
CA VAL A 148 -18.68 4.43 9.69
C VAL A 148 -18.42 5.89 10.04
N CYS A 149 -17.51 6.13 11.00
CA CYS A 149 -17.14 7.47 11.40
C CYS A 149 -15.63 7.66 11.30
N TYR A 150 -14.86 6.68 11.80
CA TYR A 150 -13.40 6.71 11.70
C TYR A 150 -12.90 5.30 11.41
N ALA A 151 -11.92 5.16 10.51
CA ALA A 151 -11.40 3.84 10.18
C ALA A 151 -10.07 3.92 9.42
N GLY A 152 -9.43 2.76 9.28
CA GLY A 152 -8.21 2.62 8.48
C GLY A 152 -7.78 1.16 8.48
N ILE A 153 -7.06 0.72 7.45
CA ILE A 153 -6.66 -0.68 7.39
C ILE A 153 -5.46 -0.93 8.32
N ASP A 154 -5.32 -2.18 8.77
CA ASP A 154 -4.33 -2.53 9.75
C ASP A 154 -2.95 -2.71 9.12
N THR A 155 -1.90 -2.54 9.92
CA THR A 155 -0.53 -2.59 9.43
C THR A 155 0.41 -3.34 10.36
N ASP A 156 1.53 -3.77 9.78
CA ASP A 156 2.64 -4.42 10.45
C ASP A 156 3.35 -3.40 11.31
N PRO A 157 3.40 -3.57 12.64
CA PRO A 157 4.13 -2.69 13.53
C PRO A 157 5.63 -2.63 13.22
N GLU A 158 6.10 -3.51 12.35
CA GLU A 158 7.52 -3.60 11.99
C GLU A 158 7.96 -2.43 11.12
N LEU A 159 7.12 -2.06 10.14
CA LEU A 159 7.43 -0.95 9.25
C LEU A 159 6.16 -0.19 8.87
N LYS A 160 5.07 -0.45 9.60
CA LYS A 160 3.77 0.18 9.38
C LYS A 160 3.28 -0.06 7.97
N TYR A 161 3.28 -1.32 7.54
CA TYR A 161 2.90 -1.69 6.17
C TYR A 161 1.75 -2.70 6.22
N PRO A 162 0.78 -2.64 5.28
CA PRO A 162 -0.40 -3.48 5.30
C PRO A 162 -0.11 -4.94 5.61
N LYS A 163 -0.93 -5.54 6.47
CA LYS A 163 -0.77 -6.91 6.93
C LYS A 163 -1.88 -7.83 6.39
N GLY A 164 -2.72 -7.33 5.49
CA GLY A 164 -3.82 -8.12 4.94
C GLY A 164 -5.05 -8.10 5.84
N ALA A 165 -5.09 -7.16 6.80
CA ALA A 165 -6.17 -7.01 7.77
C ALA A 165 -6.61 -5.56 7.84
N GLY A 166 -7.76 -5.29 8.46
CA GLY A 166 -8.29 -3.94 8.53
C GLY A 166 -9.04 -3.68 9.83
N ARG A 167 -9.43 -2.42 10.04
CA ARG A 167 -10.15 -2.01 11.25
C ARG A 167 -11.12 -0.88 10.90
N VAL A 168 -12.17 -0.73 11.73
CA VAL A 168 -13.19 0.30 11.55
C VAL A 168 -13.74 0.66 12.92
N ALA A 169 -14.19 1.90 13.12
CA ALA A 169 -14.72 2.33 14.40
C ALA A 169 -16.06 3.04 14.23
N PHE A 170 -17.13 2.37 14.69
CA PHE A 170 -18.49 2.90 14.62
C PHE A 170 -19.42 2.15 15.58
N SER A 171 -18.88 1.71 16.72
CA SER A 171 -19.63 0.96 17.75
C SER A 171 -20.60 1.88 18.50
N ASN A 172 -21.49 2.55 17.77
CA ASN A 172 -22.41 3.52 18.35
C ASN A 172 -23.85 3.34 17.85
N GLN A 173 -24.08 2.43 16.90
CA GLN A 173 -25.41 2.22 16.32
C GLN A 173 -25.64 0.77 15.97
N GLN A 174 -26.90 0.43 15.65
CA GLN A 174 -27.28 -0.92 15.29
C GLN A 174 -26.56 -1.35 14.01
N SER A 175 -25.95 -0.42 13.28
CA SER A 175 -25.22 -0.77 12.07
C SER A 175 -23.98 -1.57 12.44
N TYR A 176 -23.39 -1.27 13.61
CA TYR A 176 -22.26 -2.04 14.12
C TYR A 176 -22.76 -3.35 14.69
N ILE A 177 -23.94 -3.35 15.32
CA ILE A 177 -24.52 -4.57 15.86
C ILE A 177 -24.80 -5.57 14.74
N ALA A 178 -25.24 -5.07 13.58
CA ALA A 178 -25.61 -5.93 12.46
C ALA A 178 -24.39 -6.45 11.71
N ALA A 179 -23.28 -5.68 11.67
CA ALA A 179 -22.08 -6.10 10.96
C ALA A 179 -21.17 -6.97 11.82
N ILE A 180 -21.42 -7.00 13.15
CA ILE A 180 -20.62 -7.82 14.05
C ILE A 180 -21.37 -9.10 14.41
N SER A 181 -22.67 -9.15 14.14
CA SER A 181 -23.47 -10.36 14.35
C SER A 181 -23.73 -11.08 13.02
N ALA A 182 -23.38 -10.45 11.90
CA ALA A 182 -23.50 -11.07 10.59
C ALA A 182 -22.18 -10.88 9.85
N ARG A 183 -21.24 -11.78 10.13
CA ARG A 183 -19.88 -11.69 9.63
C ARG A 183 -19.56 -12.76 8.58
N PHE A 184 -20.55 -13.56 8.19
CA PHE A 184 -20.35 -14.63 7.22
C PHE A 184 -21.40 -14.52 6.10
N VAL A 185 -21.64 -13.29 5.63
CA VAL A 185 -22.71 -13.03 4.68
C VAL A 185 -22.29 -12.00 3.63
N GLN A 186 -23.01 -11.95 2.51
CA GLN A 186 -22.76 -11.03 1.42
C GLN A 186 -21.28 -11.03 1.02
N LEU A 187 -20.60 -9.89 1.16
CA LEU A 187 -19.21 -9.73 0.78
C LEU A 187 -19.04 -9.89 -0.73
N GLN A 188 -18.47 -11.00 -1.20
CA GLN A 188 -18.24 -11.24 -2.63
C GLN A 188 -17.57 -10.06 -3.31
N HIS A 189 -16.51 -9.52 -2.69
CA HIS A 189 -15.78 -8.38 -3.23
C HIS A 189 -14.33 -8.77 -3.50
N GLY A 190 -13.84 -8.46 -4.71
CA GLY A 190 -12.50 -8.86 -5.09
C GLY A 190 -12.38 -10.38 -5.10
N GLU A 191 -11.21 -10.89 -4.70
CA GLU A 191 -10.97 -12.32 -4.61
C GLU A 191 -11.41 -12.87 -3.24
N ILE A 192 -12.12 -12.06 -2.44
CA ILE A 192 -12.64 -12.49 -1.15
C ILE A 192 -14.14 -12.76 -1.29
N ASP A 193 -14.61 -13.88 -0.71
CA ASP A 193 -16.00 -14.28 -0.84
C ASP A 193 -16.52 -14.91 0.44
N LYS A 194 -17.84 -14.76 0.66
CA LYS A 194 -18.69 -15.38 1.68
C LYS A 194 -18.21 -15.40 3.13
N ARG A 195 -16.96 -15.03 3.44
CA ARG A 195 -16.42 -15.25 4.77
C ARG A 195 -15.43 -14.16 5.18
N VAL A 196 -15.73 -13.53 6.32
CA VAL A 196 -14.86 -12.54 6.94
C VAL A 196 -14.95 -12.68 8.46
N GLU A 197 -14.18 -11.86 9.17
CA GLU A 197 -14.19 -11.87 10.62
C GLU A 197 -14.42 -10.46 11.14
N VAL A 198 -15.34 -10.29 12.09
CA VAL A 198 -15.64 -8.99 12.67
C VAL A 198 -15.86 -9.16 14.17
N LYS A 199 -15.12 -8.40 14.98
CA LYS A 199 -15.18 -8.51 16.43
C LYS A 199 -14.57 -7.25 17.06
N PRO A 200 -14.90 -6.94 18.31
CA PRO A 200 -14.45 -5.71 18.97
C PRO A 200 -12.93 -5.69 19.10
N TYR A 201 -12.37 -4.48 19.13
CA TYR A 201 -10.94 -4.25 19.21
C TYR A 201 -10.44 -4.43 20.64
N VAL A 202 -9.15 -4.72 20.80
CA VAL A 202 -8.52 -4.92 22.09
C VAL A 202 -7.06 -4.50 22.05
#